data_6OA9
#
_entry.id   6OA9
#
_cell.length_a   1.00
_cell.length_b   1.00
_cell.length_c   1.00
_cell.angle_alpha   90.00
_cell.angle_beta   90.00
_cell.angle_gamma   90.00
#
_symmetry.space_group_name_H-M   'P 1'
#
loop_
_entity.id
_entity.type
_entity.pdbx_description
1 polymer 'Cell division control protein 48'
2 polymer Ubiquitin
3 polymer 'Nuclear protein localization protein 4'
4 non-polymer "ADENOSINE-5'-TRIPHOSPHATE"
5 non-polymer "ADENOSINE-5'-DIPHOSPHATE"
6 non-polymer 'ZINC ION'
#
loop_
_entity_poly.entity_id
_entity_poly.type
_entity_poly.pdbx_seq_one_letter_code
_entity_poly.pdbx_strand_id
1 'polypeptide(L)'
;MGEEHKPLLDASGVDPREEDKTATAILRRKKKDNMLLVDDAINDDNSVIAINSNTMDKLELFRGDTVLVKGKKRKDTVLI
VLIDDELEDGACRINRVVRNNLRIRLGDLVTIHPCPDIKYATRISVLPIADTIEGITGNLFDVFLKPYFVEAYRPVRKGD
HFVVRGGMRQVEFKVVDVEPEEYAVVAQDTIIHWEGEPINREDEENNMNEVGYDDIGGCRKQMAQIREMVELPLRHPQLF
KAIGIKPPRGVLMYGPPGTGKTLMARAVANETGAFFFLINGPEVMSKMAGESESNLRKAFEEAEKNAPAIIFIDEIDSIA
PKRDKTNGEVERRVVSQLLTLMDGMKARSNVVVIAATNRPNSIDPALRRFGRFDREVDIGIPDATGRLEVLRIHTKNMKL
ADDVDLEALAAETHGYVGADIASLCSEAAMQQIREKMDLIDLDEDEIDAEVLDSLGVTMDNFRFALGNSNPSALRETVVE
SVNVTWDDVGGLDEIKEELKETVEYPVLHPDQYTKFGLSPSKGVLFYGPPGTGKTLLAKAVATEVSANFISVKGPELLSM
WYGESESNIRDIFDKARAAAPTVVFLDQLDSIAKARGGSLGDAGGASDRVVNQLLTEMDGMNAKKNVFVIGATNRPDQID
PAILRPGRLDQLIYVPLPDENARLSILNAQLRKTPLEPGLELTAIAKATQGFSGADLLYIVQRAAKYAIKDSIEAHRQHE
AEKEVKVEGEDVEMTDEGAKAEQEPEVDPVPYITKEHFAEAMKTAKRSVSDAELRRYEAYSQQMKASRGQFSNFNFNDAP
LGTTATDNANSNNSAPSGAGAAFGSNAEEDDDLYS
;
A,B,C,D,E,F
2 'polypeptide(L)' MQIFVKTLTGKTITLEVESSDTIDNVKSKIQDKEGIPPDQQRLIFAGKQLEDGRTLSDYNIQKESTLHLVLRLRGG K,H,J
3 'polypeptide(L)'
;MLIRFRSKNGTHRVSCQENDLFGTVIEKLVGNLDPNADVDTFTVCEKPGQGIHAVSELADRTVMDLGLKHGDMLILNYSD
KPANEKDGVNVEIGSVGIDSKGIRQHRYGPLRIKELAVDEELEKEDGLIPRQKSKLCKHGDRGMCEYCSPLPPWDKEYHE
KNKIKHISFHSYLKKLNENANKKENGSSYISPLSEPDFRINKRCHNGHEPWPRGICSKCQPSAITLQQQEFRMVDHVEFQ
KSEIINEFIQAWRYTGMQRFGYMYGSYSKYDNTPLGIKAVVEAIYEPPQHDEQDGLTMDVEQVKNEMLQIDRQAQEMGLS
RIGLIFTDLSDAGAGDGSVFCKRHKDSFFLSSLEVIMAARHQTRHPNVSKYSEQGFFSSKFVTCVISGNLEGEIDISSYQ
VSTEAEALVTADMISGSTFPSMAYINDTTDERYVPEIFYMKSNEYGITVKENAKPAFPVDYLLVTLTHGFPNTDTETNSK
FVSSTGFPWSNRQAMGQSQDYQELKKYLFNVASSGDFNLLHEKISNFHLLLYINSLQILSPDEWKLLIESAVKNEWEESL
LKLVSSAGWQTLVMILQESG
;
G
#
loop_
_chem_comp.id
_chem_comp.type
_chem_comp.name
_chem_comp.formula
ADP non-polymer ADENOSINE-5'-DIPHOSPHATE 'C10 H15 N5 O10 P2'
ATP non-polymer ADENOSINE-5'-TRIPHOSPHATE 'C10 H16 N5 O13 P3'
ZN non-polymer 'ZINC ION' 'Zn 2'
#
# COMPACT_ATOMS: atom_id res chain seq x y z
N ASN A 209 -9.75 -9.92 46.31
CA ASN A 209 -9.37 -11.21 46.86
C ASN A 209 -7.97 -11.62 46.41
N GLU A 210 -7.16 -12.09 47.35
CA GLU A 210 -5.80 -12.51 47.06
C GLU A 210 -5.75 -14.02 46.87
N VAL A 211 -4.76 -14.48 46.11
CA VAL A 211 -4.59 -15.88 45.80
C VAL A 211 -3.29 -16.38 46.40
N GLY A 212 -3.22 -17.69 46.62
CA GLY A 212 -2.07 -18.34 47.21
C GLY A 212 -1.64 -19.55 46.40
N TYR A 213 -1.06 -20.52 47.10
CA TYR A 213 -0.55 -21.72 46.45
C TYR A 213 -1.66 -22.71 46.12
N ASP A 214 -2.70 -22.77 46.94
CA ASP A 214 -3.74 -23.78 46.76
C ASP A 214 -4.72 -23.40 45.66
N ASP A 215 -4.73 -22.13 45.24
CA ASP A 215 -5.71 -21.68 44.26
C ASP A 215 -5.34 -22.06 42.83
N ILE A 216 -4.15 -22.60 42.60
CA ILE A 216 -3.76 -23.11 41.29
C ILE A 216 -3.48 -24.60 41.41
N GLY A 217 -3.41 -25.28 40.26
CA GLY A 217 -3.16 -26.70 40.26
C GLY A 217 -2.73 -27.16 38.87
N GLY A 218 -2.33 -28.42 38.80
CA GLY A 218 -1.90 -29.02 37.53
C GLY A 218 -0.45 -28.83 37.16
N CYS A 219 0.07 -27.61 37.33
CA CYS A 219 1.45 -27.29 37.00
C CYS A 219 2.36 -27.27 38.22
N ARG A 220 2.14 -28.17 39.19
CA ARG A 220 2.88 -28.14 40.45
C ARG A 220 4.34 -28.47 40.25
N LYS A 221 4.66 -29.31 39.26
CA LYS A 221 6.06 -29.52 38.90
C LYS A 221 6.60 -28.32 38.13
N GLN A 222 5.75 -27.66 37.33
CA GLN A 222 6.18 -26.50 36.58
C GLN A 222 6.28 -25.26 37.46
N MET A 223 5.43 -25.17 38.49
CA MET A 223 5.47 -24.02 39.38
C MET A 223 6.72 -24.03 40.25
N ALA A 224 7.21 -25.23 40.60
CA ALA A 224 8.40 -25.35 41.42
C ALA A 224 9.65 -24.91 40.67
N GLN A 225 9.64 -25.01 39.34
CA GLN A 225 10.75 -24.47 38.55
C GLN A 225 10.74 -22.94 38.55
N ILE A 226 9.54 -22.34 38.51
CA ILE A 226 9.44 -20.88 38.59
C ILE A 226 9.64 -20.42 40.03
N ARG A 227 9.40 -21.32 40.99
CA ARG A 227 9.51 -20.96 42.41
C ARG A 227 10.96 -20.66 42.81
N GLU A 228 11.86 -21.60 42.54
CA GLU A 228 13.25 -21.42 42.93
C GLU A 228 13.97 -20.40 42.04
N MET A 229 13.42 -20.09 40.88
CA MET A 229 14.06 -19.14 39.98
C MET A 229 13.79 -17.69 40.36
N VAL A 230 12.70 -17.41 41.09
CA VAL A 230 12.36 -16.03 41.41
C VAL A 230 12.51 -15.75 42.90
N GLU A 231 12.50 -16.79 43.73
CA GLU A 231 12.58 -16.56 45.17
C GLU A 231 14.01 -16.44 45.67
N LEU A 232 14.99 -16.86 44.86
CA LEU A 232 16.38 -16.73 45.28
C LEU A 232 16.95 -15.32 45.13
N PRO A 233 16.70 -14.57 44.03
CA PRO A 233 17.15 -13.17 44.04
C PRO A 233 16.34 -12.27 44.98
N LEU A 234 15.11 -12.66 45.30
CA LEU A 234 14.29 -11.82 46.18
C LEU A 234 14.68 -11.98 47.64
N ARG A 235 14.74 -13.23 48.12
CA ARG A 235 14.89 -13.47 49.55
C ARG A 235 16.35 -13.50 49.99
N HIS A 236 17.20 -14.24 49.28
CA HIS A 236 18.58 -14.46 49.70
C HIS A 236 19.55 -13.98 48.64
N PRO A 237 19.97 -12.71 48.69
CA PRO A 237 20.98 -12.22 47.74
C PRO A 237 22.41 -12.57 48.11
N GLN A 238 22.62 -13.35 49.18
CA GLN A 238 23.98 -13.71 49.59
C GLN A 238 24.61 -14.75 48.66
N LEU A 239 23.79 -15.47 47.89
CA LEU A 239 24.36 -16.42 46.94
C LEU A 239 24.97 -15.70 45.74
N PHE A 240 24.51 -14.48 45.45
CA PHE A 240 25.10 -13.68 44.39
C PHE A 240 26.51 -13.22 44.78
N LYS A 241 26.70 -12.90 46.06
CA LYS A 241 28.02 -12.47 46.52
C LYS A 241 28.99 -13.65 46.62
N ALA A 242 28.46 -14.85 46.85
CA ALA A 242 29.32 -16.02 47.02
C ALA A 242 29.80 -16.56 45.68
N ILE A 243 28.89 -16.66 44.70
CA ILE A 243 29.25 -17.28 43.42
C ILE A 243 29.70 -16.25 42.37
N GLY A 244 29.34 -14.98 42.54
CA GLY A 244 29.86 -13.92 41.68
C GLY A 244 29.37 -13.95 40.25
N ILE A 245 28.09 -14.26 40.03
CA ILE A 245 27.49 -14.18 38.71
C ILE A 245 26.08 -13.60 38.86
N LYS A 246 25.64 -12.86 37.85
CA LYS A 246 24.38 -12.13 37.95
C LYS A 246 23.19 -13.07 37.83
N PRO A 247 22.27 -13.06 38.79
CA PRO A 247 21.04 -13.85 38.65
C PRO A 247 20.14 -13.25 37.57
N PRO A 248 19.25 -14.04 36.98
CA PRO A 248 18.39 -13.53 35.91
C PRO A 248 17.37 -12.52 36.43
N ARG A 249 16.87 -11.70 35.51
CA ARG A 249 15.96 -10.62 35.84
C ARG A 249 14.62 -10.80 35.13
N GLY A 250 14.66 -11.37 33.93
CA GLY A 250 13.45 -11.52 33.14
C GLY A 250 13.12 -12.94 32.75
N VAL A 251 11.98 -13.43 33.20
CA VAL A 251 11.48 -14.74 32.80
C VAL A 251 10.34 -14.52 31.81
N LEU A 252 9.96 -15.61 31.14
CA LEU A 252 8.94 -15.54 30.08
C LEU A 252 8.12 -16.82 30.12
N MET A 253 6.83 -16.68 30.39
CA MET A 253 5.90 -17.81 30.34
C MET A 253 5.12 -17.79 29.04
N TYR A 254 4.83 -18.99 28.53
CA TYR A 254 4.11 -19.13 27.28
C TYR A 254 3.39 -20.48 27.26
N GLY A 255 2.53 -20.65 26.27
CA GLY A 255 1.77 -21.88 26.12
C GLY A 255 0.41 -21.63 25.49
N PRO A 256 -0.50 -22.59 25.66
CA PRO A 256 -1.86 -22.41 25.15
C PRO A 256 -2.63 -21.41 25.98
N PRO A 257 -3.64 -20.74 25.40
CA PRO A 257 -4.41 -19.77 26.18
C PRO A 257 -5.35 -20.45 27.16
N GLY A 258 -5.70 -19.71 28.21
CA GLY A 258 -6.62 -20.22 29.22
C GLY A 258 -6.00 -21.16 30.23
N THR A 259 -4.69 -21.05 30.47
CA THR A 259 -4.02 -21.90 31.44
C THR A 259 -3.71 -21.16 32.74
N GLY A 260 -4.26 -19.97 32.94
CA GLY A 260 -4.11 -19.26 34.19
C GLY A 260 -2.72 -18.71 34.46
N LYS A 261 -2.05 -18.19 33.43
CA LYS A 261 -0.71 -17.62 33.63
C LYS A 261 -0.79 -16.30 34.37
N THR A 262 -1.89 -15.56 34.21
CA THR A 262 -2.08 -14.34 34.99
C THR A 262 -2.42 -14.65 36.44
N LEU A 263 -3.02 -15.81 36.71
CA LEU A 263 -3.32 -16.20 38.07
C LEU A 263 -2.07 -16.65 38.81
N MET A 264 -1.11 -17.22 38.08
CA MET A 264 0.12 -17.68 38.71
C MET A 264 1.03 -16.51 39.09
N ALA A 265 0.95 -15.41 38.35
CA ALA A 265 1.76 -14.24 38.66
C ALA A 265 1.25 -13.54 39.92
N ARG A 266 -0.07 -13.58 40.14
CA ARG A 266 -0.62 -13.00 41.36
C ARG A 266 -0.41 -13.92 42.55
N ALA A 267 -0.21 -15.21 42.31
CA ALA A 267 0.01 -16.16 43.41
C ALA A 267 1.44 -16.07 43.93
N VAL A 268 2.41 -15.88 43.04
CA VAL A 268 3.81 -15.81 43.47
C VAL A 268 4.15 -14.46 44.08
N ALA A 269 3.32 -13.44 43.89
CA ALA A 269 3.62 -12.12 44.40
C ALA A 269 3.11 -11.92 45.82
N ASN A 270 1.90 -12.41 46.10
CA ASN A 270 1.30 -12.21 47.42
C ASN A 270 1.92 -13.11 48.47
N GLU A 271 2.36 -14.31 48.09
CA GLU A 271 2.92 -15.23 49.06
C GLU A 271 4.36 -14.84 49.44
N THR A 272 5.09 -14.24 48.50
CA THR A 272 6.45 -13.79 48.83
C THR A 272 6.44 -12.47 49.58
N GLY A 273 5.35 -11.72 49.49
CA GLY A 273 5.25 -10.46 50.21
C GLY A 273 5.97 -9.30 49.58
N ALA A 274 6.29 -9.39 48.29
CA ALA A 274 6.97 -8.30 47.60
C ALA A 274 5.96 -7.28 47.08
N PHE A 275 6.48 -6.14 46.65
CA PHE A 275 5.65 -5.06 46.10
C PHE A 275 5.22 -5.45 44.70
N PHE A 276 3.94 -5.78 44.54
CA PHE A 276 3.42 -6.26 43.27
C PHE A 276 2.81 -5.12 42.47
N PHE A 277 3.14 -5.05 41.19
CA PHE A 277 2.53 -4.11 40.27
C PHE A 277 2.23 -4.82 38.96
N LEU A 278 1.07 -4.52 38.38
CA LEU A 278 0.62 -5.17 37.16
C LEU A 278 0.55 -4.17 36.02
N ILE A 279 1.08 -4.57 34.87
CA ILE A 279 1.01 -3.80 33.63
C ILE A 279 0.34 -4.69 32.60
N ASN A 280 -0.91 -4.41 32.27
CA ASN A 280 -1.62 -5.22 31.31
C ASN A 280 -1.23 -4.84 29.88
N GLY A 281 -1.52 -5.74 28.95
CA GLY A 281 -1.14 -5.59 27.57
C GLY A 281 -1.87 -4.52 26.80
N PRO A 282 -3.17 -4.70 26.54
CA PRO A 282 -3.90 -3.74 25.69
C PRO A 282 -4.16 -2.39 26.32
N GLU A 283 -3.91 -2.20 27.63
CA GLU A 283 -4.11 -0.89 28.24
C GLU A 283 -2.99 0.08 27.85
N VAL A 284 -1.83 -0.44 27.43
CA VAL A 284 -0.76 0.43 26.95
C VAL A 284 -1.06 0.90 25.54
N MET A 285 -1.57 0.01 24.69
CA MET A 285 -1.86 0.34 23.31
C MET A 285 -3.16 1.13 23.14
N SER A 286 -3.99 1.24 24.19
CA SER A 286 -5.20 2.04 24.11
C SER A 286 -4.90 3.54 24.19
N LYS A 287 -3.71 3.91 24.64
CA LYS A 287 -3.28 5.29 24.65
C LYS A 287 -2.44 5.58 23.41
N MET A 288 -1.94 6.80 23.30
CA MET A 288 -1.09 7.18 22.18
C MET A 288 0.37 6.92 22.55
N ALA A 289 1.29 7.41 21.72
CA ALA A 289 2.71 7.12 21.93
C ALA A 289 3.29 7.96 23.05
N GLY A 290 2.67 9.09 23.36
CA GLY A 290 3.24 10.01 24.34
C GLY A 290 3.03 9.55 25.77
N GLU A 291 1.79 9.27 26.15
CA GLU A 291 1.49 8.96 27.54
C GLU A 291 1.80 7.51 27.89
N SER A 292 1.96 6.65 26.88
CA SER A 292 2.27 5.25 27.17
C SER A 292 3.70 5.07 27.63
N GLU A 293 4.63 5.88 27.12
CA GLU A 293 6.01 5.81 27.56
C GLU A 293 6.19 6.44 28.94
N SER A 294 5.34 7.40 29.29
CA SER A 294 5.43 8.02 30.60
C SER A 294 4.86 7.10 31.68
N ASN A 295 3.86 6.30 31.33
CA ASN A 295 3.30 5.35 32.29
C ASN A 295 4.23 4.17 32.50
N LEU A 296 5.02 3.82 31.49
CA LEU A 296 5.98 2.73 31.63
C LEU A 296 7.18 3.16 32.48
N ARG A 297 7.53 4.44 32.43
CA ARG A 297 8.65 4.93 33.22
C ARG A 297 8.27 5.07 34.69
N LYS A 298 7.00 5.36 34.98
CA LYS A 298 6.57 5.56 36.35
C LYS A 298 6.48 4.24 37.11
N ALA A 299 6.24 3.14 36.40
CA ALA A 299 6.08 1.85 37.06
C ALA A 299 7.42 1.32 37.57
N PHE A 300 8.51 1.61 36.85
CA PHE A 300 9.81 1.09 37.24
C PHE A 300 10.47 1.93 38.33
N GLU A 301 10.02 3.18 38.52
CA GLU A 301 10.62 4.03 39.52
C GLU A 301 10.10 3.71 40.93
N GLU A 302 8.81 3.39 41.05
CA GLU A 302 8.25 3.10 42.35
C GLU A 302 8.65 1.71 42.85
N ALA A 303 9.02 0.81 41.95
CA ALA A 303 9.44 -0.52 42.36
C ALA A 303 10.91 -0.54 42.79
N GLU A 304 11.66 0.51 42.44
CA GLU A 304 13.07 0.58 42.85
C GLU A 304 13.20 0.91 44.33
N LYS A 305 12.40 1.86 44.81
CA LYS A 305 12.45 2.21 46.22
C LYS A 305 11.75 1.19 47.09
N ASN A 306 10.87 0.37 46.51
CA ASN A 306 10.14 -0.67 47.21
C ASN A 306 10.77 -2.05 47.00
N ALA A 307 12.10 -2.12 46.95
CA ALA A 307 12.78 -3.38 46.75
C ALA A 307 12.64 -4.26 48.00
N PRO A 308 12.36 -5.57 47.85
CA PRO A 308 12.17 -6.31 46.59
C PRO A 308 10.77 -6.14 45.99
N ALA A 309 10.67 -6.19 44.68
CA ALA A 309 9.41 -5.95 43.99
C ALA A 309 9.36 -6.80 42.72
N ILE A 310 8.14 -7.03 42.24
CA ILE A 310 7.89 -7.82 41.04
C ILE A 310 7.08 -6.97 40.08
N ILE A 311 7.65 -6.65 38.93
CA ILE A 311 6.98 -5.86 37.90
C ILE A 311 6.50 -6.85 36.84
N PHE A 312 5.27 -7.33 37.02
CA PHE A 312 4.70 -8.32 36.11
C PHE A 312 4.01 -7.61 34.95
N ILE A 313 4.50 -7.84 33.74
CA ILE A 313 3.85 -7.34 32.54
C ILE A 313 3.13 -8.51 31.86
N ASP A 314 2.07 -8.18 31.13
CA ASP A 314 1.24 -9.19 30.49
C ASP A 314 1.06 -8.84 29.03
N GLU A 315 0.88 -9.89 28.21
CA GLU A 315 0.53 -9.79 26.78
C GLU A 315 1.58 -9.02 25.99
N ILE A 316 2.80 -9.56 25.96
CA ILE A 316 3.90 -8.92 25.24
C ILE A 316 3.80 -9.07 23.74
N ASP A 317 2.90 -9.93 23.25
CA ASP A 317 2.73 -10.08 21.81
C ASP A 317 2.03 -8.88 21.19
N SER A 318 1.15 -8.21 21.94
CA SER A 318 0.50 -7.01 21.43
C SER A 318 1.46 -5.83 21.39
N ILE A 319 2.42 -5.79 22.31
CA ILE A 319 3.42 -4.73 22.32
C ILE A 319 4.58 -5.05 21.40
N ALA A 320 5.07 -6.30 21.43
CA ALA A 320 6.21 -6.74 20.62
C ALA A 320 5.78 -7.87 19.71
N PRO A 321 5.27 -7.58 18.51
CA PRO A 321 5.02 -8.64 17.53
C PRO A 321 6.24 -8.92 16.68
N LYS A 322 6.12 -9.79 15.69
CA LYS A 322 7.21 -10.01 14.74
C LYS A 322 7.34 -8.78 13.85
N ARG A 323 8.51 -8.15 13.88
CA ARG A 323 8.66 -6.82 13.27
C ARG A 323 9.01 -6.91 11.79
N ASP A 324 9.67 -7.99 11.36
CA ASP A 324 10.17 -8.04 9.99
C ASP A 324 9.08 -8.32 8.97
N LYS A 325 7.92 -8.83 9.39
CA LYS A 325 6.85 -9.07 8.43
C LYS A 325 6.10 -7.77 8.10
N THR A 326 5.98 -6.87 9.07
CA THR A 326 5.37 -5.55 8.91
C THR A 326 6.39 -4.52 9.38
N ASN A 327 7.24 -4.07 8.45
CA ASN A 327 8.23 -3.04 8.77
C ASN A 327 7.52 -1.71 8.92
N GLY A 328 7.26 -1.29 10.16
CA GLY A 328 6.42 -0.15 10.43
C GLY A 328 7.11 0.85 11.34
N GLU A 329 6.30 1.84 11.77
CA GLU A 329 6.76 2.94 12.60
C GLU A 329 6.51 2.70 14.08
N VAL A 330 5.32 2.21 14.43
CA VAL A 330 5.00 1.98 15.84
C VAL A 330 5.49 0.64 16.34
N GLU A 331 5.92 -0.25 15.44
CA GLU A 331 6.43 -1.57 15.83
C GLU A 331 7.82 -1.50 16.46
N ARG A 332 8.49 -0.36 16.37
CA ARG A 332 9.80 -0.15 16.99
C ARG A 332 9.80 1.08 17.90
N ARG A 333 8.62 1.53 18.32
CA ARG A 333 8.52 2.73 19.16
C ARG A 333 8.48 2.39 20.65
N VAL A 334 7.47 1.62 21.07
CA VAL A 334 7.33 1.29 22.48
C VAL A 334 8.28 0.19 22.93
N VAL A 335 8.79 -0.62 22.00
CA VAL A 335 9.71 -1.69 22.39
C VAL A 335 11.14 -1.15 22.47
N SER A 336 11.46 -0.10 21.70
CA SER A 336 12.78 0.51 21.82
C SER A 336 12.88 1.37 23.08
N GLN A 337 11.75 1.96 23.50
CA GLN A 337 11.70 2.66 24.77
C GLN A 337 11.83 1.69 25.94
N LEU A 338 11.28 0.48 25.79
CA LEU A 338 11.38 -0.52 26.85
C LEU A 338 12.79 -1.11 26.91
N LEU A 339 13.44 -1.27 25.75
CA LEU A 339 14.73 -1.95 25.71
C LEU A 339 15.85 -1.07 26.28
N THR A 340 15.76 0.24 26.10
CA THR A 340 16.75 1.12 26.71
C THR A 340 16.48 1.32 28.19
N LEU A 341 15.26 0.99 28.64
CA LEU A 341 14.93 1.11 30.06
C LEU A 341 15.17 -0.20 30.79
N MET A 342 15.03 -1.33 30.11
CA MET A 342 15.27 -2.63 30.74
C MET A 342 16.76 -2.91 30.85
N ASP A 343 17.50 -2.73 29.75
CA ASP A 343 18.93 -2.97 29.78
C ASP A 343 19.67 -1.81 30.43
N GLY A 344 19.05 -0.63 30.47
CA GLY A 344 19.72 0.55 30.99
C GLY A 344 19.71 0.68 32.49
N MET A 345 18.76 0.04 33.18
CA MET A 345 18.69 0.18 34.62
C MET A 345 19.73 -0.68 35.32
N LYS A 346 20.39 -0.07 36.31
CA LYS A 346 21.37 -0.79 37.11
C LYS A 346 21.49 -0.13 38.49
N ALA A 347 20.82 -0.72 39.50
CA ALA A 347 20.91 -0.18 40.84
C ALA A 347 21.01 -1.27 41.91
N ARG A 348 21.12 -2.55 41.50
CA ARG A 348 21.16 -3.72 42.37
C ARG A 348 19.94 -3.76 43.31
N SER A 349 18.78 -3.45 42.75
CA SER A 349 17.52 -3.45 43.49
C SER A 349 16.79 -4.78 43.41
N ASN A 350 17.42 -5.80 42.82
CA ASN A 350 16.99 -7.20 42.68
C ASN A 350 15.50 -7.38 42.39
N VAL A 351 15.02 -6.61 41.42
CA VAL A 351 13.63 -6.69 40.98
C VAL A 351 13.53 -7.66 39.81
N VAL A 352 12.39 -8.34 39.73
CA VAL A 352 12.15 -9.37 38.71
C VAL A 352 11.00 -8.92 37.83
N VAL A 353 11.18 -9.01 36.52
CA VAL A 353 10.13 -8.73 35.55
C VAL A 353 9.68 -10.07 34.94
N ILE A 354 8.36 -10.27 34.87
CA ILE A 354 7.77 -11.49 34.36
C ILE A 354 6.97 -11.16 33.12
N ALA A 355 7.23 -11.87 32.02
CA ALA A 355 6.51 -11.71 30.77
C ALA A 355 5.56 -12.88 30.55
N ALA A 356 4.58 -12.67 29.68
CA ALA A 356 3.59 -13.68 29.37
C ALA A 356 3.09 -13.50 27.96
N THR A 357 2.98 -14.60 27.22
CA THR A 357 2.50 -14.60 25.84
C THR A 357 1.90 -15.97 25.55
N ASN A 358 1.53 -16.20 24.28
CA ASN A 358 0.96 -17.46 23.86
C ASN A 358 1.85 -18.23 22.88
N ARG A 359 2.97 -17.63 22.45
CA ARG A 359 3.87 -18.26 21.50
C ARG A 359 5.27 -17.67 21.68
N PRO A 360 6.31 -18.49 21.83
CA PRO A 360 7.63 -17.97 22.18
C PRO A 360 8.34 -17.27 21.02
N ASN A 361 8.09 -17.70 19.79
CA ASN A 361 8.72 -17.10 18.62
C ASN A 361 7.81 -16.11 17.90
N SER A 362 6.70 -15.70 18.52
CA SER A 362 5.86 -14.65 17.95
C SER A 362 6.38 -13.26 18.27
N ILE A 363 7.15 -13.13 19.35
CA ILE A 363 7.70 -11.84 19.77
C ILE A 363 8.94 -11.52 18.94
N ASP A 364 9.43 -10.30 19.07
CA ASP A 364 10.64 -9.89 18.37
C ASP A 364 11.84 -10.65 18.93
N PRO A 365 12.72 -11.21 18.08
CA PRO A 365 13.80 -12.07 18.57
C PRO A 365 14.91 -11.35 19.32
N ALA A 366 14.95 -10.01 19.30
CA ALA A 366 15.97 -9.29 20.04
C ALA A 366 15.71 -9.26 21.54
N LEU A 367 14.50 -9.59 21.98
CA LEU A 367 14.20 -9.62 23.40
C LEU A 367 14.77 -10.84 24.09
N ARG A 368 14.98 -11.93 23.35
CA ARG A 368 15.48 -13.18 23.92
C ARG A 368 17.01 -13.24 23.87
N ARG A 369 17.65 -12.27 24.49
CA ARG A 369 19.11 -12.21 24.59
C ARG A 369 19.53 -12.31 26.04
N PHE A 370 20.84 -12.30 26.26
CA PHE A 370 21.38 -12.40 27.61
C PHE A 370 21.21 -11.09 28.35
N GLY A 371 20.78 -11.18 29.61
CA GLY A 371 20.60 -10.03 30.46
C GLY A 371 19.18 -9.48 30.50
N ARG A 372 18.40 -9.71 29.44
CA ARG A 372 17.04 -9.21 29.36
C ARG A 372 15.99 -10.29 29.60
N PHE A 373 16.01 -11.35 28.80
CA PHE A 373 15.04 -12.45 28.93
C PHE A 373 15.75 -13.73 28.49
N ASP A 374 16.17 -14.53 29.45
CA ASP A 374 16.98 -15.71 29.18
C ASP A 374 16.25 -17.02 29.48
N ARG A 375 15.56 -17.11 30.61
CA ARG A 375 14.92 -18.36 31.01
C ARG A 375 13.52 -18.42 30.39
N GLU A 376 13.31 -19.39 29.49
CA GLU A 376 12.00 -19.65 28.93
C GLU A 376 11.31 -20.76 29.71
N VAL A 377 10.04 -20.53 30.04
CA VAL A 377 9.25 -21.46 30.84
C VAL A 377 7.98 -21.79 30.07
N ASP A 378 7.78 -23.07 29.77
CA ASP A 378 6.59 -23.53 29.09
C ASP A 378 5.53 -23.95 30.10
N ILE A 379 4.29 -23.58 29.82
CA ILE A 379 3.14 -23.91 30.67
C ILE A 379 2.30 -24.93 29.90
N GLY A 380 2.45 -26.21 30.24
CA GLY A 380 1.73 -27.24 29.55
C GLY A 380 0.35 -27.50 30.13
N ILE A 381 -0.41 -28.35 29.45
CA ILE A 381 -1.75 -28.72 29.87
C ILE A 381 -1.64 -29.65 31.08
N PRO A 382 -2.58 -29.61 32.01
CA PRO A 382 -2.52 -30.52 33.17
C PRO A 382 -2.86 -31.95 32.79
N ASP A 383 -2.43 -32.87 33.65
CA ASP A 383 -2.70 -34.30 33.48
C ASP A 383 -4.06 -34.68 34.06
N ALA A 384 -4.29 -35.98 34.20
CA ALA A 384 -5.56 -36.45 34.78
C ALA A 384 -5.67 -36.08 36.25
N THR A 385 -4.57 -36.17 36.99
CA THR A 385 -4.57 -35.70 38.37
C THR A 385 -4.51 -34.19 38.45
N GLY A 386 -4.04 -33.53 37.39
CA GLY A 386 -3.95 -32.08 37.41
C GLY A 386 -5.27 -31.40 37.13
N ARG A 387 -6.05 -31.92 36.18
CA ARG A 387 -7.33 -31.33 35.84
C ARG A 387 -8.38 -31.60 36.91
N LEU A 388 -8.15 -32.60 37.76
CA LEU A 388 -9.04 -32.85 38.89
C LEU A 388 -8.92 -31.74 39.93
N GLU A 389 -7.72 -31.19 40.08
CA GLU A 389 -7.47 -30.17 41.10
C GLU A 389 -8.08 -28.83 40.70
N VAL A 390 -8.30 -28.61 39.40
CA VAL A 390 -8.80 -27.32 38.93
C VAL A 390 -10.29 -27.18 39.26
N LEU A 391 -11.06 -28.25 39.10
CA LEU A 391 -12.50 -28.18 39.33
C LEU A 391 -12.82 -28.14 40.81
N ARG A 392 -11.93 -28.67 41.66
CA ARG A 392 -12.16 -28.68 43.10
C ARG A 392 -12.09 -27.28 43.69
N ILE A 393 -11.32 -26.40 43.06
CA ILE A 393 -11.27 -25.01 43.53
C ILE A 393 -12.51 -24.25 43.11
N HIS A 394 -13.00 -24.50 41.89
CA HIS A 394 -14.18 -23.78 41.39
C HIS A 394 -15.47 -24.28 42.02
N THR A 395 -15.52 -25.54 42.42
CA THR A 395 -16.71 -26.11 43.03
C THR A 395 -16.73 -25.98 44.55
N LYS A 396 -16.00 -25.01 45.11
CA LYS A 396 -16.05 -24.79 46.56
C LYS A 396 -17.37 -24.17 46.98
N ASN A 397 -17.99 -23.38 46.10
CA ASN A 397 -19.29 -22.78 46.37
C ASN A 397 -20.43 -23.45 45.62
N MET A 398 -20.13 -24.32 44.66
CA MET A 398 -21.17 -25.01 43.89
C MET A 398 -21.72 -26.17 44.72
N LYS A 399 -23.00 -26.10 45.05
CA LYS A 399 -23.65 -27.17 45.81
C LYS A 399 -23.95 -28.36 44.90
N LEU A 400 -23.00 -29.28 44.79
CA LEU A 400 -23.15 -30.43 43.92
C LEU A 400 -23.91 -31.55 44.63
N ALA A 401 -24.25 -32.57 43.87
CA ALA A 401 -24.97 -33.73 44.40
C ALA A 401 -23.98 -34.80 44.87
N ASP A 402 -24.53 -35.81 45.55
CA ASP A 402 -23.70 -36.89 46.08
C ASP A 402 -23.28 -37.90 45.02
N ASP A 403 -24.02 -37.99 43.92
CA ASP A 403 -23.69 -38.96 42.88
C ASP A 403 -22.59 -38.48 41.96
N VAL A 404 -22.19 -37.22 42.06
CA VAL A 404 -21.12 -36.68 41.22
C VAL A 404 -19.79 -37.19 41.73
N ASP A 405 -19.10 -37.98 40.92
CA ASP A 405 -17.80 -38.53 41.26
C ASP A 405 -16.70 -37.55 40.90
N LEU A 406 -15.67 -37.49 41.75
CA LEU A 406 -14.58 -36.55 41.55
C LEU A 406 -13.64 -37.01 40.43
N GLU A 407 -13.23 -38.27 40.48
CA GLU A 407 -12.23 -38.77 39.53
C GLU A 407 -12.84 -39.14 38.18
N ALA A 408 -14.17 -39.19 38.07
CA ALA A 408 -14.78 -39.57 36.80
C ALA A 408 -14.72 -38.45 35.78
N LEU A 409 -14.84 -37.19 36.24
CA LEU A 409 -14.82 -36.07 35.32
C LEU A 409 -13.41 -35.74 34.83
N ALA A 410 -12.38 -36.24 35.52
CA ALA A 410 -11.01 -36.01 35.08
C ALA A 410 -10.70 -36.83 33.84
N ALA A 411 -11.19 -38.06 33.78
CA ALA A 411 -10.95 -38.92 32.62
C ALA A 411 -11.89 -38.60 31.47
N GLU A 412 -12.92 -37.78 31.71
CA GLU A 412 -13.88 -37.46 30.65
C GLU A 412 -13.28 -36.47 29.66
N THR A 413 -12.82 -35.32 30.16
CA THR A 413 -12.23 -34.27 29.34
C THR A 413 -10.74 -34.55 29.22
N HIS A 414 -10.32 -34.97 28.02
CA HIS A 414 -8.93 -35.37 27.83
C HIS A 414 -8.01 -34.17 27.64
N GLY A 415 -8.41 -33.22 26.79
CA GLY A 415 -7.55 -32.10 26.45
C GLY A 415 -8.14 -30.75 26.76
N TYR A 416 -8.82 -30.63 27.91
CA TYR A 416 -9.45 -29.39 28.33
C TYR A 416 -8.50 -28.62 29.23
N VAL A 417 -8.35 -27.32 28.95
CA VAL A 417 -7.57 -26.43 29.80
C VAL A 417 -8.43 -25.99 30.97
N GLY A 418 -7.82 -25.33 31.96
CA GLY A 418 -8.54 -24.93 33.15
C GLY A 418 -9.61 -23.88 32.90
N ALA A 419 -9.49 -23.11 31.82
CA ALA A 419 -10.56 -22.21 31.44
C ALA A 419 -11.73 -22.98 30.83
N ASP A 420 -11.44 -24.12 30.19
CA ASP A 420 -12.51 -24.93 29.61
C ASP A 420 -13.25 -25.74 30.67
N ILE A 421 -12.56 -26.13 31.75
CA ILE A 421 -13.21 -26.85 32.83
C ILE A 421 -14.11 -25.90 33.63
N ALA A 422 -13.67 -24.67 33.83
CA ALA A 422 -14.46 -23.69 34.56
C ALA A 422 -15.69 -23.24 33.78
N SER A 423 -15.62 -23.28 32.44
CA SER A 423 -16.82 -22.97 31.65
C SER A 423 -17.70 -24.20 31.49
N LEU A 424 -17.16 -25.39 31.78
CA LEU A 424 -17.96 -26.61 31.67
C LEU A 424 -18.93 -26.74 32.84
N CYS A 425 -18.47 -26.44 34.05
CA CYS A 425 -19.32 -26.57 35.23
C CYS A 425 -20.36 -25.46 35.32
N SER A 426 -20.06 -24.27 34.77
CA SER A 426 -21.04 -23.19 34.79
C SER A 426 -22.16 -23.44 33.80
N GLU A 427 -21.85 -24.10 32.68
CA GLU A 427 -22.89 -24.45 31.71
C GLU A 427 -23.73 -25.61 32.23
N ALA A 428 -23.12 -26.53 33.00
CA ALA A 428 -23.89 -27.60 33.62
C ALA A 428 -24.75 -27.08 34.77
N ALA A 429 -24.27 -26.04 35.47
CA ALA A 429 -25.09 -25.43 36.51
C ALA A 429 -26.20 -24.59 35.90
N MET A 430 -25.98 -24.05 34.71
CA MET A 430 -27.03 -23.31 34.01
C MET A 430 -28.10 -24.25 33.47
N GLN A 431 -27.73 -25.50 33.17
CA GLN A 431 -28.73 -26.49 32.78
C GLN A 431 -29.58 -26.93 33.96
N GLN A 432 -29.05 -26.82 35.18
CA GLN A 432 -29.85 -27.07 36.37
C GLN A 432 -30.88 -25.99 36.58
N ILE A 433 -30.59 -24.76 36.13
CA ILE A 433 -31.56 -23.67 36.22
C ILE A 433 -32.69 -23.90 35.22
N ARG A 434 -32.36 -24.28 34.00
CA ARG A 434 -33.38 -24.53 32.99
C ARG A 434 -34.12 -25.85 33.21
N GLU A 435 -33.56 -26.75 34.03
CA GLU A 435 -34.31 -27.94 34.42
C GLU A 435 -35.38 -27.60 35.44
N LYS A 436 -35.07 -26.67 36.36
CA LYS A 436 -36.04 -26.16 37.33
C LYS A 436 -36.73 -24.90 36.84
N MET A 437 -36.75 -24.66 35.52
CA MET A 437 -37.39 -23.46 34.99
C MET A 437 -38.91 -23.57 35.06
N ASP A 438 -39.45 -24.77 34.82
CA ASP A 438 -40.89 -24.98 34.91
C ASP A 438 -41.38 -25.07 36.34
N LEU A 439 -40.48 -25.24 37.32
CA LEU A 439 -40.90 -25.29 38.71
C LEU A 439 -41.26 -23.90 39.23
N ILE A 440 -40.37 -22.94 39.03
CA ILE A 440 -40.62 -21.55 39.41
C ILE A 440 -40.22 -20.67 38.23
N ASP A 441 -41.14 -19.84 37.76
CA ASP A 441 -40.90 -18.99 36.59
C ASP A 441 -40.13 -17.75 37.01
N LEU A 442 -39.92 -16.82 36.06
CA LEU A 442 -39.15 -15.61 36.30
C LEU A 442 -40.03 -14.39 36.53
N ASP A 443 -41.35 -14.52 36.49
CA ASP A 443 -42.23 -13.38 36.73
C ASP A 443 -42.21 -12.94 38.18
N GLU A 444 -42.07 -13.88 39.10
CA GLU A 444 -41.95 -13.55 40.52
C GLU A 444 -40.53 -13.10 40.82
N ASP A 445 -40.38 -11.90 41.36
CA ASP A 445 -39.07 -11.31 41.64
C ASP A 445 -38.53 -11.90 42.94
N GLU A 446 -38.07 -13.15 42.85
CA GLU A 446 -37.47 -13.92 43.95
C GLU A 446 -38.42 -14.02 45.15
N ILE A 447 -39.69 -14.29 44.87
CA ILE A 447 -40.69 -14.38 45.92
C ILE A 447 -40.56 -15.70 46.68
N ASP A 448 -40.54 -16.81 45.95
CA ASP A 448 -40.43 -18.14 46.55
C ASP A 448 -38.95 -18.46 46.79
N ALA A 449 -38.40 -17.82 47.83
CA ALA A 449 -37.00 -18.01 48.19
C ALA A 449 -36.84 -19.12 49.24
N GLU A 450 -37.44 -20.28 48.96
CA GLU A 450 -37.31 -21.44 49.83
C GLU A 450 -37.04 -22.74 49.09
N VAL A 451 -37.19 -22.78 47.76
CA VAL A 451 -36.93 -23.99 46.99
C VAL A 451 -35.55 -23.95 46.34
N LEU A 452 -34.83 -22.83 46.46
CA LEU A 452 -33.52 -22.69 45.83
C LEU A 452 -32.44 -23.52 46.51
N ASP A 453 -32.69 -23.99 47.73
CA ASP A 453 -31.72 -24.84 48.41
C ASP A 453 -31.62 -26.23 47.79
N SER A 454 -32.67 -26.67 47.09
CA SER A 454 -32.65 -27.97 46.42
C SER A 454 -32.18 -27.84 44.97
N LEU A 455 -31.01 -27.24 44.79
CA LEU A 455 -30.41 -27.02 43.47
C LEU A 455 -29.06 -27.72 43.47
N GLY A 456 -29.07 -29.00 43.12
CA GLY A 456 -27.84 -29.78 43.05
C GLY A 456 -27.48 -30.16 41.63
N VAL A 457 -26.28 -29.79 41.20
CA VAL A 457 -25.84 -30.09 39.84
C VAL A 457 -25.38 -31.54 39.78
N THR A 458 -26.31 -32.44 39.47
CA THR A 458 -25.99 -33.86 39.36
C THR A 458 -25.22 -34.17 38.08
N MET A 459 -24.66 -35.38 38.02
CA MET A 459 -23.55 -35.66 37.12
C MET A 459 -23.95 -35.81 35.66
N ASP A 460 -25.22 -36.09 35.34
CA ASP A 460 -25.58 -36.18 33.92
C ASP A 460 -25.73 -34.81 33.29
N ASN A 461 -25.82 -33.74 34.09
CA ASN A 461 -25.75 -32.39 33.56
C ASN A 461 -24.35 -32.09 33.05
N PHE A 462 -23.33 -32.66 33.70
CA PHE A 462 -21.97 -32.57 33.18
C PHE A 462 -21.82 -33.42 31.91
N ARG A 463 -22.58 -34.50 31.80
CA ARG A 463 -22.58 -35.29 30.56
C ARG A 463 -23.25 -34.51 29.43
N PHE A 464 -24.26 -33.71 29.76
CA PHE A 464 -24.88 -32.85 28.76
C PHE A 464 -23.96 -31.68 28.44
N ALA A 465 -23.18 -31.22 29.42
CA ALA A 465 -22.24 -30.12 29.17
C ALA A 465 -21.07 -30.57 28.32
N LEU A 466 -20.73 -31.86 28.37
CA LEU A 466 -19.67 -32.37 27.49
C LEU A 466 -20.21 -32.60 26.08
N GLY A 467 -21.51 -32.82 25.94
CA GLY A 467 -22.10 -33.07 24.63
C GLY A 467 -22.26 -31.84 23.78
N ASN A 468 -22.32 -30.65 24.39
CA ASN A 468 -22.47 -29.41 23.64
C ASN A 468 -21.16 -28.65 23.50
N SER A 469 -20.25 -28.77 24.46
CA SER A 469 -18.98 -28.07 24.40
C SER A 469 -18.03 -28.79 23.43
N ASN A 470 -16.92 -28.12 23.14
CA ASN A 470 -15.91 -28.62 22.22
C ASN A 470 -14.54 -28.22 22.74
N PRO A 471 -13.51 -29.02 22.45
CA PRO A 471 -12.15 -28.62 22.83
C PRO A 471 -11.67 -27.43 22.01
N SER A 472 -11.13 -26.43 22.72
CA SER A 472 -10.71 -25.18 22.10
C SER A 472 -9.21 -25.15 21.84
N ALA A 473 -8.39 -25.62 22.79
CA ALA A 473 -6.95 -25.60 22.66
C ALA A 473 -6.38 -26.85 22.03
N LEU A 474 -7.22 -27.68 21.41
CA LEU A 474 -6.77 -28.89 20.73
C LEU A 474 -6.75 -28.73 19.21
N ARG A 475 -6.37 -27.55 18.72
CA ARG A 475 -6.18 -27.32 17.29
C ARG A 475 -4.84 -27.83 16.78
N GLU A 476 -3.99 -28.33 17.67
CA GLU A 476 -2.74 -28.96 17.28
C GLU A 476 -2.72 -30.41 17.74
N THR A 477 -1.57 -31.07 17.63
CA THR A 477 -1.43 -32.46 18.04
C THR A 477 -1.11 -32.52 19.53
N VAL A 478 -0.89 -33.73 20.04
CA VAL A 478 -0.59 -33.94 21.45
C VAL A 478 0.80 -33.42 21.78
N VAL A 479 0.97 -32.91 23.00
CA VAL A 479 2.17 -32.20 23.40
C VAL A 479 2.99 -33.05 24.38
N GLU A 480 2.42 -34.17 24.84
CA GLU A 480 3.04 -34.98 25.87
C GLU A 480 3.54 -36.32 25.36
N SER A 481 2.65 -37.17 24.82
CA SER A 481 2.98 -38.53 24.43
C SER A 481 1.85 -39.21 23.69
N VAL A 482 2.11 -40.40 23.14
CA VAL A 482 1.10 -41.34 22.71
C VAL A 482 1.39 -42.68 23.37
N ASN A 483 0.36 -43.49 23.58
CA ASN A 483 0.48 -44.74 24.32
C ASN A 483 -0.20 -45.87 23.54
N VAL A 484 0.57 -46.52 22.67
CA VAL A 484 0.16 -47.77 22.01
C VAL A 484 1.38 -48.68 21.95
N THR A 485 1.29 -49.83 22.60
CA THR A 485 2.46 -50.68 22.84
C THR A 485 2.78 -51.52 21.60
N TRP A 486 3.92 -52.22 21.68
CA TRP A 486 4.32 -53.13 20.62
C TRP A 486 3.52 -54.43 20.64
N ASP A 487 2.84 -54.73 21.75
CA ASP A 487 1.95 -55.88 21.82
C ASP A 487 0.58 -55.60 21.23
N ASP A 488 0.27 -54.34 20.93
CA ASP A 488 -0.98 -54.03 20.25
C ASP A 488 -0.97 -54.45 18.79
N VAL A 489 0.21 -54.59 18.20
CA VAL A 489 0.36 -55.22 16.89
C VAL A 489 0.88 -56.63 17.11
N GLY A 490 0.44 -57.56 16.26
CA GLY A 490 0.79 -58.95 16.42
C GLY A 490 2.11 -59.31 15.79
N GLY A 491 2.97 -59.99 16.56
CA GLY A 491 4.25 -60.42 16.05
C GLY A 491 5.30 -59.33 16.01
N LEU A 492 6.15 -59.38 14.97
CA LEU A 492 7.29 -58.47 14.78
C LEU A 492 8.23 -58.47 16.00
N ASP A 493 8.42 -59.65 16.58
CA ASP A 493 9.27 -59.79 17.76
C ASP A 493 10.75 -59.88 17.41
N GLU A 494 11.08 -60.13 16.15
CA GLU A 494 12.48 -60.19 15.73
C GLU A 494 13.12 -58.80 15.66
N ILE A 495 12.33 -57.73 15.68
CA ILE A 495 12.85 -56.38 15.70
C ILE A 495 12.61 -55.68 17.04
N LYS A 496 11.86 -56.30 17.96
CA LYS A 496 11.55 -55.66 19.24
C LYS A 496 12.79 -55.56 20.11
N GLU A 497 13.49 -56.68 20.30
CA GLU A 497 14.76 -56.63 21.02
C GLU A 497 15.89 -56.03 20.18
N GLU A 498 15.70 -55.95 18.86
CA GLU A 498 16.70 -55.30 18.01
C GLU A 498 16.67 -53.79 18.18
N LEU A 499 15.47 -53.20 18.29
CA LEU A 499 15.37 -51.77 18.52
C LEU A 499 15.72 -51.38 19.96
N LYS A 500 15.69 -52.35 20.88
CA LYS A 500 16.15 -52.08 22.25
C LYS A 500 17.65 -51.89 22.34
N GLU A 501 18.40 -52.26 21.30
CA GLU A 501 19.85 -52.10 21.31
C GLU A 501 20.31 -50.78 20.72
N THR A 502 19.40 -49.92 20.27
CA THR A 502 19.81 -48.72 19.54
C THR A 502 19.20 -47.40 20.00
N VAL A 503 18.05 -47.40 20.69
CA VAL A 503 17.44 -46.15 21.10
C VAL A 503 17.28 -46.02 22.61
N GLU A 504 17.21 -47.12 23.35
CA GLU A 504 17.08 -47.05 24.79
C GLU A 504 18.36 -47.38 25.53
N TYR A 505 19.37 -47.89 24.84
CA TYR A 505 20.69 -48.04 25.46
C TYR A 505 21.44 -46.72 25.69
N PRO A 506 21.53 -45.75 24.76
CA PRO A 506 22.31 -44.55 25.10
C PRO A 506 21.63 -43.61 26.08
N VAL A 507 20.30 -43.61 26.16
CA VAL A 507 19.64 -42.70 27.08
C VAL A 507 19.68 -43.20 28.52
N LEU A 508 19.97 -44.49 28.73
CA LEU A 508 20.12 -45.05 30.06
C LEU A 508 21.56 -45.07 30.54
N HIS A 509 22.53 -45.15 29.62
CA HIS A 509 23.95 -45.13 29.95
C HIS A 509 24.63 -44.12 29.05
N PRO A 510 24.62 -42.84 29.42
CA PRO A 510 25.20 -41.80 28.56
C PRO A 510 26.72 -41.74 28.60
N ASP A 511 27.37 -42.43 29.55
CA ASP A 511 28.81 -42.39 29.70
C ASP A 511 29.52 -43.51 28.95
N GLN A 512 29.02 -44.75 29.05
CA GLN A 512 29.67 -45.87 28.39
C GLN A 512 29.40 -45.89 26.90
N TYR A 513 28.35 -45.20 26.44
CA TYR A 513 28.04 -45.16 25.03
C TYR A 513 28.87 -44.12 24.27
N THR A 514 29.36 -43.10 24.97
CA THR A 514 30.07 -41.99 24.33
C THR A 514 31.56 -41.93 24.63
N LYS A 515 32.04 -42.62 25.67
CA LYS A 515 33.47 -42.60 25.97
C LYS A 515 34.30 -43.46 25.03
N PHE A 516 33.66 -44.33 24.26
CA PHE A 516 34.35 -45.17 23.29
C PHE A 516 34.46 -44.51 21.92
N GLY A 517 33.98 -43.28 21.78
CA GLY A 517 34.10 -42.56 20.52
C GLY A 517 33.08 -42.92 19.47
N LEU A 518 32.04 -43.65 19.83
CA LEU A 518 30.99 -44.02 18.87
C LEU A 518 29.96 -42.91 18.77
N SER A 519 29.48 -42.66 17.55
CA SER A 519 28.46 -41.65 17.35
C SER A 519 27.12 -42.12 17.90
N PRO A 520 26.27 -41.19 18.36
CA PRO A 520 24.94 -41.58 18.82
C PRO A 520 24.05 -42.06 17.68
N SER A 521 23.36 -43.17 17.91
CA SER A 521 22.45 -43.74 16.93
C SER A 521 21.19 -42.88 16.90
N LYS A 522 21.22 -41.83 16.08
CA LYS A 522 20.13 -40.86 16.05
C LYS A 522 19.00 -41.26 15.10
N GLY A 523 19.34 -41.91 13.99
CA GLY A 523 18.34 -42.19 12.98
C GLY A 523 18.22 -43.63 12.54
N VAL A 524 17.01 -44.17 12.57
CA VAL A 524 16.69 -45.49 12.04
C VAL A 524 15.70 -45.30 10.89
N LEU A 525 15.49 -46.38 10.14
CA LEU A 525 14.53 -46.36 9.04
C LEU A 525 13.74 -47.67 9.03
N PHE A 526 12.54 -47.59 8.47
CA PHE A 526 11.68 -48.75 8.28
C PHE A 526 11.37 -48.89 6.80
N TYR A 527 11.79 -50.03 6.21
CA TYR A 527 11.60 -50.26 4.79
C TYR A 527 11.23 -51.72 4.58
N GLY A 528 10.87 -52.05 3.33
CA GLY A 528 10.44 -53.38 2.99
C GLY A 528 9.28 -53.35 2.02
N PRO A 529 8.30 -54.23 2.22
CA PRO A 529 7.09 -54.21 1.39
C PRO A 529 6.24 -52.99 1.69
N PRO A 530 5.67 -52.36 0.67
CA PRO A 530 4.99 -51.07 0.87
C PRO A 530 3.63 -51.23 1.53
N GLY A 531 3.38 -50.41 2.55
CA GLY A 531 2.09 -50.41 3.25
C GLY A 531 1.80 -51.68 4.01
N THR A 532 2.78 -52.18 4.78
CA THR A 532 2.65 -53.49 5.41
C THR A 532 2.92 -53.41 6.91
N GLY A 533 2.30 -52.46 7.59
CA GLY A 533 2.44 -52.30 9.01
C GLY A 533 3.32 -51.14 9.43
N LYS A 534 4.12 -50.59 8.51
CA LYS A 534 4.94 -49.42 8.83
C LYS A 534 4.07 -48.19 8.99
N THR A 535 2.97 -48.10 8.26
CA THR A 535 1.99 -47.05 8.50
C THR A 535 1.21 -47.31 9.79
N LEU A 536 1.05 -48.60 10.15
CA LEU A 536 0.44 -48.95 11.43
C LEU A 536 1.38 -48.67 12.59
N LEU A 537 2.70 -48.72 12.35
CA LEU A 537 3.71 -48.47 13.36
C LEU A 537 4.03 -46.97 13.51
N ALA A 538 3.19 -46.09 12.96
CA ALA A 538 3.46 -44.66 13.01
C ALA A 538 3.28 -44.09 14.41
N LYS A 539 2.43 -44.73 15.23
CA LYS A 539 2.19 -44.26 16.59
C LYS A 539 2.81 -45.15 17.65
N ALA A 540 3.14 -46.40 17.31
CA ALA A 540 3.63 -47.37 18.29
C ALA A 540 5.14 -47.35 18.45
N VAL A 541 5.80 -46.24 18.12
CA VAL A 541 7.24 -46.14 18.24
C VAL A 541 7.67 -45.19 19.36
N ALA A 542 6.74 -44.59 20.08
CA ALA A 542 7.10 -43.61 21.10
C ALA A 542 7.04 -44.18 22.52
N THR A 543 6.28 -45.26 22.72
CA THR A 543 6.06 -45.79 24.07
C THR A 543 7.21 -46.64 24.58
N GLU A 544 8.20 -46.95 23.74
CA GLU A 544 9.34 -47.75 24.19
C GLU A 544 10.24 -46.95 25.12
N VAL A 545 10.68 -45.77 24.67
CA VAL A 545 11.46 -44.88 25.50
C VAL A 545 10.58 -43.98 26.36
N SER A 546 9.27 -43.91 26.04
CA SER A 546 8.26 -43.08 26.72
C SER A 546 8.69 -41.61 26.81
N ALA A 547 9.12 -41.06 25.68
CA ALA A 547 9.51 -39.66 25.62
C ALA A 547 8.44 -38.86 24.87
N ASN A 548 8.69 -37.56 24.71
CA ASN A 548 7.80 -36.71 23.95
C ASN A 548 7.97 -36.95 22.46
N PHE A 549 6.88 -36.85 21.73
CA PHE A 549 6.87 -37.23 20.31
C PHE A 549 5.77 -36.49 19.58
N ILE A 550 6.10 -35.95 18.41
CA ILE A 550 5.14 -35.34 17.50
C ILE A 550 5.44 -35.84 16.10
N SER A 551 4.46 -36.45 15.45
CA SER A 551 4.64 -36.95 14.10
C SER A 551 4.54 -35.83 13.08
N VAL A 552 5.37 -35.91 12.04
CA VAL A 552 5.35 -34.95 10.95
C VAL A 552 5.05 -35.71 9.67
N LYS A 553 4.32 -35.06 8.77
CA LYS A 553 3.93 -35.65 7.49
C LYS A 553 3.83 -34.52 6.48
N GLY A 554 4.10 -34.85 5.21
CA GLY A 554 4.08 -33.91 4.09
C GLY A 554 2.82 -33.07 3.95
N PRO A 555 1.68 -33.71 3.65
CA PRO A 555 0.42 -32.95 3.57
C PRO A 555 -0.16 -32.54 4.92
N GLU A 556 0.49 -32.86 6.04
CA GLU A 556 -0.08 -32.54 7.34
C GLU A 556 0.39 -31.17 7.83
N LEU A 557 1.70 -30.97 7.97
CA LEU A 557 2.23 -29.79 8.64
C LEU A 557 3.16 -28.93 7.80
N LEU A 558 3.91 -29.50 6.86
CA LEU A 558 4.86 -28.72 6.09
C LEU A 558 4.28 -28.20 4.77
N SER A 559 2.98 -28.37 4.54
CA SER A 559 2.34 -27.93 3.32
C SER A 559 1.40 -26.75 3.58
N MET A 560 1.77 -25.90 4.54
CA MET A 560 1.00 -24.72 4.88
C MET A 560 1.51 -23.53 4.06
N TRP A 561 1.11 -22.31 4.45
CA TRP A 561 1.54 -21.11 3.76
C TRP A 561 3.01 -20.83 4.01
N TYR A 562 3.56 -19.90 3.23
CA TYR A 562 4.98 -19.56 3.33
C TYR A 562 5.25 -18.78 4.61
N GLY A 563 6.33 -19.14 5.29
CA GLY A 563 6.69 -18.59 6.57
C GLY A 563 6.37 -19.50 7.74
N GLU A 564 5.32 -20.31 7.63
CA GLU A 564 4.96 -21.27 8.66
C GLU A 564 5.40 -22.69 8.34
N SER A 565 6.01 -22.90 7.16
CA SER A 565 6.45 -24.24 6.77
C SER A 565 7.72 -24.67 7.48
N GLU A 566 8.45 -23.74 8.10
CA GLU A 566 9.62 -24.06 8.88
C GLU A 566 9.45 -23.80 10.37
N SER A 567 8.37 -23.13 10.78
CA SER A 567 8.14 -22.87 12.19
C SER A 567 7.65 -24.10 12.95
N ASN A 568 7.08 -25.08 12.25
CA ASN A 568 6.65 -26.32 12.89
C ASN A 568 7.85 -27.17 13.30
N ILE A 569 8.90 -27.18 12.47
CA ILE A 569 10.13 -27.87 12.83
C ILE A 569 10.92 -27.05 13.86
N ARG A 570 10.63 -25.75 13.96
CA ARG A 570 11.23 -24.95 15.04
C ARG A 570 10.68 -25.34 16.40
N ASP A 571 9.42 -25.82 16.45
CA ASP A 571 8.84 -26.21 17.73
C ASP A 571 9.44 -27.53 18.25
N ILE A 572 9.87 -28.41 17.33
CA ILE A 572 10.48 -29.66 17.76
C ILE A 572 11.94 -29.43 18.16
N PHE A 573 12.52 -28.28 17.78
CA PHE A 573 13.84 -27.89 18.26
C PHE A 573 13.78 -27.16 19.59
N ASP A 574 12.67 -26.45 19.86
CA ASP A 574 12.44 -25.96 21.21
C ASP A 574 12.09 -27.11 22.16
N LYS A 575 11.50 -28.17 21.61
CA LYS A 575 11.27 -29.39 22.39
C LYS A 575 12.55 -30.18 22.59
N ALA A 576 13.60 -29.91 21.80
CA ALA A 576 14.88 -30.54 22.04
C ALA A 576 15.65 -29.83 23.15
N ARG A 577 15.32 -28.58 23.43
CA ARG A 577 16.06 -27.77 24.39
C ARG A 577 15.22 -27.42 25.62
N ALA A 578 14.05 -26.81 25.42
CA ALA A 578 13.24 -26.35 26.54
C ALA A 578 12.28 -27.40 27.08
N ALA A 579 11.92 -28.40 26.26
CA ALA A 579 11.00 -29.46 26.68
C ALA A 579 11.60 -30.83 26.37
N ALA A 580 12.86 -31.01 26.75
CA ALA A 580 13.56 -32.26 26.50
C ALA A 580 13.01 -33.37 27.41
N PRO A 581 12.96 -34.62 26.91
CA PRO A 581 13.39 -35.15 25.62
C PRO A 581 12.38 -34.99 24.48
N THR A 582 12.75 -35.48 23.30
CA THR A 582 11.90 -35.39 22.12
C THR A 582 12.15 -36.58 21.20
N VAL A 583 11.15 -36.91 20.38
CA VAL A 583 11.25 -37.96 19.37
C VAL A 583 10.65 -37.41 18.08
N VAL A 584 11.46 -37.40 17.02
CA VAL A 584 11.02 -36.95 15.69
C VAL A 584 10.77 -38.18 14.84
N PHE A 585 9.71 -38.14 14.04
CA PHE A 585 9.36 -39.27 13.18
C PHE A 585 8.65 -38.75 11.94
N LEU A 586 9.15 -39.16 10.76
CA LEU A 586 8.56 -38.78 9.48
C LEU A 586 8.20 -40.05 8.72
N ASP A 587 6.96 -40.13 8.26
CA ASP A 587 6.45 -41.30 7.56
C ASP A 587 6.24 -41.00 6.09
N GLN A 588 6.22 -42.06 5.28
CA GLN A 588 5.95 -42.06 3.84
C GLN A 588 6.96 -41.17 3.09
N LEU A 589 8.21 -41.63 3.12
CA LEU A 589 9.34 -40.89 2.55
C LEU A 589 9.34 -40.84 1.03
N ASP A 590 8.47 -41.60 0.35
CA ASP A 590 8.38 -41.51 -1.10
C ASP A 590 7.42 -40.42 -1.57
N SER A 591 6.47 -40.02 -0.74
CA SER A 591 5.61 -38.89 -1.10
C SER A 591 6.32 -37.56 -0.90
N ILE A 592 7.26 -37.50 0.05
CA ILE A 592 8.01 -36.28 0.29
C ILE A 592 9.11 -36.07 -0.75
N ALA A 593 9.42 -37.08 -1.55
CA ALA A 593 10.44 -36.93 -2.60
C ALA A 593 9.94 -36.05 -3.74
N LYS A 594 8.62 -35.92 -3.89
CA LYS A 594 8.07 -35.01 -4.89
C LYS A 594 8.28 -33.55 -4.47
N ALA A 595 8.28 -33.30 -3.16
CA ALA A 595 8.54 -31.95 -2.68
C ALA A 595 10.02 -31.67 -2.54
N ARG A 596 10.81 -32.70 -2.19
CA ARG A 596 12.25 -32.51 -2.05
C ARG A 596 12.93 -32.39 -3.41
N GLY A 597 12.51 -33.19 -4.37
CA GLY A 597 13.14 -33.20 -5.67
C GLY A 597 14.13 -34.33 -5.82
N GLY A 598 14.26 -34.84 -7.04
CA GLY A 598 15.15 -35.95 -7.33
C GLY A 598 16.42 -35.47 -8.03
N SER A 599 17.54 -36.02 -7.60
CA SER A 599 18.83 -35.72 -8.21
C SER A 599 19.03 -36.61 -9.43
N LEU A 600 19.38 -35.99 -10.56
CA LEU A 600 19.55 -36.69 -11.83
C LEU A 600 21.00 -36.56 -12.31
N GLY A 601 21.46 -37.60 -13.01
CA GLY A 601 22.81 -37.58 -13.54
C GLY A 601 23.85 -37.77 -12.46
N ASP A 602 25.05 -37.23 -12.70
CA ASP A 602 26.13 -37.26 -11.72
C ASP A 602 26.24 -35.98 -10.91
N ALA A 603 25.57 -34.91 -11.34
CA ALA A 603 25.59 -33.63 -10.65
C ALA A 603 24.16 -33.24 -10.33
N GLY A 604 23.73 -33.48 -9.09
CA GLY A 604 22.38 -33.19 -8.68
C GLY A 604 22.24 -32.80 -7.22
N GLY A 605 21.01 -32.68 -6.76
CA GLY A 605 20.75 -32.31 -5.38
C GLY A 605 19.28 -32.06 -5.10
N ALA A 606 18.90 -32.02 -3.83
CA ALA A 606 17.52 -31.81 -3.42
C ALA A 606 17.34 -30.34 -3.06
N SER A 607 16.96 -29.55 -4.06
CA SER A 607 16.70 -28.12 -3.87
C SER A 607 15.30 -27.96 -3.32
N ASP A 608 15.18 -28.05 -1.99
CA ASP A 608 13.90 -27.96 -1.31
C ASP A 608 13.93 -26.83 -0.30
N ARG A 609 12.74 -26.29 -0.01
CA ARG A 609 12.64 -25.16 0.91
C ARG A 609 12.81 -25.61 2.36
N VAL A 610 12.44 -26.85 2.68
CA VAL A 610 12.41 -27.28 4.07
C VAL A 610 13.62 -28.11 4.49
N VAL A 611 14.43 -28.60 3.55
CA VAL A 611 15.54 -29.46 3.93
C VAL A 611 16.75 -28.68 4.41
N ASN A 612 16.79 -27.37 4.20
CA ASN A 612 17.92 -26.58 4.69
C ASN A 612 17.82 -26.37 6.20
N GLN A 613 16.60 -26.15 6.70
CA GLN A 613 16.38 -26.01 8.13
C GLN A 613 16.40 -27.37 8.84
N LEU A 614 16.18 -28.45 8.10
CA LEU A 614 16.15 -29.78 8.71
C LEU A 614 17.55 -30.30 8.97
N LEU A 615 18.38 -30.39 7.92
CA LEU A 615 19.62 -31.15 7.98
C LEU A 615 20.72 -30.44 8.76
N THR A 616 20.63 -29.12 8.94
CA THR A 616 21.70 -28.40 9.63
C THR A 616 21.56 -28.52 11.14
N GLU A 617 20.35 -28.33 11.67
CA GLU A 617 20.17 -28.34 13.11
C GLU A 617 19.90 -29.73 13.68
N MET A 618 19.67 -30.74 12.83
CA MET A 618 19.50 -32.10 13.32
C MET A 618 20.83 -32.76 13.65
N ASP A 619 21.95 -32.20 13.19
CA ASP A 619 23.27 -32.72 13.51
C ASP A 619 24.02 -31.85 14.52
N GLY A 620 23.60 -30.60 14.71
CA GLY A 620 24.26 -29.73 15.67
C GLY A 620 23.91 -30.02 17.11
N MET A 621 22.73 -30.60 17.36
CA MET A 621 22.33 -30.94 18.73
C MET A 621 23.08 -32.18 19.19
N ASN A 622 23.60 -32.13 20.41
CA ASN A 622 24.36 -33.24 20.97
C ASN A 622 23.43 -34.31 21.54
N ALA A 623 24.05 -35.31 22.18
CA ALA A 623 23.28 -36.44 22.70
C ALA A 623 22.56 -36.11 24.00
N LYS A 624 22.94 -35.02 24.68
CA LYS A 624 22.29 -34.66 25.93
C LYS A 624 20.91 -34.04 25.71
N LYS A 625 20.67 -33.47 24.53
CA LYS A 625 19.36 -32.92 24.22
C LYS A 625 18.34 -33.98 23.82
N ASN A 626 18.79 -35.22 23.62
CA ASN A 626 17.95 -36.40 23.36
C ASN A 626 17.12 -36.22 22.09
N VAL A 627 17.83 -36.04 20.98
CA VAL A 627 17.19 -35.97 19.66
C VAL A 627 17.17 -37.37 19.06
N PHE A 628 16.03 -37.71 18.43
CA PHE A 628 15.85 -39.06 17.89
C PHE A 628 14.93 -38.94 16.67
N VAL A 629 15.51 -39.01 15.49
CA VAL A 629 14.74 -39.02 14.25
C VAL A 629 14.44 -40.46 13.86
N ILE A 630 13.19 -40.72 13.47
CA ILE A 630 12.74 -42.04 13.08
C ILE A 630 12.24 -41.97 11.65
N GLY A 631 12.68 -42.90 10.82
CA GLY A 631 12.27 -42.96 9.42
C GLY A 631 11.39 -44.17 9.17
N ALA A 632 10.49 -44.02 8.19
CA ALA A 632 9.63 -45.13 7.77
C ALA A 632 9.20 -44.85 6.33
N THR A 633 9.77 -45.60 5.39
CA THR A 633 9.40 -45.50 3.98
C THR A 633 8.66 -46.75 3.55
N ASN A 634 8.27 -46.77 2.28
CA ASN A 634 7.60 -47.92 1.68
C ASN A 634 8.44 -48.62 0.63
N ARG A 635 9.32 -47.90 -0.06
CA ARG A 635 10.23 -48.48 -1.04
C ARG A 635 11.56 -47.78 -0.91
N PRO A 636 12.66 -48.52 -0.73
CA PRO A 636 13.99 -47.88 -0.66
C PRO A 636 14.50 -47.39 -2.00
N ASP A 637 13.87 -47.77 -3.11
CA ASP A 637 14.25 -47.27 -4.43
C ASP A 637 13.65 -45.91 -4.76
N GLN A 638 12.87 -45.33 -3.85
CA GLN A 638 12.24 -44.03 -4.04
C GLN A 638 12.71 -43.06 -2.96
N ILE A 639 14.00 -43.15 -2.62
CA ILE A 639 14.61 -42.32 -1.59
C ILE A 639 15.62 -41.39 -2.25
N ASP A 640 15.54 -40.10 -1.94
CA ASP A 640 16.46 -39.12 -2.51
C ASP A 640 17.85 -39.28 -1.88
N PRO A 641 18.90 -39.40 -2.71
CA PRO A 641 20.25 -39.62 -2.16
C PRO A 641 20.89 -38.36 -1.59
N ALA A 642 20.33 -37.17 -1.82
CA ALA A 642 20.92 -35.96 -1.28
C ALA A 642 20.68 -35.83 0.21
N ILE A 643 19.56 -36.37 0.71
CA ILE A 643 19.30 -36.34 2.14
C ILE A 643 20.08 -37.43 2.86
N LEU A 644 20.26 -38.58 2.23
CA LEU A 644 20.97 -39.70 2.86
C LEU A 644 22.48 -39.43 2.85
N ARG A 645 23.11 -39.63 4.00
CA ARG A 645 24.55 -39.47 4.15
C ARG A 645 25.02 -40.40 5.26
N PRO A 646 26.30 -40.81 5.24
CA PRO A 646 26.81 -41.61 6.37
C PRO A 646 26.93 -40.81 7.65
N GLY A 647 26.11 -41.15 8.64
CA GLY A 647 26.10 -40.44 9.90
C GLY A 647 24.70 -40.09 10.35
N ARG A 648 23.71 -40.33 9.50
CA ARG A 648 22.32 -40.03 9.79
C ARG A 648 21.44 -41.28 9.82
N LEU A 649 21.66 -42.22 8.90
CA LEU A 649 20.81 -43.39 8.75
C LEU A 649 21.65 -44.66 8.68
N ASP A 650 22.58 -44.81 9.62
CA ASP A 650 23.48 -45.95 9.66
C ASP A 650 22.91 -47.15 10.41
N GLN A 651 21.68 -47.07 10.90
CA GLN A 651 21.05 -48.16 11.63
C GLN A 651 19.96 -48.77 10.76
N LEU A 652 20.12 -50.05 10.41
CA LEU A 652 19.21 -50.74 9.51
C LEU A 652 18.23 -51.57 10.31
N ILE A 653 16.94 -51.22 10.22
CA ILE A 653 15.85 -51.98 10.85
C ILE A 653 14.92 -52.40 9.72
N TYR A 654 15.05 -53.64 9.26
CA TYR A 654 14.25 -54.14 8.15
C TYR A 654 12.90 -54.63 8.66
N VAL A 655 11.83 -54.16 8.04
CA VAL A 655 10.48 -54.60 8.38
C VAL A 655 10.06 -55.67 7.37
N PRO A 656 9.87 -56.92 7.80
CA PRO A 656 9.48 -57.97 6.85
C PRO A 656 7.98 -57.98 6.56
N LEU A 657 7.52 -58.99 5.84
CA LEU A 657 6.09 -59.18 5.61
C LEU A 657 5.39 -59.48 6.92
N PRO A 658 4.32 -58.76 7.27
CA PRO A 658 3.74 -58.86 8.63
C PRO A 658 2.92 -60.12 8.84
N ASP A 659 3.64 -61.24 9.02
CA ASP A 659 3.23 -62.54 9.58
C ASP A 659 1.82 -63.02 9.21
N GLU A 660 1.61 -63.28 7.92
CA GLU A 660 0.28 -63.60 7.40
C GLU A 660 -0.32 -64.87 8.00
N ASN A 661 0.51 -65.79 8.49
CA ASN A 661 -0.02 -66.94 9.22
C ASN A 661 -0.44 -66.55 10.63
N ALA A 662 0.20 -65.55 11.23
CA ALA A 662 -0.13 -65.08 12.56
C ALA A 662 -0.83 -63.72 12.55
N ARG A 663 -1.46 -63.34 11.43
CA ARG A 663 -2.17 -62.07 11.35
C ARG A 663 -3.51 -62.09 12.09
N LEU A 664 -3.94 -63.25 12.57
CA LEU A 664 -5.13 -63.33 13.42
C LEU A 664 -4.91 -62.62 14.75
N SER A 665 -3.66 -62.58 15.22
CA SER A 665 -3.32 -61.83 16.42
C SER A 665 -3.29 -60.31 16.18
N ILE A 666 -3.14 -59.88 14.92
CA ILE A 666 -3.18 -58.46 14.61
C ILE A 666 -4.62 -57.94 14.69
N LEU A 667 -5.55 -58.66 14.07
CA LEU A 667 -6.95 -58.27 14.09
C LEU A 667 -7.63 -58.55 15.43
N ASN A 668 -7.00 -59.33 16.31
CA ASN A 668 -7.57 -59.58 17.63
C ASN A 668 -7.48 -58.32 18.50
N ALA A 669 -6.43 -57.53 18.33
CA ALA A 669 -6.29 -56.25 19.02
C ALA A 669 -6.82 -55.09 18.21
N GLN A 670 -7.52 -55.36 17.10
CA GLN A 670 -8.13 -54.34 16.27
C GLN A 670 -9.63 -54.23 16.44
N LEU A 671 -10.29 -55.33 16.82
CA LEU A 671 -11.74 -55.37 17.02
C LEU A 671 -12.13 -55.23 18.49
N ARG A 672 -11.35 -54.47 19.26
CA ARG A 672 -11.62 -54.27 20.69
C ARG A 672 -12.25 -52.92 20.97
N LYS A 673 -12.71 -52.21 19.93
CA LYS A 673 -13.40 -50.94 20.09
C LYS A 673 -14.91 -51.07 19.91
N THR A 674 -15.40 -52.30 19.79
CA THR A 674 -16.80 -52.59 19.52
C THR A 674 -17.17 -53.90 20.21
N PRO A 675 -18.33 -54.00 20.86
CA PRO A 675 -18.77 -55.30 21.36
C PRO A 675 -19.10 -56.25 20.21
N LEU A 676 -18.35 -57.35 20.15
CA LEU A 676 -18.48 -58.30 19.04
C LEU A 676 -19.15 -59.60 19.50
N GLU A 677 -19.26 -60.55 18.59
CA GLU A 677 -19.85 -61.85 18.92
C GLU A 677 -18.81 -62.70 19.64
N PRO A 678 -19.20 -63.41 20.71
CA PRO A 678 -18.22 -64.31 21.37
C PRO A 678 -17.87 -65.52 20.53
N GLY A 679 -18.74 -65.96 19.63
CA GLY A 679 -18.43 -67.05 18.74
C GLY A 679 -17.81 -66.57 17.44
N LEU A 680 -16.58 -66.08 17.52
CA LEU A 680 -15.92 -65.52 16.36
C LEU A 680 -15.43 -66.63 15.42
N GLU A 681 -15.19 -66.26 14.17
CA GLU A 681 -14.67 -67.15 13.13
C GLU A 681 -13.36 -66.57 12.62
N LEU A 682 -12.25 -67.09 13.11
CA LEU A 682 -10.92 -66.61 12.74
C LEU A 682 -10.09 -67.73 12.12
N THR A 683 -10.69 -68.48 11.20
CA THR A 683 -10.00 -69.62 10.60
C THR A 683 -9.05 -69.17 9.49
N ALA A 684 -9.59 -68.53 8.45
CA ALA A 684 -8.80 -68.11 7.30
C ALA A 684 -9.18 -66.71 6.86
N ILE A 685 -9.32 -65.78 7.82
CA ILE A 685 -9.69 -64.41 7.51
C ILE A 685 -8.55 -63.62 6.89
N ALA A 686 -7.34 -63.71 7.44
CA ALA A 686 -6.21 -62.93 6.96
C ALA A 686 -5.05 -63.75 6.45
N LYS A 687 -5.13 -65.09 6.49
CA LYS A 687 -4.05 -65.94 6.01
C LYS A 687 -4.12 -66.20 4.51
N ALA A 688 -5.22 -65.82 3.86
CA ALA A 688 -5.37 -66.00 2.42
C ALA A 688 -5.16 -64.71 1.63
N THR A 689 -4.90 -63.59 2.32
CA THR A 689 -4.69 -62.32 1.65
C THR A 689 -3.22 -62.11 1.30
N GLN A 690 -2.35 -62.13 2.33
CA GLN A 690 -0.90 -62.01 2.26
C GLN A 690 -0.41 -60.67 1.69
N GLY A 691 -1.31 -59.70 1.55
CA GLY A 691 -0.94 -58.36 1.12
C GLY A 691 -1.77 -57.31 1.81
N PHE A 692 -2.65 -57.76 2.70
CA PHE A 692 -3.59 -56.88 3.41
C PHE A 692 -3.12 -56.80 4.87
N SER A 693 -2.47 -55.68 5.20
CA SER A 693 -1.96 -55.46 6.55
C SER A 693 -3.07 -54.95 7.47
N GLY A 694 -2.70 -54.49 8.66
CA GLY A 694 -3.68 -53.99 9.63
C GLY A 694 -4.36 -52.70 9.21
N ALA A 695 -3.74 -51.94 8.29
CA ALA A 695 -4.38 -50.73 7.78
C ALA A 695 -5.51 -51.08 6.82
N ASP A 696 -5.26 -52.03 5.91
CA ASP A 696 -6.27 -52.45 4.94
C ASP A 696 -7.17 -53.55 5.50
N LEU A 697 -6.88 -54.04 6.72
CA LEU A 697 -7.79 -54.98 7.37
C LEU A 697 -9.07 -54.32 7.85
N LEU A 698 -9.09 -52.98 7.91
CA LEU A 698 -10.31 -52.26 8.28
C LEU A 698 -11.38 -52.39 7.20
N TYR A 699 -10.97 -52.55 5.94
CA TYR A 699 -11.92 -52.72 4.84
C TYR A 699 -12.67 -54.05 4.96
N ILE A 700 -12.02 -55.09 5.48
CA ILE A 700 -12.70 -56.34 5.78
C ILE A 700 -13.66 -56.14 6.96
N VAL A 701 -13.25 -55.34 7.94
CA VAL A 701 -14.13 -54.99 9.06
C VAL A 701 -15.29 -54.11 8.56
N GLN A 702 -15.01 -53.19 7.65
CA GLN A 702 -16.06 -52.37 7.04
C GLN A 702 -17.00 -53.19 6.17
N ARG A 703 -16.56 -54.33 5.64
CA ARG A 703 -17.46 -55.23 4.93
C ARG A 703 -18.44 -55.89 5.90
N ALA A 704 -17.97 -56.29 7.08
CA ALA A 704 -18.77 -57.01 8.05
C ALA A 704 -19.52 -56.08 9.01
N ALA A 705 -19.48 -54.77 8.78
CA ALA A 705 -20.16 -53.84 9.68
C ALA A 705 -20.96 -52.74 8.99
N LYS A 706 -20.92 -52.63 7.66
CA LYS A 706 -21.71 -51.63 6.96
C LYS A 706 -23.16 -52.05 6.78
N TYR A 707 -23.49 -53.30 7.08
CA TYR A 707 -24.86 -53.80 6.92
C TYR A 707 -25.75 -53.50 8.12
N ALA A 708 -25.25 -52.75 9.11
CA ALA A 708 -26.06 -52.41 10.26
C ALA A 708 -27.11 -51.35 9.93
N ILE A 709 -26.83 -50.48 8.97
CA ILE A 709 -27.81 -49.48 8.57
C ILE A 709 -28.88 -50.08 7.67
N LYS A 710 -28.60 -51.20 7.02
CA LYS A 710 -29.57 -51.89 6.19
C LYS A 710 -30.36 -52.88 7.02
N ASP A 711 -31.48 -53.35 6.44
CA ASP A 711 -32.42 -54.30 7.05
C ASP A 711 -32.95 -53.79 8.39
N SER A 712 -33.26 -52.50 8.44
CA SER A 712 -33.76 -51.84 9.64
C SER A 712 -35.13 -51.22 9.37
N ILE A 713 -35.64 -50.49 10.36
CA ILE A 713 -36.93 -49.85 10.24
C ILE A 713 -36.81 -48.61 9.35
N VAL A 750 -33.03 -57.74 16.87
CA VAL A 750 -32.46 -57.99 15.56
C VAL A 750 -30.97 -58.35 15.70
N PRO A 751 -30.46 -59.18 14.79
CA PRO A 751 -29.03 -59.50 14.82
C PRO A 751 -28.18 -58.34 14.31
N TYR A 752 -27.06 -58.13 15.00
CA TYR A 752 -26.10 -57.10 14.64
C TYR A 752 -24.82 -57.67 14.05
N ILE A 753 -24.22 -58.65 14.73
CA ILE A 753 -23.02 -59.33 14.26
C ILE A 753 -23.30 -60.82 14.23
N THR A 754 -23.17 -61.42 13.06
CA THR A 754 -23.34 -62.86 12.87
C THR A 754 -22.03 -63.48 12.41
N LYS A 755 -22.01 -64.81 12.39
CA LYS A 755 -20.83 -65.53 11.91
C LYS A 755 -20.72 -65.51 10.39
N GLU A 756 -21.82 -65.21 9.68
CA GLU A 756 -21.77 -65.12 8.24
C GLU A 756 -21.14 -63.82 7.74
N HIS A 757 -21.01 -62.82 8.61
CA HIS A 757 -20.36 -61.58 8.23
C HIS A 757 -18.86 -61.74 8.04
N PHE A 758 -18.25 -62.72 8.71
CA PHE A 758 -16.83 -63.01 8.52
C PHE A 758 -16.60 -64.24 7.66
N ALA A 759 -17.57 -65.15 7.56
CA ALA A 759 -17.40 -66.34 6.74
C ALA A 759 -17.57 -66.03 5.26
N GLU A 760 -18.49 -65.13 4.92
CA GLU A 760 -18.72 -64.73 3.55
C GLU A 760 -17.86 -63.53 3.13
N ALA A 761 -16.99 -63.05 4.01
CA ALA A 761 -16.13 -61.91 3.70
C ALA A 761 -14.87 -62.31 2.95
N MET A 762 -14.67 -63.60 2.68
CA MET A 762 -13.49 -64.08 1.98
C MET A 762 -13.66 -64.10 0.47
N LYS A 763 -14.73 -63.51 -0.05
CA LYS A 763 -14.95 -63.42 -1.49
C LYS A 763 -14.15 -62.30 -2.15
N THR A 764 -13.70 -61.32 -1.36
CA THR A 764 -12.82 -60.26 -1.84
C THR A 764 -11.39 -60.44 -1.37
N ALA A 765 -10.93 -61.69 -1.25
CA ALA A 765 -9.58 -61.98 -0.77
C ALA A 765 -8.59 -61.70 -1.89
N LYS A 766 -8.07 -60.48 -1.92
CA LYS A 766 -7.11 -60.05 -2.93
C LYS A 766 -5.77 -59.80 -2.27
N ARG A 767 -4.79 -59.42 -3.10
CA ARG A 767 -3.43 -59.14 -2.63
C ARG A 767 -2.93 -57.89 -3.32
N SER A 768 -2.80 -56.80 -2.56
CA SER A 768 -2.27 -55.56 -3.11
C SER A 768 -0.75 -55.52 -3.03
N VAL A 769 -0.18 -56.19 -2.03
CA VAL A 769 1.27 -56.24 -1.84
C VAL A 769 1.71 -57.62 -2.32
N SER A 770 2.13 -57.69 -3.58
CA SER A 770 2.53 -58.96 -4.16
C SER A 770 3.89 -59.40 -3.65
N ASP A 771 4.21 -60.68 -3.90
CA ASP A 771 5.49 -61.24 -3.49
C ASP A 771 6.65 -60.81 -4.38
N ALA A 772 6.37 -60.20 -5.53
CA ALA A 772 7.44 -59.74 -6.40
C ALA A 772 8.15 -58.52 -5.84
N GLU A 773 7.47 -57.73 -5.00
CA GLU A 773 8.10 -56.56 -4.40
C GLU A 773 8.78 -56.89 -3.08
N LEU A 774 8.35 -57.95 -2.41
CA LEU A 774 8.94 -58.32 -1.13
C LEU A 774 10.32 -58.96 -1.31
N ARG A 775 10.44 -59.84 -2.31
CA ARG A 775 11.69 -60.58 -2.52
C ARG A 775 12.82 -59.73 -3.08
N ARG A 776 12.52 -58.53 -3.58
CA ARG A 776 13.59 -57.62 -3.97
C ARG A 776 14.30 -57.05 -2.75
N TYR A 777 13.58 -56.87 -1.65
CA TYR A 777 14.13 -56.25 -0.45
C TYR A 777 14.45 -57.25 0.64
N GLU A 778 14.06 -58.52 0.48
CA GLU A 778 14.45 -59.55 1.45
C GLU A 778 15.93 -59.89 1.32
N ALA A 779 16.47 -59.84 0.11
CA ALA A 779 17.90 -59.97 -0.08
C ALA A 779 18.65 -58.67 0.21
N TYR A 780 17.94 -57.53 0.18
CA TYR A 780 18.55 -56.26 0.52
C TYR A 780 18.74 -56.10 2.03
N SER A 781 18.04 -56.90 2.84
CA SER A 781 18.17 -56.82 4.29
C SER A 781 19.49 -57.38 4.79
N GLN A 782 20.19 -58.19 4.00
CA GLN A 782 21.48 -58.75 4.37
C GLN A 782 22.62 -58.18 3.55
N GLN A 783 22.34 -57.25 2.62
CA GLN A 783 23.37 -56.68 1.76
C GLN A 783 23.28 -55.16 1.69
N MET A 784 22.62 -54.52 2.66
CA MET A 784 22.57 -53.07 2.71
C MET A 784 23.84 -52.47 3.30
N LYS A 785 24.69 -53.29 3.94
CA LYS A 785 25.96 -52.79 4.46
C LYS A 785 26.93 -52.43 3.34
N ALA A 786 26.81 -53.07 2.18
CA ALA A 786 27.58 -52.71 1.01
C ALA A 786 26.91 -51.63 0.16
N SER A 787 25.74 -51.15 0.57
CA SER A 787 25.02 -50.10 -0.14
C SER A 787 24.48 -49.07 0.85
N ARG A 788 25.26 -48.75 1.88
CA ARG A 788 24.87 -47.79 2.90
C ARG A 788 25.42 -46.39 2.62
N GLY A 789 25.81 -46.10 1.38
CA GLY A 789 26.37 -44.81 1.05
C GLY A 789 25.40 -43.90 0.33
N GLN A 790 25.54 -43.81 -1.00
CA GLN A 790 24.67 -42.93 -1.77
C GLN A 790 23.28 -43.53 -1.93
N PHE A 791 23.20 -44.81 -2.26
CA PHE A 791 21.91 -45.47 -2.45
C PHE A 791 21.81 -46.73 -1.61
N ASN B 209 -41.90 4.69 21.02
CA ASN B 209 -41.96 4.01 19.73
C ASN B 209 -40.91 2.91 19.65
N GLU B 210 -41.32 1.69 19.97
CA GLU B 210 -40.41 0.54 19.94
C GLU B 210 -41.22 -0.71 19.64
N VAL B 211 -40.51 -1.81 19.41
CA VAL B 211 -41.12 -3.08 19.09
C VAL B 211 -41.37 -3.84 20.39
N GLY B 212 -42.31 -4.79 20.35
CA GLY B 212 -42.68 -5.56 21.52
C GLY B 212 -41.73 -6.70 21.81
N TYR B 213 -42.30 -7.83 22.22
CA TYR B 213 -41.53 -9.01 22.60
C TYR B 213 -41.89 -10.25 21.79
N ASP B 214 -43.16 -10.47 21.50
CA ASP B 214 -43.62 -11.63 20.76
C ASP B 214 -43.84 -11.34 19.29
N ASP B 215 -43.08 -10.40 18.72
CA ASP B 215 -43.17 -10.05 17.31
C ASP B 215 -42.12 -10.75 16.46
N ILE B 216 -41.61 -11.89 16.93
CA ILE B 216 -40.59 -12.65 16.21
C ILE B 216 -41.02 -14.11 16.18
N GLY B 217 -41.19 -14.66 14.99
CA GLY B 217 -41.50 -16.06 14.82
C GLY B 217 -40.42 -16.79 14.05
N GLY B 218 -40.32 -18.11 14.23
CA GLY B 218 -39.31 -18.90 13.55
C GLY B 218 -38.03 -19.05 14.33
N CYS B 219 -37.70 -18.03 15.13
CA CYS B 219 -36.49 -18.03 15.96
C CYS B 219 -36.79 -18.40 17.41
N ARG B 220 -37.74 -19.31 17.63
CA ARG B 220 -38.17 -19.64 18.98
C ARG B 220 -37.11 -20.43 19.75
N LYS B 221 -36.31 -21.23 19.04
CA LYS B 221 -35.27 -22.00 19.72
C LYS B 221 -34.13 -21.10 20.21
N GLN B 222 -33.74 -20.11 19.40
CA GLN B 222 -32.70 -19.19 19.83
C GLN B 222 -33.25 -18.14 20.79
N MET B 223 -34.56 -17.96 20.82
CA MET B 223 -35.16 -17.02 21.78
C MET B 223 -35.09 -17.60 23.19
N ALA B 224 -35.41 -18.89 23.34
CA ALA B 224 -35.31 -19.55 24.64
C ALA B 224 -33.87 -19.72 25.10
N GLN B 225 -32.91 -19.73 24.16
CA GLN B 225 -31.50 -19.74 24.54
C GLN B 225 -31.07 -18.39 25.09
N ILE B 226 -31.66 -17.31 24.57
CA ILE B 226 -31.23 -15.97 24.97
C ILE B 226 -32.12 -15.37 26.06
N ARG B 227 -33.30 -15.93 26.31
CA ARG B 227 -34.15 -15.42 27.39
C ARG B 227 -33.62 -15.85 28.75
N GLU B 228 -33.03 -17.04 28.83
CA GLU B 228 -32.38 -17.48 30.06
C GLU B 228 -30.98 -16.90 30.20
N MET B 229 -30.43 -16.33 29.13
CA MET B 229 -29.04 -15.87 29.14
C MET B 229 -28.92 -14.42 29.61
N VAL B 230 -29.67 -13.51 28.98
CA VAL B 230 -29.51 -12.09 29.22
C VAL B 230 -30.70 -11.47 29.95
N GLU B 231 -31.85 -12.14 29.98
CA GLU B 231 -33.03 -11.55 30.62
C GLU B 231 -33.17 -12.03 32.06
N LEU B 232 -32.97 -13.33 32.29
CA LEU B 232 -33.15 -13.90 33.62
C LEU B 232 -32.09 -13.48 34.64
N PRO B 233 -30.77 -13.46 34.35
CA PRO B 233 -29.84 -12.92 35.36
C PRO B 233 -29.89 -11.41 35.51
N LEU B 234 -30.51 -10.68 34.57
CA LEU B 234 -30.58 -9.24 34.69
C LEU B 234 -31.60 -8.81 35.74
N ARG B 235 -32.78 -9.44 35.74
CA ARG B 235 -33.83 -9.11 36.70
C ARG B 235 -33.68 -9.85 38.01
N HIS B 236 -32.80 -10.85 38.09
CA HIS B 236 -32.65 -11.66 39.29
C HIS B 236 -31.18 -11.71 39.69
N PRO B 237 -30.78 -10.90 40.68
CA PRO B 237 -29.41 -11.01 41.20
C PRO B 237 -29.19 -12.28 42.01
N GLN B 238 -30.25 -12.92 42.49
CA GLN B 238 -30.12 -14.18 43.21
C GLN B 238 -29.98 -15.35 42.23
N LEU B 239 -29.99 -16.56 42.80
CA LEU B 239 -29.86 -17.87 42.14
C LEU B 239 -28.59 -18.03 41.29
N PHE B 240 -27.63 -17.13 41.46
CA PHE B 240 -26.29 -17.24 40.92
C PHE B 240 -25.22 -17.11 41.99
N LYS B 241 -25.44 -16.24 42.97
CA LYS B 241 -24.60 -16.19 44.15
C LYS B 241 -24.83 -17.42 45.03
N ALA B 242 -26.09 -17.89 45.10
CA ALA B 242 -26.40 -19.07 45.88
C ALA B 242 -25.85 -20.34 45.24
N ILE B 243 -25.86 -20.39 43.91
CA ILE B 243 -25.30 -21.54 43.21
C ILE B 243 -23.79 -21.44 43.07
N GLY B 244 -23.21 -20.27 43.33
CA GLY B 244 -21.77 -20.12 43.25
C GLY B 244 -21.21 -19.97 41.86
N ILE B 245 -22.01 -19.56 40.90
CA ILE B 245 -21.58 -19.39 39.51
C ILE B 245 -21.86 -17.95 39.11
N LYS B 246 -20.83 -17.25 38.64
CA LYS B 246 -21.02 -15.89 38.16
C LYS B 246 -21.68 -15.93 36.78
N PRO B 247 -22.59 -15.01 36.49
CA PRO B 247 -23.28 -15.02 35.19
C PRO B 247 -22.37 -14.55 34.08
N PRO B 248 -22.62 -14.97 32.84
CA PRO B 248 -21.79 -14.50 31.72
C PRO B 248 -22.05 -13.03 31.40
N ARG B 249 -20.99 -12.33 31.03
CA ARG B 249 -21.03 -10.89 30.78
C ARG B 249 -20.76 -10.58 29.32
N GLY B 250 -21.13 -11.48 28.42
CA GLY B 250 -20.95 -11.25 27.01
C GLY B 250 -21.53 -12.33 26.13
N VAL B 251 -22.31 -11.93 25.11
CA VAL B 251 -22.88 -12.84 24.14
C VAL B 251 -22.58 -12.30 22.74
N LEU B 252 -22.55 -13.20 21.76
CA LEU B 252 -22.26 -12.84 20.38
C LEU B 252 -23.31 -13.45 19.47
N MET B 253 -23.93 -12.62 18.64
CA MET B 253 -24.93 -13.06 17.68
C MET B 253 -24.39 -12.89 16.26
N TYR B 254 -24.57 -13.92 15.44
CA TYR B 254 -24.04 -13.90 14.08
C TYR B 254 -24.92 -14.76 13.19
N GLY B 255 -24.73 -14.59 11.89
CA GLY B 255 -25.48 -15.33 10.90
C GLY B 255 -25.58 -14.59 9.58
N PRO B 256 -26.52 -15.01 8.73
CA PRO B 256 -26.72 -14.29 7.46
C PRO B 256 -27.43 -12.98 7.69
N PRO B 257 -27.23 -11.99 6.83
CA PRO B 257 -27.93 -10.71 7.01
C PRO B 257 -29.40 -10.82 6.66
N GLY B 258 -30.21 -10.02 7.35
CA GLY B 258 -31.65 -10.09 7.16
C GLY B 258 -32.27 -11.27 7.88
N THR B 259 -31.89 -11.52 9.13
CA THR B 259 -32.34 -12.69 9.87
C THR B 259 -32.86 -12.29 11.25
N GLY B 260 -32.65 -11.05 11.66
CA GLY B 260 -33.12 -10.58 12.94
C GLY B 260 -32.05 -10.28 13.96
N LYS B 261 -30.90 -9.76 13.55
CA LYS B 261 -29.84 -9.44 14.50
C LYS B 261 -30.17 -8.16 15.28
N THR B 262 -30.43 -7.06 14.56
CA THR B 262 -30.74 -5.81 15.20
C THR B 262 -32.19 -5.74 15.70
N LEU B 263 -33.04 -6.67 15.28
CA LEU B 263 -34.44 -6.65 15.71
C LEU B 263 -34.62 -7.38 17.04
N MET B 264 -33.92 -8.50 17.23
CA MET B 264 -34.10 -9.30 18.44
C MET B 264 -33.44 -8.64 19.65
N ALA B 265 -32.40 -7.83 19.43
CA ALA B 265 -31.73 -7.18 20.55
C ALA B 265 -32.58 -6.05 21.11
N ARG B 266 -33.27 -5.31 20.24
CA ARG B 266 -34.16 -4.26 20.71
C ARG B 266 -35.45 -4.84 21.30
N ALA B 267 -35.83 -6.05 20.88
CA ALA B 267 -37.05 -6.65 21.39
C ALA B 267 -36.84 -7.29 22.75
N VAL B 268 -35.66 -7.86 22.99
CA VAL B 268 -35.42 -8.58 24.24
C VAL B 268 -35.06 -7.60 25.36
N ALA B 269 -34.67 -6.38 25.00
CA ALA B 269 -34.24 -5.41 26.00
C ALA B 269 -35.32 -4.43 26.39
N ASN B 270 -36.38 -4.30 25.58
CA ASN B 270 -37.41 -3.30 25.86
C ASN B 270 -38.34 -3.76 26.98
N GLU B 271 -39.02 -4.89 26.79
CA GLU B 271 -40.03 -5.34 27.75
C GLU B 271 -39.41 -6.32 28.75
N THR B 272 -38.33 -5.85 29.40
CA THR B 272 -37.77 -6.60 30.51
C THR B 272 -37.39 -5.67 31.66
N GLY B 273 -37.14 -4.40 31.36
CA GLY B 273 -36.67 -3.45 32.34
C GLY B 273 -35.16 -3.40 32.33
N ALA B 274 -34.57 -2.37 31.72
CA ALA B 274 -33.14 -2.28 31.55
C ALA B 274 -32.80 -0.83 31.20
N PHE B 275 -31.50 -0.56 31.05
CA PHE B 275 -31.02 0.75 30.64
C PHE B 275 -30.88 0.87 29.14
N PHE B 276 -30.37 -0.19 28.48
CA PHE B 276 -30.27 -0.32 27.02
C PHE B 276 -29.41 0.80 26.40
N PHE B 277 -28.12 0.77 26.75
CA PHE B 277 -27.14 1.64 26.12
C PHE B 277 -26.89 1.16 24.70
N LEU B 278 -27.38 1.92 23.73
CA LEU B 278 -27.14 1.60 22.33
C LEU B 278 -25.85 2.26 21.86
N ILE B 279 -25.10 1.55 21.01
CA ILE B 279 -23.89 2.09 20.40
C ILE B 279 -23.72 1.45 19.03
N ASN B 280 -23.52 2.28 18.02
CA ASN B 280 -23.42 1.81 16.64
C ASN B 280 -21.97 1.58 16.26
N GLY B 281 -21.79 0.76 15.22
CA GLY B 281 -20.49 0.40 14.71
C GLY B 281 -19.74 1.51 14.00
N PRO B 282 -20.23 1.94 12.83
CA PRO B 282 -19.51 2.98 12.07
C PRO B 282 -19.59 4.38 12.66
N GLU B 283 -20.44 4.61 13.66
CA GLU B 283 -20.54 5.95 14.23
C GLU B 283 -19.34 6.27 15.13
N VAL B 284 -18.74 5.25 15.76
CA VAL B 284 -17.51 5.43 16.51
C VAL B 284 -16.37 5.37 15.50
N MET B 285 -15.17 5.83 15.91
CA MET B 285 -13.89 5.91 15.21
C MET B 285 -13.89 7.06 14.18
N SER B 286 -15.04 7.68 13.91
CA SER B 286 -15.14 8.82 13.00
C SER B 286 -14.84 10.15 13.68
N LYS B 287 -14.23 10.12 14.87
CA LYS B 287 -13.90 11.32 15.62
C LYS B 287 -12.49 11.78 15.29
N MET B 288 -12.15 12.97 15.79
CA MET B 288 -10.85 13.57 15.59
C MET B 288 -10.13 13.71 16.93
N ALA B 289 -8.80 13.75 16.85
CA ALA B 289 -7.86 13.95 17.97
C ALA B 289 -7.95 12.88 19.05
N GLY B 290 -8.46 11.69 18.72
CA GLY B 290 -8.45 10.58 19.65
C GLY B 290 -9.40 10.71 20.83
N GLU B 291 -10.70 10.81 20.56
CA GLU B 291 -11.70 10.83 21.62
C GLU B 291 -12.69 9.68 21.52
N SER B 292 -12.44 8.70 20.66
CA SER B 292 -13.32 7.53 20.60
C SER B 292 -13.12 6.62 21.80
N GLU B 293 -11.95 6.67 22.42
CA GLU B 293 -11.71 5.90 23.63
C GLU B 293 -12.45 6.50 24.82
N SER B 294 -12.53 7.83 24.88
CA SER B 294 -13.27 8.48 25.96
C SER B 294 -14.77 8.32 25.78
N ASN B 295 -15.24 8.19 24.53
CA ASN B 295 -16.64 7.88 24.30
C ASN B 295 -16.95 6.42 24.62
N LEU B 296 -15.93 5.55 24.61
CA LEU B 296 -16.10 4.16 25.03
C LEU B 296 -15.95 3.99 26.53
N ARG B 297 -15.05 4.76 27.15
CA ARG B 297 -14.86 4.68 28.59
C ARG B 297 -16.05 5.28 29.34
N LYS B 298 -16.65 6.34 28.79
CA LYS B 298 -17.86 6.91 29.40
C LYS B 298 -19.08 6.05 29.11
N ALA B 299 -19.00 5.18 28.10
CA ALA B 299 -20.11 4.29 27.79
C ALA B 299 -20.26 3.20 28.84
N PHE B 300 -19.15 2.62 29.27
CA PHE B 300 -19.21 1.53 30.25
C PHE B 300 -19.29 2.06 31.67
N GLU B 301 -18.82 3.28 31.91
CA GLU B 301 -18.87 3.86 33.26
C GLU B 301 -20.27 4.32 33.61
N GLU B 302 -20.97 4.94 32.65
CA GLU B 302 -22.31 5.43 32.90
C GLU B 302 -23.34 4.31 32.93
N ALA B 303 -23.00 3.13 32.41
CA ALA B 303 -23.94 2.01 32.43
C ALA B 303 -24.02 1.38 33.82
N GLU B 304 -22.87 1.20 34.47
CA GLU B 304 -22.83 0.55 35.78
C GLU B 304 -23.22 1.49 36.92
N LYS B 305 -23.40 2.79 36.66
CA LYS B 305 -23.82 3.70 37.71
C LYS B 305 -25.30 3.54 38.03
N ASN B 306 -26.09 3.06 37.07
CA ASN B 306 -27.52 2.85 37.22
C ASN B 306 -27.90 1.43 36.80
N ALA B 307 -27.17 0.46 37.35
CA ALA B 307 -27.39 -0.94 37.07
C ALA B 307 -28.79 -1.38 37.53
N PRO B 308 -29.43 -2.33 36.81
CA PRO B 308 -29.02 -3.14 35.65
C PRO B 308 -28.98 -2.38 34.31
N ALA B 309 -28.03 -2.76 33.46
CA ALA B 309 -27.84 -2.09 32.18
C ALA B 309 -27.50 -3.12 31.11
N ILE B 310 -27.79 -2.76 29.86
CA ILE B 310 -27.48 -3.58 28.70
C ILE B 310 -26.72 -2.72 27.70
N ILE B 311 -25.51 -3.14 27.34
CA ILE B 311 -24.70 -2.44 26.35
C ILE B 311 -24.74 -3.26 25.07
N PHE B 312 -25.51 -2.79 24.09
CA PHE B 312 -25.66 -3.50 22.81
C PHE B 312 -24.75 -2.84 21.79
N ILE B 313 -23.62 -3.49 21.51
CA ILE B 313 -22.72 -3.01 20.46
C ILE B 313 -23.16 -3.59 19.13
N ASP B 314 -23.77 -2.75 18.30
CA ASP B 314 -24.26 -3.14 16.98
C ASP B 314 -23.15 -2.94 15.96
N GLU B 315 -23.06 -3.89 15.02
CA GLU B 315 -22.06 -3.92 13.94
C GLU B 315 -20.64 -3.85 14.49
N ILE B 316 -20.28 -4.90 15.23
CA ILE B 316 -18.96 -4.96 15.85
C ILE B 316 -17.89 -5.39 14.85
N ASP B 317 -18.30 -5.92 13.69
CA ASP B 317 -17.33 -6.29 12.66
C ASP B 317 -16.72 -5.08 11.99
N SER B 318 -17.37 -3.92 12.04
CA SER B 318 -16.81 -2.68 11.51
C SER B 318 -15.87 -2.00 12.50
N ILE B 319 -15.64 -2.58 13.67
CA ILE B 319 -14.77 -2.01 14.67
C ILE B 319 -13.49 -2.84 14.84
N ALA B 320 -13.62 -4.17 14.82
CA ALA B 320 -12.52 -5.08 15.14
C ALA B 320 -12.25 -6.02 13.97
N PRO B 321 -11.38 -5.64 13.03
CA PRO B 321 -10.90 -6.61 12.04
C PRO B 321 -9.72 -7.41 12.57
N LYS B 322 -9.12 -8.25 11.73
CA LYS B 322 -7.95 -9.00 12.15
C LYS B 322 -6.71 -8.13 12.08
N ARG B 323 -5.61 -8.62 12.66
CA ARG B 323 -4.38 -7.86 12.76
C ARG B 323 -3.56 -7.86 11.48
N ASP B 324 -3.92 -8.70 10.51
CA ASP B 324 -3.28 -8.68 9.19
C ASP B 324 -3.96 -7.73 8.21
N LYS B 325 -5.17 -7.26 8.53
CA LYS B 325 -5.87 -6.25 7.75
C LYS B 325 -6.00 -4.94 8.52
N THR B 326 -4.95 -4.57 9.26
CA THR B 326 -4.98 -3.34 10.03
C THR B 326 -4.83 -2.14 9.11
N ASN B 327 -5.41 -1.00 9.53
CA ASN B 327 -5.46 0.21 8.71
C ASN B 327 -5.12 1.40 9.59
N GLY B 328 -3.95 1.99 9.38
CA GLY B 328 -3.55 3.16 10.13
C GLY B 328 -3.13 2.82 11.55
N GLU B 329 -3.37 3.77 12.45
CA GLU B 329 -3.03 3.61 13.85
C GLU B 329 -4.22 3.77 14.80
N VAL B 330 -5.30 4.40 14.36
CA VAL B 330 -6.47 4.54 15.23
C VAL B 330 -7.31 3.27 15.28
N GLU B 331 -7.09 2.32 14.36
CA GLU B 331 -7.81 1.06 14.44
C GLU B 331 -7.24 0.14 15.50
N ARG B 332 -5.93 0.21 15.74
CA ARG B 332 -5.34 -0.55 16.84
C ARG B 332 -5.71 0.04 18.19
N ARG B 333 -5.94 1.36 18.23
CA ARG B 333 -6.19 2.04 19.50
C ARG B 333 -7.59 1.77 20.04
N VAL B 334 -8.55 1.40 19.19
CA VAL B 334 -9.91 1.15 19.65
C VAL B 334 -10.19 -0.33 19.88
N VAL B 335 -9.35 -1.23 19.35
CA VAL B 335 -9.57 -2.65 19.62
C VAL B 335 -8.88 -3.07 20.90
N SER B 336 -7.85 -2.33 21.33
CA SER B 336 -7.19 -2.62 22.59
C SER B 336 -7.87 -1.90 23.74
N GLN B 337 -8.59 -0.82 23.44
CA GLN B 337 -9.42 -0.17 24.46
C GLN B 337 -10.63 -1.03 24.79
N LEU B 338 -11.19 -1.71 23.79
CA LEU B 338 -12.34 -2.56 24.02
C LEU B 338 -11.96 -3.84 24.76
N LEU B 339 -10.76 -4.37 24.48
CA LEU B 339 -10.33 -5.59 25.15
C LEU B 339 -9.94 -5.32 26.61
N THR B 340 -9.44 -4.12 26.91
CA THR B 340 -9.12 -3.79 28.29
C THR B 340 -10.38 -3.54 29.11
N LEU B 341 -11.33 -2.77 28.54
CA LEU B 341 -12.54 -2.40 29.26
C LEU B 341 -13.53 -3.54 29.40
N MET B 342 -13.41 -4.57 28.57
CA MET B 342 -14.26 -5.75 28.72
C MET B 342 -13.86 -6.56 29.95
N ASP B 343 -12.58 -6.52 30.34
CA ASP B 343 -12.12 -7.30 31.48
C ASP B 343 -12.43 -6.60 32.80
N GLY B 344 -12.81 -5.32 32.76
CA GLY B 344 -13.07 -4.57 33.97
C GLY B 344 -14.43 -4.81 34.59
N MET B 345 -15.27 -5.64 33.98
CA MET B 345 -16.62 -5.92 34.47
C MET B 345 -16.69 -7.19 35.32
N LYS B 346 -15.61 -7.54 36.00
CA LYS B 346 -15.59 -8.72 36.86
C LYS B 346 -16.04 -8.44 38.28
N ALA B 347 -16.56 -7.25 38.56
CA ALA B 347 -17.02 -6.89 39.89
C ALA B 347 -18.50 -7.20 40.10
N ARG B 348 -19.12 -7.94 39.18
CA ARG B 348 -20.53 -8.34 39.22
C ARG B 348 -21.45 -7.11 39.29
N SER B 349 -21.29 -6.22 38.32
CA SER B 349 -22.04 -4.98 38.26
C SER B 349 -23.36 -5.11 37.49
N ASN B 350 -23.76 -6.35 37.17
CA ASN B 350 -25.00 -6.68 36.45
C ASN B 350 -25.09 -5.99 35.10
N VAL B 351 -23.98 -5.98 34.37
CA VAL B 351 -23.89 -5.36 33.05
C VAL B 351 -23.67 -6.47 32.03
N VAL B 352 -24.60 -6.60 31.10
CA VAL B 352 -24.56 -7.63 30.05
C VAL B 352 -24.27 -6.94 28.73
N VAL B 353 -23.24 -7.41 28.02
CA VAL B 353 -22.82 -6.84 26.75
C VAL B 353 -23.28 -7.76 25.63
N ILE B 354 -24.09 -7.23 24.73
CA ILE B 354 -24.58 -7.96 23.56
C ILE B 354 -23.87 -7.43 22.33
N ALA B 355 -23.33 -8.33 21.51
CA ALA B 355 -22.59 -7.96 20.31
C ALA B 355 -23.20 -8.65 19.11
N ALA B 356 -23.58 -7.87 18.10
CA ALA B 356 -24.13 -8.38 16.86
C ALA B 356 -23.15 -8.15 15.72
N THR B 357 -22.98 -9.18 14.89
CA THR B 357 -22.05 -9.11 13.77
C THR B 357 -22.67 -9.87 12.59
N ASN B 358 -21.97 -9.84 11.46
CA ASN B 358 -22.43 -10.52 10.25
C ASN B 358 -21.46 -11.59 9.77
N ARG B 359 -20.15 -11.35 9.90
CA ARG B 359 -19.13 -12.31 9.51
C ARG B 359 -18.28 -12.65 10.72
N PRO B 360 -18.41 -13.87 11.26
CA PRO B 360 -17.62 -14.23 12.44
C PRO B 360 -16.16 -14.54 12.13
N ASN B 361 -15.81 -14.73 10.86
CA ASN B 361 -14.42 -15.04 10.51
C ASN B 361 -13.57 -13.79 10.30
N SER B 362 -14.19 -12.67 9.91
CA SER B 362 -13.45 -11.43 9.70
C SER B 362 -13.16 -10.69 11.00
N ILE B 363 -13.79 -11.09 12.11
CA ILE B 363 -13.55 -10.44 13.39
C ILE B 363 -12.21 -10.88 13.96
N ASP B 364 -11.71 -10.11 14.93
CA ASP B 364 -10.44 -10.44 15.57
C ASP B 364 -10.61 -11.65 16.48
N PRO B 365 -9.70 -12.63 16.43
CA PRO B 365 -9.90 -13.86 17.22
C PRO B 365 -9.58 -13.74 18.69
N ALA B 366 -9.16 -12.56 19.16
CA ALA B 366 -8.84 -12.36 20.58
C ALA B 366 -10.05 -11.89 21.37
N LEU B 367 -11.25 -11.94 20.81
CA LEU B 367 -12.46 -11.52 21.50
C LEU B 367 -13.15 -12.65 22.26
N ARG B 368 -12.88 -13.91 21.89
CA ARG B 368 -13.52 -15.06 22.52
C ARG B 368 -12.56 -15.65 23.53
N ARG B 369 -12.52 -15.05 24.71
CA ARG B 369 -11.72 -15.52 25.83
C ARG B 369 -12.64 -15.90 26.99
N PHE B 370 -12.03 -16.34 28.09
CA PHE B 370 -12.78 -16.74 29.28
C PHE B 370 -13.16 -15.48 30.06
N GLY B 371 -14.30 -14.90 29.68
CA GLY B 371 -14.80 -13.73 30.34
C GLY B 371 -15.25 -12.63 29.40
N ARG B 372 -14.63 -12.55 28.22
CA ARG B 372 -14.97 -11.50 27.27
C ARG B 372 -16.22 -11.87 26.47
N PHE B 373 -16.14 -12.96 25.70
CA PHE B 373 -17.28 -13.45 24.92
C PHE B 373 -17.21 -14.97 24.93
N ASP B 374 -17.91 -15.59 25.88
CA ASP B 374 -17.86 -17.03 26.04
C ASP B 374 -18.92 -17.73 25.19
N ARG B 375 -20.15 -17.22 25.20
CA ARG B 375 -21.25 -17.85 24.49
C ARG B 375 -21.47 -17.19 23.13
N GLU B 376 -21.76 -18.01 22.13
CA GLU B 376 -22.11 -17.56 20.80
C GLU B 376 -23.46 -18.12 20.41
N VAL B 377 -24.31 -17.26 19.84
CA VAL B 377 -25.67 -17.63 19.44
C VAL B 377 -25.77 -17.48 17.93
N ASP B 378 -25.95 -18.59 17.23
CA ASP B 378 -26.09 -18.57 15.78
C ASP B 378 -27.56 -18.53 15.41
N ILE B 379 -27.90 -17.67 14.45
CA ILE B 379 -29.28 -17.50 13.98
C ILE B 379 -29.33 -18.03 12.56
N GLY B 380 -29.98 -19.18 12.38
CA GLY B 380 -30.11 -19.79 11.07
C GLY B 380 -31.34 -19.30 10.32
N ILE B 381 -31.52 -19.85 9.13
CA ILE B 381 -32.66 -19.50 8.28
C ILE B 381 -33.88 -20.27 8.76
N PRO B 382 -35.07 -19.68 8.69
CA PRO B 382 -36.28 -20.39 9.12
C PRO B 382 -36.68 -21.49 8.15
N ASP B 383 -37.48 -22.43 8.66
CA ASP B 383 -37.99 -23.54 7.89
C ASP B 383 -39.34 -23.16 7.28
N ALA B 384 -40.07 -24.16 6.78
CA ALA B 384 -41.39 -23.92 6.20
C ALA B 384 -42.40 -23.50 7.27
N THR B 385 -42.29 -24.07 8.47
CA THR B 385 -43.12 -23.60 9.58
C THR B 385 -42.56 -22.32 10.17
N GLY B 386 -41.27 -22.06 10.01
CA GLY B 386 -40.70 -20.83 10.52
C GLY B 386 -41.03 -19.62 9.65
N ARG B 387 -40.98 -19.79 8.33
CA ARG B 387 -41.34 -18.70 7.42
C ARG B 387 -42.84 -18.44 7.43
N LEU B 388 -43.64 -19.44 7.79
CA LEU B 388 -45.08 -19.21 7.93
C LEU B 388 -45.39 -18.36 9.16
N GLU B 389 -44.56 -18.49 10.20
CA GLU B 389 -44.83 -17.77 11.44
C GLU B 389 -44.53 -16.28 11.31
N VAL B 390 -43.57 -15.91 10.46
CA VAL B 390 -43.28 -14.49 10.25
C VAL B 390 -44.35 -13.86 9.36
N LEU B 391 -45.00 -14.66 8.50
CA LEU B 391 -46.06 -14.14 7.64
C LEU B 391 -47.32 -13.80 8.45
N ARG B 392 -47.51 -14.44 9.60
CA ARG B 392 -48.66 -14.11 10.45
C ARG B 392 -48.46 -12.78 11.15
N ILE B 393 -47.24 -12.46 11.57
CA ILE B 393 -46.95 -11.25 12.31
C ILE B 393 -46.56 -10.10 11.37
N HIS B 394 -46.67 -10.31 10.05
CA HIS B 394 -46.45 -9.25 9.08
C HIS B 394 -47.72 -8.84 8.34
N THR B 395 -48.77 -9.64 8.38
CA THR B 395 -50.06 -9.30 7.78
C THR B 395 -51.10 -8.97 8.85
N LYS B 396 -50.66 -8.46 9.99
CA LYS B 396 -51.57 -8.18 11.09
C LYS B 396 -52.37 -6.90 10.83
N ASN B 397 -51.68 -5.82 10.48
CA ASN B 397 -52.34 -4.54 10.20
C ASN B 397 -52.71 -4.37 8.74
N MET B 398 -52.49 -5.40 7.91
CA MET B 398 -52.79 -5.30 6.49
C MET B 398 -54.17 -5.86 6.20
N LYS B 399 -54.92 -5.19 5.32
CA LYS B 399 -56.24 -5.64 4.90
C LYS B 399 -56.08 -6.74 3.87
N LEU B 400 -56.42 -7.97 4.25
CA LEU B 400 -56.25 -9.13 3.40
C LEU B 400 -57.59 -9.60 2.84
N ALA B 401 -57.53 -10.25 1.68
CA ALA B 401 -58.71 -10.84 1.06
C ALA B 401 -58.84 -12.29 1.51
N ASP B 402 -59.72 -13.05 0.85
CA ASP B 402 -59.98 -14.43 1.22
C ASP B 402 -59.31 -15.44 0.32
N ASP B 403 -58.83 -15.02 -0.86
CA ASP B 403 -58.21 -15.95 -1.80
C ASP B 403 -56.77 -16.30 -1.45
N VAL B 404 -56.17 -15.62 -0.48
CA VAL B 404 -54.77 -15.85 -0.12
C VAL B 404 -54.68 -17.08 0.75
N ASP B 405 -53.56 -17.80 0.62
CA ASP B 405 -53.26 -18.98 1.43
C ASP B 405 -51.81 -18.88 1.87
N LEU B 406 -51.59 -18.61 3.16
CA LEU B 406 -50.23 -18.40 3.66
C LEU B 406 -49.43 -19.68 3.75
N GLU B 407 -50.09 -20.85 3.76
CA GLU B 407 -49.37 -22.11 3.81
C GLU B 407 -48.71 -22.42 2.47
N ALA B 408 -49.36 -22.05 1.37
CA ALA B 408 -48.78 -22.28 0.05
C ALA B 408 -47.65 -21.30 -0.25
N LEU B 409 -47.69 -20.10 0.34
CA LEU B 409 -46.62 -19.13 0.14
C LEU B 409 -45.37 -19.53 0.93
N ALA B 410 -45.55 -20.13 2.11
CA ALA B 410 -44.40 -20.58 2.89
C ALA B 410 -43.79 -21.85 2.29
N ALA B 411 -44.61 -22.67 1.65
CA ALA B 411 -44.10 -23.89 1.03
C ALA B 411 -43.35 -23.59 -0.27
N GLU B 412 -43.77 -22.55 -1.00
CA GLU B 412 -43.10 -22.20 -2.23
C GLU B 412 -41.79 -21.46 -1.95
N THR B 413 -41.80 -20.57 -0.97
CA THR B 413 -40.61 -19.81 -0.58
C THR B 413 -39.78 -20.65 0.36
N HIS B 414 -38.76 -21.32 -0.19
CA HIS B 414 -37.85 -22.11 0.64
C HIS B 414 -36.62 -21.31 1.03
N GLY B 415 -35.97 -20.68 0.05
CA GLY B 415 -34.74 -19.94 0.31
C GLY B 415 -34.97 -18.49 0.67
N TYR B 416 -36.02 -18.21 1.42
CA TYR B 416 -36.33 -16.85 1.85
C TYR B 416 -35.80 -16.63 3.27
N VAL B 417 -35.49 -15.36 3.56
CA VAL B 417 -34.94 -14.98 4.85
C VAL B 417 -35.95 -14.11 5.59
N GLY B 418 -35.60 -13.67 6.80
CA GLY B 418 -36.46 -12.84 7.61
C GLY B 418 -36.68 -11.44 7.06
N ALA B 419 -35.86 -10.99 6.12
CA ALA B 419 -36.06 -9.71 5.47
C ALA B 419 -36.77 -9.83 4.13
N ASP B 420 -36.65 -10.97 3.44
CA ASP B 420 -37.35 -11.17 2.18
C ASP B 420 -38.84 -11.40 2.37
N ILE B 421 -39.26 -11.85 3.55
CA ILE B 421 -40.68 -12.05 3.81
C ILE B 421 -41.40 -10.71 4.00
N ALA B 422 -40.66 -9.66 4.41
CA ALA B 422 -41.25 -8.33 4.48
C ALA B 422 -41.41 -7.71 3.09
N SER B 423 -40.60 -8.14 2.12
CA SER B 423 -40.73 -7.66 0.76
C SER B 423 -41.90 -8.29 0.03
N LEU B 424 -42.34 -9.48 0.48
CA LEU B 424 -43.42 -10.17 -0.21
C LEU B 424 -44.78 -9.55 0.07
N CYS B 425 -44.97 -9.02 1.28
CA CYS B 425 -46.24 -8.40 1.64
C CYS B 425 -46.30 -6.93 1.26
N SER B 426 -45.16 -6.23 1.27
CA SER B 426 -45.14 -4.82 0.95
C SER B 426 -45.20 -4.55 -0.55
N GLU B 427 -44.73 -5.48 -1.38
CA GLU B 427 -44.79 -5.28 -2.83
C GLU B 427 -46.15 -5.63 -3.40
N ALA B 428 -46.87 -6.56 -2.76
CA ALA B 428 -48.21 -6.92 -3.24
C ALA B 428 -49.22 -5.83 -2.93
N ALA B 429 -49.00 -5.08 -1.84
CA ALA B 429 -49.87 -3.95 -1.54
C ALA B 429 -49.58 -2.77 -2.45
N MET B 430 -48.30 -2.59 -2.82
CA MET B 430 -47.94 -1.54 -3.77
C MET B 430 -48.42 -1.88 -5.17
N GLN B 431 -48.50 -3.15 -5.51
CA GLN B 431 -49.02 -3.57 -6.81
C GLN B 431 -50.53 -3.34 -6.89
N GLN B 432 -51.24 -3.52 -5.76
CA GLN B 432 -52.69 -3.41 -5.77
C GLN B 432 -53.14 -1.96 -5.90
N ILE B 433 -52.39 -1.02 -5.33
CA ILE B 433 -52.77 0.39 -5.45
C ILE B 433 -52.40 0.96 -6.81
N ARG B 434 -51.54 0.26 -7.58
CA ARG B 434 -51.28 0.67 -8.96
C ARG B 434 -52.42 0.30 -9.88
N GLU B 435 -53.26 -0.67 -9.48
CA GLU B 435 -54.46 -1.01 -10.24
C GLU B 435 -55.64 -0.13 -9.82
N LYS B 436 -55.85 0.00 -8.51
CA LYS B 436 -56.95 0.80 -7.99
C LYS B 436 -56.54 2.28 -7.88
N MET B 437 -56.75 3.02 -8.97
CA MET B 437 -56.41 4.43 -8.99
C MET B 437 -57.17 5.16 -10.10
N ASP B 438 -58.18 5.93 -9.72
CA ASP B 438 -58.98 6.68 -10.68
C ASP B 438 -59.63 7.89 -10.03
N LEU B 439 -60.82 8.26 -10.52
CA LEU B 439 -61.55 9.41 -9.99
C LEU B 439 -62.10 9.11 -8.60
N LEU B 452 -59.80 5.27 -1.42
CA LEU B 452 -59.58 4.24 -0.42
C LEU B 452 -60.94 3.70 0.02
N ASP B 453 -61.41 2.66 -0.65
CA ASP B 453 -62.70 2.05 -0.34
C ASP B 453 -62.58 0.57 -0.02
N SER B 454 -61.78 -0.18 -0.77
CA SER B 454 -61.60 -1.61 -0.53
C SER B 454 -60.25 -2.00 -1.13
N LEU B 455 -59.31 -2.38 -0.28
CA LEU B 455 -57.93 -2.65 -0.68
C LEU B 455 -57.45 -3.98 -0.10
N GLY B 456 -58.27 -5.01 -0.22
CA GLY B 456 -57.87 -6.35 0.21
C GLY B 456 -56.85 -6.93 -0.74
N VAL B 457 -55.71 -7.37 -0.22
CA VAL B 457 -54.65 -7.89 -1.07
C VAL B 457 -55.02 -9.28 -1.55
N THR B 458 -54.99 -9.48 -2.86
CA THR B 458 -55.44 -10.71 -3.47
C THR B 458 -54.30 -11.72 -3.62
N MET B 459 -54.66 -12.91 -4.08
CA MET B 459 -53.67 -13.96 -4.31
C MET B 459 -52.80 -13.65 -5.54
N ASP B 460 -53.37 -12.99 -6.55
CA ASP B 460 -52.61 -12.67 -7.75
C ASP B 460 -51.57 -11.59 -7.50
N ASN B 461 -51.80 -10.75 -6.49
CA ASN B 461 -50.78 -9.76 -6.12
C ASN B 461 -49.60 -10.42 -5.45
N PHE B 462 -49.83 -11.47 -4.67
CA PHE B 462 -48.73 -12.22 -4.09
C PHE B 462 -48.05 -13.11 -5.12
N ARG B 463 -48.82 -13.60 -6.10
CA ARG B 463 -48.23 -14.41 -7.16
C ARG B 463 -47.39 -13.56 -8.11
N PHE B 464 -47.81 -12.31 -8.34
CA PHE B 464 -46.98 -11.40 -9.14
C PHE B 464 -45.72 -10.99 -8.38
N ALA B 465 -45.81 -10.89 -7.05
CA ALA B 465 -44.65 -10.54 -6.25
C ALA B 465 -43.62 -11.68 -6.20
N LEU B 466 -44.06 -12.91 -6.40
CA LEU B 466 -43.12 -14.03 -6.50
C LEU B 466 -42.37 -14.01 -7.83
N GLY B 467 -42.98 -13.44 -8.87
CA GLY B 467 -42.37 -13.43 -10.19
C GLY B 467 -41.36 -12.33 -10.41
N ASN B 468 -41.75 -11.08 -10.16
CA ASN B 468 -40.89 -9.96 -10.50
C ASN B 468 -39.76 -9.79 -9.48
N SER B 469 -39.96 -10.23 -8.24
CA SER B 469 -38.93 -10.12 -7.22
C SER B 469 -38.11 -11.41 -7.20
N ASN B 470 -37.25 -11.55 -6.19
CA ASN B 470 -36.35 -12.67 -6.09
C ASN B 470 -35.94 -12.83 -4.63
N PRO B 471 -35.47 -14.01 -4.22
CA PRO B 471 -34.93 -14.16 -2.86
C PRO B 471 -33.56 -13.52 -2.70
N SER B 472 -32.94 -13.72 -1.52
CA SER B 472 -31.68 -13.07 -1.19
C SER B 472 -30.48 -13.60 -1.97
N ALA B 473 -30.64 -14.65 -2.77
CA ALA B 473 -29.54 -15.23 -3.53
C ALA B 473 -29.18 -14.37 -4.73
N LEU B 474 -28.55 -13.23 -4.49
CA LEU B 474 -28.06 -12.36 -5.57
C LEU B 474 -26.59 -12.66 -5.85
N ARG B 475 -26.36 -13.89 -6.34
CA ARG B 475 -25.04 -14.49 -6.59
C ARG B 475 -24.18 -14.51 -5.32
N GLU B 476 -24.85 -14.64 -4.17
CA GLU B 476 -24.23 -14.90 -2.89
C GLU B 476 -24.23 -16.42 -2.66
N THR B 477 -24.02 -16.85 -1.41
CA THR B 477 -24.29 -18.23 -1.01
C THR B 477 -25.72 -18.64 -1.35
N VAL B 478 -25.85 -19.70 -2.14
CA VAL B 478 -27.12 -20.03 -2.77
C VAL B 478 -28.02 -20.75 -1.76
N VAL B 479 -29.26 -20.31 -1.66
CA VAL B 479 -30.24 -20.89 -0.75
C VAL B 479 -31.40 -21.42 -1.60
N GLU B 480 -31.32 -22.70 -1.96
CA GLU B 480 -32.35 -23.36 -2.73
C GLU B 480 -32.29 -24.85 -2.44
N SER B 481 -33.39 -25.55 -2.73
CA SER B 481 -33.51 -26.98 -2.54
C SER B 481 -34.10 -27.63 -3.78
N VAL B 482 -33.54 -27.30 -4.94
CA VAL B 482 -34.03 -27.86 -6.20
C VAL B 482 -33.58 -29.31 -6.34
N ASN B 483 -34.50 -30.23 -6.07
CA ASN B 483 -34.25 -31.66 -6.16
C ASN B 483 -35.38 -32.31 -6.94
N VAL B 484 -35.05 -33.36 -7.69
CA VAL B 484 -36.03 -34.11 -8.45
C VAL B 484 -36.30 -35.41 -7.71
N THR B 485 -37.48 -35.98 -7.98
CA THR B 485 -37.90 -37.22 -7.34
C THR B 485 -37.30 -38.42 -8.07
N TRP B 486 -37.77 -39.62 -7.76
CA TRP B 486 -37.28 -40.82 -8.40
C TRP B 486 -37.86 -40.94 -9.81
N ASP B 487 -37.40 -41.97 -10.53
CA ASP B 487 -37.59 -42.25 -11.96
C ASP B 487 -37.50 -41.01 -12.85
N ASP B 488 -36.57 -40.12 -12.56
CA ASP B 488 -36.25 -38.98 -13.42
C ASP B 488 -34.92 -39.14 -14.14
N VAL B 489 -34.08 -40.07 -13.70
CA VAL B 489 -32.95 -40.54 -14.49
C VAL B 489 -33.31 -41.96 -14.93
N GLY B 490 -33.10 -42.25 -16.21
CA GLY B 490 -33.61 -43.51 -16.76
C GLY B 490 -32.83 -44.72 -16.28
N GLY B 491 -33.58 -45.77 -15.97
CA GLY B 491 -33.00 -47.01 -15.49
C GLY B 491 -32.81 -47.01 -13.98
N LEU B 492 -31.55 -47.11 -13.53
CA LEU B 492 -31.12 -47.06 -12.14
C LEU B 492 -31.72 -48.16 -11.26
N ASP B 493 -32.24 -49.23 -11.86
CA ASP B 493 -32.89 -50.28 -11.08
C ASP B 493 -31.89 -51.14 -10.32
N GLU B 494 -30.61 -51.07 -10.65
CA GLU B 494 -29.56 -51.75 -9.90
C GLU B 494 -28.60 -50.77 -9.24
N ILE B 495 -28.81 -49.47 -9.39
CA ILE B 495 -27.88 -48.45 -8.90
C ILE B 495 -28.55 -47.65 -7.78
N LYS B 496 -29.89 -47.72 -7.70
CA LYS B 496 -30.61 -46.96 -6.67
C LYS B 496 -30.37 -47.53 -5.27
N GLU B 497 -30.07 -48.82 -5.17
CA GLU B 497 -29.77 -49.40 -3.85
C GLU B 497 -28.37 -49.05 -3.38
N GLU B 498 -27.50 -48.56 -4.26
CA GLU B 498 -26.16 -48.17 -3.90
C GLU B 498 -26.07 -46.74 -3.37
N LEU B 499 -27.07 -45.90 -3.67
CA LEU B 499 -27.07 -44.51 -3.24
C LEU B 499 -27.94 -44.25 -2.03
N LYS B 500 -28.72 -45.24 -1.59
CA LYS B 500 -29.63 -45.04 -0.46
C LYS B 500 -28.94 -45.18 0.89
N GLU B 501 -27.64 -45.46 0.92
CA GLU B 501 -26.93 -45.75 2.15
C GLU B 501 -25.95 -44.66 2.55
N THR B 502 -26.13 -43.44 2.03
CA THR B 502 -25.18 -42.36 2.30
C THR B 502 -25.82 -41.03 2.70
N VAL B 503 -27.10 -40.81 2.45
CA VAL B 503 -27.72 -39.52 2.79
C VAL B 503 -29.03 -39.77 3.53
N GLU B 504 -29.52 -41.01 3.50
CA GLU B 504 -30.72 -41.39 4.23
C GLU B 504 -30.40 -42.14 5.53
N TYR B 505 -29.54 -43.16 5.45
CA TYR B 505 -29.24 -43.96 6.63
C TYR B 505 -28.44 -43.26 7.73
N PRO B 506 -27.51 -42.32 7.46
CA PRO B 506 -27.02 -41.48 8.57
C PRO B 506 -28.07 -40.57 9.18
N VAL B 507 -29.13 -40.24 8.44
CA VAL B 507 -30.20 -39.42 9.00
C VAL B 507 -31.27 -40.29 9.68
N LEU B 508 -31.68 -41.39 9.05
CA LEU B 508 -32.74 -42.22 9.60
C LEU B 508 -32.24 -43.04 10.79
N HIS B 509 -31.08 -43.67 10.68
CA HIS B 509 -30.51 -44.49 11.74
C HIS B 509 -29.11 -43.99 12.10
N PRO B 510 -29.00 -42.96 12.95
CA PRO B 510 -27.67 -42.52 13.39
C PRO B 510 -27.06 -43.40 14.46
N ASP B 511 -27.86 -44.23 15.13
CA ASP B 511 -27.35 -45.01 16.26
C ASP B 511 -26.55 -46.23 15.82
N GLN B 512 -26.63 -46.61 14.54
CA GLN B 512 -25.85 -47.75 14.06
C GLN B 512 -24.36 -47.45 13.98
N TYR B 513 -23.99 -46.17 13.84
CA TYR B 513 -22.58 -45.81 13.85
C TYR B 513 -22.07 -45.54 15.27
N THR B 514 -22.94 -45.05 16.16
CA THR B 514 -22.53 -44.76 17.52
C THR B 514 -22.41 -46.03 18.37
N LYS B 515 -23.22 -47.06 18.06
CA LYS B 515 -23.12 -48.32 18.79
C LYS B 515 -21.86 -49.08 18.40
N PHE B 516 -21.54 -49.11 17.10
CA PHE B 516 -20.35 -49.80 16.64
C PHE B 516 -19.10 -48.98 16.92
N GLY B 517 -19.08 -47.73 16.49
CA GLY B 517 -17.93 -46.86 16.65
C GLY B 517 -17.30 -46.41 15.34
N LEU B 518 -17.94 -46.66 14.20
CA LEU B 518 -17.36 -46.30 12.91
C LEU B 518 -17.71 -44.87 12.54
N SER B 519 -16.84 -44.24 11.75
CA SER B 519 -17.13 -42.91 11.23
C SER B 519 -17.93 -43.03 9.93
N PRO B 520 -19.07 -42.38 9.83
CA PRO B 520 -19.87 -42.45 8.59
C PRO B 520 -19.22 -41.68 7.46
N SER B 521 -19.19 -42.31 6.29
CA SER B 521 -18.58 -41.71 5.11
C SER B 521 -19.49 -40.60 4.58
N LYS B 522 -19.11 -39.35 4.85
CA LYS B 522 -19.87 -38.19 4.41
C LYS B 522 -19.46 -37.71 3.02
N GLY B 523 -18.58 -38.44 2.34
CA GLY B 523 -18.12 -38.03 1.02
C GLY B 523 -18.06 -39.16 0.02
N VAL B 524 -18.64 -38.94 -1.16
CA VAL B 524 -18.67 -39.93 -2.23
C VAL B 524 -18.20 -39.26 -3.51
N LEU B 525 -17.14 -39.79 -4.12
CA LEU B 525 -16.63 -39.23 -5.36
C LEU B 525 -17.42 -39.79 -6.54
N PHE B 526 -17.87 -38.91 -7.43
CA PHE B 526 -18.64 -39.28 -8.61
C PHE B 526 -17.86 -38.97 -9.87
N TYR B 527 -17.89 -39.90 -10.82
CA TYR B 527 -17.27 -39.72 -12.13
C TYR B 527 -17.95 -40.68 -13.10
N GLY B 528 -18.15 -40.24 -14.33
CA GLY B 528 -18.83 -41.06 -15.31
C GLY B 528 -18.66 -40.59 -16.74
N PRO B 529 -19.55 -41.05 -17.62
CA PRO B 529 -19.46 -40.69 -19.04
C PRO B 529 -20.00 -39.29 -19.27
N PRO B 530 -19.84 -38.72 -20.49
CA PRO B 530 -20.51 -37.46 -20.81
C PRO B 530 -22.04 -37.57 -20.83
N GLY B 531 -22.71 -36.42 -20.94
CA GLY B 531 -24.15 -36.39 -20.79
C GLY B 531 -24.59 -36.04 -19.39
N THR B 532 -24.90 -37.05 -18.60
CA THR B 532 -25.28 -36.89 -17.20
C THR B 532 -24.04 -36.93 -16.32
N GLY B 533 -24.24 -36.81 -15.00
CA GLY B 533 -23.19 -37.00 -14.03
C GLY B 533 -22.98 -35.86 -13.06
N LYS B 534 -23.30 -34.62 -13.44
CA LYS B 534 -22.96 -33.48 -12.60
C LYS B 534 -23.97 -33.28 -11.48
N THR B 535 -25.23 -32.98 -11.84
CA THR B 535 -26.23 -32.55 -10.86
C THR B 535 -27.38 -33.52 -10.72
N LEU B 536 -27.93 -34.03 -11.83
CA LEU B 536 -29.11 -34.88 -11.75
C LEU B 536 -28.80 -36.28 -11.23
N LEU B 537 -27.53 -36.68 -11.23
CA LEU B 537 -27.13 -37.93 -10.58
C LEU B 537 -26.76 -37.74 -9.12
N ALA B 538 -26.64 -36.49 -8.65
CA ALA B 538 -26.32 -36.21 -7.26
C ALA B 538 -27.46 -35.56 -6.48
N LYS B 539 -28.27 -34.72 -7.13
CA LYS B 539 -29.39 -34.09 -6.46
C LYS B 539 -30.61 -34.99 -6.35
N ALA B 540 -30.64 -36.10 -7.11
CA ALA B 540 -31.70 -37.08 -6.97
C ALA B 540 -31.45 -38.08 -5.85
N VAL B 541 -30.33 -37.95 -5.14
CA VAL B 541 -30.02 -38.85 -4.05
C VAL B 541 -30.61 -38.35 -2.73
N ALA B 542 -30.65 -37.03 -2.55
CA ALA B 542 -31.00 -36.41 -1.28
C ALA B 542 -32.45 -35.96 -1.24
N THR B 543 -33.36 -36.78 -1.77
CA THR B 543 -34.77 -36.40 -1.84
C THR B 543 -35.43 -36.36 -0.47
N GLU B 544 -34.90 -37.09 0.51
CA GLU B 544 -35.56 -37.20 1.81
C GLU B 544 -35.14 -36.11 2.78
N VAL B 545 -34.03 -35.42 2.53
CA VAL B 545 -33.55 -34.39 3.44
C VAL B 545 -34.09 -33.03 3.02
N SER B 546 -33.72 -32.60 1.80
CA SER B 546 -34.15 -31.34 1.17
C SER B 546 -33.79 -30.13 2.05
N ALA B 547 -32.51 -30.04 2.41
CA ALA B 547 -32.01 -28.94 3.20
C ALA B 547 -31.46 -27.86 2.26
N ASN B 548 -30.79 -26.86 2.83
CA ASN B 548 -30.17 -25.82 2.03
C ASN B 548 -28.89 -26.36 1.38
N PHE B 549 -28.68 -26.01 0.11
CA PHE B 549 -27.55 -26.48 -0.66
C PHE B 549 -26.64 -25.30 -0.97
N ILE B 550 -25.50 -25.24 -0.29
CA ILE B 550 -24.49 -24.20 -0.51
C ILE B 550 -23.38 -24.82 -1.34
N SER B 551 -23.26 -24.39 -2.59
CA SER B 551 -22.36 -25.01 -3.54
C SER B 551 -21.27 -24.04 -3.99
N VAL B 552 -20.13 -24.63 -4.38
CA VAL B 552 -19.07 -23.91 -5.07
C VAL B 552 -19.18 -24.26 -6.54
N LYS B 553 -18.74 -23.35 -7.40
CA LYS B 553 -18.92 -23.54 -8.84
C LYS B 553 -17.80 -22.82 -9.59
N GLY B 554 -18.02 -22.59 -10.88
CA GLY B 554 -17.07 -21.96 -11.78
C GLY B 554 -16.61 -20.56 -11.39
N PRO B 555 -17.53 -19.58 -11.31
CA PRO B 555 -17.12 -18.22 -10.92
C PRO B 555 -16.64 -18.10 -9.48
N GLU B 556 -16.96 -19.06 -8.61
CA GLU B 556 -16.46 -19.04 -7.23
C GLU B 556 -15.05 -19.63 -7.21
N LEU B 557 -14.10 -18.79 -7.61
CA LEU B 557 -12.68 -19.16 -7.67
C LEU B 557 -11.87 -17.98 -7.16
N LEU B 558 -10.57 -18.00 -7.44
CA LEU B 558 -9.67 -16.94 -6.99
C LEU B 558 -9.91 -15.67 -7.79
N SER B 559 -10.85 -14.85 -7.33
CA SER B 559 -11.12 -13.55 -7.91
C SER B 559 -10.31 -12.44 -7.27
N MET B 560 -10.22 -12.43 -5.94
CA MET B 560 -9.31 -11.54 -5.25
C MET B 560 -7.97 -12.23 -5.05
N TRP B 561 -6.88 -11.49 -5.32
CA TRP B 561 -5.55 -12.05 -5.28
C TRP B 561 -5.00 -12.18 -3.86
N TYR B 562 -5.66 -11.60 -2.86
CA TYR B 562 -5.19 -11.62 -1.49
C TYR B 562 -6.32 -12.09 -0.57
N GLY B 563 -6.06 -13.14 0.19
CA GLY B 563 -7.00 -13.58 1.22
C GLY B 563 -8.23 -14.35 0.80
N GLU B 564 -8.94 -13.89 -0.23
CA GLU B 564 -10.21 -14.50 -0.63
C GLU B 564 -9.97 -15.61 -1.65
N SER B 565 -9.18 -16.60 -1.24
CA SER B 565 -8.97 -17.82 -1.99
C SER B 565 -9.52 -19.03 -1.25
N GLU B 566 -9.18 -19.18 0.04
CA GLU B 566 -9.76 -20.19 0.89
C GLU B 566 -10.59 -19.61 2.02
N SER B 567 -10.57 -18.30 2.22
CA SER B 567 -11.46 -17.66 3.19
C SER B 567 -12.90 -17.68 2.73
N ASN B 568 -13.14 -17.77 1.42
CA ASN B 568 -14.48 -18.00 0.92
C ASN B 568 -14.92 -19.44 1.08
N ILE B 569 -13.98 -20.34 1.39
CA ILE B 569 -14.29 -21.73 1.71
C ILE B 569 -14.28 -21.98 3.22
N ARG B 570 -13.67 -21.08 4.00
CA ARG B 570 -13.61 -21.25 5.45
C ARG B 570 -14.98 -21.07 6.09
N ASP B 571 -15.84 -20.25 5.49
CA ASP B 571 -17.22 -20.15 5.95
C ASP B 571 -18.12 -21.23 5.36
N ILE B 572 -17.55 -22.13 4.56
CA ILE B 572 -18.31 -23.30 4.10
C ILE B 572 -17.99 -24.51 4.98
N PHE B 573 -16.72 -24.64 5.39
CA PHE B 573 -16.31 -25.77 6.22
C PHE B 573 -16.81 -25.64 7.65
N ASP B 574 -16.60 -24.46 8.27
CA ASP B 574 -16.93 -24.28 9.68
C ASP B 574 -18.43 -24.16 9.91
N LYS B 575 -19.17 -23.68 8.90
CA LYS B 575 -20.61 -23.52 9.02
C LYS B 575 -21.38 -24.78 8.67
N ALA B 576 -20.73 -25.77 8.05
CA ALA B 576 -21.38 -27.03 7.72
C ALA B 576 -21.72 -27.83 8.97
N ARG B 577 -20.92 -27.71 10.03
CA ARG B 577 -21.22 -28.35 11.30
C ARG B 577 -22.00 -27.45 12.24
N ALA B 578 -22.04 -26.14 11.99
CA ALA B 578 -22.81 -25.24 12.82
C ALA B 578 -24.24 -25.07 12.32
N ALA B 579 -24.42 -25.02 11.00
CA ALA B 579 -25.73 -24.89 10.39
C ALA B 579 -26.21 -26.20 9.79
N ALA B 580 -25.95 -27.31 10.48
CA ALA B 580 -26.36 -28.62 10.01
C ALA B 580 -27.88 -28.76 10.11
N PRO B 581 -28.53 -29.42 9.13
CA PRO B 581 -27.97 -30.06 7.94
C PRO B 581 -27.71 -29.11 6.77
N THR B 582 -26.57 -29.28 6.11
CA THR B 582 -26.21 -28.47 4.96
C THR B 582 -25.34 -29.30 4.04
N VAL B 583 -25.79 -29.49 2.80
CA VAL B 583 -25.09 -30.31 1.81
C VAL B 583 -24.27 -29.40 0.92
N VAL B 584 -22.98 -29.69 0.80
CA VAL B 584 -22.06 -28.92 -0.03
C VAL B 584 -21.63 -29.76 -1.21
N PHE B 585 -21.87 -29.25 -2.42
CA PHE B 585 -21.49 -29.95 -3.65
C PHE B 585 -20.17 -29.39 -4.16
N LEU B 586 -19.31 -30.29 -4.63
CA LEU B 586 -17.98 -29.93 -5.13
C LEU B 586 -17.85 -30.41 -6.57
N ASP B 587 -17.54 -29.48 -7.47
CA ASP B 587 -17.33 -29.80 -8.87
C ASP B 587 -16.18 -28.95 -9.41
N GLN B 588 -15.87 -29.15 -10.70
CA GLN B 588 -14.76 -28.51 -11.40
C GLN B 588 -13.43 -28.76 -10.70
N LEU B 589 -13.09 -30.05 -10.60
CA LEU B 589 -11.90 -30.47 -9.87
C LEU B 589 -10.61 -30.16 -10.62
N ASP B 590 -10.68 -29.95 -11.93
CA ASP B 590 -9.49 -29.65 -12.73
C ASP B 590 -9.15 -28.16 -12.77
N SER B 591 -9.84 -27.33 -11.97
CA SER B 591 -9.60 -25.91 -11.93
C SER B 591 -9.23 -25.38 -10.55
N ILE B 592 -8.92 -26.27 -9.61
CA ILE B 592 -8.59 -25.89 -8.24
C ILE B 592 -7.23 -26.43 -7.80
N ALA B 593 -6.96 -27.71 -8.08
CA ALA B 593 -5.76 -28.38 -7.57
C ALA B 593 -5.13 -29.24 -8.65
N LYS B 594 -4.99 -28.70 -9.86
CA LYS B 594 -4.46 -29.50 -10.95
C LYS B 594 -2.93 -29.47 -10.99
N ALA B 595 -2.35 -28.29 -11.16
CA ALA B 595 -0.89 -28.19 -11.26
C ALA B 595 -0.24 -28.02 -9.89
N ARG B 596 -1.02 -27.63 -8.88
CA ARG B 596 -0.44 -27.29 -7.58
C ARG B 596 -0.10 -28.54 -6.78
N GLY B 597 -0.92 -29.58 -6.89
CA GLY B 597 -0.70 -30.82 -6.16
C GLY B 597 0.20 -31.82 -6.86
N GLY B 598 0.62 -31.54 -8.09
CA GLY B 598 1.43 -32.48 -8.85
C GLY B 598 2.86 -32.57 -8.36
N SER B 599 3.67 -33.31 -9.13
CA SER B 599 5.07 -33.48 -8.78
C SER B 599 5.86 -32.20 -9.00
N LEU B 600 5.43 -31.37 -9.95
CA LEU B 600 6.14 -30.13 -10.22
C LEU B 600 5.67 -29.01 -9.28
N GLY B 601 4.37 -28.97 -8.99
CA GLY B 601 3.85 -28.05 -7.98
C GLY B 601 3.89 -26.59 -8.39
N ASP B 602 3.94 -25.72 -7.39
CA ASP B 602 4.03 -24.27 -7.58
C ASP B 602 5.33 -23.78 -6.95
N ALA B 603 6.08 -22.99 -7.71
CA ALA B 603 7.38 -22.48 -7.27
C ALA B 603 7.30 -20.95 -7.20
N GLY B 604 7.26 -20.42 -5.98
CA GLY B 604 7.24 -18.99 -5.77
C GLY B 604 6.28 -18.54 -4.70
N GLY B 605 5.37 -19.43 -4.29
CA GLY B 605 4.40 -19.09 -3.28
C GLY B 605 3.33 -18.12 -3.74
N ALA B 606 3.01 -18.11 -5.03
CA ALA B 606 2.03 -17.17 -5.56
C ALA B 606 0.60 -17.60 -5.23
N SER B 607 0.21 -18.81 -5.67
CA SER B 607 -1.13 -19.32 -5.43
C SER B 607 -1.08 -20.78 -5.02
N ASP B 608 -0.13 -21.13 -4.17
CA ASP B 608 -0.06 -22.47 -3.60
C ASP B 608 -0.91 -22.63 -2.35
N ARG B 609 -1.74 -21.63 -2.02
CA ARG B 609 -2.59 -21.63 -0.84
C ARG B 609 -3.96 -22.25 -1.08
N VAL B 610 -4.09 -23.12 -2.09
CA VAL B 610 -5.36 -23.75 -2.38
C VAL B 610 -5.41 -25.21 -1.93
N VAL B 611 -4.29 -25.95 -2.01
CA VAL B 611 -4.28 -27.37 -1.66
C VAL B 611 -4.07 -27.62 -0.18
N ASN B 612 -3.93 -26.58 0.64
CA ASN B 612 -3.67 -26.76 2.06
C ASN B 612 -4.96 -26.84 2.88
N GLN B 613 -5.90 -25.91 2.66
CA GLN B 613 -7.11 -25.90 3.47
C GLN B 613 -8.08 -26.99 3.05
N LEU B 614 -7.92 -27.55 1.85
CA LEU B 614 -8.74 -28.67 1.43
C LEU B 614 -8.34 -29.97 2.12
N LEU B 615 -7.13 -30.03 2.68
CA LEU B 615 -6.65 -31.23 3.36
C LEU B 615 -6.63 -31.09 4.88
N THR B 616 -6.29 -29.92 5.41
CA THR B 616 -6.22 -29.73 6.85
C THR B 616 -7.60 -29.54 7.49
N GLU B 617 -8.65 -29.36 6.71
CA GLU B 617 -10.00 -29.30 7.23
C GLU B 617 -10.70 -30.66 7.21
N MET B 618 -9.97 -31.72 6.86
CA MET B 618 -10.52 -33.08 6.85
C MET B 618 -10.36 -33.76 8.20
N ASP B 619 -9.14 -33.73 8.75
CA ASP B 619 -8.89 -34.35 10.06
C ASP B 619 -9.47 -33.53 11.20
N GLY B 620 -9.65 -32.22 11.02
CA GLY B 620 -10.24 -31.37 12.02
C GLY B 620 -11.76 -31.41 12.10
N MET B 621 -12.40 -32.13 11.18
CA MET B 621 -13.85 -32.24 11.15
C MET B 621 -14.25 -33.67 11.50
N ASN B 622 -15.12 -33.82 12.50
CA ASN B 622 -15.63 -35.12 12.91
C ASN B 622 -17.10 -35.22 12.55
N ALA B 623 -17.67 -36.40 12.78
CA ALA B 623 -19.07 -36.67 12.44
C ALA B 623 -19.98 -36.40 13.65
N LYS B 624 -19.86 -35.19 14.19
CA LYS B 624 -20.71 -34.79 15.30
C LYS B 624 -22.09 -34.35 14.81
N LYS B 625 -22.13 -33.53 13.76
CA LYS B 625 -23.37 -33.03 13.18
C LYS B 625 -23.53 -33.56 11.77
N ASN B 626 -24.66 -33.23 11.16
CA ASN B 626 -25.02 -33.75 9.84
C ASN B 626 -24.28 -32.95 8.77
N VAL B 627 -23.15 -33.48 8.32
CA VAL B 627 -22.38 -32.91 7.23
C VAL B 627 -22.41 -33.87 6.06
N PHE B 628 -22.29 -33.32 4.84
CA PHE B 628 -22.32 -34.13 3.63
C PHE B 628 -21.63 -33.37 2.50
N VAL B 629 -20.67 -34.02 1.85
CA VAL B 629 -19.98 -33.47 0.70
C VAL B 629 -20.05 -34.46 -0.44
N ILE B 630 -20.09 -33.93 -1.67
CA ILE B 630 -20.17 -34.74 -2.89
C ILE B 630 -19.18 -34.15 -3.90
N GLY B 631 -18.23 -34.98 -4.34
CA GLY B 631 -17.29 -34.57 -5.36
C GLY B 631 -17.63 -35.19 -6.69
N ALA B 632 -17.71 -34.35 -7.73
CA ALA B 632 -18.04 -34.82 -9.06
C ALA B 632 -17.16 -34.11 -10.08
N THR B 633 -16.69 -34.88 -11.06
CA THR B 633 -15.81 -34.33 -12.10
C THR B 633 -15.93 -35.20 -13.34
N ASN B 634 -15.38 -34.70 -14.44
CA ASN B 634 -15.29 -35.46 -15.67
C ASN B 634 -13.98 -36.23 -15.80
N ARG B 635 -12.94 -35.81 -15.08
CA ARG B 635 -11.65 -36.49 -15.08
C ARG B 635 -11.27 -36.81 -13.63
N PRO B 636 -11.41 -38.06 -13.20
CA PRO B 636 -11.10 -38.39 -11.80
C PRO B 636 -9.61 -38.43 -11.49
N ASP B 637 -8.76 -38.59 -12.51
CA ASP B 637 -7.32 -38.66 -12.30
C ASP B 637 -6.64 -37.29 -12.37
N GLN B 638 -7.38 -36.23 -12.65
CA GLN B 638 -6.81 -34.89 -12.73
C GLN B 638 -6.81 -34.17 -11.38
N ILE B 639 -7.32 -34.81 -10.33
CA ILE B 639 -7.34 -34.24 -8.98
C ILE B 639 -6.17 -34.82 -8.20
N ASP B 640 -5.76 -34.10 -7.15
CA ASP B 640 -4.68 -34.54 -6.29
C ASP B 640 -5.05 -35.84 -5.57
N PRO B 641 -4.11 -36.78 -5.43
CA PRO B 641 -4.45 -38.05 -4.75
C PRO B 641 -4.67 -37.90 -3.25
N ALA B 642 -4.25 -36.80 -2.64
CA ALA B 642 -4.52 -36.58 -1.22
C ALA B 642 -5.97 -36.22 -0.94
N ILE B 643 -6.74 -35.83 -1.97
CA ILE B 643 -8.18 -35.69 -1.81
C ILE B 643 -8.84 -37.05 -1.63
N LEU B 644 -8.24 -38.09 -2.20
CA LEU B 644 -8.73 -39.47 -2.07
C LEU B 644 -8.00 -40.22 -0.97
N ARG B 645 -7.66 -39.53 0.12
CA ARG B 645 -6.99 -40.15 1.25
C ARG B 645 -7.96 -41.09 1.97
N PRO B 646 -7.44 -42.14 2.61
CA PRO B 646 -8.30 -43.04 3.38
C PRO B 646 -8.86 -42.35 4.63
N GLY B 647 -10.02 -42.84 5.06
CA GLY B 647 -10.74 -42.25 6.17
C GLY B 647 -11.79 -41.23 5.78
N ARG B 648 -11.67 -40.62 4.60
CA ARG B 648 -12.64 -39.65 4.13
C ARG B 648 -13.35 -40.07 2.85
N LEU B 649 -12.69 -40.83 1.98
CA LEU B 649 -13.27 -41.29 0.71
C LEU B 649 -13.15 -42.80 0.60
N ASP B 650 -13.54 -43.51 1.66
CA ASP B 650 -13.50 -44.97 1.68
C ASP B 650 -14.65 -45.60 0.90
N GLN B 651 -15.66 -44.83 0.52
CA GLN B 651 -16.78 -45.31 -0.28
C GLN B 651 -16.73 -44.65 -1.65
N LEU B 652 -16.37 -45.42 -2.67
CA LEU B 652 -16.26 -44.93 -4.04
C LEU B 652 -17.37 -45.54 -4.87
N ILE B 653 -18.32 -44.71 -5.29
CA ILE B 653 -19.47 -45.14 -6.08
C ILE B 653 -19.28 -44.61 -7.50
N TYR B 654 -19.32 -45.52 -8.47
CA TYR B 654 -19.12 -45.20 -9.88
C TYR B 654 -20.46 -45.24 -10.61
N VAL B 655 -20.81 -44.12 -11.24
CA VAL B 655 -22.03 -44.04 -12.07
C VAL B 655 -21.66 -44.48 -13.48
N PRO B 656 -22.24 -45.56 -13.99
CA PRO B 656 -21.83 -46.06 -15.32
C PRO B 656 -22.61 -45.44 -16.46
N LEU B 657 -22.30 -45.87 -17.68
CA LEU B 657 -23.05 -45.43 -18.84
C LEU B 657 -24.40 -46.13 -18.88
N PRO B 658 -25.48 -45.42 -19.21
CA PRO B 658 -26.80 -46.07 -19.33
C PRO B 658 -26.85 -46.99 -20.53
N ASP B 659 -27.31 -48.21 -20.31
CA ASP B 659 -27.35 -49.24 -21.34
C ASP B 659 -28.64 -49.13 -22.14
N GLU B 660 -28.94 -50.17 -22.92
CA GLU B 660 -30.16 -50.17 -23.73
C GLU B 660 -31.42 -50.27 -22.89
N ASN B 661 -31.34 -50.93 -21.73
CA ASN B 661 -32.48 -51.03 -20.83
C ASN B 661 -32.71 -49.75 -20.04
N ALA B 662 -31.77 -48.80 -20.05
CA ALA B 662 -31.90 -47.54 -19.34
C ALA B 662 -32.06 -46.34 -20.26
N ARG B 663 -31.61 -46.44 -21.52
CA ARG B 663 -31.70 -45.29 -22.42
C ARG B 663 -33.12 -45.05 -22.90
N LEU B 664 -33.97 -46.09 -22.90
CA LEU B 664 -35.36 -45.90 -23.29
C LEU B 664 -36.15 -45.16 -22.22
N SER B 665 -35.77 -45.35 -20.94
CA SER B 665 -36.45 -44.64 -19.87
C SER B 665 -35.89 -43.25 -19.67
N ILE B 666 -34.71 -42.97 -20.24
CA ILE B 666 -34.20 -41.59 -20.28
C ILE B 666 -35.10 -40.74 -21.18
N LEU B 667 -35.49 -41.30 -22.33
CA LEU B 667 -36.37 -40.59 -23.26
C LEU B 667 -37.78 -40.44 -22.70
N ASN B 668 -38.16 -41.27 -21.73
CA ASN B 668 -39.43 -41.10 -21.03
C ASN B 668 -39.30 -40.17 -19.83
N ALA B 669 -38.07 -39.80 -19.45
CA ALA B 669 -37.84 -38.96 -18.28
C ALA B 669 -37.72 -37.48 -18.65
N GLN B 670 -36.94 -37.17 -19.69
CA GLN B 670 -36.76 -35.81 -20.16
C GLN B 670 -37.87 -35.36 -21.11
N LEU B 671 -38.92 -36.15 -21.24
CA LEU B 671 -40.08 -35.80 -22.05
C LEU B 671 -41.30 -35.77 -21.13
N ARG B 672 -41.12 -35.18 -19.94
CA ARG B 672 -42.10 -35.29 -18.87
C ARG B 672 -43.29 -34.35 -19.08
N LYS B 673 -43.01 -33.05 -19.22
CA LYS B 673 -44.05 -32.04 -19.36
C LYS B 673 -44.50 -31.83 -20.80
N THR B 674 -44.38 -32.84 -21.64
CA THR B 674 -44.64 -32.73 -23.06
C THR B 674 -45.99 -33.36 -23.40
N PRO B 675 -46.71 -32.85 -24.40
CA PRO B 675 -47.87 -33.59 -24.92
C PRO B 675 -47.45 -34.74 -25.83
N LEU B 676 -46.89 -35.79 -25.24
CA LEU B 676 -46.34 -36.90 -26.02
C LEU B 676 -47.44 -37.89 -26.40
N GLU B 677 -47.50 -38.21 -27.68
CA GLU B 677 -48.40 -39.26 -28.15
C GLU B 677 -47.85 -40.63 -27.76
N PRO B 678 -48.58 -41.45 -27.01
CA PRO B 678 -48.04 -42.75 -26.59
C PRO B 678 -48.09 -43.82 -27.66
N GLY B 679 -48.62 -43.53 -28.86
CA GLY B 679 -48.68 -44.52 -29.91
C GLY B 679 -47.35 -44.83 -30.57
N LEU B 680 -46.34 -43.98 -30.41
CA LEU B 680 -45.04 -44.22 -31.00
C LEU B 680 -44.19 -45.11 -30.07
N GLU B 681 -43.03 -45.50 -30.58
CA GLU B 681 -42.11 -46.37 -29.85
C GLU B 681 -40.84 -45.59 -29.57
N LEU B 682 -40.61 -45.26 -28.30
CA LEU B 682 -39.38 -44.58 -27.91
C LEU B 682 -38.19 -45.53 -27.82
N THR B 683 -38.44 -46.83 -27.88
CA THR B 683 -37.34 -47.80 -27.86
C THR B 683 -36.57 -47.79 -29.16
N ALA B 684 -37.26 -47.55 -30.28
CA ALA B 684 -36.62 -47.56 -31.60
C ALA B 684 -35.64 -46.41 -31.78
N ILE B 685 -35.88 -45.29 -31.08
CA ILE B 685 -34.89 -44.21 -31.08
C ILE B 685 -33.69 -44.60 -30.24
N ALA B 686 -33.92 -45.17 -29.06
CA ALA B 686 -32.85 -45.57 -28.16
C ALA B 686 -32.10 -46.82 -28.63
N LYS B 687 -32.69 -47.60 -29.54
CA LYS B 687 -32.01 -48.78 -30.04
C LYS B 687 -30.88 -48.44 -31.01
N ALA B 688 -30.93 -47.25 -31.63
CA ALA B 688 -29.87 -46.79 -32.51
C ALA B 688 -28.83 -45.96 -31.78
N THR B 689 -28.84 -45.99 -30.44
CA THR B 689 -27.90 -45.24 -29.61
C THR B 689 -27.06 -46.23 -28.83
N GLN B 690 -25.82 -46.46 -29.28
CA GLN B 690 -24.88 -47.32 -28.59
C GLN B 690 -23.75 -46.51 -27.95
N GLY B 691 -23.07 -45.69 -28.74
CA GLY B 691 -22.10 -44.74 -28.23
C GLY B 691 -22.67 -43.37 -27.97
N PHE B 692 -24.00 -43.22 -28.03
CA PHE B 692 -24.67 -41.94 -27.83
C PHE B 692 -25.17 -41.88 -26.39
N SER B 693 -24.70 -40.88 -25.65
CA SER B 693 -25.03 -40.74 -24.24
C SER B 693 -26.34 -39.96 -24.09
N GLY B 694 -26.64 -39.53 -22.86
CA GLY B 694 -27.85 -38.78 -22.59
C GLY B 694 -27.85 -37.38 -23.17
N ALA B 695 -26.67 -36.83 -23.48
CA ALA B 695 -26.61 -35.54 -24.17
C ALA B 695 -27.05 -35.69 -25.62
N ASP B 696 -26.61 -36.76 -26.28
CA ASP B 696 -27.08 -37.05 -27.64
C ASP B 696 -28.53 -37.48 -27.65
N LEU B 697 -29.03 -38.06 -26.56
CA LEU B 697 -30.46 -38.29 -26.42
C LEU B 697 -31.20 -36.98 -26.24
N LEU B 698 -30.56 -36.00 -25.59
CA LEU B 698 -31.12 -34.65 -25.53
C LEU B 698 -30.95 -33.94 -26.87
N TYR B 699 -29.93 -34.30 -27.65
CA TYR B 699 -29.73 -33.68 -28.95
C TYR B 699 -30.73 -34.19 -29.97
N ILE B 700 -31.08 -35.47 -29.90
CA ILE B 700 -32.04 -36.05 -30.85
C ILE B 700 -33.47 -35.68 -30.52
N VAL B 701 -33.74 -35.20 -29.30
CA VAL B 701 -35.10 -34.85 -28.91
C VAL B 701 -35.35 -33.33 -29.00
N GLN B 702 -34.29 -32.52 -29.05
CA GLN B 702 -34.48 -31.09 -29.22
C GLN B 702 -34.88 -30.74 -30.64
N ARG B 703 -34.36 -31.49 -31.62
CA ARG B 703 -34.76 -31.26 -33.01
C ARG B 703 -36.18 -31.74 -33.29
N ALA B 704 -36.68 -32.70 -32.50
CA ALA B 704 -38.07 -33.11 -32.63
C ALA B 704 -39.03 -32.05 -32.11
N ALA B 705 -38.58 -31.18 -31.21
CA ALA B 705 -39.38 -30.07 -30.72
C ALA B 705 -39.19 -28.79 -31.49
N LYS B 706 -38.20 -28.73 -32.39
CA LYS B 706 -38.03 -27.54 -33.23
C LYS B 706 -39.04 -27.53 -34.36
N TYR B 707 -39.21 -28.66 -35.04
CA TYR B 707 -40.18 -28.78 -36.13
C TYR B 707 -41.61 -28.97 -35.63
N ALA B 708 -41.80 -29.28 -34.34
CA ALA B 708 -43.15 -29.40 -33.81
C ALA B 708 -43.83 -28.04 -33.67
N ILE B 709 -43.08 -27.03 -33.22
CA ILE B 709 -43.63 -25.68 -33.18
C ILE B 709 -43.70 -25.08 -34.57
N LYS B 710 -42.83 -25.53 -35.49
CA LYS B 710 -42.88 -25.09 -36.87
C LYS B 710 -44.13 -25.58 -37.60
N ASP B 711 -44.72 -26.69 -37.14
CA ASP B 711 -46.00 -27.14 -37.69
C ASP B 711 -47.12 -26.17 -37.32
N SER B 712 -47.02 -25.55 -36.13
CA SER B 712 -48.00 -24.54 -35.75
C SER B 712 -47.74 -23.22 -36.45
N ILE B 713 -46.51 -22.98 -36.88
CA ILE B 713 -46.16 -21.75 -37.59
C ILE B 713 -46.65 -21.84 -39.04
N ASN C 209 -35.19 29.75 -14.79
CA ASN C 209 -34.33 29.04 -15.74
C ASN C 209 -34.05 27.62 -15.26
N GLU C 210 -35.11 26.87 -14.98
CA GLU C 210 -35.00 25.50 -14.51
C GLU C 210 -35.79 24.58 -15.43
N VAL C 211 -35.41 23.31 -15.42
CA VAL C 211 -36.05 22.31 -16.28
C VAL C 211 -37.34 21.83 -15.64
N GLY C 212 -38.17 21.12 -16.41
CA GLY C 212 -39.42 20.60 -15.90
C GLY C 212 -39.71 19.20 -16.36
N TYR C 213 -40.99 18.77 -16.25
CA TYR C 213 -41.36 17.43 -16.67
C TYR C 213 -41.38 17.30 -18.19
N ASP C 214 -41.68 18.39 -18.90
CA ASP C 214 -41.72 18.37 -20.36
C ASP C 214 -40.34 18.62 -20.97
N ASP C 215 -39.29 18.71 -20.16
CA ASP C 215 -37.97 19.06 -20.68
C ASP C 215 -37.29 17.87 -21.35
N ILE C 216 -37.71 16.64 -21.06
CA ILE C 216 -37.07 15.44 -21.58
C ILE C 216 -38.15 14.44 -21.98
N GLY C 217 -38.01 13.86 -23.17
CA GLY C 217 -38.89 12.80 -23.62
C GLY C 217 -38.13 11.53 -23.92
N GLY C 218 -38.80 10.55 -24.54
CA GLY C 218 -38.18 9.28 -24.86
C GLY C 218 -38.24 8.23 -23.77
N CYS C 219 -38.34 8.64 -22.51
CA CYS C 219 -38.44 7.74 -21.37
C CYS C 219 -39.79 7.90 -20.66
N ARG C 220 -40.87 7.97 -21.45
CA ARG C 220 -42.19 8.25 -20.90
C ARG C 220 -42.71 7.10 -20.05
N LYS C 221 -42.30 5.87 -20.37
CA LYS C 221 -42.68 4.74 -19.52
C LYS C 221 -41.93 4.78 -18.20
N GLN C 222 -40.65 5.13 -18.22
CA GLN C 222 -39.88 5.26 -16.99
C GLN C 222 -40.20 6.56 -16.24
N MET C 223 -40.78 7.55 -16.91
CA MET C 223 -41.16 8.78 -16.23
C MET C 223 -42.40 8.55 -15.37
N ALA C 224 -43.41 7.86 -15.91
CA ALA C 224 -44.62 7.59 -15.16
C ALA C 224 -44.38 6.55 -14.07
N GLN C 225 -43.37 5.69 -14.25
CA GLN C 225 -43.04 4.72 -13.20
C GLN C 225 -42.35 5.39 -12.03
N ILE C 226 -41.40 6.29 -12.31
CA ILE C 226 -40.66 6.94 -11.24
C ILE C 226 -41.47 8.05 -10.57
N ARG C 227 -42.56 8.50 -11.19
CA ARG C 227 -43.38 9.55 -10.59
C ARG C 227 -44.32 9.01 -9.52
N GLU C 228 -44.49 7.69 -9.44
CA GLU C 228 -45.37 7.12 -8.44
C GLU C 228 -44.71 7.10 -7.06
N MET C 229 -43.41 6.79 -7.02
CA MET C 229 -42.70 6.62 -5.76
C MET C 229 -42.23 7.93 -5.15
N VAL C 230 -42.45 9.07 -5.80
CA VAL C 230 -42.09 10.38 -5.26
C VAL C 230 -43.32 11.22 -4.92
N GLU C 231 -44.40 11.06 -5.68
CA GLU C 231 -45.59 11.87 -5.44
C GLU C 231 -46.48 11.26 -4.36
N LEU C 232 -46.66 9.94 -4.41
CA LEU C 232 -47.54 9.28 -3.45
C LEU C 232 -47.02 9.27 -2.00
N PRO C 233 -45.71 9.13 -1.70
CA PRO C 233 -45.29 9.35 -0.30
C PRO C 233 -45.35 10.81 0.16
N LEU C 234 -45.51 11.78 -0.74
CA LEU C 234 -45.48 13.18 -0.36
C LEU C 234 -46.81 13.89 -0.53
N ARG C 235 -47.47 13.73 -1.67
CA ARG C 235 -48.72 14.46 -1.92
C ARG C 235 -49.90 13.83 -1.16
N HIS C 236 -50.13 12.53 -1.35
CA HIS C 236 -51.23 11.82 -0.70
C HIS C 236 -50.68 10.64 0.08
N PRO C 237 -50.21 10.86 1.31
CA PRO C 237 -49.68 9.75 2.12
C PRO C 237 -50.75 8.90 2.79
N GLN C 238 -52.03 9.22 2.61
CA GLN C 238 -53.10 8.49 3.29
C GLN C 238 -53.38 7.13 2.68
N LEU C 239 -52.83 6.84 1.49
CA LEU C 239 -53.01 5.52 0.90
C LEU C 239 -52.19 4.46 1.62
N PHE C 240 -51.09 4.86 2.27
CA PHE C 240 -50.30 3.91 3.05
C PHE C 240 -50.93 3.63 4.42
N LYS C 241 -51.87 4.46 4.85
CA LYS C 241 -52.63 4.16 6.05
C LYS C 241 -53.75 3.19 5.73
N ALA C 242 -54.14 2.41 6.75
CA ALA C 242 -55.16 1.34 6.70
C ALA C 242 -54.86 0.29 5.65
N ILE C 243 -53.58 0.07 5.33
CA ILE C 243 -53.17 -0.98 4.39
C ILE C 243 -52.03 -1.76 5.03
N GLY C 244 -51.51 -1.25 6.14
CA GLY C 244 -50.50 -1.92 6.94
C GLY C 244 -49.05 -1.64 6.60
N ILE C 245 -48.73 -1.53 5.30
CA ILE C 245 -47.35 -1.39 4.86
C ILE C 245 -46.88 0.04 5.03
N LYS C 246 -45.57 0.25 4.93
CA LYS C 246 -44.72 1.44 5.00
C LYS C 246 -44.29 1.85 3.59
N PRO C 247 -44.31 3.14 3.28
CA PRO C 247 -43.85 3.59 1.95
C PRO C 247 -42.35 3.45 1.81
N PRO C 248 -41.87 2.99 0.66
CA PRO C 248 -40.43 2.80 0.47
C PRO C 248 -39.74 4.14 0.25
N ARG C 249 -38.41 4.09 0.33
CA ARG C 249 -37.57 5.29 0.24
C ARG C 249 -36.67 5.29 -0.97
N GLY C 250 -35.96 4.18 -1.23
CA GLY C 250 -34.93 4.20 -2.25
C GLY C 250 -35.47 3.88 -3.64
N VAL C 251 -35.05 4.70 -4.61
CA VAL C 251 -35.25 4.43 -6.04
C VAL C 251 -33.88 4.38 -6.70
N LEU C 252 -33.65 3.36 -7.50
CA LEU C 252 -32.35 3.10 -8.11
C LEU C 252 -32.46 3.23 -9.63
N MET C 253 -31.76 4.21 -10.19
CA MET C 253 -31.64 4.36 -11.63
C MET C 253 -30.23 3.98 -12.06
N TYR C 254 -30.12 3.35 -13.23
CA TYR C 254 -28.83 2.93 -13.75
C TYR C 254 -28.92 2.80 -15.25
N GLY C 255 -27.82 3.14 -15.94
CA GLY C 255 -27.75 3.06 -17.38
C GLY C 255 -26.46 3.63 -17.92
N PRO C 256 -26.35 3.73 -19.24
CA PRO C 256 -25.14 4.29 -19.85
C PRO C 256 -25.08 5.80 -19.65
N PRO C 257 -23.89 6.40 -19.70
CA PRO C 257 -23.80 7.85 -19.57
C PRO C 257 -24.34 8.55 -20.82
N GLY C 258 -24.92 9.72 -20.59
CA GLY C 258 -25.58 10.46 -21.65
C GLY C 258 -27.05 10.14 -21.81
N THR C 259 -27.64 9.41 -20.87
CA THR C 259 -29.05 9.04 -20.93
C THR C 259 -29.93 10.01 -20.17
N GLY C 260 -29.34 10.86 -19.31
CA GLY C 260 -30.11 11.85 -18.58
C GLY C 260 -30.52 11.40 -17.19
N LYS C 261 -29.55 10.89 -16.42
CA LYS C 261 -29.84 10.48 -15.05
C LYS C 261 -29.93 11.69 -14.12
N THR C 262 -28.96 12.61 -14.22
CA THR C 262 -29.02 13.81 -13.41
C THR C 262 -30.04 14.81 -13.94
N LEU C 263 -30.41 14.69 -15.23
CA LEU C 263 -31.47 15.54 -15.77
C LEU C 263 -32.82 15.13 -15.23
N MET C 264 -33.06 13.83 -15.07
CA MET C 264 -34.32 13.36 -14.51
C MET C 264 -34.41 13.64 -13.01
N ALA C 265 -33.27 13.71 -12.33
CA ALA C 265 -33.28 14.00 -10.90
C ALA C 265 -33.61 15.47 -10.63
N ARG C 266 -33.08 16.38 -11.45
CA ARG C 266 -33.39 17.80 -11.29
C ARG C 266 -34.78 18.15 -11.79
N ALA C 267 -35.32 17.37 -12.72
CA ALA C 267 -36.65 17.66 -13.25
C ALA C 267 -37.74 17.32 -12.24
N VAL C 268 -37.54 16.24 -11.47
CA VAL C 268 -38.54 15.85 -10.48
C VAL C 268 -38.42 16.69 -9.21
N ALA C 269 -37.31 17.40 -9.02
CA ALA C 269 -37.14 18.22 -7.83
C ALA C 269 -37.84 19.56 -7.98
N ASN C 270 -37.64 20.23 -9.12
CA ASN C 270 -38.22 21.55 -9.34
C ASN C 270 -39.71 21.50 -9.62
N GLU C 271 -40.23 20.35 -10.09
CA GLU C 271 -41.65 20.23 -10.39
C GLU C 271 -42.49 19.95 -9.16
N THR C 272 -41.88 19.65 -8.01
CA THR C 272 -42.60 19.40 -6.78
C THR C 272 -42.35 20.42 -5.70
N GLY C 273 -41.27 21.22 -5.81
CA GLY C 273 -40.97 22.22 -4.80
C GLY C 273 -40.45 21.67 -3.50
N ALA C 274 -39.95 20.44 -3.49
CA ALA C 274 -39.45 19.83 -2.27
C ALA C 274 -38.03 20.30 -1.97
N PHE C 275 -37.58 19.99 -0.76
CA PHE C 275 -36.23 20.34 -0.33
C PHE C 275 -35.20 19.42 -1.00
N PHE C 276 -34.74 19.80 -2.18
CA PHE C 276 -33.78 18.98 -2.91
C PHE C 276 -32.39 19.12 -2.29
N PHE C 277 -31.65 18.01 -2.29
CA PHE C 277 -30.28 17.98 -1.83
C PHE C 277 -29.44 17.18 -2.83
N LEU C 278 -28.13 17.42 -2.79
CA LEU C 278 -27.22 16.76 -3.71
C LEU C 278 -26.01 16.23 -2.95
N ILE C 279 -25.73 14.94 -3.13
CA ILE C 279 -24.54 14.30 -2.57
C ILE C 279 -23.76 13.72 -3.74
N ASN C 280 -22.51 14.18 -3.90
CA ASN C 280 -21.69 13.78 -5.03
C ASN C 280 -20.83 12.58 -4.65
N GLY C 281 -20.45 11.80 -5.66
CA GLY C 281 -19.65 10.61 -5.46
C GLY C 281 -18.23 10.87 -4.99
N PRO C 282 -17.40 11.43 -5.88
CA PRO C 282 -15.99 11.64 -5.50
C PRO C 282 -15.77 12.80 -4.53
N GLU C 283 -16.78 13.61 -4.26
CA GLU C 283 -16.60 14.75 -3.36
C GLU C 283 -16.49 14.30 -1.91
N VAL C 284 -17.52 13.66 -1.39
CA VAL C 284 -17.54 13.23 0.02
C VAL C 284 -16.93 11.83 0.06
N MET C 285 -15.60 11.80 0.11
CA MET C 285 -14.85 10.57 0.33
C MET C 285 -13.51 10.99 0.95
N SER C 286 -13.44 10.95 2.27
CA SER C 286 -12.33 11.52 3.00
C SER C 286 -11.40 10.45 3.54
N LYS C 287 -10.17 10.87 3.83
CA LYS C 287 -9.14 10.00 4.39
C LYS C 287 -8.53 10.58 5.66
N MET C 288 -9.15 11.61 6.22
CA MET C 288 -8.54 12.30 7.36
C MET C 288 -8.75 11.53 8.66
N ALA C 289 -10.00 11.39 9.09
CA ALA C 289 -10.29 10.64 10.31
C ALA C 289 -11.60 9.86 10.21
N GLY C 290 -12.05 9.55 9.00
CA GLY C 290 -13.39 9.02 8.83
C GLY C 290 -14.44 10.10 8.66
N GLU C 291 -14.11 11.20 7.98
CA GLU C 291 -15.02 12.32 7.86
C GLU C 291 -16.15 12.03 6.88
N SER C 292 -15.98 11.04 6.01
CA SER C 292 -17.06 10.64 5.12
C SER C 292 -18.21 9.99 5.90
N GLU C 293 -17.89 9.29 6.99
CA GLU C 293 -18.93 8.71 7.82
C GLU C 293 -19.66 9.76 8.66
N SER C 294 -19.06 10.92 8.89
CA SER C 294 -19.74 12.00 9.61
C SER C 294 -20.47 12.94 8.67
N ASN C 295 -20.08 13.00 7.40
CA ASN C 295 -20.74 13.91 6.47
C ASN C 295 -21.94 13.26 5.78
N LEU C 296 -22.00 11.93 5.77
CA LEU C 296 -23.20 11.25 5.28
C LEU C 296 -24.35 11.40 6.27
N ARG C 297 -24.08 11.22 7.56
CA ARG C 297 -25.12 11.43 8.56
C ARG C 297 -25.43 12.90 8.78
N LYS C 298 -24.53 13.80 8.38
CA LYS C 298 -24.83 15.23 8.42
C LYS C 298 -25.84 15.61 7.34
N ALA C 299 -25.75 14.98 6.17
CA ALA C 299 -26.69 15.26 5.09
C ALA C 299 -28.05 14.63 5.36
N PHE C 300 -28.10 13.56 6.17
CA PHE C 300 -29.37 12.92 6.46
C PHE C 300 -30.18 13.69 7.50
N GLU C 301 -29.50 14.28 8.49
CA GLU C 301 -30.22 15.05 9.49
C GLU C 301 -30.63 16.42 8.97
N GLU C 302 -29.90 16.95 7.98
CA GLU C 302 -30.32 18.21 7.36
C GLU C 302 -31.52 18.01 6.45
N ALA C 303 -31.61 16.85 5.80
CA ALA C 303 -32.80 16.55 5.00
C ALA C 303 -33.98 16.19 5.89
N GLU C 304 -33.71 15.68 7.09
CA GLU C 304 -34.78 15.36 8.02
C GLU C 304 -35.36 16.60 8.68
N LYS C 305 -34.62 17.71 8.71
CA LYS C 305 -35.10 18.93 9.34
C LYS C 305 -36.13 19.66 8.48
N ASN C 306 -36.16 19.39 7.18
CA ASN C 306 -37.09 20.06 6.27
C ASN C 306 -37.97 19.01 5.61
N ALA C 307 -39.29 19.20 5.70
CA ALA C 307 -40.24 18.27 5.12
C ALA C 307 -41.15 18.99 4.13
N PRO C 308 -41.32 18.46 2.90
CA PRO C 308 -40.70 17.24 2.36
C PRO C 308 -39.31 17.49 1.77
N ALA C 309 -38.51 16.44 1.65
CA ALA C 309 -37.15 16.57 1.14
C ALA C 309 -36.82 15.40 0.23
N ILE C 310 -35.77 15.58 -0.57
CA ILE C 310 -35.29 14.57 -1.50
C ILE C 310 -33.77 14.74 -1.66
N ILE C 311 -33.04 13.65 -1.49
CA ILE C 311 -31.60 13.65 -1.69
C ILE C 311 -31.28 12.86 -2.95
N PHE C 312 -30.08 13.11 -3.49
CA PHE C 312 -29.66 12.46 -4.73
C PHE C 312 -28.17 12.13 -4.64
N ILE C 313 -27.84 10.85 -4.81
CA ILE C 313 -26.47 10.36 -4.73
C ILE C 313 -26.12 9.79 -6.10
N ASP C 314 -25.41 10.58 -6.90
CA ASP C 314 -24.96 10.13 -8.21
C ASP C 314 -23.62 9.41 -8.08
N GLU C 315 -23.32 8.59 -9.10
CA GLU C 315 -22.20 7.63 -9.17
C GLU C 315 -21.97 6.90 -7.85
N ILE C 316 -23.00 6.15 -7.45
CA ILE C 316 -22.99 5.44 -6.18
C ILE C 316 -22.01 4.26 -6.19
N ASP C 317 -21.55 3.82 -7.37
CA ASP C 317 -20.52 2.80 -7.43
C ASP C 317 -19.15 3.34 -7.03
N SER C 318 -18.95 4.66 -7.13
CA SER C 318 -17.70 5.26 -6.71
C SER C 318 -17.57 5.32 -5.19
N ILE C 319 -18.69 5.38 -4.47
CA ILE C 319 -18.69 5.39 -3.01
C ILE C 319 -18.94 3.96 -2.56
N ALA C 320 -17.90 3.32 -2.00
CA ALA C 320 -17.88 1.99 -1.42
C ALA C 320 -18.40 0.91 -2.36
N PRO C 321 -17.61 0.50 -3.38
CA PRO C 321 -18.07 -0.56 -4.29
C PRO C 321 -17.95 -1.94 -3.66
N LYS C 322 -18.17 -2.99 -4.48
CA LYS C 322 -18.05 -4.36 -4.00
C LYS C 322 -16.60 -4.66 -3.61
N ARG C 323 -16.44 -5.54 -2.62
CA ARG C 323 -15.16 -5.80 -1.98
C ARG C 323 -14.37 -6.92 -2.67
N ASP C 324 -14.57 -7.11 -3.97
CA ASP C 324 -13.78 -8.10 -4.70
C ASP C 324 -12.35 -7.63 -4.95
N LYS C 325 -12.10 -6.33 -4.82
CA LYS C 325 -10.77 -5.77 -5.05
C LYS C 325 -10.17 -5.14 -3.80
N THR C 326 -10.90 -4.23 -3.13
CA THR C 326 -10.31 -3.49 -2.02
C THR C 326 -10.34 -4.28 -0.72
N ASN C 327 -11.55 -4.56 -0.21
CA ASN C 327 -11.85 -5.51 0.87
C ASN C 327 -11.24 -5.19 2.24
N GLY C 328 -10.42 -4.15 2.36
CA GLY C 328 -9.75 -3.85 3.61
C GLY C 328 -9.68 -2.37 3.95
N GLU C 329 -10.12 -1.52 3.03
CA GLU C 329 -10.01 -0.08 3.20
C GLU C 329 -11.16 0.44 4.05
N VAL C 330 -11.28 1.77 4.10
CA VAL C 330 -12.32 2.41 4.90
C VAL C 330 -13.69 2.31 4.24
N GLU C 331 -13.73 1.93 2.95
CA GLU C 331 -15.01 1.84 2.24
C GLU C 331 -15.87 0.69 2.73
N ARG C 332 -15.27 -0.31 3.38
CA ARG C 332 -16.04 -1.35 4.04
C ARG C 332 -16.84 -0.77 5.21
N ARG C 333 -16.27 0.21 5.92
CA ARG C 333 -16.99 0.84 7.02
C ARG C 333 -17.76 2.07 6.56
N VAL C 334 -17.61 2.48 5.31
CA VAL C 334 -18.41 3.57 4.76
C VAL C 334 -19.80 3.07 4.38
N VAL C 335 -19.87 1.89 3.75
CA VAL C 335 -21.16 1.34 3.32
C VAL C 335 -21.99 0.90 4.52
N SER C 336 -21.34 0.42 5.58
CA SER C 336 -22.06 -0.02 6.77
C SER C 336 -22.61 1.16 7.56
N GLN C 337 -22.03 2.36 7.37
CA GLN C 337 -22.65 3.57 7.88
C GLN C 337 -23.94 3.87 7.11
N LEU C 338 -23.96 3.59 5.81
CA LEU C 338 -25.14 3.84 5.01
C LEU C 338 -26.22 2.79 5.26
N LEU C 339 -25.85 1.62 5.80
CA LEU C 339 -26.84 0.61 6.13
C LEU C 339 -27.68 1.04 7.33
N THR C 340 -27.02 1.49 8.40
CA THR C 340 -27.73 1.89 9.60
C THR C 340 -28.37 3.27 9.48
N LEU C 341 -27.95 4.08 8.50
CA LEU C 341 -28.58 5.38 8.31
C LEU C 341 -29.92 5.27 7.61
N MET C 342 -30.02 4.41 6.58
CA MET C 342 -31.27 4.26 5.87
C MET C 342 -32.26 3.39 6.65
N ASP C 343 -31.76 2.42 7.41
CA ASP C 343 -32.64 1.58 8.21
C ASP C 343 -33.18 2.29 9.45
N GLY C 344 -32.51 3.36 9.87
CA GLY C 344 -32.98 4.13 11.02
C GLY C 344 -33.87 5.29 10.62
N MET C 345 -34.42 5.24 9.41
CA MET C 345 -35.31 6.28 8.93
C MET C 345 -36.76 5.91 9.25
N LYS C 346 -37.09 6.03 10.54
CA LYS C 346 -38.43 5.75 11.02
C LYS C 346 -39.38 6.92 10.83
N ALA C 347 -38.88 8.07 10.38
CA ALA C 347 -39.73 9.22 10.07
C ALA C 347 -40.48 8.93 8.78
N ARG C 348 -41.77 8.63 8.89
CA ARG C 348 -42.55 8.21 7.75
C ARG C 348 -42.92 9.39 6.85
N SER C 349 -42.79 9.16 5.54
CA SER C 349 -43.28 10.07 4.49
C SER C 349 -42.60 11.44 4.53
N ASN C 350 -41.30 11.45 4.82
CA ASN C 350 -40.53 12.68 4.88
C ASN C 350 -39.42 12.75 3.86
N VAL C 351 -38.55 11.75 3.82
CA VAL C 351 -37.36 11.77 2.97
C VAL C 351 -37.46 10.65 1.94
N VAL C 352 -37.22 10.98 0.68
CA VAL C 352 -37.17 10.01 -0.41
C VAL C 352 -35.81 10.12 -1.07
N VAL C 353 -35.07 9.01 -1.11
CA VAL C 353 -33.70 8.98 -1.62
C VAL C 353 -33.71 8.35 -3.02
N ILE C 354 -33.03 8.99 -3.96
CA ILE C 354 -32.84 8.46 -5.30
C ILE C 354 -31.34 8.40 -5.58
N ALA C 355 -30.93 7.43 -6.39
CA ALA C 355 -29.53 7.22 -6.71
C ALA C 355 -29.37 6.99 -8.20
N ALA C 356 -28.14 7.21 -8.69
CA ALA C 356 -27.80 7.03 -10.08
C ALA C 356 -26.40 6.46 -10.19
N THR C 357 -26.22 5.50 -11.10
CA THR C 357 -24.93 4.89 -11.35
C THR C 357 -24.88 4.44 -12.80
N ASN C 358 -23.82 3.72 -13.15
CA ASN C 358 -23.66 3.19 -14.50
C ASN C 358 -23.50 1.69 -14.56
N ARG C 359 -22.97 1.06 -13.51
CA ARG C 359 -22.77 -0.39 -13.48
C ARG C 359 -23.45 -0.93 -12.22
N PRO C 360 -24.56 -1.65 -12.35
CA PRO C 360 -25.22 -2.22 -11.15
C PRO C 360 -24.51 -3.43 -10.59
N ASN C 361 -23.54 -4.00 -11.31
CA ASN C 361 -22.84 -5.20 -10.86
C ASN C 361 -21.59 -4.89 -10.05
N SER C 362 -21.08 -3.65 -10.11
CA SER C 362 -19.90 -3.29 -9.34
C SER C 362 -20.25 -2.88 -7.91
N ILE C 363 -21.51 -2.59 -7.64
CA ILE C 363 -21.94 -2.19 -6.31
C ILE C 363 -22.09 -3.43 -5.44
N ASP C 364 -22.04 -3.23 -4.13
CA ASP C 364 -22.25 -4.34 -3.19
C ASP C 364 -23.72 -4.76 -3.22
N PRO C 365 -24.01 -6.06 -3.17
CA PRO C 365 -25.40 -6.52 -3.20
C PRO C 365 -26.19 -6.30 -1.91
N ALA C 366 -25.56 -5.75 -0.87
CA ALA C 366 -26.28 -5.45 0.36
C ALA C 366 -27.22 -4.27 0.22
N LEU C 367 -27.00 -3.40 -0.77
CA LEU C 367 -27.89 -2.27 -0.99
C LEU C 367 -29.22 -2.72 -1.59
N ARG C 368 -29.18 -3.70 -2.49
CA ARG C 368 -30.40 -4.24 -3.07
C ARG C 368 -31.14 -5.11 -2.06
N ARG C 369 -31.89 -4.47 -1.17
CA ARG C 369 -32.56 -5.14 -0.07
C ARG C 369 -33.95 -4.52 0.08
N PHE C 370 -34.65 -4.90 1.15
CA PHE C 370 -36.00 -4.40 1.39
C PHE C 370 -35.98 -2.93 1.81
N GLY C 371 -35.14 -2.60 2.79
CA GLY C 371 -35.20 -1.31 3.43
C GLY C 371 -34.60 -0.14 2.67
N ARG C 372 -33.34 -0.28 2.23
CA ARG C 372 -32.59 0.89 1.79
C ARG C 372 -32.82 1.21 0.31
N PHE C 373 -32.59 0.24 -0.58
CA PHE C 373 -32.64 0.47 -2.02
C PHE C 373 -33.32 -0.70 -2.71
N ASP C 374 -34.61 -0.56 -2.95
CA ASP C 374 -35.37 -1.51 -3.75
C ASP C 374 -35.96 -0.78 -4.95
N ARG C 375 -36.75 -1.50 -5.75
CA ARG C 375 -37.50 -0.98 -6.90
C ARG C 375 -36.58 -0.33 -7.94
N GLU C 376 -35.57 -1.08 -8.37
CA GLU C 376 -34.62 -0.55 -9.35
C GLU C 376 -35.27 -0.49 -10.73
N VAL C 377 -34.83 0.50 -11.52
CA VAL C 377 -35.35 0.71 -12.86
C VAL C 377 -34.18 1.03 -13.79
N ASP C 378 -34.19 0.42 -14.98
CA ASP C 378 -33.15 0.63 -15.98
C ASP C 378 -33.62 1.64 -17.00
N ILE C 379 -32.89 2.75 -17.12
CA ILE C 379 -33.17 3.76 -18.13
C ILE C 379 -32.58 3.26 -19.44
N GLY C 380 -33.44 2.80 -20.34
CA GLY C 380 -33.01 2.16 -21.57
C GLY C 380 -32.60 3.15 -22.64
N ILE C 381 -32.57 2.64 -23.87
CA ILE C 381 -32.14 3.41 -25.04
C ILE C 381 -33.39 3.79 -25.82
N PRO C 382 -33.60 5.08 -26.12
CA PRO C 382 -34.81 5.47 -26.85
C PRO C 382 -34.77 5.11 -28.33
N ASP C 383 -35.07 3.84 -28.63
CA ASP C 383 -35.03 3.35 -30.00
C ASP C 383 -36.37 3.42 -30.71
N ALA C 384 -37.48 3.25 -29.97
CA ALA C 384 -38.81 3.24 -30.57
C ALA C 384 -39.33 4.67 -30.72
N THR C 385 -38.73 5.37 -31.71
CA THR C 385 -38.99 6.78 -32.04
C THR C 385 -38.81 7.71 -30.84
N GLY C 386 -37.87 7.36 -29.96
CA GLY C 386 -37.60 8.21 -28.80
C GLY C 386 -36.64 9.33 -29.12
N ARG C 387 -35.81 9.15 -30.16
CA ARG C 387 -34.90 10.21 -30.57
C ARG C 387 -35.64 11.34 -31.28
N LEU C 388 -36.85 11.07 -31.77
CA LEU C 388 -37.68 12.14 -32.33
C LEU C 388 -38.15 13.09 -31.23
N GLU C 389 -38.37 12.57 -30.03
CA GLU C 389 -38.77 13.42 -28.91
C GLU C 389 -37.60 14.25 -28.39
N VAL C 390 -36.38 13.71 -28.50
CA VAL C 390 -35.19 14.46 -28.11
C VAL C 390 -34.93 15.57 -29.12
N LEU C 391 -35.16 15.29 -30.41
CA LEU C 391 -34.96 16.31 -31.43
C LEU C 391 -36.04 17.38 -31.38
N ARG C 392 -37.22 17.06 -30.83
CA ARG C 392 -38.26 18.06 -30.68
C ARG C 392 -37.95 19.04 -29.56
N ILE C 393 -37.14 18.62 -28.58
CA ILE C 393 -36.81 19.51 -27.47
C ILE C 393 -35.65 20.43 -27.85
N HIS C 394 -34.61 19.89 -28.46
CA HIS C 394 -33.39 20.65 -28.73
C HIS C 394 -33.54 21.59 -29.92
N THR C 395 -34.23 21.18 -30.97
CA THR C 395 -34.34 21.98 -32.19
C THR C 395 -35.56 22.90 -32.19
N LYS C 396 -36.29 23.01 -31.08
CA LYS C 396 -37.44 23.91 -31.05
C LYS C 396 -37.04 25.37 -30.85
N ASN C 397 -35.81 25.63 -30.41
CA ASN C 397 -35.32 27.00 -30.24
C ASN C 397 -34.52 27.50 -31.44
N MET C 398 -33.92 26.59 -32.20
CA MET C 398 -33.17 26.97 -33.39
C MET C 398 -34.13 27.30 -34.54
N LYS C 399 -33.70 28.21 -35.40
CA LYS C 399 -34.48 28.52 -36.60
C LYS C 399 -34.31 27.40 -37.63
N LEU C 400 -35.43 26.96 -38.19
CA LEU C 400 -35.47 25.80 -39.07
C LEU C 400 -35.94 26.22 -40.46
N ALA C 401 -35.73 25.31 -41.42
CA ALA C 401 -36.16 25.48 -42.79
C ALA C 401 -37.24 24.45 -43.12
N ASP C 402 -37.64 24.40 -44.40
CA ASP C 402 -38.69 23.50 -44.83
C ASP C 402 -38.17 22.11 -45.19
N ASP C 403 -36.88 21.98 -45.49
CA ASP C 403 -36.35 20.70 -45.96
C ASP C 403 -36.05 19.72 -44.83
N VAL C 404 -36.00 20.18 -43.59
CA VAL C 404 -35.64 19.31 -42.48
C VAL C 404 -36.86 18.50 -42.04
N ASP C 405 -36.58 17.31 -41.48
CA ASP C 405 -37.65 16.45 -40.96
C ASP C 405 -37.03 15.55 -39.89
N LEU C 406 -37.61 15.58 -38.69
CA LEU C 406 -37.05 14.81 -37.58
C LEU C 406 -37.35 13.32 -37.70
N GLU C 407 -38.34 12.93 -38.51
CA GLU C 407 -38.62 11.52 -38.70
C GLU C 407 -37.57 10.84 -39.56
N ALA C 408 -36.85 11.60 -40.38
CA ALA C 408 -35.79 11.08 -41.23
C ALA C 408 -34.41 11.17 -40.57
N LEU C 409 -34.38 11.26 -39.23
CA LEU C 409 -33.13 11.31 -38.48
C LEU C 409 -33.01 10.20 -37.45
N ALA C 410 -34.12 9.81 -36.83
CA ALA C 410 -34.08 8.78 -35.80
C ALA C 410 -33.92 7.38 -36.41
N ALA C 411 -34.32 7.20 -37.66
CA ALA C 411 -34.22 5.91 -38.31
C ALA C 411 -32.78 5.57 -38.70
N GLU C 412 -31.92 6.57 -38.85
CA GLU C 412 -30.53 6.34 -39.23
C GLU C 412 -29.56 6.43 -38.05
N THR C 413 -30.00 6.97 -36.91
CA THR C 413 -29.13 7.14 -35.75
C THR C 413 -29.34 5.98 -34.77
N HIS C 414 -28.60 4.90 -35.02
CA HIS C 414 -28.62 3.76 -34.11
C HIS C 414 -27.86 4.10 -32.84
N GLY C 415 -28.40 3.69 -31.70
CA GLY C 415 -27.87 4.12 -30.42
C GLY C 415 -28.38 5.51 -30.09
N TYR C 416 -27.45 6.47 -29.95
CA TYR C 416 -27.75 7.90 -29.79
C TYR C 416 -28.62 8.16 -28.56
N VAL C 417 -27.99 7.95 -27.39
CA VAL C 417 -28.69 7.98 -26.10
C VAL C 417 -29.25 9.36 -25.76
N GLY C 418 -28.72 10.41 -26.37
CA GLY C 418 -29.28 11.74 -26.17
C GLY C 418 -28.24 12.84 -26.00
N ALA C 419 -27.07 12.49 -25.47
CA ALA C 419 -26.01 13.48 -25.33
C ALA C 419 -25.38 13.82 -26.67
N ASP C 420 -25.23 12.83 -27.55
CA ASP C 420 -24.66 13.10 -28.87
C ASP C 420 -25.67 13.75 -29.79
N ILE C 421 -26.97 13.62 -29.50
CA ILE C 421 -27.98 14.30 -30.29
C ILE C 421 -27.93 15.80 -30.03
N ALA C 422 -27.66 16.19 -28.78
CA ALA C 422 -27.45 17.60 -28.47
C ALA C 422 -26.13 18.11 -29.05
N SER C 423 -25.16 17.22 -29.23
CA SER C 423 -23.92 17.59 -29.91
C SER C 423 -24.11 17.62 -31.43
N LEU C 424 -25.11 16.89 -31.93
CA LEU C 424 -25.30 16.83 -33.38
C LEU C 424 -25.97 18.10 -33.90
N CYS C 425 -26.92 18.66 -33.16
CA CYS C 425 -27.57 19.89 -33.60
C CYS C 425 -26.66 21.10 -33.40
N SER C 426 -25.74 21.03 -32.43
CA SER C 426 -24.78 22.11 -32.24
C SER C 426 -23.71 22.08 -33.33
N GLU C 427 -23.28 20.88 -33.73
CA GLU C 427 -22.29 20.77 -34.81
C GLU C 427 -22.92 21.09 -36.16
N ALA C 428 -24.22 20.86 -36.31
CA ALA C 428 -24.91 21.27 -37.54
C ALA C 428 -25.02 22.79 -37.63
N ALA C 429 -25.06 23.47 -36.48
CA ALA C 429 -25.04 24.93 -36.49
C ALA C 429 -23.66 25.46 -36.81
N MET C 430 -22.61 24.69 -36.51
CA MET C 430 -21.26 25.10 -36.85
C MET C 430 -21.02 25.02 -38.35
N GLN C 431 -21.64 24.05 -39.03
CA GLN C 431 -21.52 23.94 -40.47
C GLN C 431 -22.30 25.06 -41.17
N GLN C 432 -23.39 25.52 -40.56
CA GLN C 432 -24.16 26.61 -41.16
C GLN C 432 -23.42 27.93 -41.07
N ILE C 433 -22.74 28.19 -39.93
CA ILE C 433 -21.95 29.42 -39.79
C ILE C 433 -20.56 29.30 -40.37
N ARG C 434 -20.20 28.15 -40.94
CA ARG C 434 -18.86 27.98 -41.51
C ARG C 434 -18.76 28.70 -42.85
N GLU C 435 -19.85 28.74 -43.62
CA GLU C 435 -19.82 29.38 -44.92
C GLU C 435 -19.88 30.89 -44.83
N LYS C 436 -20.27 31.44 -43.69
CA LYS C 436 -20.35 32.89 -43.51
C LYS C 436 -18.95 33.46 -43.33
N MET C 437 -18.49 34.24 -44.30
CA MET C 437 -17.17 34.85 -44.23
C MET C 437 -17.15 36.15 -43.42
N ASP C 438 -18.33 36.68 -43.09
CA ASP C 438 -18.52 37.92 -42.32
C ASP C 438 -17.79 39.13 -42.92
N LEU C 452 -29.85 41.35 -41.32
CA LEU C 452 -28.41 41.30 -41.56
C LEU C 452 -27.93 39.85 -41.61
N ASP C 453 -28.68 38.97 -40.94
CA ASP C 453 -28.28 37.57 -40.87
C ASP C 453 -29.52 36.67 -40.85
N SER C 454 -29.57 35.73 -41.78
CA SER C 454 -30.65 34.74 -41.83
C SER C 454 -30.02 33.42 -42.23
N LEU C 455 -29.75 32.57 -41.24
CA LEU C 455 -28.96 31.35 -41.44
C LEU C 455 -29.85 30.13 -41.63
N GLY C 456 -30.71 29.84 -40.65
CA GLY C 456 -31.52 28.64 -40.68
C GLY C 456 -30.68 27.38 -40.55
N VAL C 457 -31.27 26.25 -40.94
CA VAL C 457 -30.55 24.98 -41.05
C VAL C 457 -30.94 24.34 -42.37
N THR C 458 -30.39 23.15 -42.64
CA THR C 458 -30.75 22.40 -43.82
C THR C 458 -30.57 20.91 -43.53
N MET C 459 -31.03 20.08 -44.47
CA MET C 459 -30.90 18.63 -44.33
C MET C 459 -29.45 18.19 -44.46
N ASP C 460 -28.65 18.93 -45.24
CA ASP C 460 -27.25 18.57 -45.43
C ASP C 460 -26.40 18.85 -44.21
N ASN C 461 -26.86 19.72 -43.29
CA ASN C 461 -26.11 19.98 -42.07
C ASN C 461 -26.15 18.78 -41.12
N PHE C 462 -27.30 18.12 -41.02
CA PHE C 462 -27.39 16.92 -40.18
C PHE C 462 -26.69 15.74 -40.84
N ARG C 463 -26.67 15.71 -42.19
CA ARG C 463 -25.92 14.68 -42.89
C ARG C 463 -24.42 14.92 -42.80
N PHE C 464 -24.00 16.19 -42.66
CA PHE C 464 -22.59 16.49 -42.43
C PHE C 464 -22.18 16.09 -41.02
N ALA C 465 -23.10 16.25 -40.06
CA ALA C 465 -22.79 15.91 -38.67
C ALA C 465 -22.81 14.41 -38.42
N LEU C 466 -23.34 13.62 -39.35
CA LEU C 466 -23.35 12.17 -39.15
C LEU C 466 -21.98 11.57 -39.46
N GLY C 467 -21.36 11.99 -40.56
CA GLY C 467 -20.09 11.42 -40.96
C GLY C 467 -18.89 12.06 -40.28
N ASN C 468 -18.97 13.38 -40.02
CA ASN C 468 -17.86 14.12 -39.45
C ASN C 468 -17.87 14.15 -37.93
N SER C 469 -18.73 13.36 -37.29
CA SER C 469 -18.76 13.28 -35.84
C SER C 469 -19.02 11.84 -35.45
N ASN C 470 -18.30 11.37 -34.45
CA ASN C 470 -18.42 9.98 -34.03
C ASN C 470 -19.60 9.82 -33.08
N PRO C 471 -20.34 8.70 -33.18
CA PRO C 471 -21.34 8.38 -32.15
C PRO C 471 -20.69 7.86 -30.87
N SER C 472 -21.49 7.35 -29.94
CA SER C 472 -20.97 6.87 -28.66
C SER C 472 -20.19 5.56 -28.83
N ALA C 473 -19.01 5.66 -29.45
CA ALA C 473 -18.14 4.51 -29.70
C ALA C 473 -16.67 4.85 -29.49
N LEU C 474 -16.36 5.73 -28.53
CA LEU C 474 -14.97 6.02 -28.22
C LEU C 474 -14.38 4.97 -27.28
N ARG C 475 -15.22 4.27 -26.52
CA ARG C 475 -14.75 3.24 -25.62
C ARG C 475 -14.45 1.94 -26.37
N GLU C 476 -15.40 1.49 -27.19
CA GLU C 476 -15.22 0.31 -28.04
C GLU C 476 -15.49 0.73 -29.47
N THR C 477 -14.75 0.14 -30.42
CA THR C 477 -14.81 0.60 -31.81
C THR C 477 -16.14 0.23 -32.46
N VAL C 478 -16.43 -1.06 -32.54
CA VAL C 478 -17.70 -1.54 -33.09
C VAL C 478 -18.36 -2.46 -32.07
N VAL C 479 -19.59 -2.13 -31.67
CA VAL C 479 -20.34 -2.96 -30.74
C VAL C 479 -21.74 -3.18 -31.31
N GLU C 480 -22.15 -2.34 -32.27
CA GLU C 480 -23.51 -2.42 -32.77
C GLU C 480 -23.62 -3.30 -34.01
N SER C 481 -22.96 -2.90 -35.10
CA SER C 481 -23.05 -3.60 -36.37
C SER C 481 -21.91 -3.13 -37.27
N VAL C 482 -21.82 -3.75 -38.44
CA VAL C 482 -20.88 -3.38 -39.48
C VAL C 482 -21.63 -2.99 -40.77
N ASN C 483 -22.95 -2.80 -40.64
CA ASN C 483 -23.89 -2.39 -41.70
C ASN C 483 -23.89 -3.40 -42.85
N VAL C 484 -24.33 -4.61 -42.52
CA VAL C 484 -24.57 -5.66 -43.51
C VAL C 484 -26.02 -6.11 -43.41
N THR C 485 -26.40 -7.10 -44.21
CA THR C 485 -27.77 -7.59 -44.24
C THR C 485 -27.74 -9.10 -44.49
N TRP C 486 -28.88 -9.64 -44.90
CA TRP C 486 -29.01 -11.09 -45.11
C TRP C 486 -28.24 -11.54 -46.34
N ASP C 487 -28.37 -10.81 -47.45
CA ASP C 487 -27.84 -11.25 -48.74
C ASP C 487 -26.42 -10.76 -49.01
N ASP C 488 -25.66 -10.42 -47.97
CA ASP C 488 -24.28 -10.02 -48.16
C ASP C 488 -23.30 -11.20 -48.10
N VAL C 489 -23.74 -12.35 -47.61
CA VAL C 489 -22.94 -13.55 -47.69
C VAL C 489 -23.23 -14.26 -49.00
N GLY C 490 -22.19 -14.76 -49.66
CA GLY C 490 -22.33 -15.35 -50.97
C GLY C 490 -22.78 -16.80 -50.95
N GLY C 491 -23.94 -17.05 -51.54
CA GLY C 491 -24.49 -18.40 -51.52
C GLY C 491 -24.98 -18.76 -50.13
N LEU C 492 -24.91 -20.06 -49.81
CA LEU C 492 -25.24 -20.62 -48.50
C LEU C 492 -26.68 -20.30 -48.08
N ASP C 493 -27.63 -20.64 -48.95
CA ASP C 493 -29.04 -20.44 -48.62
C ASP C 493 -29.56 -21.44 -47.60
N GLU C 494 -28.86 -22.55 -47.40
CA GLU C 494 -29.27 -23.53 -46.40
C GLU C 494 -29.00 -23.03 -44.98
N ILE C 495 -27.90 -22.32 -44.78
CA ILE C 495 -27.61 -21.79 -43.45
C ILE C 495 -28.42 -20.53 -43.17
N LYS C 496 -28.98 -19.89 -44.20
CA LYS C 496 -29.93 -18.81 -43.97
C LYS C 496 -31.26 -19.32 -43.44
N GLU C 497 -31.64 -20.54 -43.84
CA GLU C 497 -32.85 -21.15 -43.30
C GLU C 497 -32.61 -21.63 -41.87
N GLU C 498 -31.43 -22.20 -41.62
CA GLU C 498 -31.12 -22.69 -40.27
C GLU C 498 -30.81 -21.56 -39.30
N LEU C 499 -30.50 -20.36 -39.80
CA LEU C 499 -30.34 -19.21 -38.92
C LEU C 499 -31.68 -18.62 -38.48
N LYS C 500 -32.79 -19.07 -39.08
CA LYS C 500 -34.12 -18.70 -38.64
C LYS C 500 -34.61 -19.57 -37.49
N GLU C 501 -33.80 -20.52 -37.04
CA GLU C 501 -34.05 -21.25 -35.79
C GLU C 501 -33.26 -20.66 -34.63
N THR C 502 -32.50 -19.59 -34.85
CA THR C 502 -31.79 -18.87 -33.81
C THR C 502 -32.74 -17.86 -33.16
N VAL C 503 -32.20 -16.86 -32.46
CA VAL C 503 -32.94 -15.92 -31.61
C VAL C 503 -34.01 -15.10 -32.32
N GLU C 504 -34.02 -15.12 -33.66
CA GLU C 504 -35.16 -14.58 -34.39
C GLU C 504 -36.43 -15.39 -34.11
N TYR C 505 -36.28 -16.71 -33.92
CA TYR C 505 -37.46 -17.56 -33.73
C TYR C 505 -38.15 -17.39 -32.37
N PRO C 506 -37.53 -17.71 -31.23
CA PRO C 506 -38.34 -17.88 -30.01
C PRO C 506 -38.56 -16.62 -29.19
N VAL C 507 -38.23 -15.44 -29.69
CA VAL C 507 -38.43 -14.22 -28.91
C VAL C 507 -39.90 -13.80 -28.94
N LEU C 508 -40.50 -13.76 -30.12
CA LEU C 508 -41.89 -13.34 -30.24
C LEU C 508 -42.88 -14.42 -29.83
N HIS C 509 -42.43 -15.65 -29.56
CA HIS C 509 -43.28 -16.68 -28.98
C HIS C 509 -42.46 -17.56 -28.04
N PRO C 510 -42.26 -17.12 -26.79
CA PRO C 510 -41.54 -17.94 -25.82
C PRO C 510 -42.43 -18.86 -24.99
N ASP C 511 -43.75 -18.74 -25.10
CA ASP C 511 -44.66 -19.58 -24.32
C ASP C 511 -44.87 -20.95 -24.93
N GLN C 512 -44.44 -21.16 -26.18
CA GLN C 512 -44.59 -22.46 -26.80
C GLN C 512 -43.63 -23.49 -26.21
N TYR C 513 -42.45 -23.06 -25.78
CA TYR C 513 -41.52 -23.98 -25.11
C TYR C 513 -41.97 -24.28 -23.69
N THR C 514 -42.66 -23.34 -23.04
CA THR C 514 -43.26 -23.63 -21.75
C THR C 514 -44.49 -24.52 -21.89
N LYS C 515 -45.21 -24.41 -23.02
CA LYS C 515 -46.31 -25.32 -23.29
C LYS C 515 -45.80 -26.72 -23.61
N PHE C 516 -44.76 -26.82 -24.44
CA PHE C 516 -44.17 -28.09 -24.79
C PHE C 516 -43.21 -28.61 -23.71
N GLY C 517 -42.92 -27.81 -22.69
CA GLY C 517 -42.20 -28.29 -21.52
C GLY C 517 -40.74 -28.63 -21.74
N LEU C 518 -40.07 -27.98 -22.69
CA LEU C 518 -38.66 -28.27 -22.95
C LEU C 518 -37.93 -27.00 -23.33
N SER C 519 -36.67 -26.92 -22.91
CA SER C 519 -35.83 -25.77 -23.22
C SER C 519 -35.44 -25.77 -24.70
N PRO C 520 -35.27 -24.57 -25.30
CA PRO C 520 -34.85 -24.52 -26.71
C PRO C 520 -33.38 -24.85 -26.92
N SER C 521 -32.91 -24.73 -28.15
CA SER C 521 -31.51 -24.98 -28.45
C SER C 521 -30.62 -23.89 -27.86
N LYS C 522 -29.53 -24.32 -27.22
CA LYS C 522 -28.65 -23.41 -26.51
C LYS C 522 -27.50 -22.89 -27.37
N GLY C 523 -26.81 -23.77 -28.09
CA GLY C 523 -25.68 -23.33 -28.89
C GLY C 523 -25.50 -24.09 -30.18
N VAL C 524 -25.17 -23.38 -31.25
CA VAL C 524 -24.80 -23.98 -32.54
C VAL C 524 -23.34 -23.66 -32.79
N LEU C 525 -22.58 -24.68 -33.21
CA LEU C 525 -21.15 -24.54 -33.40
C LEU C 525 -20.82 -24.63 -34.89
N PHE C 526 -19.73 -23.97 -35.28
CA PHE C 526 -19.31 -23.93 -36.67
C PHE C 526 -17.78 -24.05 -36.75
N TYR C 527 -17.31 -24.76 -37.77
CA TYR C 527 -15.89 -24.97 -38.00
C TYR C 527 -15.71 -25.36 -39.46
N GLY C 528 -14.57 -24.97 -40.04
CA GLY C 528 -14.29 -25.30 -41.42
C GLY C 528 -13.18 -24.47 -42.02
N PRO C 529 -13.23 -24.26 -43.33
CA PRO C 529 -12.18 -23.46 -44.01
C PRO C 529 -12.32 -21.99 -43.68
N PRO C 530 -11.21 -21.30 -43.48
CA PRO C 530 -11.26 -19.88 -43.11
C PRO C 530 -11.61 -18.99 -44.31
N GLY C 531 -12.39 -17.95 -44.04
CA GLY C 531 -12.78 -17.01 -45.08
C GLY C 531 -14.05 -17.38 -45.82
N THR C 532 -14.95 -18.14 -45.20
CA THR C 532 -16.17 -18.58 -45.85
C THR C 532 -17.43 -17.96 -45.21
N GLY C 533 -17.27 -16.90 -44.43
CA GLY C 533 -18.42 -16.21 -43.88
C GLY C 533 -18.54 -16.26 -42.37
N LYS C 534 -17.41 -16.28 -41.67
CA LYS C 534 -17.42 -16.34 -40.21
C LYS C 534 -17.27 -14.95 -39.58
N THR C 535 -17.38 -13.89 -40.38
CA THR C 535 -17.40 -12.54 -39.85
C THR C 535 -18.61 -11.81 -40.46
N LEU C 536 -18.98 -12.20 -41.68
CA LEU C 536 -20.16 -11.61 -42.30
C LEU C 536 -21.44 -12.16 -41.68
N LEU C 537 -21.58 -13.48 -41.61
CA LEU C 537 -22.76 -14.08 -41.00
C LEU C 537 -22.73 -13.93 -39.49
N ALA C 538 -21.53 -13.82 -38.90
CA ALA C 538 -21.41 -13.59 -37.47
C ALA C 538 -21.89 -12.20 -37.06
N LYS C 539 -21.82 -11.23 -37.98
CA LYS C 539 -22.33 -9.88 -37.73
C LYS C 539 -23.66 -9.63 -38.43
N ALA C 540 -24.15 -10.57 -39.24
CA ALA C 540 -25.47 -10.43 -39.83
C ALA C 540 -26.59 -10.69 -38.83
N VAL C 541 -26.29 -11.38 -37.73
CA VAL C 541 -27.29 -11.59 -36.69
C VAL C 541 -27.53 -10.28 -35.94
N ALA C 542 -26.54 -9.41 -35.88
CA ALA C 542 -26.68 -8.10 -35.26
C ALA C 542 -27.51 -7.13 -36.09
N THR C 543 -27.83 -7.47 -37.34
CA THR C 543 -28.64 -6.60 -38.20
C THR C 543 -30.02 -7.15 -38.51
N GLU C 544 -30.21 -8.46 -38.46
CA GLU C 544 -31.51 -9.04 -38.79
C GLU C 544 -32.52 -8.90 -37.64
N VAL C 545 -32.05 -8.68 -36.42
CA VAL C 545 -32.93 -8.37 -35.30
C VAL C 545 -32.56 -7.07 -34.60
N SER C 546 -31.37 -6.51 -34.85
CA SER C 546 -30.82 -5.31 -34.20
C SER C 546 -30.82 -5.43 -32.68
N ALA C 547 -30.35 -6.58 -32.18
CA ALA C 547 -30.30 -6.82 -30.75
C ALA C 547 -29.07 -6.16 -30.14
N ASN C 548 -28.90 -6.34 -28.83
CA ASN C 548 -27.78 -5.75 -28.10
C ASN C 548 -26.52 -6.57 -28.38
N PHE C 549 -25.89 -6.26 -29.50
CA PHE C 549 -24.68 -6.98 -29.92
C PHE C 549 -23.49 -6.54 -29.09
N ILE C 550 -22.53 -7.47 -28.92
CA ILE C 550 -21.23 -7.16 -28.35
C ILE C 550 -20.17 -7.75 -29.28
N SER C 551 -18.96 -7.21 -29.18
CA SER C 551 -17.84 -7.71 -29.98
C SER C 551 -16.65 -7.96 -29.07
N VAL C 552 -16.19 -9.21 -29.05
CA VAL C 552 -15.07 -9.64 -28.21
C VAL C 552 -14.21 -10.61 -29.02
N LYS C 553 -12.90 -10.41 -28.98
CA LYS C 553 -11.97 -11.27 -29.69
C LYS C 553 -11.55 -12.44 -28.81
N GLY C 554 -10.76 -13.34 -29.38
CA GLY C 554 -10.36 -14.55 -28.70
C GLY C 554 -9.39 -14.32 -27.54
N PRO C 555 -8.15 -13.97 -27.85
CA PRO C 555 -7.17 -13.68 -26.80
C PRO C 555 -7.33 -12.31 -26.15
N GLU C 556 -8.28 -11.49 -26.61
CA GLU C 556 -8.62 -10.28 -25.88
C GLU C 556 -9.38 -10.60 -24.60
N LEU C 557 -10.09 -11.73 -24.57
CA LEU C 557 -10.67 -12.21 -23.33
C LEU C 557 -9.59 -12.66 -22.36
N LEU C 558 -8.50 -13.21 -22.89
CA LEU C 558 -7.36 -13.59 -22.05
C LEU C 558 -6.67 -12.34 -21.50
N SER C 559 -6.42 -12.35 -20.19
CA SER C 559 -5.85 -11.20 -19.51
C SER C 559 -4.43 -11.54 -19.06
N MET C 560 -3.75 -10.52 -18.53
CA MET C 560 -2.37 -10.68 -18.10
C MET C 560 -2.28 -11.20 -16.67
N TRP C 561 -3.34 -10.96 -15.88
CA TRP C 561 -3.40 -11.40 -14.47
C TRP C 561 -3.97 -12.82 -14.39
N TYR C 562 -3.54 -13.59 -13.39
CA TYR C 562 -3.98 -15.00 -13.21
C TYR C 562 -5.37 -15.05 -12.54
N GLY C 563 -5.65 -14.12 -11.63
CA GLY C 563 -6.93 -14.14 -10.95
C GLY C 563 -8.07 -13.60 -11.79
N GLU C 564 -7.74 -12.86 -12.85
CA GLU C 564 -8.74 -12.34 -13.77
C GLU C 564 -9.18 -13.38 -14.79
N SER C 565 -8.55 -14.55 -14.81
CA SER C 565 -8.76 -15.57 -15.85
C SER C 565 -10.16 -16.17 -15.84
N GLU C 566 -10.87 -16.06 -14.72
CA GLU C 566 -12.23 -16.58 -14.61
C GLU C 566 -13.29 -15.50 -14.45
N SER C 567 -12.92 -14.28 -14.09
CA SER C 567 -13.92 -13.24 -13.89
C SER C 567 -14.18 -12.44 -15.16
N ASN C 568 -13.29 -12.53 -16.15
CA ASN C 568 -13.47 -11.80 -17.40
C ASN C 568 -14.59 -12.38 -18.25
N ILE C 569 -14.85 -13.68 -18.13
CA ILE C 569 -15.95 -14.32 -18.85
C ILE C 569 -17.23 -14.10 -18.04
N ARG C 570 -17.07 -13.79 -16.75
CA ARG C 570 -18.23 -13.59 -15.88
C ARG C 570 -18.93 -12.28 -16.17
N ASP C 571 -18.17 -11.18 -16.35
CA ASP C 571 -18.80 -9.90 -16.62
C ASP C 571 -19.34 -9.81 -18.04
N ILE C 572 -18.78 -10.59 -18.97
CA ILE C 572 -19.31 -10.64 -20.32
C ILE C 572 -20.64 -11.37 -20.34
N PHE C 573 -20.73 -12.50 -19.61
CA PHE C 573 -21.98 -13.25 -19.54
C PHE C 573 -23.02 -12.54 -18.67
N ASP C 574 -22.57 -11.72 -17.72
CA ASP C 574 -23.52 -10.96 -16.90
C ASP C 574 -24.13 -9.80 -17.69
N LYS C 575 -23.39 -9.26 -18.64
CA LYS C 575 -23.93 -8.23 -19.52
C LYS C 575 -24.90 -8.82 -20.55
N ALA C 576 -24.74 -10.12 -20.86
CA ALA C 576 -25.63 -10.77 -21.82
C ALA C 576 -27.02 -11.01 -21.24
N ARG C 577 -27.09 -11.44 -19.98
CA ARG C 577 -28.39 -11.60 -19.32
C ARG C 577 -29.01 -10.27 -18.92
N ALA C 578 -28.22 -9.21 -18.85
CA ALA C 578 -28.74 -7.89 -18.51
C ALA C 578 -29.17 -7.08 -19.73
N ALA C 579 -28.61 -7.38 -20.90
CA ALA C 579 -28.98 -6.72 -22.15
C ALA C 579 -29.82 -7.63 -23.04
N ALA C 580 -30.74 -8.39 -22.44
CA ALA C 580 -31.57 -9.29 -23.22
C ALA C 580 -32.61 -8.51 -24.03
N PRO C 581 -32.81 -8.84 -25.32
CA PRO C 581 -32.13 -9.89 -26.09
C PRO C 581 -30.76 -9.44 -26.62
N THR C 582 -29.78 -10.35 -26.61
CA THR C 582 -28.42 -10.02 -27.01
C THR C 582 -27.91 -11.06 -27.99
N VAL C 583 -26.82 -10.70 -28.67
CA VAL C 583 -26.11 -11.58 -29.59
C VAL C 583 -24.63 -11.54 -29.23
N VAL C 584 -24.07 -12.69 -28.87
CA VAL C 584 -22.64 -12.82 -28.61
C VAL C 584 -22.06 -13.80 -29.63
N PHE C 585 -20.73 -13.80 -29.73
CA PHE C 585 -20.03 -14.71 -30.63
C PHE C 585 -18.62 -14.94 -30.11
N LEU C 586 -17.93 -15.88 -30.74
CA LEU C 586 -16.55 -16.21 -30.39
C LEU C 586 -15.75 -16.46 -31.65
N ASP C 587 -14.48 -16.03 -31.62
CA ASP C 587 -13.55 -16.27 -32.70
C ASP C 587 -12.26 -16.81 -32.13
N GLN C 588 -11.70 -17.83 -32.81
CA GLN C 588 -10.45 -18.50 -32.45
C GLN C 588 -10.51 -19.07 -31.03
N LEU C 589 -11.39 -20.06 -30.86
CA LEU C 589 -11.54 -20.76 -29.58
C LEU C 589 -10.39 -21.72 -29.28
N ASP C 590 -9.46 -21.92 -30.22
CA ASP C 590 -8.30 -22.78 -29.97
C ASP C 590 -7.38 -22.19 -28.90
N SER C 591 -7.37 -20.86 -28.77
CA SER C 591 -6.67 -20.22 -27.66
C SER C 591 -7.46 -20.27 -26.36
N ILE C 592 -8.73 -20.63 -26.42
CA ILE C 592 -9.60 -20.61 -25.25
C ILE C 592 -9.95 -22.02 -24.78
N ALA C 593 -10.14 -22.95 -25.72
CA ALA C 593 -10.53 -24.31 -25.33
C ALA C 593 -9.37 -25.07 -24.70
N LYS C 594 -8.31 -25.33 -25.48
CA LYS C 594 -7.04 -25.94 -25.03
C LYS C 594 -7.29 -27.29 -24.35
N ALA C 595 -7.72 -28.25 -25.17
CA ALA C 595 -8.25 -29.54 -24.73
C ALA C 595 -7.29 -30.37 -23.89
N ARG C 596 -5.98 -30.11 -23.94
CA ARG C 596 -5.07 -30.77 -23.02
C ARG C 596 -5.21 -30.20 -21.61
N GLY C 597 -5.52 -28.91 -21.49
CA GLY C 597 -5.76 -28.32 -20.19
C GLY C 597 -4.53 -27.71 -19.55
N GLY C 598 -3.86 -26.81 -20.26
CA GLY C 598 -2.63 -26.24 -19.75
C GLY C 598 -1.42 -27.04 -20.19
N SER C 599 -0.40 -26.35 -20.71
CA SER C 599 0.70 -27.04 -21.37
C SER C 599 1.62 -27.77 -20.38
N LEU C 600 2.29 -27.04 -19.49
CA LEU C 600 3.27 -27.67 -18.61
C LEU C 600 2.92 -27.49 -17.13
N GLY C 601 2.53 -26.28 -16.74
CA GLY C 601 2.30 -25.99 -15.33
C GLY C 601 3.43 -25.20 -14.71
N ASP C 602 3.69 -25.47 -13.43
CA ASP C 602 4.79 -24.99 -12.56
C ASP C 602 4.67 -23.49 -12.24
N ALA C 603 3.72 -22.77 -12.81
CA ALA C 603 3.66 -21.32 -12.69
C ALA C 603 2.66 -20.91 -11.61
N GLY C 604 2.71 -19.64 -11.22
CA GLY C 604 1.70 -19.07 -10.34
C GLY C 604 0.48 -18.65 -11.13
N GLY C 605 -0.28 -19.63 -11.57
CA GLY C 605 -1.38 -19.46 -12.53
C GLY C 605 -1.16 -20.40 -13.69
N ALA C 606 -2.26 -20.92 -14.23
CA ALA C 606 -2.19 -21.89 -15.32
C ALA C 606 -3.35 -21.65 -16.28
N SER C 607 -3.22 -22.23 -17.48
CA SER C 607 -4.25 -22.09 -18.51
C SER C 607 -5.27 -23.21 -18.41
N ASP C 608 -5.94 -23.31 -17.26
CA ASP C 608 -6.95 -24.34 -17.04
C ASP C 608 -8.26 -23.80 -16.48
N ARG C 609 -8.26 -22.59 -15.92
CA ARG C 609 -9.48 -22.02 -15.38
C ARG C 609 -10.27 -21.22 -16.40
N VAL C 610 -9.71 -20.98 -17.59
CA VAL C 610 -10.40 -20.19 -18.59
C VAL C 610 -11.43 -21.04 -19.35
N VAL C 611 -11.20 -22.35 -19.43
CA VAL C 611 -12.14 -23.21 -20.14
C VAL C 611 -13.07 -23.93 -19.15
N ASN C 612 -12.62 -24.19 -17.94
CA ASN C 612 -13.43 -24.89 -16.95
C ASN C 612 -14.43 -23.98 -16.25
N GLN C 613 -14.38 -22.66 -16.50
CA GLN C 613 -15.35 -21.73 -15.96
C GLN C 613 -16.53 -21.47 -16.89
N LEU C 614 -16.27 -21.34 -18.19
CA LEU C 614 -17.36 -21.11 -19.14
C LEU C 614 -18.18 -22.36 -19.41
N LEU C 615 -17.64 -23.55 -19.13
CA LEU C 615 -18.41 -24.78 -19.33
C LEU C 615 -19.46 -24.97 -18.25
N THR C 616 -19.29 -24.32 -17.10
CA THR C 616 -20.25 -24.40 -16.00
C THR C 616 -21.14 -23.16 -15.90
N GLU C 617 -20.59 -21.98 -16.20
CA GLU C 617 -21.37 -20.75 -16.14
C GLU C 617 -22.43 -20.70 -17.24
N MET C 618 -22.13 -21.24 -18.42
CA MET C 618 -23.13 -21.30 -19.49
C MET C 618 -24.21 -22.33 -19.21
N ASP C 619 -24.00 -23.25 -18.27
CA ASP C 619 -25.05 -24.15 -17.81
C ASP C 619 -25.90 -23.53 -16.71
N GLY C 620 -25.35 -22.56 -15.97
CA GLY C 620 -26.09 -21.90 -14.91
C GLY C 620 -26.76 -20.63 -15.37
N MET C 621 -27.38 -20.66 -16.55
CA MET C 621 -28.12 -19.53 -17.09
C MET C 621 -29.59 -19.90 -17.24
N ASN C 622 -30.45 -18.90 -17.15
CA ASN C 622 -31.87 -19.12 -17.35
C ASN C 622 -32.17 -19.32 -18.83
N ALA C 623 -33.08 -20.25 -19.12
CA ALA C 623 -33.42 -20.54 -20.51
C ALA C 623 -34.25 -19.41 -21.14
N LYS C 624 -35.11 -18.78 -20.35
CA LYS C 624 -35.94 -17.68 -20.83
C LYS C 624 -35.28 -16.33 -20.58
N LYS C 625 -34.03 -16.18 -21.05
CA LYS C 625 -33.33 -14.91 -20.90
C LYS C 625 -32.56 -14.53 -22.16
N ASN C 626 -32.79 -15.25 -23.27
CA ASN C 626 -32.19 -15.01 -24.58
C ASN C 626 -30.67 -15.06 -24.53
N VAL C 627 -30.15 -16.18 -24.04
CA VAL C 627 -28.72 -16.44 -23.98
C VAL C 627 -28.38 -17.61 -24.87
N PHE C 628 -27.32 -17.45 -25.67
CA PHE C 628 -26.90 -18.45 -26.63
C PHE C 628 -25.45 -18.16 -27.01
N VAL C 629 -24.84 -19.09 -27.74
CA VAL C 629 -23.50 -18.92 -28.26
C VAL C 629 -23.46 -19.39 -29.71
N ILE C 630 -22.49 -18.85 -30.45
CA ILE C 630 -22.26 -19.25 -31.84
C ILE C 630 -20.74 -19.26 -32.07
N GLY C 631 -20.27 -20.22 -32.86
CA GLY C 631 -18.84 -20.43 -33.00
C GLY C 631 -18.25 -20.09 -34.35
N ALA C 632 -16.94 -19.83 -34.37
CA ALA C 632 -16.22 -19.57 -35.61
C ALA C 632 -14.77 -19.98 -35.39
N THR C 633 -14.42 -21.19 -35.82
CA THR C 633 -13.09 -21.74 -35.59
C THR C 633 -12.51 -22.25 -36.91
N ASN C 634 -11.22 -22.59 -36.88
CA ASN C 634 -10.52 -23.12 -38.04
C ASN C 634 -9.80 -24.43 -37.75
N ARG C 635 -9.77 -24.86 -36.48
CA ARG C 635 -9.08 -26.09 -36.08
C ARG C 635 -10.04 -26.96 -35.27
N PRO C 636 -10.46 -28.10 -35.81
CA PRO C 636 -11.41 -28.96 -35.09
C PRO C 636 -10.77 -29.92 -34.09
N ASP C 637 -9.48 -29.79 -33.82
CA ASP C 637 -8.77 -30.70 -32.93
C ASP C 637 -8.34 -30.07 -31.62
N GLN C 638 -8.12 -28.75 -31.58
CA GLN C 638 -7.80 -28.07 -30.32
C GLN C 638 -9.03 -27.93 -29.42
N ILE C 639 -10.22 -27.94 -30.00
CA ILE C 639 -11.44 -27.77 -29.21
C ILE C 639 -11.73 -29.03 -28.40
N ASP C 640 -12.24 -28.83 -27.20
CA ASP C 640 -12.47 -29.94 -26.29
C ASP C 640 -13.75 -30.67 -26.67
N PRO C 641 -13.85 -31.98 -26.40
CA PRO C 641 -15.13 -32.67 -26.60
C PRO C 641 -16.27 -32.16 -25.71
N ALA C 642 -15.96 -31.64 -24.52
CA ALA C 642 -17.00 -31.03 -23.69
C ALA C 642 -17.38 -29.63 -24.17
N ILE C 643 -16.55 -29.01 -25.02
CA ILE C 643 -16.94 -27.75 -25.65
C ILE C 643 -18.06 -27.99 -26.66
N LEU C 644 -17.95 -29.07 -27.44
CA LEU C 644 -18.95 -29.44 -28.43
C LEU C 644 -20.05 -30.33 -27.85
N ARG C 645 -20.27 -30.26 -26.54
CA ARG C 645 -21.28 -31.06 -25.85
C ARG C 645 -22.68 -30.56 -26.19
N PRO C 646 -23.64 -31.45 -26.38
CA PRO C 646 -25.04 -31.03 -26.51
C PRO C 646 -25.55 -30.44 -25.20
N GLY C 647 -26.46 -29.46 -25.34
CA GLY C 647 -26.87 -28.64 -24.23
C GLY C 647 -26.07 -27.37 -24.06
N ARG C 648 -24.84 -27.33 -24.58
CA ARG C 648 -24.02 -26.13 -24.61
C ARG C 648 -23.70 -25.71 -26.03
N LEU C 649 -23.30 -26.65 -26.89
CA LEU C 649 -23.08 -26.41 -28.32
C LEU C 649 -23.58 -27.66 -29.03
N ASP C 650 -24.84 -27.62 -29.47
CA ASP C 650 -25.53 -28.83 -29.92
C ASP C 650 -25.20 -29.19 -31.36
N GLN C 651 -25.53 -28.31 -32.30
CA GLN C 651 -25.49 -28.65 -33.73
C GLN C 651 -24.05 -28.59 -34.23
N LEU C 652 -23.46 -29.76 -34.45
CA LEU C 652 -22.14 -29.84 -35.05
C LEU C 652 -22.23 -29.63 -36.55
N ILE C 653 -22.20 -28.36 -36.98
CA ILE C 653 -22.40 -28.00 -38.37
C ILE C 653 -21.06 -27.54 -38.94
N TYR C 654 -20.48 -28.36 -39.82
CA TYR C 654 -19.28 -27.99 -40.55
C TYR C 654 -19.67 -27.08 -41.70
N VAL C 655 -19.09 -25.89 -41.76
CA VAL C 655 -19.41 -24.97 -42.86
C VAL C 655 -18.72 -25.47 -44.14
N PRO C 656 -19.44 -25.55 -45.26
CA PRO C 656 -18.87 -26.17 -46.46
C PRO C 656 -18.23 -25.16 -47.40
N LEU C 657 -17.37 -25.69 -48.27
CA LEU C 657 -16.85 -24.91 -49.39
C LEU C 657 -17.95 -24.77 -50.43
N PRO C 658 -18.16 -23.59 -51.00
CA PRO C 658 -19.25 -23.42 -51.96
C PRO C 658 -18.97 -24.11 -53.28
N ASP C 659 -20.05 -24.59 -53.91
CA ASP C 659 -19.97 -25.28 -55.18
C ASP C 659 -20.14 -24.28 -56.32
N GLU C 660 -20.32 -24.79 -57.54
CA GLU C 660 -20.47 -23.92 -58.71
C GLU C 660 -21.84 -23.25 -58.77
N ASN C 661 -22.82 -23.73 -57.99
CA ASN C 661 -24.14 -23.12 -57.98
C ASN C 661 -24.25 -21.97 -56.99
N ALA C 662 -23.32 -21.88 -56.04
CA ALA C 662 -23.36 -20.83 -55.02
C ALA C 662 -22.27 -19.79 -55.18
N ARG C 663 -21.28 -20.02 -56.05
CA ARG C 663 -20.20 -19.07 -56.24
C ARG C 663 -20.52 -17.97 -57.24
N LEU C 664 -21.75 -17.94 -57.77
CA LEU C 664 -22.18 -16.84 -58.61
C LEU C 664 -22.65 -15.65 -57.79
N SER C 665 -23.33 -15.92 -56.67
CA SER C 665 -23.77 -14.86 -55.77
C SER C 665 -22.67 -14.38 -54.83
N ILE C 666 -21.50 -15.03 -54.84
CA ILE C 666 -20.37 -14.55 -54.05
C ILE C 666 -19.84 -13.25 -54.63
N LEU C 667 -19.66 -13.20 -55.96
CA LEU C 667 -19.27 -11.95 -56.60
C LEU C 667 -20.41 -10.94 -56.58
N ASN C 668 -21.66 -11.42 -56.60
CA ASN C 668 -22.82 -10.54 -56.58
C ASN C 668 -23.03 -9.86 -55.24
N ALA C 669 -22.37 -10.34 -54.18
CA ALA C 669 -22.44 -9.66 -52.89
C ALA C 669 -21.70 -8.32 -52.93
N GLN C 670 -20.68 -8.20 -53.79
CA GLN C 670 -19.99 -6.93 -53.98
C GLN C 670 -20.56 -6.11 -55.13
N LEU C 671 -21.15 -6.77 -56.13
CA LEU C 671 -21.72 -6.08 -57.29
C LEU C 671 -23.07 -5.45 -57.01
N ARG C 672 -23.63 -5.63 -55.82
CA ARG C 672 -24.89 -5.00 -55.47
C ARG C 672 -24.72 -3.49 -55.29
N LYS C 673 -23.58 -3.07 -54.74
CA LYS C 673 -23.32 -1.66 -54.47
C LYS C 673 -22.49 -0.97 -55.54
N THR C 674 -21.73 -1.71 -56.34
CA THR C 674 -20.99 -0.99 -57.37
C THR C 674 -21.72 -1.06 -58.71
N PRO C 675 -21.68 0.02 -59.51
CA PRO C 675 -22.35 -0.02 -60.82
C PRO C 675 -21.57 -0.80 -61.86
N LEU C 676 -21.73 -2.11 -61.87
CA LEU C 676 -21.09 -2.94 -62.88
C LEU C 676 -21.79 -2.78 -64.23
N GLU C 677 -21.00 -2.72 -65.29
CA GLU C 677 -21.53 -2.64 -66.65
C GLU C 677 -22.23 -3.95 -67.01
N PRO C 678 -23.45 -3.90 -67.56
CA PRO C 678 -24.17 -5.14 -67.89
C PRO C 678 -23.62 -5.88 -69.10
N GLY C 679 -22.73 -5.27 -69.87
CA GLY C 679 -22.11 -5.99 -70.98
C GLY C 679 -21.13 -7.06 -70.53
N LEU C 680 -20.52 -6.87 -69.37
CA LEU C 680 -19.62 -7.87 -68.82
C LEU C 680 -20.42 -9.04 -68.26
N GLU C 681 -20.01 -10.25 -68.61
CA GLU C 681 -20.72 -11.45 -68.19
C GLU C 681 -20.43 -11.74 -66.72
N LEU C 682 -21.49 -11.97 -65.95
CA LEU C 682 -21.35 -12.15 -64.51
C LEU C 682 -20.79 -13.52 -64.16
N THR C 683 -21.08 -14.54 -64.97
CA THR C 683 -20.63 -15.90 -64.69
C THR C 683 -19.31 -16.23 -65.37
N ALA C 684 -18.77 -15.34 -66.22
CA ALA C 684 -17.51 -15.62 -66.88
C ALA C 684 -16.33 -15.52 -65.91
N ILE C 685 -16.37 -14.58 -64.98
CA ILE C 685 -15.32 -14.49 -63.96
C ILE C 685 -15.56 -15.53 -62.87
N ALA C 686 -16.81 -15.90 -62.62
CA ALA C 686 -17.12 -16.89 -61.59
C ALA C 686 -16.79 -18.32 -62.03
N LYS C 687 -16.65 -18.56 -63.33
CA LYS C 687 -16.35 -19.89 -63.83
C LYS C 687 -14.86 -20.24 -63.74
N ALA C 688 -14.01 -19.29 -63.34
CA ALA C 688 -12.59 -19.56 -63.15
C ALA C 688 -12.29 -20.22 -61.81
N THR C 689 -13.30 -20.38 -60.95
CA THR C 689 -13.14 -21.00 -59.63
C THR C 689 -13.41 -22.49 -59.74
N GLN C 690 -12.42 -23.30 -59.37
CA GLN C 690 -12.54 -24.76 -59.40
C GLN C 690 -12.16 -25.33 -58.03
N GLY C 691 -12.73 -24.75 -56.98
CA GLY C 691 -12.42 -25.18 -55.62
C GLY C 691 -11.94 -24.04 -54.75
N PHE C 692 -12.29 -22.82 -55.11
CA PHE C 692 -11.88 -21.64 -54.37
C PHE C 692 -12.82 -21.40 -53.19
N SER C 693 -12.47 -20.40 -52.37
CA SER C 693 -13.24 -20.04 -51.20
C SER C 693 -14.10 -18.82 -51.49
N GLY C 694 -14.90 -18.43 -50.49
CA GLY C 694 -15.76 -17.26 -50.64
C GLY C 694 -15.04 -15.93 -50.53
N ALA C 695 -13.87 -15.91 -49.88
CA ALA C 695 -13.11 -14.67 -49.78
C ALA C 695 -12.22 -14.44 -50.99
N ASP C 696 -11.97 -15.48 -51.79
CA ASP C 696 -11.08 -15.36 -52.94
C ASP C 696 -11.70 -14.52 -54.05
N LEU C 697 -13.04 -14.51 -54.15
CA LEU C 697 -13.70 -13.66 -55.14
C LEU C 697 -13.81 -12.21 -54.68
N LEU C 698 -13.58 -11.93 -53.40
CA LEU C 698 -13.35 -10.56 -52.96
C LEU C 698 -11.98 -10.06 -53.37
N TYR C 699 -10.99 -10.95 -53.44
CA TYR C 699 -9.65 -10.57 -53.88
C TYR C 699 -9.64 -10.17 -55.36
N ILE C 700 -10.55 -10.71 -56.16
CA ILE C 700 -10.65 -10.32 -57.55
C ILE C 700 -11.20 -8.90 -57.67
N VAL C 701 -12.27 -8.60 -56.94
CA VAL C 701 -12.83 -7.24 -56.97
C VAL C 701 -11.96 -6.26 -56.18
N GLN C 702 -11.08 -6.75 -55.29
CA GLN C 702 -10.07 -5.89 -54.69
C GLN C 702 -8.93 -5.63 -55.67
N ARG C 703 -8.57 -6.65 -56.46
CA ARG C 703 -7.60 -6.44 -57.54
C ARG C 703 -8.18 -5.56 -58.63
N ALA C 704 -9.48 -5.69 -58.89
CA ALA C 704 -10.15 -4.83 -59.87
C ALA C 704 -10.44 -3.44 -59.31
N ALA C 705 -10.34 -3.24 -57.99
CA ALA C 705 -10.52 -1.91 -57.42
C ALA C 705 -9.34 -1.01 -57.76
N LYS C 706 -8.16 -1.60 -57.95
CA LYS C 706 -6.97 -0.85 -58.37
C LYS C 706 -6.62 -1.06 -59.84
N TYR C 707 -7.43 -1.80 -60.58
CA TYR C 707 -7.20 -2.05 -62.00
C TYR C 707 -8.25 -1.38 -62.88
N ALA C 708 -9.22 -0.70 -62.28
CA ALA C 708 -10.30 -0.11 -63.05
C ALA C 708 -10.05 1.34 -63.44
N ILE C 709 -9.28 2.08 -62.65
CA ILE C 709 -9.17 3.51 -62.86
C ILE C 709 -8.09 3.79 -63.89
N LYS C 710 -6.82 3.62 -63.49
CA LYS C 710 -5.63 3.45 -64.32
C LYS C 710 -5.25 4.64 -65.22
N ASP C 711 -6.10 5.67 -65.31
CA ASP C 711 -5.79 6.78 -66.21
C ASP C 711 -6.21 8.13 -65.63
N SER C 712 -6.86 8.13 -64.46
CA SER C 712 -7.46 9.34 -63.93
C SER C 712 -6.60 10.03 -62.88
N ILE C 713 -5.28 9.94 -62.98
CA ILE C 713 -4.40 10.61 -62.04
C ILE C 713 -4.03 11.99 -62.58
N ASN D 209 7.16 36.55 -24.95
CA ASN D 209 6.66 37.77 -24.35
C ASN D 209 5.38 38.24 -25.05
N GLU D 210 5.54 38.96 -26.15
CA GLU D 210 4.44 39.46 -26.96
C GLU D 210 4.50 38.77 -28.31
N VAL D 211 3.81 37.64 -28.42
CA VAL D 211 3.80 36.85 -29.64
C VAL D 211 2.51 37.10 -30.39
N GLY D 212 2.54 36.84 -31.70
CA GLY D 212 1.38 37.08 -32.54
C GLY D 212 0.96 35.88 -33.36
N TYR D 213 0.18 36.12 -34.41
CA TYR D 213 -0.32 35.01 -35.24
C TYR D 213 0.74 34.51 -36.21
N ASP D 214 1.65 35.39 -36.65
CA ASP D 214 2.62 35.05 -37.69
C ASP D 214 3.89 34.41 -37.15
N ASP D 215 3.88 33.90 -35.91
CA ASP D 215 5.07 33.31 -35.32
C ASP D 215 5.17 31.80 -35.54
N ILE D 216 4.07 31.13 -35.88
CA ILE D 216 4.08 29.68 -36.06
C ILE D 216 3.25 29.33 -37.29
N GLY D 217 3.62 28.23 -37.94
CA GLY D 217 2.88 27.73 -39.08
C GLY D 217 2.76 26.22 -39.08
N GLY D 218 2.52 25.62 -40.25
CA GLY D 218 2.38 24.18 -40.33
C GLY D 218 0.96 23.71 -40.07
N CYS D 219 0.39 24.14 -38.95
CA CYS D 219 -0.97 23.80 -38.54
C CYS D 219 -1.96 24.91 -38.89
N ARG D 220 -1.71 25.60 -40.01
CA ARG D 220 -2.51 26.73 -40.43
C ARG D 220 -3.94 26.32 -40.79
N LYS D 221 -4.11 25.09 -41.29
CA LYS D 221 -5.45 24.55 -41.51
C LYS D 221 -6.18 24.32 -40.19
N GLN D 222 -5.44 23.99 -39.13
CA GLN D 222 -6.02 23.89 -37.80
C GLN D 222 -6.00 25.22 -37.06
N MET D 223 -5.12 26.13 -37.44
CA MET D 223 -5.10 27.46 -36.83
C MET D 223 -6.30 28.30 -37.29
N ALA D 224 -6.80 28.04 -38.49
CA ALA D 224 -7.97 28.77 -38.97
C ALA D 224 -9.25 28.29 -38.27
N GLN D 225 -9.36 26.98 -38.03
CA GLN D 225 -10.51 26.46 -37.32
C GLN D 225 -10.44 26.71 -35.82
N ILE D 226 -9.25 27.04 -35.30
CA ILE D 226 -9.15 27.48 -33.91
C ILE D 226 -9.66 28.91 -33.78
N ARG D 227 -9.37 29.75 -34.78
CA ARG D 227 -9.76 31.16 -34.73
C ARG D 227 -11.27 31.36 -34.84
N GLU D 228 -12.00 30.35 -35.34
CA GLU D 228 -13.45 30.39 -35.29
C GLU D 228 -14.00 29.70 -34.06
N MET D 229 -13.15 29.16 -33.18
CA MET D 229 -13.58 28.44 -32.00
C MET D 229 -13.41 29.25 -30.72
N VAL D 230 -12.35 30.04 -30.61
CA VAL D 230 -12.08 30.79 -29.39
C VAL D 230 -12.20 32.30 -29.59
N GLU D 231 -12.12 32.80 -30.82
CA GLU D 231 -12.26 34.23 -31.09
C GLU D 231 -13.67 34.61 -31.53
N LEU D 232 -14.32 33.76 -32.32
CA LEU D 232 -15.68 34.04 -32.78
C LEU D 232 -16.75 34.02 -31.67
N PRO D 233 -16.76 33.09 -30.69
CA PRO D 233 -17.71 33.27 -29.58
C PRO D 233 -17.37 34.42 -28.64
N LEU D 234 -16.11 34.86 -28.59
CA LEU D 234 -15.72 35.95 -27.71
C LEU D 234 -15.97 37.31 -28.34
N ARG D 235 -15.59 37.49 -29.60
CA ARG D 235 -15.81 38.78 -30.26
C ARG D 235 -17.25 38.98 -30.67
N HIS D 236 -17.94 37.90 -31.09
CA HIS D 236 -19.34 37.98 -31.49
C HIS D 236 -20.15 36.95 -30.72
N PRO D 237 -20.55 37.26 -29.48
CA PRO D 237 -21.39 36.33 -28.73
C PRO D 237 -22.85 36.38 -29.12
N GLN D 238 -23.28 37.43 -29.84
CA GLN D 238 -24.67 37.56 -30.24
C GLN D 238 -25.02 36.72 -31.46
N LEU D 239 -24.02 36.15 -32.14
CA LEU D 239 -24.31 35.28 -33.29
C LEU D 239 -24.91 33.95 -32.83
N PHE D 240 -24.50 33.47 -31.66
CA PHE D 240 -25.08 32.25 -31.11
C PHE D 240 -26.46 32.51 -30.54
N LYS D 241 -26.76 33.77 -30.19
CA LYS D 241 -28.10 34.12 -29.73
C LYS D 241 -29.11 34.06 -30.89
N ALA D 242 -28.68 34.44 -32.09
CA ALA D 242 -29.57 34.39 -33.24
C ALA D 242 -29.83 32.96 -33.68
N ILE D 243 -28.83 32.09 -33.55
CA ILE D 243 -29.01 30.69 -33.94
C ILE D 243 -29.64 29.88 -32.80
N GLY D 244 -29.65 30.40 -31.58
CA GLY D 244 -30.35 29.76 -30.49
C GLY D 244 -29.49 28.96 -29.54
N ILE D 245 -28.50 28.24 -30.05
CA ILE D 245 -27.70 27.34 -29.24
C ILE D 245 -26.65 28.12 -28.47
N LYS D 246 -26.05 27.49 -27.47
CA LYS D 246 -25.00 28.12 -26.70
C LYS D 246 -23.65 27.98 -27.43
N PRO D 247 -22.74 28.93 -27.24
CA PRO D 247 -21.39 28.78 -27.81
C PRO D 247 -20.62 27.70 -27.07
N PRO D 248 -19.66 27.04 -27.75
CA PRO D 248 -18.89 26.00 -27.08
C PRO D 248 -17.92 26.58 -26.07
N ARG D 249 -17.66 25.79 -25.03
CA ARG D 249 -16.82 26.20 -23.91
C ARG D 249 -15.44 25.58 -23.93
N GLY D 250 -15.34 24.29 -24.20
CA GLY D 250 -14.07 23.60 -24.09
C GLY D 250 -13.52 23.02 -25.38
N VAL D 251 -12.33 23.47 -25.77
CA VAL D 251 -11.60 22.90 -26.89
C VAL D 251 -10.20 22.54 -26.40
N LEU D 252 -9.77 21.31 -26.68
CA LEU D 252 -8.50 20.80 -26.19
C LEU D 252 -7.57 20.51 -27.37
N MET D 253 -6.27 20.55 -27.09
CA MET D 253 -5.24 20.26 -28.06
C MET D 253 -4.32 19.17 -27.53
N TYR D 254 -3.68 18.45 -28.44
CA TYR D 254 -2.80 17.35 -28.07
C TYR D 254 -1.74 17.19 -29.16
N GLY D 255 -0.97 16.10 -29.07
CA GLY D 255 0.12 15.86 -29.98
C GLY D 255 1.41 15.64 -29.23
N PRO D 256 2.54 15.68 -29.93
CA PRO D 256 3.83 15.60 -29.24
C PRO D 256 4.12 16.91 -28.52
N PRO D 257 4.66 16.84 -27.29
CA PRO D 257 4.96 18.08 -26.56
C PRO D 257 6.19 18.77 -27.15
N GLY D 258 6.08 20.07 -27.36
CA GLY D 258 7.19 20.78 -27.96
C GLY D 258 6.94 21.20 -29.39
N THR D 259 5.72 20.99 -29.90
CA THR D 259 5.28 21.61 -31.14
C THR D 259 4.73 23.01 -30.93
N GLY D 260 4.94 23.56 -29.73
CA GLY D 260 4.38 24.85 -29.36
C GLY D 260 2.99 24.72 -28.80
N LYS D 261 2.78 23.85 -27.81
CA LYS D 261 1.44 23.78 -27.24
C LYS D 261 1.16 24.96 -26.30
N THR D 262 2.15 25.37 -25.52
CA THR D 262 1.98 26.50 -24.63
C THR D 262 2.12 27.84 -25.36
N LEU D 263 2.83 27.86 -26.48
CA LEU D 263 3.01 29.11 -27.22
C LEU D 263 1.79 29.42 -28.07
N MET D 264 0.99 28.39 -28.40
CA MET D 264 -0.20 28.60 -29.22
C MET D 264 -1.29 29.33 -28.44
N ALA D 265 -1.42 29.01 -27.14
CA ALA D 265 -2.43 29.66 -26.32
C ALA D 265 -2.06 31.10 -26.01
N ARG D 266 -0.76 31.38 -25.85
CA ARG D 266 -0.32 32.75 -25.60
C ARG D 266 -0.37 33.60 -26.85
N ALA D 267 -0.34 32.98 -28.03
CA ALA D 267 -0.42 33.76 -29.28
C ALA D 267 -1.84 34.26 -29.52
N VAL D 268 -2.84 33.41 -29.28
CA VAL D 268 -4.22 33.82 -29.48
C VAL D 268 -4.73 34.68 -28.33
N ALA D 269 -4.03 34.68 -27.19
CA ALA D 269 -4.44 35.53 -26.08
C ALA D 269 -4.04 36.98 -26.31
N ASN D 270 -2.81 37.20 -26.77
CA ASN D 270 -2.31 38.55 -27.05
C ASN D 270 -2.89 39.12 -28.33
N GLU D 271 -3.43 38.31 -29.21
CA GLU D 271 -4.06 38.78 -30.44
C GLU D 271 -5.54 39.11 -30.27
N THR D 272 -6.07 38.93 -29.06
CA THR D 272 -7.47 39.26 -28.77
C THR D 272 -7.66 40.29 -27.68
N GLY D 273 -6.68 40.50 -26.80
CA GLY D 273 -6.80 41.50 -25.77
C GLY D 273 -7.64 41.10 -24.58
N ALA D 274 -8.00 39.82 -24.45
CA ALA D 274 -8.84 39.38 -23.36
C ALA D 274 -7.99 38.94 -22.17
N PHE D 275 -8.67 38.60 -21.08
CA PHE D 275 -7.99 38.10 -19.89
C PHE D 275 -7.48 36.69 -20.13
N PHE D 276 -6.31 36.40 -19.54
CA PHE D 276 -5.60 35.14 -19.78
C PHE D 276 -5.30 34.50 -18.43
N PHE D 277 -6.17 33.58 -18.01
CA PHE D 277 -5.98 32.84 -16.77
C PHE D 277 -5.25 31.54 -17.07
N LEU D 278 -4.36 31.14 -16.16
CA LEU D 278 -3.50 29.98 -16.34
C LEU D 278 -3.46 29.15 -15.07
N ILE D 279 -3.80 27.87 -15.18
CA ILE D 279 -3.67 26.91 -14.09
C ILE D 279 -2.76 25.79 -14.57
N ASN D 280 -1.63 25.62 -13.90
CA ASN D 280 -0.67 24.60 -14.30
C ASN D 280 -1.12 23.23 -13.82
N GLY D 281 -0.80 22.21 -14.63
CA GLY D 281 -1.17 20.84 -14.34
C GLY D 281 -0.47 20.24 -13.15
N PRO D 282 0.86 20.02 -13.24
CA PRO D 282 1.57 19.38 -12.13
C PRO D 282 1.85 20.28 -10.92
N GLU D 283 1.33 21.52 -10.92
CA GLU D 283 1.50 22.42 -9.80
C GLU D 283 0.33 22.39 -8.83
N VAL D 284 -0.91 22.49 -9.33
CA VAL D 284 -2.06 22.54 -8.44
C VAL D 284 -2.53 21.16 -8.01
N MET D 285 -2.07 20.10 -8.66
CA MET D 285 -2.44 18.74 -8.29
C MET D 285 -1.48 18.11 -7.29
N SER D 286 -0.35 18.75 -7.01
CA SER D 286 0.63 18.25 -6.05
C SER D 286 0.33 18.68 -4.62
N LYS D 287 -0.77 19.38 -4.40
CA LYS D 287 -1.17 19.78 -3.06
C LYS D 287 -1.88 18.63 -2.36
N MET D 288 -2.25 18.83 -1.10
CA MET D 288 -2.82 17.76 -0.28
C MET D 288 -4.34 17.70 -0.37
N ALA D 289 -4.85 17.69 -1.61
CA ALA D 289 -6.25 17.45 -1.98
C ALA D 289 -7.25 18.39 -1.33
N GLY D 290 -6.82 19.54 -0.82
CA GLY D 290 -7.73 20.46 -0.16
C GLY D 290 -7.71 21.85 -0.74
N GLU D 291 -6.57 22.24 -1.32
CA GLU D 291 -6.46 23.58 -1.90
C GLU D 291 -6.67 23.55 -3.41
N SER D 292 -6.70 22.36 -4.01
CA SER D 292 -6.90 22.26 -5.45
C SER D 292 -8.35 22.57 -5.83
N GLU D 293 -9.30 22.14 -4.99
CA GLU D 293 -10.71 22.41 -5.27
C GLU D 293 -11.07 23.87 -5.04
N SER D 294 -10.31 24.59 -4.21
CA SER D 294 -10.53 26.02 -4.03
C SER D 294 -9.77 26.85 -5.06
N ASN D 295 -8.69 26.33 -5.62
CA ASN D 295 -7.99 27.03 -6.69
C ASN D 295 -8.81 27.01 -7.98
N LEU D 296 -9.50 25.90 -8.25
CA LEU D 296 -10.39 25.85 -9.41
C LEU D 296 -11.65 26.67 -9.18
N ARG D 297 -12.09 26.82 -7.93
CA ARG D 297 -13.21 27.70 -7.63
C ARG D 297 -12.80 29.15 -7.76
N LYS D 298 -11.54 29.46 -7.45
CA LYS D 298 -11.04 30.82 -7.65
C LYS D 298 -10.74 31.10 -9.12
N ALA D 299 -10.52 30.05 -9.92
CA ALA D 299 -10.19 30.24 -11.32
C ALA D 299 -11.43 30.67 -12.13
N PHE D 300 -12.57 30.04 -11.88
CA PHE D 300 -13.76 30.37 -12.64
C PHE D 300 -14.44 31.63 -12.11
N GLU D 301 -14.21 31.97 -10.84
CA GLU D 301 -14.83 33.17 -10.27
C GLU D 301 -14.11 34.43 -10.75
N GLU D 302 -12.79 34.37 -10.90
CA GLU D 302 -12.05 35.53 -11.36
C GLU D 302 -12.24 35.77 -12.86
N ALA D 303 -12.41 34.69 -13.63
CA ALA D 303 -12.63 34.85 -15.07
C ALA D 303 -14.03 35.42 -15.36
N GLU D 304 -14.99 35.16 -14.48
CA GLU D 304 -16.32 35.72 -14.64
C GLU D 304 -16.34 37.20 -14.32
N LYS D 305 -15.45 37.66 -13.45
CA LYS D 305 -15.46 39.05 -13.01
C LYS D 305 -14.92 39.98 -14.10
N ASN D 306 -13.95 39.52 -14.87
CA ASN D 306 -13.32 40.36 -15.89
C ASN D 306 -13.52 39.79 -17.28
N ALA D 307 -14.75 39.43 -17.62
CA ALA D 307 -15.07 38.94 -18.95
C ALA D 307 -14.89 40.06 -19.98
N PRO D 308 -14.41 39.75 -21.20
CA PRO D 308 -14.04 38.45 -21.80
C PRO D 308 -12.74 37.86 -21.28
N ALA D 309 -12.72 36.54 -21.11
CA ALA D 309 -11.58 35.86 -20.50
C ALA D 309 -11.42 34.49 -21.13
N ILE D 310 -10.17 34.03 -21.20
CA ILE D 310 -9.86 32.65 -21.58
C ILE D 310 -9.19 31.99 -20.40
N ILE D 311 -9.28 30.65 -20.36
CA ILE D 311 -8.66 29.84 -19.31
C ILE D 311 -7.84 28.77 -20.02
N PHE D 312 -6.52 28.84 -19.87
CA PHE D 312 -5.62 27.87 -20.48
C PHE D 312 -5.05 26.97 -19.40
N ILE D 313 -5.22 25.67 -19.57
CA ILE D 313 -4.60 24.68 -18.70
C ILE D 313 -3.77 23.73 -19.57
N ASP D 314 -2.69 23.23 -18.99
CA ASP D 314 -1.79 22.33 -19.69
C ASP D 314 -1.51 21.13 -18.80
N GLU D 315 -1.13 20.02 -19.44
CA GLU D 315 -0.87 18.72 -18.80
C GLU D 315 -2.09 18.25 -18.00
N ILE D 316 -3.22 18.10 -18.69
CA ILE D 316 -4.45 17.68 -18.05
C ILE D 316 -4.45 16.18 -17.77
N ASP D 317 -3.52 15.43 -18.38
CA ASP D 317 -3.39 14.01 -18.08
C ASP D 317 -2.84 13.80 -16.67
N SER D 318 -2.03 14.73 -16.16
CA SER D 318 -1.60 14.68 -14.78
C SER D 318 -2.72 15.00 -13.81
N ILE D 319 -3.72 15.75 -14.25
CA ILE D 319 -4.89 16.04 -13.43
C ILE D 319 -5.96 14.97 -13.59
N ALA D 320 -6.19 14.52 -14.83
CA ALA D 320 -7.25 13.57 -15.16
C ALA D 320 -6.63 12.31 -15.77
N PRO D 321 -6.25 11.34 -14.94
CA PRO D 321 -5.81 10.05 -15.49
C PRO D 321 -6.99 9.11 -15.70
N LYS D 322 -6.73 7.89 -16.16
CA LYS D 322 -7.77 6.88 -16.34
C LYS D 322 -7.77 5.91 -15.17
N ARG D 323 -8.92 5.25 -14.99
CA ARG D 323 -9.07 4.24 -13.97
C ARG D 323 -8.59 2.91 -14.52
N ASP D 324 -7.62 2.30 -13.84
CA ASP D 324 -6.98 1.09 -14.32
C ASP D 324 -6.86 0.11 -13.15
N LYS D 325 -6.11 -0.98 -13.38
CA LYS D 325 -5.92 -1.99 -12.36
C LYS D 325 -4.98 -1.55 -11.24
N THR D 326 -4.14 -0.54 -11.49
CA THR D 326 -3.17 -0.07 -10.50
C THR D 326 -3.81 1.08 -9.70
N ASN D 327 -4.82 0.72 -8.92
CA ASN D 327 -5.46 1.66 -8.04
C ASN D 327 -4.60 1.93 -6.81
N GLY D 328 -4.78 3.10 -6.22
CA GLY D 328 -3.98 3.51 -5.08
C GLY D 328 -3.65 4.98 -5.09
N GLU D 329 -3.90 5.63 -6.23
CA GLU D 329 -3.71 7.07 -6.33
C GLU D 329 -4.92 7.80 -5.75
N VAL D 330 -4.87 9.13 -5.78
CA VAL D 330 -5.99 9.92 -5.28
C VAL D 330 -7.15 9.90 -6.28
N GLU D 331 -6.89 10.28 -7.53
CA GLU D 331 -7.72 10.13 -8.74
C GLU D 331 -9.13 10.76 -8.63
N ARG D 332 -9.42 11.51 -7.57
CA ARG D 332 -10.75 12.03 -7.32
C ARG D 332 -10.62 13.38 -6.63
N ARG D 333 -11.78 14.02 -6.40
CA ARG D 333 -12.01 15.25 -5.62
C ARG D 333 -11.48 16.51 -6.33
N VAL D 334 -10.77 16.33 -7.43
CA VAL D 334 -10.27 17.46 -8.22
C VAL D 334 -10.92 17.49 -9.61
N VAL D 335 -11.00 16.34 -10.27
CA VAL D 335 -11.66 16.28 -11.58
C VAL D 335 -13.17 16.34 -11.41
N SER D 336 -13.69 15.83 -10.28
CA SER D 336 -15.12 15.95 -10.00
C SER D 336 -15.50 17.37 -9.65
N GLN D 337 -14.55 18.14 -9.10
CA GLN D 337 -14.77 19.57 -8.93
C GLN D 337 -14.81 20.27 -10.28
N LEU D 338 -14.02 19.79 -11.24
CA LEU D 338 -14.04 20.38 -12.58
C LEU D 338 -15.29 19.98 -13.35
N LEU D 339 -15.91 18.85 -12.98
CA LEU D 339 -17.14 18.44 -13.66
C LEU D 339 -18.32 19.32 -13.24
N THR D 340 -18.45 19.60 -11.95
CA THR D 340 -19.54 20.42 -11.47
C THR D 340 -19.31 21.92 -11.70
N LEU D 341 -18.10 22.32 -12.07
CA LEU D 341 -17.85 23.73 -12.35
C LEU D 341 -18.08 24.06 -13.82
N MET D 342 -17.86 23.08 -14.71
CA MET D 342 -17.85 23.38 -16.13
C MET D 342 -19.24 23.22 -16.75
N ASP D 343 -20.09 22.36 -16.19
CA ASP D 343 -21.42 22.14 -16.76
C ASP D 343 -22.35 23.33 -16.55
N GLY D 344 -22.08 24.19 -15.59
CA GLY D 344 -22.82 25.43 -15.42
C GLY D 344 -22.25 26.54 -16.26
N MET D 345 -22.35 27.77 -15.74
CA MET D 345 -21.68 29.00 -16.20
C MET D 345 -21.95 29.40 -17.66
N LYS D 346 -22.89 28.73 -18.32
CA LYS D 346 -23.16 28.96 -19.74
C LYS D 346 -24.27 29.98 -19.96
N ALA D 347 -24.44 30.94 -19.04
CA ALA D 347 -25.45 31.99 -19.18
C ALA D 347 -24.86 33.17 -19.94
N ARG D 348 -24.60 32.92 -21.23
CA ARG D 348 -23.91 33.79 -22.21
C ARG D 348 -22.74 34.57 -21.61
N SER D 349 -21.88 33.84 -20.90
CA SER D 349 -20.67 34.41 -20.32
C SER D 349 -19.52 34.26 -21.30
N ASN D 350 -18.69 35.30 -21.41
CA ASN D 350 -17.58 35.32 -22.34
C ASN D 350 -16.36 34.66 -21.71
N VAL D 351 -16.47 33.34 -21.51
CA VAL D 351 -15.39 32.53 -20.95
C VAL D 351 -15.27 31.24 -21.76
N VAL D 352 -14.03 30.84 -22.02
CA VAL D 352 -13.71 29.58 -22.67
C VAL D 352 -12.57 28.92 -21.90
N VAL D 353 -12.51 27.60 -21.97
CA VAL D 353 -11.44 26.82 -21.36
C VAL D 353 -10.68 26.08 -22.46
N ILE D 354 -9.35 26.08 -22.35
CA ILE D 354 -8.47 25.45 -23.33
C ILE D 354 -7.57 24.48 -22.59
N ALA D 355 -7.63 23.21 -22.96
CA ALA D 355 -6.81 22.17 -22.35
C ALA D 355 -5.69 21.74 -23.28
N ALA D 356 -4.62 21.24 -22.69
CA ALA D 356 -3.46 20.77 -23.43
C ALA D 356 -2.86 19.56 -22.72
N THR D 357 -2.44 18.57 -23.49
CA THR D 357 -1.89 17.34 -22.93
C THR D 357 -0.91 16.74 -23.93
N ASN D 358 -0.24 15.66 -23.51
CA ASN D 358 0.70 14.95 -24.35
C ASN D 358 0.09 13.70 -24.97
N ARG D 359 -0.44 12.80 -24.14
CA ARG D 359 -1.09 11.60 -24.63
C ARG D 359 -2.60 11.83 -24.65
N PRO D 360 -3.25 11.88 -25.80
CA PRO D 360 -4.69 12.17 -25.85
C PRO D 360 -5.59 10.99 -25.48
N ASN D 361 -5.03 9.81 -25.23
CA ASN D 361 -5.82 8.65 -24.86
C ASN D 361 -5.70 8.27 -23.39
N SER D 362 -4.84 8.97 -22.63
CA SER D 362 -4.77 8.76 -21.19
C SER D 362 -5.77 9.63 -20.42
N ILE D 363 -6.53 10.47 -21.12
CA ILE D 363 -7.49 11.35 -20.47
C ILE D 363 -8.72 10.53 -20.09
N ASP D 364 -9.42 10.95 -19.04
CA ASP D 364 -10.64 10.29 -18.62
C ASP D 364 -11.74 10.51 -19.66
N PRO D 365 -12.50 9.48 -20.03
CA PRO D 365 -13.52 9.65 -21.08
C PRO D 365 -14.73 10.46 -20.65
N ALA D 366 -14.88 10.77 -19.36
CA ALA D 366 -15.98 11.63 -18.92
C ALA D 366 -15.80 13.08 -19.35
N LEU D 367 -14.56 13.51 -19.59
CA LEU D 367 -14.33 14.88 -20.05
C LEU D 367 -14.73 15.05 -21.50
N ARG D 368 -14.37 14.09 -22.35
CA ARG D 368 -14.67 14.18 -23.78
C ARG D 368 -15.98 13.50 -24.13
N ARG D 369 -17.06 13.84 -23.41
CA ARG D 369 -18.37 13.30 -23.72
C ARG D 369 -19.25 14.31 -24.46
N PHE D 370 -19.55 15.44 -23.81
CA PHE D 370 -20.37 16.51 -24.36
C PHE D 370 -20.30 17.71 -23.41
N GLY D 371 -20.24 18.91 -23.99
CA GLY D 371 -20.39 20.14 -23.23
C GLY D 371 -19.21 20.58 -22.40
N ARG D 372 -18.23 19.72 -22.18
CA ARG D 372 -17.05 20.05 -21.39
C ARG D 372 -15.79 20.13 -22.22
N PHE D 373 -15.49 19.09 -22.99
CA PHE D 373 -14.41 19.13 -23.98
C PHE D 373 -14.89 18.34 -25.21
N ASP D 374 -15.53 19.05 -26.14
CA ASP D 374 -16.15 18.41 -27.29
C ASP D 374 -15.37 18.57 -28.57
N ARG D 375 -14.62 19.65 -28.73
CA ARG D 375 -13.85 19.90 -29.94
C ARG D 375 -12.37 19.62 -29.67
N GLU D 376 -11.73 18.91 -30.59
CA GLU D 376 -10.33 18.54 -30.45
C GLU D 376 -9.56 18.90 -31.71
N VAL D 377 -8.28 19.21 -31.53
CA VAL D 377 -7.37 19.53 -32.62
C VAL D 377 -6.10 18.72 -32.44
N ASP D 378 -5.50 18.29 -33.55
CA ASP D 378 -4.33 17.42 -33.54
C ASP D 378 -3.16 18.17 -34.16
N ILE D 379 -2.43 18.92 -33.32
CA ILE D 379 -1.22 19.60 -33.76
C ILE D 379 -0.06 18.61 -33.62
N GLY D 380 0.36 18.03 -34.73
CA GLY D 380 1.43 17.06 -34.74
C GLY D 380 2.72 17.64 -35.28
N ILE D 381 3.53 16.76 -35.86
CA ILE D 381 4.79 17.17 -36.48
C ILE D 381 4.49 17.86 -37.82
N PRO D 382 5.22 18.88 -38.21
CA PRO D 382 4.96 19.55 -39.48
C PRO D 382 5.51 18.73 -40.64
N ASP D 383 5.15 19.16 -41.85
CA ASP D 383 5.62 18.53 -43.08
C ASP D 383 6.93 19.19 -43.51
N ALA D 384 7.35 18.94 -44.75
CA ALA D 384 8.58 19.54 -45.26
C ALA D 384 8.42 21.04 -45.47
N THR D 385 7.22 21.48 -45.83
CA THR D 385 6.97 22.91 -45.94
C THR D 385 6.66 23.53 -44.58
N GLY D 386 6.25 22.71 -43.61
CA GLY D 386 5.99 23.24 -42.28
C GLY D 386 7.25 23.59 -41.53
N ARG D 387 8.28 22.75 -41.64
CA ARG D 387 9.57 23.07 -41.03
C ARG D 387 10.29 24.16 -41.81
N LEU D 388 9.96 24.34 -43.09
CA LEU D 388 10.53 25.43 -43.88
C LEU D 388 10.00 26.78 -43.41
N GLU D 389 8.75 26.82 -42.95
CA GLU D 389 8.17 28.08 -42.50
C GLU D 389 8.74 28.50 -41.15
N VAL D 390 8.94 27.55 -40.24
CA VAL D 390 9.50 27.89 -38.93
C VAL D 390 11.01 28.11 -39.00
N LEU D 391 11.66 27.69 -40.08
CA LEU D 391 13.07 27.98 -40.25
C LEU D 391 13.28 29.44 -40.62
N ARG D 392 12.34 30.02 -41.37
CA ARG D 392 12.42 31.44 -41.70
C ARG D 392 12.03 32.31 -40.51
N ILE D 393 11.24 31.77 -39.58
CA ILE D 393 10.84 32.53 -38.40
C ILE D 393 11.98 32.63 -37.41
N HIS D 394 12.65 31.50 -37.13
CA HIS D 394 13.70 31.44 -36.13
C HIS D 394 15.04 31.99 -36.64
N THR D 395 15.14 32.38 -37.90
CA THR D 395 16.36 32.95 -38.45
C THR D 395 16.16 34.38 -38.95
N LYS D 396 15.23 35.13 -38.35
CA LYS D 396 14.95 36.48 -38.78
C LYS D 396 15.94 37.50 -38.23
N ASN D 397 16.70 37.15 -37.19
CA ASN D 397 17.64 38.07 -36.57
C ASN D 397 19.10 37.70 -36.75
N MET D 398 19.40 36.44 -37.07
CA MET D 398 20.79 36.00 -37.24
C MET D 398 21.28 36.46 -38.61
N LYS D 399 22.38 37.22 -38.62
CA LYS D 399 22.93 37.76 -39.86
C LYS D 399 23.70 36.65 -40.57
N LEU D 400 22.98 35.86 -41.36
CA LEU D 400 23.59 34.79 -42.13
C LEU D 400 24.10 35.34 -43.47
N ALA D 401 24.93 34.53 -44.13
CA ALA D 401 25.44 34.86 -45.44
C ALA D 401 24.56 34.24 -46.51
N ASP D 402 24.99 34.32 -47.77
CA ASP D 402 24.21 33.77 -48.89
C ASP D 402 24.51 32.30 -49.15
N ASP D 403 25.39 31.67 -48.37
CA ASP D 403 25.74 30.27 -48.60
C ASP D 403 24.75 29.30 -47.98
N VAL D 404 23.85 29.76 -47.13
CA VAL D 404 22.92 28.89 -46.42
C VAL D 404 21.74 28.57 -47.33
N ASP D 405 21.12 27.41 -47.10
CA ASP D 405 19.93 27.01 -47.82
C ASP D 405 18.74 26.93 -46.87
N LEU D 406 17.54 26.98 -47.44
CA LEU D 406 16.31 26.87 -46.66
C LEU D 406 15.47 25.66 -47.03
N GLU D 407 15.33 25.37 -48.32
CA GLU D 407 14.56 24.20 -48.74
C GLU D 407 15.33 22.91 -48.49
N ALA D 408 16.64 22.94 -48.74
CA ALA D 408 17.47 21.76 -48.51
C ALA D 408 17.71 21.55 -47.02
N LEU D 409 17.75 22.63 -46.23
CA LEU D 409 17.92 22.49 -44.79
C LEU D 409 16.65 21.97 -44.13
N ALA D 410 15.48 22.27 -44.69
CA ALA D 410 14.24 21.74 -44.15
C ALA D 410 14.03 20.29 -44.58
N ALA D 411 14.44 19.94 -45.80
CA ALA D 411 14.26 18.60 -46.30
C ALA D 411 15.24 17.61 -45.68
N GLU D 412 16.38 18.07 -45.18
CA GLU D 412 17.36 17.21 -44.55
C GLU D 412 17.04 16.93 -43.09
N THR D 413 15.98 17.52 -42.54
CA THR D 413 15.58 17.27 -41.17
C THR D 413 14.53 16.16 -41.07
N HIS D 414 13.36 16.36 -41.69
CA HIS D 414 12.33 15.35 -41.99
C HIS D 414 11.65 14.71 -40.77
N GLY D 415 12.10 15.02 -39.57
CA GLY D 415 11.47 14.51 -38.37
C GLY D 415 11.58 15.46 -37.20
N TYR D 416 12.00 16.69 -37.47
CA TYR D 416 12.35 17.62 -36.40
C TYR D 416 11.12 18.36 -35.89
N VAL D 417 10.88 18.25 -34.58
CA VAL D 417 9.81 18.99 -33.94
C VAL D 417 10.23 20.46 -33.83
N GLY D 418 9.24 21.37 -33.79
CA GLY D 418 9.46 22.81 -33.81
C GLY D 418 10.29 23.37 -32.66
N ALA D 419 10.41 22.65 -31.55
CA ALA D 419 11.29 23.11 -30.49
C ALA D 419 12.76 22.92 -30.85
N ASP D 420 13.06 21.98 -31.75
CA ASP D 420 14.45 21.76 -32.15
C ASP D 420 14.98 22.85 -33.05
N ILE D 421 14.11 23.59 -33.72
CA ILE D 421 14.55 24.63 -34.66
C ILE D 421 15.20 25.79 -33.93
N ALA D 422 14.74 26.09 -32.71
CA ALA D 422 15.39 27.13 -31.91
C ALA D 422 16.71 26.63 -31.35
N SER D 423 16.81 25.34 -31.06
CA SER D 423 18.05 24.80 -30.51
C SER D 423 19.10 24.56 -31.59
N LEU D 424 18.65 24.14 -32.78
CA LEU D 424 19.59 23.90 -33.88
C LEU D 424 20.13 25.19 -34.45
N CYS D 425 19.38 26.29 -34.34
CA CYS D 425 19.87 27.58 -34.79
C CYS D 425 20.89 28.16 -33.82
N SER D 426 20.67 27.95 -32.52
CA SER D 426 21.60 28.48 -31.51
C SER D 426 22.88 27.66 -31.45
N GLU D 427 22.81 26.37 -31.81
CA GLU D 427 24.01 25.54 -31.82
C GLU D 427 24.93 25.90 -32.98
N ALA D 428 24.35 26.20 -34.14
CA ALA D 428 25.14 26.62 -35.29
C ALA D 428 25.66 28.04 -35.12
N ALA D 429 24.92 28.89 -34.39
CA ALA D 429 25.37 30.26 -34.16
C ALA D 429 26.50 30.30 -33.13
N MET D 430 26.48 29.39 -32.16
CA MET D 430 27.54 29.34 -31.17
C MET D 430 28.84 28.83 -31.76
N GLN D 431 28.76 27.95 -32.77
CA GLN D 431 29.96 27.46 -33.44
C GLN D 431 30.63 28.57 -34.25
N GLN D 432 29.83 29.45 -34.85
CA GLN D 432 30.37 30.59 -35.59
C GLN D 432 31.02 31.61 -34.67
N ILE D 433 30.59 31.68 -33.40
CA ILE D 433 31.22 32.58 -32.44
C ILE D 433 32.60 32.05 -32.05
N ARG D 434 32.72 30.72 -31.87
CA ARG D 434 33.94 30.11 -31.35
C ARG D 434 35.10 30.19 -32.33
N GLU D 435 34.84 30.35 -33.63
CA GLU D 435 35.92 30.40 -34.61
C GLU D 435 36.55 31.77 -34.75
N LYS D 436 36.11 32.76 -33.98
CA LYS D 436 36.68 34.10 -34.04
C LYS D 436 37.89 34.28 -33.13
N MET D 437 38.20 33.29 -32.29
CA MET D 437 39.35 33.38 -31.39
C MET D 437 39.89 31.99 -31.08
N MET D 459 28.97 30.65 -43.69
CA MET D 459 28.43 30.14 -42.42
C MET D 459 27.66 28.85 -42.64
N ASP D 460 28.37 27.77 -42.93
CA ASP D 460 27.78 26.46 -43.18
C ASP D 460 27.94 25.54 -41.98
N ASN D 461 27.83 26.11 -40.77
CA ASN D 461 27.94 25.33 -39.54
C ASN D 461 26.63 24.67 -39.14
N PHE D 462 25.60 24.73 -39.99
CA PHE D 462 24.34 24.06 -39.69
C PHE D 462 24.47 22.55 -39.81
N ARG D 463 25.26 22.07 -40.78
CA ARG D 463 25.48 20.63 -40.92
C ARG D 463 26.34 20.09 -39.79
N PHE D 464 27.16 20.94 -39.18
CA PHE D 464 27.89 20.55 -37.97
C PHE D 464 26.94 20.40 -36.79
N ALA D 465 25.84 21.16 -36.79
CA ALA D 465 24.90 21.10 -35.68
C ALA D 465 24.03 19.85 -35.73
N LEU D 466 23.77 19.33 -36.93
CA LEU D 466 23.01 18.08 -37.04
C LEU D 466 23.84 16.87 -36.62
N GLY D 467 25.17 16.93 -36.80
CA GLY D 467 26.01 15.83 -36.39
C GLY D 467 26.27 15.80 -34.90
N ASN D 468 26.12 16.95 -34.23
CA ASN D 468 26.36 17.04 -32.79
C ASN D 468 25.08 16.88 -31.98
N SER D 469 24.03 17.60 -32.34
CA SER D 469 22.79 17.58 -31.58
C SER D 469 21.95 16.36 -31.95
N ASN D 470 21.28 15.79 -30.96
CA ASN D 470 20.38 14.67 -31.16
C ASN D 470 18.97 15.18 -31.43
N PRO D 471 18.26 14.63 -32.43
CA PRO D 471 16.88 15.09 -32.69
C PRO D 471 15.92 14.62 -31.60
N SER D 472 14.84 15.36 -31.42
CA SER D 472 13.81 15.00 -30.44
C SER D 472 13.03 13.79 -30.93
N ALA D 473 12.21 13.24 -30.02
CA ALA D 473 11.62 11.90 -30.12
C ALA D 473 12.71 10.88 -30.45
N LEU D 474 13.66 10.77 -29.51
CA LEU D 474 14.94 10.10 -29.69
C LEU D 474 14.80 8.60 -29.96
N ARG D 475 14.27 7.86 -28.99
CA ARG D 475 14.22 6.41 -29.07
C ARG D 475 12.80 5.89 -29.20
N GLU D 476 11.96 6.61 -29.93
CA GLU D 476 10.60 6.18 -30.21
C GLU D 476 10.58 5.40 -31.53
N THR D 477 9.38 5.08 -32.03
CA THR D 477 9.21 4.34 -33.27
C THR D 477 8.94 5.26 -34.46
N VAL D 478 9.45 6.49 -34.40
CA VAL D 478 9.24 7.48 -35.44
C VAL D 478 10.56 7.88 -36.08
N VAL D 479 11.50 6.92 -36.14
CA VAL D 479 12.85 7.20 -36.63
C VAL D 479 12.83 7.50 -38.13
N GLU D 480 13.69 8.42 -38.54
CA GLU D 480 13.75 8.87 -39.92
C GLU D 480 15.15 9.16 -40.44
N SER D 481 16.21 8.76 -39.72
CA SER D 481 17.56 9.26 -39.96
C SER D 481 18.16 8.83 -41.29
N VAL D 482 17.60 7.81 -41.94
CA VAL D 482 18.04 7.42 -43.27
C VAL D 482 17.10 8.05 -44.29
N ASN D 483 17.64 8.87 -45.18
CA ASN D 483 16.87 9.67 -46.13
C ASN D 483 16.98 9.12 -47.55
N VAL D 484 17.00 7.79 -47.69
CA VAL D 484 17.04 7.16 -49.00
C VAL D 484 15.66 7.30 -49.64
N THR D 485 15.62 7.95 -50.81
CA THR D 485 14.39 8.12 -51.57
C THR D 485 14.29 7.02 -52.63
N TRP D 486 13.35 7.17 -53.55
CA TRP D 486 13.19 6.21 -54.64
C TRP D 486 14.25 6.37 -55.72
N ASP D 487 15.01 7.46 -55.71
CA ASP D 487 16.09 7.61 -56.69
C ASP D 487 17.33 6.83 -56.25
N ASP D 488 17.58 6.77 -54.94
CA ASP D 488 18.75 6.07 -54.40
C ASP D 488 18.63 4.56 -54.48
N VAL D 489 17.43 4.02 -54.65
CA VAL D 489 17.21 2.59 -54.85
C VAL D 489 16.85 2.37 -56.32
N GLY D 490 17.50 1.39 -56.95
CA GLY D 490 17.32 1.12 -58.36
C GLY D 490 16.67 -0.24 -58.59
N GLY D 491 16.27 -0.45 -59.85
CA GLY D 491 15.69 -1.70 -60.31
C GLY D 491 14.35 -2.03 -59.67
N LEU D 492 13.96 -3.30 -59.86
CA LEU D 492 12.75 -3.90 -59.29
C LEU D 492 11.50 -3.13 -59.69
N ASP D 493 11.34 -2.87 -60.99
CA ASP D 493 10.20 -2.12 -61.51
C ASP D 493 8.90 -2.88 -61.42
N GLU D 494 8.94 -4.19 -61.20
CA GLU D 494 7.75 -4.98 -60.90
C GLU D 494 7.32 -4.85 -59.43
N ILE D 495 8.08 -4.13 -58.62
CA ILE D 495 7.70 -3.87 -57.24
C ILE D 495 7.42 -2.39 -56.99
N LYS D 496 8.07 -1.47 -57.72
CA LYS D 496 7.86 -0.04 -57.51
C LYS D 496 6.48 0.39 -57.99
N GLU D 497 6.08 -0.06 -59.18
CA GLU D 497 4.75 0.26 -59.68
C GLU D 497 3.68 -0.58 -58.97
N GLU D 498 4.05 -1.74 -58.44
CA GLU D 498 3.13 -2.59 -57.70
C GLU D 498 3.05 -2.23 -56.23
N LEU D 499 3.88 -1.29 -55.76
CA LEU D 499 3.65 -0.63 -54.48
C LEU D 499 2.99 0.72 -54.62
N LYS D 500 3.09 1.33 -55.81
CA LYS D 500 2.34 2.56 -56.07
C LYS D 500 0.86 2.27 -56.24
N GLU D 501 0.49 1.04 -56.58
CA GLU D 501 -0.90 0.71 -56.86
C GLU D 501 -1.71 0.56 -55.58
N THR D 502 -1.06 0.25 -54.46
CA THR D 502 -1.74 -0.14 -53.23
C THR D 502 -1.67 0.87 -52.09
N VAL D 503 -0.56 1.58 -51.91
CA VAL D 503 -0.36 2.39 -50.72
C VAL D 503 -0.29 3.89 -51.01
N GLU D 504 -0.22 4.30 -52.27
CA GLU D 504 -0.36 5.72 -52.60
C GLU D 504 -1.69 6.08 -53.24
N TYR D 505 -2.43 5.12 -53.77
CA TYR D 505 -3.71 5.44 -54.42
C TYR D 505 -4.86 5.72 -53.44
N PRO D 506 -5.11 4.94 -52.36
CA PRO D 506 -6.17 5.35 -51.45
C PRO D 506 -5.81 6.52 -50.54
N VAL D 507 -4.53 6.77 -50.29
CA VAL D 507 -4.14 7.87 -49.40
C VAL D 507 -4.08 9.21 -50.11
N LEU D 508 -4.21 9.23 -51.43
CA LEU D 508 -4.19 10.47 -52.19
C LEU D 508 -5.48 10.72 -52.98
N HIS D 509 -6.06 9.68 -53.57
CA HIS D 509 -7.29 9.80 -54.33
C HIS D 509 -8.30 8.78 -53.81
N PRO D 510 -9.04 9.11 -52.76
CA PRO D 510 -10.08 8.20 -52.25
C PRO D 510 -11.48 8.45 -52.79
N ASP D 511 -11.63 9.33 -53.78
CA ASP D 511 -12.96 9.64 -54.30
C ASP D 511 -13.46 8.51 -55.21
N GLN D 512 -12.54 7.77 -55.82
CA GLN D 512 -12.95 6.65 -56.67
C GLN D 512 -13.07 5.36 -55.87
N TYR D 513 -12.42 5.28 -54.71
CA TYR D 513 -12.43 4.06 -53.91
C TYR D 513 -13.72 3.85 -53.14
N THR D 514 -14.53 4.89 -52.96
CA THR D 514 -15.79 4.76 -52.23
C THR D 514 -16.93 4.30 -53.13
N LYS D 515 -16.70 4.15 -54.43
CA LYS D 515 -17.73 3.68 -55.35
C LYS D 515 -17.25 2.51 -56.20
N PHE D 516 -16.13 1.89 -55.85
CA PHE D 516 -15.57 0.75 -56.57
C PHE D 516 -15.20 -0.37 -55.60
N GLY D 517 -16.07 -0.65 -54.65
CA GLY D 517 -15.81 -1.65 -53.64
C GLY D 517 -15.19 -1.07 -52.39
N LEU D 518 -14.49 -1.94 -51.66
CA LEU D 518 -13.80 -1.52 -50.45
C LEU D 518 -12.50 -0.82 -50.81
N SER D 519 -12.14 0.20 -50.01
CA SER D 519 -10.95 1.01 -50.33
C SER D 519 -9.62 0.30 -50.10
N PRO D 520 -9.24 -0.09 -48.88
CA PRO D 520 -7.81 -0.28 -48.62
C PRO D 520 -7.26 -1.63 -49.08
N SER D 521 -6.02 -1.60 -49.55
CA SER D 521 -5.23 -2.80 -49.84
C SER D 521 -4.05 -2.78 -48.87
N LYS D 522 -4.28 -3.34 -47.69
CA LYS D 522 -3.34 -3.17 -46.59
C LYS D 522 -2.15 -4.13 -46.69
N GLY D 523 -2.43 -5.43 -46.66
CA GLY D 523 -1.38 -6.43 -46.55
C GLY D 523 -0.62 -6.64 -47.85
N VAL D 524 0.70 -6.76 -47.73
CA VAL D 524 1.58 -7.08 -48.85
C VAL D 524 2.77 -7.85 -48.30
N LEU D 525 3.19 -8.89 -49.03
CA LEU D 525 4.23 -9.80 -48.59
C LEU D 525 5.43 -9.72 -49.53
N PHE D 526 6.63 -9.81 -48.96
CA PHE D 526 7.87 -9.81 -49.72
C PHE D 526 8.69 -11.02 -49.30
N TYR D 527 9.05 -11.86 -50.27
CA TYR D 527 9.83 -13.07 -50.01
C TYR D 527 10.85 -13.27 -51.12
N GLY D 528 11.97 -13.89 -50.77
CA GLY D 528 13.01 -14.17 -51.73
C GLY D 528 14.31 -14.62 -51.11
N PRO D 529 15.41 -14.41 -51.82
CA PRO D 529 16.73 -14.81 -51.30
C PRO D 529 17.22 -13.84 -50.25
N PRO D 530 18.21 -14.22 -49.45
CA PRO D 530 18.78 -13.27 -48.49
C PRO D 530 19.52 -12.13 -49.17
N GLY D 531 19.26 -10.91 -48.69
CA GLY D 531 19.88 -9.74 -49.26
C GLY D 531 19.36 -9.32 -50.61
N THR D 532 18.05 -9.48 -50.85
CA THR D 532 17.44 -9.14 -52.12
C THR D 532 16.85 -7.74 -52.15
N GLY D 533 16.94 -6.99 -51.05
CA GLY D 533 16.46 -5.62 -51.03
C GLY D 533 15.06 -5.48 -50.46
N LYS D 534 14.79 -6.15 -49.34
CA LYS D 534 13.49 -6.08 -48.71
C LYS D 534 13.30 -4.77 -47.95
N THR D 535 14.14 -4.53 -46.96
CA THR D 535 14.05 -3.34 -46.13
C THR D 535 14.71 -2.12 -46.75
N LEU D 536 15.32 -2.26 -47.93
CA LEU D 536 15.84 -1.11 -48.65
C LEU D 536 14.70 -0.24 -49.17
N LEU D 537 13.57 -0.88 -49.49
CA LEU D 537 12.38 -0.17 -49.93
C LEU D 537 11.40 0.10 -48.79
N ALA D 538 11.77 -0.24 -47.56
CA ALA D 538 10.88 0.03 -46.42
C ALA D 538 10.84 1.51 -46.10
N LYS D 539 12.01 2.14 -45.94
CA LYS D 539 12.06 3.56 -45.61
C LYS D 539 11.90 4.44 -46.86
N ALA D 540 12.00 3.86 -48.05
CA ALA D 540 11.87 4.65 -49.27
C ALA D 540 10.42 5.04 -49.53
N VAL D 541 9.48 4.11 -49.33
CA VAL D 541 8.06 4.43 -49.46
C VAL D 541 7.59 5.25 -48.26
N ALA D 542 8.24 5.10 -47.10
CA ALA D 542 7.84 5.84 -45.91
C ALA D 542 8.17 7.34 -46.00
N THR D 543 9.11 7.72 -46.85
CA THR D 543 9.47 9.12 -47.02
C THR D 543 8.92 9.72 -48.31
N GLU D 544 8.23 8.93 -49.14
CA GLU D 544 7.64 9.46 -50.36
C GLU D 544 6.36 10.24 -50.05
N VAL D 545 5.47 9.63 -49.26
CA VAL D 545 4.30 10.35 -48.77
C VAL D 545 4.55 11.03 -47.44
N SER D 546 5.77 10.88 -46.90
CA SER D 546 6.22 11.49 -45.63
C SER D 546 5.34 11.09 -44.45
N ALA D 547 4.90 9.84 -44.43
CA ALA D 547 4.11 9.33 -43.32
C ALA D 547 5.01 8.67 -42.28
N ASN D 548 4.40 8.23 -41.20
CA ASN D 548 5.14 7.57 -40.14
C ASN D 548 5.51 6.15 -40.53
N PHE D 549 6.56 5.62 -39.89
CA PHE D 549 7.12 4.32 -40.20
C PHE D 549 7.33 3.55 -38.90
N ILE D 550 6.47 2.58 -38.64
CA ILE D 550 6.55 1.76 -37.42
C ILE D 550 7.56 0.65 -37.73
N SER D 551 8.72 0.73 -37.10
CA SER D 551 9.81 -0.22 -37.32
C SER D 551 9.80 -1.24 -36.18
N VAL D 552 8.95 -2.25 -36.30
CA VAL D 552 8.89 -3.36 -35.35
C VAL D 552 9.71 -4.52 -35.89
N LYS D 553 10.66 -4.98 -35.09
CA LYS D 553 11.53 -6.08 -35.51
C LYS D 553 10.80 -7.42 -35.43
N GLY D 554 11.54 -8.48 -35.72
CA GLY D 554 10.99 -9.83 -35.76
C GLY D 554 10.57 -10.34 -34.39
N PRO D 555 11.54 -10.61 -33.52
CA PRO D 555 11.18 -11.04 -32.15
C PRO D 555 10.89 -9.86 -31.22
N GLU D 556 9.84 -9.12 -31.53
CA GLU D 556 9.38 -8.04 -30.67
C GLU D 556 8.28 -8.47 -29.72
N LEU D 557 7.68 -9.65 -29.94
CA LEU D 557 6.81 -10.26 -28.94
C LEU D 557 7.69 -10.66 -27.77
N LEU D 558 7.72 -9.82 -26.74
CA LEU D 558 8.73 -9.94 -25.70
C LEU D 558 8.45 -11.12 -24.77
N SER D 559 7.17 -11.38 -24.50
CA SER D 559 6.67 -12.57 -23.80
C SER D 559 7.28 -12.72 -22.40
N MET D 560 7.20 -11.65 -21.61
CA MET D 560 7.58 -11.74 -20.20
C MET D 560 6.60 -12.62 -19.45
N TRP D 561 5.33 -12.76 -19.84
CA TRP D 561 4.46 -13.62 -18.96
C TRP D 561 3.57 -14.65 -19.71
N TYR D 562 2.24 -14.44 -19.73
CA TYR D 562 1.24 -15.26 -20.47
C TYR D 562 0.12 -14.48 -21.16
N GLY D 563 -0.20 -13.27 -20.70
CA GLY D 563 -1.33 -12.52 -21.21
C GLY D 563 -0.95 -11.22 -21.88
N GLU D 564 0.21 -10.68 -21.52
CA GLU D 564 0.66 -9.41 -22.11
C GLU D 564 1.22 -9.60 -23.51
N SER D 565 1.59 -10.84 -23.86
CA SER D 565 2.15 -11.12 -25.19
C SER D 565 1.12 -10.96 -26.30
N GLU D 566 -0.16 -11.13 -26.00
CA GLU D 566 -1.21 -10.84 -26.96
C GLU D 566 -1.73 -9.41 -26.85
N SER D 567 -1.33 -8.68 -25.80
CA SER D 567 -1.80 -7.32 -25.57
C SER D 567 -0.84 -6.26 -26.04
N ASN D 568 0.46 -6.56 -26.14
CA ASN D 568 1.43 -5.56 -26.59
C ASN D 568 1.44 -5.41 -28.11
N ILE D 569 0.73 -6.28 -28.83
CA ILE D 569 0.62 -6.13 -30.27
C ILE D 569 -0.62 -5.32 -30.65
N ARG D 570 -1.53 -5.07 -29.70
CA ARG D 570 -2.78 -4.39 -30.00
C ARG D 570 -2.68 -2.88 -29.87
N ASP D 571 -1.88 -2.37 -28.94
CA ASP D 571 -1.76 -0.93 -28.78
C ASP D 571 -0.93 -0.30 -29.88
N ILE D 572 -0.03 -1.06 -30.51
CA ILE D 572 0.71 -0.55 -31.66
C ILE D 572 -0.17 -0.58 -32.92
N PHE D 573 -1.23 -1.37 -32.93
CA PHE D 573 -2.20 -1.29 -34.02
C PHE D 573 -3.15 -0.11 -33.81
N ASP D 574 -3.50 0.18 -32.56
CA ASP D 574 -4.31 1.36 -32.26
C ASP D 574 -3.53 2.65 -32.46
N LYS D 575 -2.21 2.59 -32.28
CA LYS D 575 -1.37 3.76 -32.58
C LYS D 575 -1.27 3.98 -34.09
N ALA D 576 -1.33 2.90 -34.87
CA ALA D 576 -1.35 3.04 -36.32
C ALA D 576 -2.67 3.61 -36.82
N ARG D 577 -3.76 3.37 -36.08
CA ARG D 577 -5.05 3.97 -36.43
C ARG D 577 -5.12 5.44 -36.03
N ALA D 578 -4.37 5.86 -35.01
CA ALA D 578 -4.37 7.26 -34.60
C ALA D 578 -3.52 8.11 -35.53
N ALA D 579 -2.36 7.60 -35.94
CA ALA D 579 -1.47 8.29 -36.86
C ALA D 579 -1.64 7.80 -38.30
N ALA D 580 -2.87 7.44 -38.67
CA ALA D 580 -3.14 6.89 -39.98
C ALA D 580 -3.07 7.99 -41.05
N PRO D 581 -2.52 7.68 -42.25
CA PRO D 581 -1.94 6.39 -42.67
C PRO D 581 -0.49 6.22 -42.21
N THR D 582 -0.12 4.97 -41.90
CA THR D 582 1.19 4.69 -41.33
C THR D 582 1.57 3.25 -41.65
N VAL D 583 2.75 3.06 -42.24
CA VAL D 583 3.22 1.73 -42.61
C VAL D 583 3.75 1.01 -41.37
N VAL D 584 3.37 -0.26 -41.21
CA VAL D 584 3.84 -1.11 -40.12
C VAL D 584 4.64 -2.26 -40.71
N PHE D 585 5.74 -2.61 -40.04
CA PHE D 585 6.64 -3.66 -40.49
C PHE D 585 6.70 -4.79 -39.48
N LEU D 586 6.73 -6.03 -39.99
CA LEU D 586 6.86 -7.21 -39.15
C LEU D 586 7.80 -8.19 -39.86
N ASP D 587 8.16 -9.27 -39.16
CA ASP D 587 9.13 -10.23 -39.70
C ASP D 587 8.92 -11.59 -39.06
N GLN D 588 8.36 -12.52 -39.82
CA GLN D 588 8.28 -13.95 -39.51
C GLN D 588 7.53 -14.22 -38.20
N LEU D 589 6.23 -13.87 -38.22
CA LEU D 589 5.35 -14.08 -37.09
C LEU D 589 4.20 -15.03 -37.44
N ASP D 590 4.41 -15.91 -38.42
CA ASP D 590 3.40 -16.89 -38.82
C ASP D 590 3.68 -18.21 -38.09
N SER D 591 2.86 -18.51 -37.08
CA SER D 591 3.12 -19.67 -36.22
C SER D 591 1.85 -20.43 -35.86
N ILE D 592 0.87 -20.48 -36.76
CA ILE D 592 -0.32 -21.30 -36.52
C ILE D 592 -0.20 -22.66 -37.22
N ALA D 593 0.74 -22.83 -38.14
CA ALA D 593 0.99 -24.15 -38.70
C ALA D 593 1.70 -25.05 -37.70
N LYS D 594 2.52 -24.46 -36.81
CA LYS D 594 3.13 -25.19 -35.72
C LYS D 594 2.26 -25.25 -34.48
N ALA D 595 1.14 -24.51 -34.47
CA ALA D 595 0.22 -24.52 -33.33
C ALA D 595 -0.92 -25.51 -33.62
N ARG D 596 -0.53 -26.79 -33.67
CA ARG D 596 -1.50 -27.85 -33.91
C ARG D 596 -2.32 -28.12 -32.66
N GLY D 597 -3.45 -28.78 -32.85
CA GLY D 597 -4.40 -29.02 -31.77
C GLY D 597 -4.22 -30.34 -31.04
N GLY D 598 -4.08 -30.26 -29.71
CA GLY D 598 -4.05 -31.46 -28.89
C GLY D 598 -2.74 -32.21 -28.93
N SER D 599 -1.65 -31.56 -28.54
CA SER D 599 -0.34 -32.22 -28.47
C SER D 599 0.27 -31.87 -27.12
N LEU D 600 1.55 -32.22 -26.94
CA LEU D 600 2.25 -32.04 -25.68
C LEU D 600 3.37 -31.01 -25.74
N GLY D 601 4.12 -30.97 -26.83
CA GLY D 601 5.22 -30.04 -26.94
C GLY D 601 4.77 -28.66 -27.40
N ASP D 602 4.67 -27.73 -26.46
CA ASP D 602 4.18 -26.38 -26.75
C ASP D 602 4.68 -25.44 -25.66
N ALA D 603 4.64 -24.14 -25.95
CA ALA D 603 5.04 -23.13 -24.99
C ALA D 603 3.91 -22.87 -23.99
N GLY D 604 4.14 -21.87 -23.12
CA GLY D 604 3.20 -21.57 -22.06
C GLY D 604 2.14 -20.54 -22.42
N GLY D 605 1.94 -20.29 -23.71
CA GLY D 605 0.91 -19.37 -24.14
C GLY D 605 1.33 -18.47 -25.28
N ALA D 606 2.61 -18.46 -25.61
CA ALA D 606 3.13 -17.67 -26.71
C ALA D 606 3.49 -18.57 -27.88
N SER D 607 3.48 -17.97 -29.07
CA SER D 607 3.71 -18.60 -30.38
C SER D 607 2.67 -19.66 -30.76
N ASP D 608 1.58 -19.76 -30.00
CA ASP D 608 0.44 -20.59 -30.37
C ASP D 608 -0.90 -19.91 -30.17
N ARG D 609 -1.00 -18.91 -29.29
CA ARG D 609 -2.20 -18.13 -29.12
C ARG D 609 -2.03 -16.68 -29.56
N VAL D 610 -0.81 -16.25 -29.88
CA VAL D 610 -0.61 -14.92 -30.44
C VAL D 610 -0.98 -14.90 -31.93
N VAL D 611 -1.06 -16.07 -32.56
CA VAL D 611 -1.59 -16.14 -33.91
C VAL D 611 -3.12 -16.11 -33.91
N ASN D 612 -3.75 -16.46 -32.79
CA ASN D 612 -5.18 -16.26 -32.64
C ASN D 612 -5.53 -14.79 -32.45
N GLN D 613 -4.62 -14.01 -31.88
CA GLN D 613 -4.77 -12.55 -31.89
C GLN D 613 -4.46 -11.98 -33.26
N LEU D 614 -3.54 -12.62 -34.00
CA LEU D 614 -3.24 -12.20 -35.36
C LEU D 614 -4.37 -12.51 -36.33
N LEU D 615 -5.24 -13.45 -35.99
CA LEU D 615 -6.40 -13.79 -36.80
C LEU D 615 -7.60 -12.88 -36.53
N THR D 616 -7.45 -11.89 -35.65
CA THR D 616 -8.55 -10.97 -35.36
C THR D 616 -8.14 -9.50 -35.27
N GLU D 617 -6.85 -9.18 -35.22
CA GLU D 617 -6.40 -7.79 -35.11
C GLU D 617 -5.80 -7.24 -36.40
N MET D 618 -5.62 -8.08 -37.43
CA MET D 618 -5.07 -7.61 -38.69
C MET D 618 -6.13 -6.97 -39.58
N ASP D 619 -7.32 -7.55 -39.64
CA ASP D 619 -8.41 -7.06 -40.47
C ASP D 619 -9.33 -6.12 -39.69
N GLY D 620 -8.83 -5.51 -38.63
CA GLY D 620 -9.58 -4.51 -37.90
C GLY D 620 -9.52 -3.16 -38.59
N MET D 621 -10.20 -3.03 -39.72
CA MET D 621 -10.07 -1.87 -40.59
C MET D 621 -11.13 -0.82 -40.29
N ASN D 622 -10.96 0.34 -40.91
CA ASN D 622 -11.91 1.44 -40.80
C ASN D 622 -11.77 2.31 -42.03
N ALA D 623 -12.89 2.83 -42.52
CA ALA D 623 -12.90 3.62 -43.75
C ALA D 623 -12.27 5.00 -43.58
N LYS D 624 -12.09 5.48 -42.35
CA LYS D 624 -11.53 6.80 -42.10
C LYS D 624 -10.04 6.76 -41.78
N LYS D 625 -9.38 5.63 -41.97
CA LYS D 625 -7.96 5.51 -41.62
C LYS D 625 -7.09 5.07 -42.77
N ASN D 626 -7.56 4.11 -43.59
CA ASN D 626 -6.86 3.47 -44.73
C ASN D 626 -5.39 3.16 -44.44
N VAL D 627 -5.17 2.33 -43.42
CA VAL D 627 -3.80 1.93 -43.08
C VAL D 627 -3.31 0.88 -44.06
N PHE D 628 -1.99 0.63 -44.01
CA PHE D 628 -1.37 -0.41 -44.83
C PHE D 628 -0.17 -0.98 -44.08
N VAL D 629 0.04 -2.28 -44.21
CA VAL D 629 1.07 -3.00 -43.48
C VAL D 629 1.91 -3.80 -44.48
N ILE D 630 3.22 -3.60 -44.45
CA ILE D 630 4.14 -4.35 -45.30
C ILE D 630 4.70 -5.52 -44.49
N GLY D 631 5.16 -6.54 -45.21
CA GLY D 631 5.76 -7.71 -44.58
C GLY D 631 6.88 -8.30 -45.40
N ALA D 632 8.06 -8.46 -44.79
CA ALA D 632 9.24 -8.97 -45.48
C ALA D 632 9.73 -10.22 -44.76
N THR D 633 9.89 -11.31 -45.51
CA THR D 633 10.38 -12.57 -45.00
C THR D 633 11.37 -13.17 -45.99
N ASN D 634 12.03 -14.26 -45.57
CA ASN D 634 12.99 -14.96 -46.41
C ASN D 634 12.66 -16.44 -46.53
N ARG D 635 11.48 -16.87 -46.07
CA ARG D 635 11.08 -18.27 -46.13
C ARG D 635 9.61 -18.36 -46.51
N PRO D 636 9.31 -18.53 -47.80
CA PRO D 636 7.92 -18.67 -48.24
C PRO D 636 7.35 -20.07 -48.15
N ASP D 637 8.09 -21.03 -47.57
CA ASP D 637 7.57 -22.39 -47.45
C ASP D 637 6.76 -22.57 -46.18
N GLN D 638 7.07 -21.79 -45.14
CA GLN D 638 6.37 -21.88 -43.85
C GLN D 638 5.23 -20.88 -43.74
N ILE D 639 4.63 -20.48 -44.85
CA ILE D 639 3.48 -19.58 -44.81
C ILE D 639 2.26 -20.35 -44.29
N ASP D 640 1.57 -19.75 -43.32
CA ASP D 640 0.40 -20.38 -42.72
C ASP D 640 -0.76 -20.44 -43.72
N PRO D 641 -1.57 -21.49 -43.67
CA PRO D 641 -2.74 -21.57 -44.57
C PRO D 641 -3.84 -20.58 -44.24
N ALA D 642 -3.84 -19.98 -43.04
CA ALA D 642 -4.83 -18.99 -42.67
C ALA D 642 -4.33 -17.56 -42.82
N ILE D 643 -3.01 -17.36 -42.98
CA ILE D 643 -2.47 -16.02 -43.19
C ILE D 643 -2.39 -15.67 -44.67
N LEU D 644 -2.49 -16.65 -45.56
CA LEU D 644 -2.56 -16.39 -46.99
C LEU D 644 -4.04 -16.33 -47.39
N ARG D 645 -4.64 -15.19 -47.07
CA ARG D 645 -6.07 -14.97 -47.17
C ARG D 645 -6.30 -13.50 -47.48
N PRO D 646 -7.36 -13.18 -48.24
CA PRO D 646 -7.66 -11.76 -48.52
C PRO D 646 -8.03 -10.94 -47.29
N GLY D 647 -8.46 -11.56 -46.19
CA GLY D 647 -8.61 -10.87 -44.94
C GLY D 647 -7.31 -10.65 -44.19
N ARG D 648 -6.22 -11.23 -44.67
CA ARG D 648 -4.91 -11.08 -44.07
C ARG D 648 -3.98 -10.58 -45.17
N LEU D 649 -2.67 -10.64 -44.93
CA LEU D 649 -1.68 -10.30 -45.94
C LEU D 649 -1.76 -11.27 -47.12
N ASP D 650 -2.30 -10.80 -48.25
CA ASP D 650 -2.60 -11.65 -49.40
C ASP D 650 -1.70 -11.38 -50.60
N GLN D 651 -1.35 -10.13 -50.85
CA GLN D 651 -0.54 -9.77 -52.02
C GLN D 651 0.90 -10.19 -51.78
N LEU D 652 1.26 -11.38 -52.23
CA LEU D 652 2.61 -11.90 -52.12
C LEU D 652 3.34 -11.65 -53.44
N ILE D 653 4.56 -11.13 -53.34
CA ILE D 653 5.36 -10.76 -54.50
C ILE D 653 6.78 -11.28 -54.28
N TYR D 654 7.26 -12.12 -55.20
CA TYR D 654 8.62 -12.60 -55.13
C TYR D 654 9.59 -11.48 -55.53
N VAL D 655 10.57 -11.22 -54.67
CA VAL D 655 11.60 -10.22 -54.95
C VAL D 655 12.77 -10.94 -55.59
N PRO D 656 12.99 -10.79 -56.89
CA PRO D 656 13.98 -11.63 -57.58
C PRO D 656 15.39 -11.04 -57.46
N LEU D 657 16.32 -11.74 -58.10
CA LEU D 657 17.70 -11.27 -58.16
C LEU D 657 17.81 -10.11 -59.14
N PRO D 658 18.69 -9.15 -58.88
CA PRO D 658 18.91 -8.06 -59.85
C PRO D 658 19.65 -8.57 -61.08
N ASP D 659 19.04 -8.37 -62.25
CA ASP D 659 19.63 -8.80 -63.51
C ASP D 659 20.65 -7.77 -63.99
N GLU D 660 21.12 -7.96 -65.23
CA GLU D 660 22.21 -7.15 -65.77
C GLU D 660 21.79 -5.70 -66.03
N ASN D 661 20.49 -5.43 -66.15
CA ASN D 661 20.01 -4.06 -66.29
C ASN D 661 19.74 -3.41 -64.94
N ALA D 662 19.36 -4.20 -63.93
CA ALA D 662 19.11 -3.66 -62.60
C ALA D 662 20.39 -3.53 -61.77
N ARG D 663 21.48 -4.16 -62.20
CA ARG D 663 22.74 -4.02 -61.48
C ARG D 663 23.34 -2.63 -61.65
N LEU D 664 23.08 -1.97 -62.78
CA LEU D 664 23.60 -0.63 -62.99
C LEU D 664 22.73 0.40 -62.28
N SER D 665 21.43 0.14 -62.17
CA SER D 665 20.53 1.12 -61.56
C SER D 665 20.66 1.17 -60.05
N ILE D 666 21.11 0.07 -59.43
CA ILE D 666 21.28 0.04 -57.98
C ILE D 666 22.62 0.65 -57.58
N LEU D 667 23.69 0.23 -58.26
CA LEU D 667 25.04 0.60 -57.83
C LEU D 667 25.39 2.04 -58.16
N ASN D 668 24.87 2.58 -59.26
CA ASN D 668 25.19 3.96 -59.64
C ASN D 668 24.54 4.96 -58.70
N ALA D 669 23.39 4.60 -58.12
CA ALA D 669 22.72 5.47 -57.17
C ALA D 669 23.37 5.46 -55.80
N GLN D 670 24.23 4.47 -55.52
CA GLN D 670 24.91 4.38 -54.23
C GLN D 670 26.27 5.06 -54.23
N LEU D 671 26.95 5.12 -55.37
CA LEU D 671 28.18 5.88 -55.49
C LEU D 671 27.95 7.30 -55.99
N ARG D 672 26.72 7.80 -55.89
CA ARG D 672 26.44 9.19 -56.22
C ARG D 672 27.11 10.13 -55.21
N LYS D 673 27.22 9.71 -53.96
CA LYS D 673 27.90 10.52 -52.95
C LYS D 673 29.42 10.46 -53.10
N THR D 674 29.95 9.46 -53.81
CA THR D 674 31.39 9.33 -54.00
C THR D 674 31.84 10.23 -55.14
N PRO D 675 32.83 11.10 -54.94
CA PRO D 675 33.40 11.86 -56.06
C PRO D 675 34.34 11.01 -56.91
N LEU D 676 33.79 10.08 -57.66
CA LEU D 676 34.58 9.11 -58.41
C LEU D 676 34.98 9.67 -59.77
N GLU D 677 35.86 8.94 -60.45
CA GLU D 677 36.25 9.27 -61.81
C GLU D 677 35.31 8.55 -62.78
N PRO D 678 34.87 9.18 -63.86
CA PRO D 678 33.91 8.55 -64.77
C PRO D 678 34.52 7.56 -65.75
N GLY D 679 35.80 7.21 -65.61
CA GLY D 679 36.40 6.24 -66.53
C GLY D 679 35.98 4.81 -66.24
N LEU D 680 35.75 4.49 -64.96
CA LEU D 680 35.37 3.14 -64.56
C LEU D 680 33.86 3.00 -64.69
N GLU D 681 33.42 2.21 -65.67
CA GLU D 681 32.00 1.92 -65.86
C GLU D 681 31.68 0.60 -65.16
N LEU D 682 30.48 0.54 -64.58
CA LEU D 682 30.05 -0.61 -63.80
C LEU D 682 29.49 -1.74 -64.65
N THR D 683 29.62 -1.66 -65.98
CA THR D 683 29.23 -2.78 -66.83
C THR D 683 30.19 -3.95 -66.68
N ALA D 684 31.46 -3.68 -66.36
CA ALA D 684 32.40 -4.76 -66.10
C ALA D 684 32.12 -5.44 -64.76
N ILE D 685 31.54 -4.70 -63.81
CA ILE D 685 31.14 -5.32 -62.55
C ILE D 685 29.94 -6.23 -62.76
N ALA D 686 28.97 -5.79 -63.59
CA ALA D 686 27.82 -6.62 -63.90
C ALA D 686 28.16 -7.82 -64.76
N LYS D 687 29.27 -7.76 -65.50
CA LYS D 687 29.76 -8.92 -66.22
C LYS D 687 30.59 -9.86 -65.36
N ALA D 688 31.20 -9.35 -64.29
CA ALA D 688 31.93 -10.19 -63.35
C ALA D 688 31.04 -10.75 -62.25
N THR D 689 29.84 -10.20 -62.07
CA THR D 689 28.89 -10.68 -61.08
C THR D 689 27.66 -11.21 -61.82
N GLN D 690 27.52 -12.53 -61.86
CA GLN D 690 26.44 -13.18 -62.57
C GLN D 690 25.32 -13.68 -61.67
N GLY D 691 25.65 -14.31 -60.55
CA GLY D 691 24.65 -14.77 -59.61
C GLY D 691 24.74 -14.07 -58.27
N PHE D 692 25.27 -12.85 -58.29
CA PHE D 692 25.46 -12.07 -57.08
C PHE D 692 24.18 -11.31 -56.72
N SER D 693 23.95 -11.15 -55.42
CA SER D 693 22.84 -10.35 -54.95
C SER D 693 23.24 -8.87 -54.89
N GLY D 694 22.25 -8.01 -54.67
CA GLY D 694 22.51 -6.59 -54.59
C GLY D 694 23.26 -6.17 -53.34
N ALA D 695 23.09 -6.90 -52.24
CA ALA D 695 23.88 -6.62 -51.04
C ALA D 695 25.34 -7.03 -51.22
N ASP D 696 25.59 -8.06 -52.03
CA ASP D 696 26.96 -8.42 -52.36
C ASP D 696 27.60 -7.40 -53.29
N LEU D 697 26.79 -6.75 -54.14
CA LEU D 697 27.30 -5.65 -54.96
C LEU D 697 27.57 -4.41 -54.12
N LEU D 698 26.87 -4.28 -52.99
CA LEU D 698 27.12 -3.18 -52.07
C LEU D 698 28.46 -3.33 -51.36
N TYR D 699 28.98 -4.56 -51.28
CA TYR D 699 30.31 -4.77 -50.75
C TYR D 699 31.38 -4.34 -51.73
N ILE D 700 31.08 -4.40 -53.03
CA ILE D 700 32.06 -4.04 -54.05
C ILE D 700 32.29 -2.54 -54.08
N VAL D 701 31.21 -1.75 -53.97
CA VAL D 701 31.37 -0.30 -53.90
C VAL D 701 31.85 0.13 -52.52
N GLN D 702 31.66 -0.70 -51.50
CA GLN D 702 32.25 -0.40 -50.19
C GLN D 702 33.75 -0.68 -50.21
N ARG D 703 34.17 -1.77 -50.85
CA ARG D 703 35.60 -2.06 -50.98
C ARG D 703 36.29 -1.08 -51.91
N ALA D 704 35.57 -0.57 -52.93
CA ALA D 704 36.14 0.46 -53.79
C ALA D 704 36.25 1.79 -53.06
N ALA D 705 35.35 2.05 -52.10
CA ALA D 705 35.42 3.28 -51.33
C ALA D 705 36.39 3.17 -50.17
N LYS D 706 36.55 1.96 -49.61
CA LYS D 706 37.49 1.79 -48.51
C LYS D 706 38.94 1.88 -48.98
N TYR D 707 39.21 1.49 -50.23
CA TYR D 707 40.53 1.68 -50.80
C TYR D 707 40.70 3.06 -51.43
N ALA D 708 39.60 3.76 -51.74
CA ALA D 708 39.70 5.16 -52.10
C ALA D 708 39.98 6.03 -50.87
N ILE D 709 39.56 5.57 -49.69
CA ILE D 709 39.98 6.20 -48.45
C ILE D 709 41.47 6.02 -48.24
N LYS D 710 41.98 4.80 -48.48
CA LYS D 710 43.42 4.54 -48.40
C LYS D 710 44.19 5.27 -49.50
N ASP D 711 43.55 5.51 -50.65
CA ASP D 711 44.16 6.36 -51.66
C ASP D 711 44.15 7.83 -51.22
N SER D 712 43.19 8.22 -50.39
CA SER D 712 43.17 9.56 -49.82
C SER D 712 44.02 9.68 -48.56
N ILE D 713 44.25 8.57 -47.86
CA ILE D 713 45.17 8.59 -46.72
C ILE D 713 46.60 8.78 -47.19
N GLU D 714 47.00 8.08 -48.24
CA GLU D 714 48.32 8.27 -48.84
C GLU D 714 48.31 9.35 -49.92
N ALA D 715 47.73 10.49 -49.57
CA ALA D 715 47.75 11.69 -50.43
C ALA D 715 48.03 12.97 -49.67
N HIS D 716 47.75 13.03 -48.37
CA HIS D 716 48.01 14.24 -47.58
C HIS D 716 49.27 14.13 -46.73
N ARG D 717 49.82 12.93 -46.57
CA ARG D 717 51.04 12.74 -45.81
C ARG D 717 52.30 13.03 -46.61
N GLN D 718 52.17 13.31 -47.92
CA GLN D 718 53.32 13.62 -48.75
C GLN D 718 53.03 14.81 -49.66
N ASN E 209 41.00 29.60 3.44
CA ASN E 209 41.34 28.45 2.61
C ASN E 209 40.37 28.25 1.47
N GLU E 210 40.84 28.46 0.24
CA GLU E 210 40.04 28.31 -0.95
C GLU E 210 40.85 27.57 -2.02
N VAL E 211 40.17 27.21 -3.10
CA VAL E 211 40.79 26.46 -4.18
C VAL E 211 41.62 27.40 -5.05
N GLY E 212 42.58 26.84 -5.78
CA GLY E 212 43.42 27.61 -6.67
C GLY E 212 42.77 27.84 -8.01
N TYR E 213 43.61 27.98 -9.04
CA TYR E 213 43.11 28.23 -10.38
C TYR E 213 42.58 26.95 -11.02
N ASP E 214 43.46 25.98 -11.25
CA ASP E 214 43.02 24.69 -11.79
C ASP E 214 42.80 23.67 -10.69
N ASP E 215 43.88 23.30 -9.98
CA ASP E 215 43.91 22.46 -8.78
C ASP E 215 43.34 21.05 -8.97
N ILE E 216 43.03 20.63 -10.19
CA ILE E 216 42.56 19.27 -10.48
C ILE E 216 43.24 18.82 -11.77
N GLY E 217 43.95 17.69 -11.69
CA GLY E 217 44.57 17.13 -12.89
C GLY E 217 43.60 16.30 -13.71
N GLY E 218 43.93 16.16 -14.99
CA GLY E 218 43.13 15.37 -15.88
C GLY E 218 41.85 16.02 -16.34
N CYS E 219 41.77 17.35 -16.30
CA CYS E 219 40.59 18.05 -16.80
C CYS E 219 40.90 19.29 -17.62
N ARG E 220 42.16 19.70 -17.75
CA ARG E 220 42.53 20.94 -18.43
C ARG E 220 42.30 20.89 -19.93
N LYS E 221 42.18 19.71 -20.53
CA LYS E 221 41.84 19.59 -21.94
C LYS E 221 40.34 19.69 -22.19
N GLN E 222 39.53 19.67 -21.14
CA GLN E 222 38.09 19.85 -21.27
C GLN E 222 37.52 20.92 -20.35
N MET E 223 38.36 21.61 -19.58
CA MET E 223 37.87 22.66 -18.68
C MET E 223 37.50 23.93 -19.43
N ALA E 224 37.91 24.06 -20.70
CA ALA E 224 37.55 25.25 -21.47
C ALA E 224 36.09 25.21 -21.93
N GLN E 225 35.50 24.02 -22.03
CA GLN E 225 34.10 23.91 -22.45
C GLN E 225 33.16 24.43 -21.36
N ILE E 226 33.52 24.21 -20.09
CA ILE E 226 32.74 24.79 -19.00
C ILE E 226 33.06 26.27 -18.85
N ARG E 227 34.30 26.66 -19.17
CA ARG E 227 34.72 28.04 -18.95
C ARG E 227 34.15 28.99 -19.99
N GLU E 228 34.09 28.56 -21.26
CA GLU E 228 33.76 29.46 -22.36
C GLU E 228 32.30 29.90 -22.37
N MET E 229 31.44 29.26 -21.58
CA MET E 229 30.05 29.70 -21.44
C MET E 229 29.88 30.75 -20.35
N VAL E 230 30.97 31.31 -19.82
CA VAL E 230 30.93 32.22 -18.69
C VAL E 230 31.38 33.62 -19.09
N GLU E 231 32.63 33.76 -19.57
CA GLU E 231 33.17 35.08 -19.83
C GLU E 231 32.60 35.70 -21.11
N LEU E 232 32.17 34.86 -22.06
CA LEU E 232 31.67 35.40 -23.32
C LEU E 232 30.37 36.21 -23.23
N PRO E 233 29.41 35.93 -22.34
CA PRO E 233 28.35 36.93 -22.12
C PRO E 233 28.85 38.25 -21.52
N LEU E 234 29.88 38.22 -20.68
CA LEU E 234 30.27 39.41 -19.95
C LEU E 234 31.46 40.14 -20.56
N ARG E 235 32.46 39.44 -21.10
CA ARG E 235 33.64 40.13 -21.59
C ARG E 235 33.44 40.72 -22.98
N HIS E 236 32.49 40.19 -23.76
CA HIS E 236 32.21 40.70 -25.10
C HIS E 236 30.75 40.46 -25.45
N PRO E 237 29.84 41.34 -25.02
CA PRO E 237 28.46 41.28 -25.52
C PRO E 237 28.16 42.22 -26.67
N GLN E 238 29.15 42.94 -27.19
CA GLN E 238 28.92 43.96 -28.21
C GLN E 238 29.23 43.44 -29.62
N LEU E 239 30.40 42.83 -29.79
CA LEU E 239 30.83 42.34 -31.09
C LEU E 239 30.63 40.84 -31.25
N PHE E 240 30.38 40.11 -30.16
CA PHE E 240 30.29 38.67 -30.21
C PHE E 240 28.90 38.12 -29.97
N LYS E 241 28.07 38.80 -29.18
CA LYS E 241 26.76 38.26 -28.84
C LYS E 241 25.61 39.23 -29.06
N ALA E 242 25.85 40.38 -29.71
CA ALA E 242 24.78 41.31 -30.03
C ALA E 242 24.16 41.06 -31.40
N ILE E 243 24.42 39.89 -32.00
CA ILE E 243 23.84 39.56 -33.29
C ILE E 243 22.36 39.21 -33.16
N GLY E 244 21.93 38.78 -31.97
CA GLY E 244 20.55 38.39 -31.76
C GLY E 244 20.42 36.98 -31.22
N ILE E 245 21.46 36.50 -30.55
CA ILE E 245 21.49 35.16 -29.97
C ILE E 245 21.45 35.31 -28.45
N LYS E 246 20.46 34.70 -27.83
CA LYS E 246 20.35 34.75 -26.38
C LYS E 246 21.41 33.85 -25.74
N PRO E 247 21.96 34.25 -24.60
CA PRO E 247 23.02 33.44 -23.96
C PRO E 247 22.44 32.18 -23.34
N PRO E 248 23.04 31.02 -23.62
CA PRO E 248 22.61 29.79 -22.94
C PRO E 248 23.10 29.79 -21.50
N ARG E 249 22.20 29.41 -20.59
CA ARG E 249 22.48 29.45 -19.16
C ARG E 249 22.53 28.08 -18.50
N GLY E 250 21.94 27.06 -19.10
CA GLY E 250 21.86 25.76 -18.46
C GLY E 250 22.89 24.76 -18.94
N VAL E 251 23.82 24.38 -18.08
CA VAL E 251 24.79 23.34 -18.36
C VAL E 251 24.46 22.12 -17.52
N LEU E 252 25.13 21.01 -17.82
CA LEU E 252 24.86 19.75 -17.12
C LEU E 252 26.17 18.99 -16.98
N MET E 253 26.72 19.00 -15.76
CA MET E 253 27.90 18.22 -15.44
C MET E 253 27.50 16.87 -14.87
N TYR E 254 28.16 15.81 -15.33
CA TYR E 254 27.85 14.45 -14.89
C TYR E 254 29.11 13.62 -15.03
N GLY E 255 28.97 12.31 -14.80
CA GLY E 255 30.08 11.39 -14.84
C GLY E 255 30.05 10.44 -13.66
N PRO E 256 31.16 9.75 -13.42
CA PRO E 256 31.24 8.83 -12.27
C PRO E 256 31.34 9.62 -10.97
N PRO E 257 30.80 9.08 -9.86
CA PRO E 257 30.89 9.79 -8.58
C PRO E 257 32.31 9.77 -8.02
N GLY E 258 32.99 10.91 -8.08
CA GLY E 258 34.36 11.00 -7.61
C GLY E 258 35.28 11.71 -8.58
N THR E 259 34.74 12.15 -9.72
CA THR E 259 35.51 12.97 -10.63
C THR E 259 35.66 14.41 -10.16
N GLY E 260 34.94 14.81 -9.10
CA GLY E 260 35.11 16.14 -8.53
C GLY E 260 34.34 17.22 -9.25
N LYS E 261 33.05 17.17 -9.30
CA LYS E 261 32.55 18.28 -9.93
C LYS E 261 32.46 19.28 -8.80
N THR E 262 31.79 18.84 -7.78
CA THR E 262 31.45 19.84 -6.77
C THR E 262 32.51 20.93 -6.70
N LEU E 263 33.76 20.54 -6.88
CA LEU E 263 34.88 21.50 -6.84
C LEU E 263 34.98 22.25 -8.17
N MET E 264 35.09 21.51 -9.26
CA MET E 264 35.20 22.12 -10.58
C MET E 264 34.31 23.34 -10.70
N ALA E 265 33.13 23.31 -10.06
CA ALA E 265 32.28 24.49 -10.03
C ALA E 265 32.85 25.56 -9.11
N ARG E 266 33.66 25.17 -8.13
CA ARG E 266 34.33 26.15 -7.29
C ARG E 266 35.53 26.76 -8.01
N ALA E 267 36.12 26.04 -8.96
CA ALA E 267 37.31 26.53 -9.64
C ALA E 267 36.97 27.61 -10.66
N VAL E 268 35.82 27.50 -11.31
CA VAL E 268 35.44 28.52 -12.29
C VAL E 268 34.96 29.79 -11.61
N ALA E 269 34.50 29.71 -10.36
CA ALA E 269 34.13 30.90 -9.62
C ALA E 269 35.35 31.65 -9.10
N ASN E 270 36.42 30.92 -8.79
CA ASN E 270 37.65 31.56 -8.33
C ASN E 270 38.44 32.15 -9.50
N GLU E 271 38.39 31.51 -10.66
CA GLU E 271 39.11 31.99 -11.83
C GLU E 271 38.46 33.21 -12.47
N THR E 272 37.17 33.45 -12.22
CA THR E 272 36.46 34.58 -12.80
C THR E 272 36.05 35.63 -11.79
N GLY E 273 36.16 35.35 -10.49
CA GLY E 273 35.76 36.31 -9.48
C GLY E 273 34.27 36.46 -9.32
N ALA E 274 33.49 35.47 -9.73
CA ALA E 274 32.04 35.53 -9.64
C ALA E 274 31.56 35.00 -8.29
N PHE E 275 30.33 35.36 -7.95
CA PHE E 275 29.74 34.89 -6.71
C PHE E 275 29.32 33.44 -6.82
N PHE E 276 29.49 32.71 -5.72
CA PHE E 276 29.25 31.28 -5.69
C PHE E 276 28.07 30.96 -4.77
N PHE E 277 27.37 29.88 -5.11
CA PHE E 277 26.23 29.40 -4.33
C PHE E 277 26.40 27.90 -4.09
N LEU E 278 25.57 27.37 -3.19
CA LEU E 278 25.60 25.95 -2.86
C LEU E 278 24.18 25.48 -2.57
N ILE E 279 23.66 24.61 -3.42
CA ILE E 279 22.34 24.00 -3.23
C ILE E 279 22.49 22.50 -3.45
N ASN E 280 22.16 21.71 -2.44
CA ASN E 280 22.19 20.26 -2.55
C ASN E 280 20.79 19.75 -2.85
N GLY E 281 20.71 18.67 -3.62
CA GLY E 281 19.46 18.14 -4.10
C GLY E 281 18.53 17.60 -3.02
N PRO E 282 18.93 16.51 -2.34
CA PRO E 282 18.08 15.97 -1.27
C PRO E 282 18.07 16.81 0.01
N GLU E 283 18.77 17.94 0.05
CA GLU E 283 18.79 18.75 1.27
C GLU E 283 17.67 19.78 1.28
N VAL E 284 17.53 20.55 0.19
CA VAL E 284 16.52 21.61 0.17
C VAL E 284 15.14 21.02 -0.13
N MET E 285 15.08 19.97 -0.95
CA MET E 285 13.80 19.36 -1.30
C MET E 285 13.21 18.52 -0.17
N SER E 286 14.00 18.22 0.86
CA SER E 286 13.49 17.46 2.00
C SER E 286 12.69 18.33 2.96
N LYS E 287 12.68 19.64 2.77
CA LYS E 287 11.89 20.54 3.59
C LYS E 287 10.45 20.59 3.07
N MET E 288 9.68 21.55 3.55
CA MET E 288 8.29 21.67 3.11
C MET E 288 8.22 22.26 1.69
N ALA E 289 7.01 22.24 1.13
CA ALA E 289 6.81 22.79 -0.21
C ALA E 289 6.96 24.30 -0.22
N GLY E 290 6.41 24.97 0.80
CA GLY E 290 6.60 26.40 0.91
C GLY E 290 7.97 26.78 1.43
N GLU E 291 8.62 25.88 2.17
CA GLU E 291 9.95 26.17 2.69
C GLU E 291 11.02 26.04 1.60
N SER E 292 10.89 25.01 0.74
CA SER E 292 11.85 24.84 -0.33
C SER E 292 11.66 25.89 -1.43
N GLU E 293 10.43 26.38 -1.59
CA GLU E 293 10.17 27.43 -2.56
C GLU E 293 10.76 28.77 -2.11
N SER E 294 10.72 29.04 -0.80
CA SER E 294 11.25 30.29 -0.28
C SER E 294 12.77 30.33 -0.35
N ASN E 295 13.42 29.17 -0.16
CA ASN E 295 14.87 29.11 -0.30
C ASN E 295 15.28 29.18 -1.78
N LEU E 296 14.42 28.66 -2.66
CA LEU E 296 14.70 28.74 -4.09
C LEU E 296 14.51 30.15 -4.62
N ARG E 297 13.47 30.83 -4.14
CA ARG E 297 13.17 32.18 -4.62
C ARG E 297 14.17 33.20 -4.09
N LYS E 298 14.62 33.04 -2.84
CA LYS E 298 15.58 33.97 -2.26
C LYS E 298 16.99 33.77 -2.79
N ALA E 299 17.26 32.64 -3.44
CA ALA E 299 18.59 32.40 -3.98
C ALA E 299 18.76 33.05 -5.35
N PHE E 300 17.68 33.08 -6.14
CA PHE E 300 17.79 33.64 -7.49
C PHE E 300 17.74 35.16 -7.48
N GLU E 301 16.97 35.75 -6.55
CA GLU E 301 16.97 37.21 -6.44
C GLU E 301 18.26 37.72 -5.81
N GLU E 302 18.94 36.88 -5.02
CA GLU E 302 20.26 37.26 -4.52
C GLU E 302 21.30 37.18 -5.61
N ALA E 303 21.15 36.22 -6.54
CA ALA E 303 22.10 36.07 -7.64
C ALA E 303 21.95 37.17 -8.68
N GLU E 304 20.82 37.87 -8.71
CA GLU E 304 20.62 38.92 -9.71
C GLU E 304 21.40 40.18 -9.35
N LYS E 305 21.50 40.49 -8.06
CA LYS E 305 22.09 41.75 -7.61
C LYS E 305 23.61 41.68 -7.47
N ASN E 306 24.23 40.54 -7.73
CA ASN E 306 25.68 40.40 -7.68
C ASN E 306 26.19 39.67 -8.92
N ALA E 307 25.75 40.13 -10.09
CA ALA E 307 26.17 39.52 -11.35
C ALA E 307 27.65 39.84 -11.59
N PRO E 308 28.46 38.87 -12.03
CA PRO E 308 28.10 37.47 -12.34
C PRO E 308 28.01 36.55 -11.12
N ALA E 309 27.07 35.61 -11.17
CA ALA E 309 26.84 34.66 -10.10
C ALA E 309 26.67 33.26 -10.68
N ILE E 310 27.06 32.25 -9.91
CA ILE E 310 26.96 30.85 -10.31
C ILE E 310 26.08 30.13 -9.30
N ILE E 311 25.02 29.52 -9.78
CA ILE E 311 24.07 28.78 -8.94
C ILE E 311 24.34 27.30 -9.17
N PHE E 312 24.94 26.65 -8.19
CA PHE E 312 25.30 25.25 -8.31
C PHE E 312 24.20 24.35 -7.74
N ILE E 313 23.67 23.47 -8.59
CA ILE E 313 22.66 22.50 -8.19
C ILE E 313 23.25 21.10 -8.37
N ASP E 314 23.08 20.25 -7.36
CA ASP E 314 23.57 18.88 -7.40
C ASP E 314 22.41 17.90 -7.28
N GLU E 315 22.64 16.69 -7.79
CA GLU E 315 21.77 15.52 -7.66
C GLU E 315 20.38 15.80 -8.24
N ILE E 316 20.36 16.00 -9.57
CA ILE E 316 19.13 16.27 -10.29
C ILE E 316 18.23 15.05 -10.35
N ASP E 317 18.81 13.84 -10.26
CA ASP E 317 18.03 12.61 -10.37
C ASP E 317 17.11 12.39 -9.15
N SER E 318 17.49 12.94 -7.99
CA SER E 318 16.63 12.84 -6.83
C SER E 318 15.45 13.79 -6.90
N ILE E 319 15.54 14.84 -7.71
CA ILE E 319 14.49 15.84 -7.81
C ILE E 319 13.59 15.51 -9.00
N ALA E 320 14.19 14.99 -10.07
CA ALA E 320 13.47 14.69 -11.31
C ALA E 320 13.83 13.29 -11.78
N PRO E 321 13.14 12.26 -11.30
CA PRO E 321 13.35 10.91 -11.82
C PRO E 321 12.47 10.64 -13.04
N LYS E 322 12.65 9.45 -13.61
CA LYS E 322 11.86 9.06 -14.77
C LYS E 322 10.43 8.74 -14.36
N ARG E 323 9.52 8.85 -15.33
CA ARG E 323 8.08 8.70 -15.09
C ARG E 323 7.53 7.44 -15.73
N ASP E 324 8.29 6.35 -15.68
CA ASP E 324 7.80 5.07 -16.22
C ASP E 324 7.00 4.28 -15.19
N LYS E 325 7.45 4.27 -13.93
CA LYS E 325 6.70 3.63 -12.86
C LYS E 325 6.69 4.42 -11.56
N THR E 326 7.36 5.57 -11.51
CA THR E 326 7.41 6.39 -10.30
C THR E 326 6.08 7.14 -10.16
N ASN E 327 5.14 6.50 -9.48
CA ASN E 327 3.81 7.06 -9.30
C ASN E 327 3.84 8.14 -8.22
N GLY E 328 2.72 8.83 -8.07
CA GLY E 328 2.61 9.93 -7.14
C GLY E 328 3.11 11.24 -7.75
N GLU E 329 2.61 12.34 -7.20
CA GLU E 329 2.94 13.68 -7.69
C GLU E 329 3.38 14.53 -6.50
N VAL E 330 4.67 14.44 -6.17
CA VAL E 330 5.28 15.29 -5.17
C VAL E 330 6.60 15.79 -5.73
N GLU E 331 7.06 15.15 -6.81
CA GLU E 331 8.32 15.52 -7.43
C GLU E 331 8.14 16.58 -8.52
N ARG E 332 6.97 16.58 -9.17
CA ARG E 332 6.71 17.50 -10.27
C ARG E 332 6.37 18.91 -9.81
N ARG E 333 6.22 19.13 -8.50
CA ARG E 333 5.92 20.47 -8.01
C ARG E 333 7.16 21.36 -8.05
N VAL E 334 8.30 20.83 -7.60
CA VAL E 334 9.50 21.66 -7.48
C VAL E 334 10.20 21.83 -8.82
N VAL E 335 10.09 20.84 -9.71
CA VAL E 335 10.78 20.95 -10.99
C VAL E 335 10.03 21.86 -11.95
N SER E 336 8.74 22.13 -11.68
CA SER E 336 8.01 23.09 -12.49
C SER E 336 8.39 24.52 -12.12
N GLN E 337 8.85 24.74 -10.90
CA GLN E 337 9.28 26.08 -10.50
C GLN E 337 10.70 26.37 -10.96
N LEU E 338 11.50 25.34 -11.22
CA LEU E 338 12.85 25.55 -11.73
C LEU E 338 12.81 25.99 -13.19
N LEU E 339 11.91 25.41 -13.98
CA LEU E 339 11.78 25.81 -15.37
C LEU E 339 11.05 27.15 -15.49
N THR E 340 10.28 27.53 -14.46
CA THR E 340 9.60 28.81 -14.47
C THR E 340 10.57 29.95 -14.24
N LEU E 341 11.44 29.81 -13.24
CA LEU E 341 12.39 30.86 -12.88
C LEU E 341 13.57 30.96 -13.84
N MET E 342 13.72 30.02 -14.78
CA MET E 342 14.82 30.06 -15.73
C MET E 342 14.48 30.85 -16.99
N ASP E 343 13.33 31.52 -17.04
CA ASP E 343 12.85 32.16 -18.26
C ASP E 343 13.01 33.67 -18.23
N GLY E 344 12.54 34.33 -17.17
CA GLY E 344 12.51 35.78 -17.12
C GLY E 344 13.80 36.46 -16.71
N MET E 345 14.92 36.02 -17.27
CA MET E 345 16.24 36.55 -16.97
C MET E 345 17.02 36.77 -18.27
N LYS E 346 16.38 37.45 -19.23
CA LYS E 346 16.85 37.40 -20.60
C LYS E 346 17.92 38.47 -20.88
N ALA E 347 17.85 39.61 -20.19
CA ALA E 347 18.50 40.83 -20.70
C ALA E 347 19.97 40.94 -20.32
N ARG E 348 20.28 41.03 -19.02
CA ARG E 348 21.64 41.31 -18.58
C ARG E 348 22.08 40.50 -17.37
N SER E 349 21.29 39.51 -16.95
CA SER E 349 21.62 38.70 -15.78
C SER E 349 22.69 37.70 -16.16
N ASN E 350 23.92 37.91 -15.68
CA ASN E 350 25.04 37.02 -15.97
C ASN E 350 24.99 35.85 -14.99
N VAL E 351 24.07 34.91 -15.25
CA VAL E 351 23.90 33.74 -14.41
C VAL E 351 23.99 32.49 -15.28
N VAL E 352 24.70 31.48 -14.79
CA VAL E 352 24.82 30.18 -15.45
C VAL E 352 24.54 29.13 -14.38
N VAL E 353 23.42 28.42 -14.53
CA VAL E 353 23.08 27.37 -13.59
C VAL E 353 23.88 26.11 -13.93
N ILE E 354 24.48 25.49 -12.91
CA ILE E 354 25.28 24.29 -13.08
C ILE E 354 24.52 23.14 -12.41
N ALA E 355 24.06 22.20 -13.22
CA ALA E 355 23.35 21.02 -12.72
C ALA E 355 24.31 19.85 -12.65
N ALA E 356 24.47 19.28 -11.46
CA ALA E 356 25.40 18.19 -11.22
C ALA E 356 24.63 16.91 -10.95
N THR E 357 25.01 15.84 -11.63
CA THR E 357 24.37 14.54 -11.48
C THR E 357 25.41 13.47 -11.77
N ASN E 358 24.96 12.22 -11.97
CA ASN E 358 25.83 11.11 -12.29
C ASN E 358 25.56 10.53 -13.66
N ARG E 359 24.31 10.19 -13.96
CA ARG E 359 23.95 9.59 -15.23
C ARG E 359 23.11 10.58 -16.04
N PRO E 360 23.40 10.77 -17.33
CA PRO E 360 22.61 11.72 -18.12
C PRO E 360 21.26 11.17 -18.55
N ASN E 361 21.10 9.84 -18.63
CA ASN E 361 19.82 9.26 -19.05
C ASN E 361 18.80 9.20 -17.93
N SER E 362 19.23 9.32 -16.68
CA SER E 362 18.29 9.29 -15.55
C SER E 362 17.53 10.61 -15.41
N ILE E 363 18.04 11.70 -15.99
CA ILE E 363 17.36 12.98 -15.93
C ILE E 363 16.15 12.95 -16.85
N ASP E 364 15.13 13.73 -16.52
CA ASP E 364 13.92 13.79 -17.34
C ASP E 364 14.21 14.47 -18.67
N PRO E 365 13.60 14.01 -19.76
CA PRO E 365 13.85 14.64 -21.07
C PRO E 365 13.19 16.02 -21.22
N ALA E 366 12.28 16.40 -20.33
CA ALA E 366 11.66 17.71 -20.40
C ALA E 366 12.61 18.82 -19.99
N LEU E 367 13.66 18.50 -19.24
CA LEU E 367 14.63 19.52 -18.84
C LEU E 367 15.57 19.90 -19.97
N ARG E 368 15.70 19.05 -20.99
CA ARG E 368 16.62 19.30 -22.11
C ARG E 368 15.83 19.91 -23.26
N ARG E 369 15.55 21.20 -23.14
CA ARG E 369 14.91 21.98 -24.19
C ARG E 369 15.76 23.21 -24.50
N PHE E 370 15.23 24.07 -25.36
CA PHE E 370 15.95 25.28 -25.74
C PHE E 370 15.91 26.29 -24.60
N GLY E 371 17.08 26.69 -24.11
CA GLY E 371 17.20 27.68 -23.06
C GLY E 371 17.21 27.12 -21.65
N ARG E 372 16.62 25.94 -21.44
CA ARG E 372 16.60 25.37 -20.09
C ARG E 372 17.93 24.71 -19.75
N PHE E 373 18.31 23.68 -20.52
CA PHE E 373 19.57 22.98 -20.29
C PHE E 373 20.07 22.50 -21.65
N ASP E 374 21.22 23.03 -22.09
CA ASP E 374 21.77 22.72 -23.40
C ASP E 374 23.09 21.99 -23.33
N ARG E 375 24.04 22.49 -22.54
CA ARG E 375 25.38 21.90 -22.48
C ARG E 375 25.37 20.65 -21.61
N GLU E 376 25.85 19.54 -22.17
CA GLU E 376 26.04 18.30 -21.43
C GLU E 376 27.52 17.96 -21.46
N VAL E 377 28.28 18.53 -20.53
CA VAL E 377 29.71 18.26 -20.44
C VAL E 377 29.95 17.07 -19.52
N ASP E 378 30.97 16.28 -19.84
CA ASP E 378 31.30 15.06 -19.11
C ASP E 378 32.80 15.00 -18.87
N ILE E 379 33.22 15.33 -17.64
CA ILE E 379 34.61 15.12 -17.26
C ILE E 379 34.85 13.64 -17.01
N GLY E 380 35.86 13.09 -17.68
CA GLY E 380 36.09 11.66 -17.66
C GLY E 380 37.20 11.25 -16.73
N ILE E 381 37.46 9.94 -16.71
CA ILE E 381 38.51 9.36 -15.88
C ILE E 381 39.85 9.63 -16.57
N PRO E 382 40.80 10.26 -15.89
CA PRO E 382 42.07 10.61 -16.55
C PRO E 382 42.97 9.40 -16.74
N ASP E 383 43.89 9.55 -17.68
CA ASP E 383 44.90 8.54 -17.97
C ASP E 383 46.13 8.80 -17.10
N ALA E 384 47.26 8.16 -17.45
CA ALA E 384 48.49 8.32 -16.68
C ALA E 384 49.05 9.74 -16.82
N THR E 385 48.81 10.38 -17.96
CA THR E 385 49.20 11.78 -18.11
C THR E 385 48.26 12.72 -17.38
N GLY E 386 47.03 12.28 -17.10
CA GLY E 386 46.06 13.11 -16.42
C GLY E 386 46.12 13.02 -14.91
N ARG E 387 46.25 11.79 -14.40
CA ARG E 387 46.30 11.57 -12.95
C ARG E 387 47.66 11.87 -12.34
N LEU E 388 48.67 12.21 -13.14
CA LEU E 388 49.97 12.56 -12.60
C LEU E 388 49.94 13.91 -11.88
N GLU E 389 49.09 14.83 -12.35
CA GLU E 389 48.95 16.11 -11.66
C GLU E 389 48.15 15.97 -10.38
N VAL E 390 47.28 14.96 -10.30
CA VAL E 390 46.54 14.69 -9.06
C VAL E 390 47.49 14.15 -8.00
N LEU E 391 48.46 13.33 -8.41
CA LEU E 391 49.49 12.86 -7.47
C LEU E 391 50.47 13.97 -7.13
N ARG E 392 50.63 14.95 -8.02
CA ARG E 392 51.55 16.05 -7.76
C ARG E 392 50.99 17.03 -6.74
N ILE E 393 49.65 17.12 -6.65
CA ILE E 393 49.04 18.04 -5.70
C ILE E 393 49.10 17.47 -4.28
N HIS E 394 48.75 16.19 -4.14
CA HIS E 394 48.67 15.57 -2.83
C HIS E 394 50.01 15.04 -2.32
N THR E 395 51.12 15.38 -2.98
CA THR E 395 52.45 15.05 -2.48
C THR E 395 53.33 16.26 -2.23
N LYS E 396 52.96 17.44 -2.72
CA LYS E 396 53.72 18.65 -2.43
C LYS E 396 53.52 19.13 -1.00
N ASN E 397 52.43 18.70 -0.35
CA ASN E 397 52.23 18.98 1.07
C ASN E 397 53.06 18.07 1.96
N MET E 398 53.56 16.95 1.43
CA MET E 398 54.39 16.04 2.19
C MET E 398 55.79 16.63 2.35
N LYS E 399 56.44 16.28 3.47
CA LYS E 399 57.79 16.75 3.76
C LYS E 399 58.81 16.17 2.80
N LEU E 400 58.95 14.84 2.81
CA LEU E 400 59.92 14.15 1.97
C LEU E 400 59.22 13.03 1.21
N ALA E 401 59.94 12.44 0.27
CA ALA E 401 59.45 11.31 -0.51
C ALA E 401 60.63 10.41 -0.84
N ASP E 402 60.39 9.40 -1.66
CA ASP E 402 61.44 8.48 -2.09
C ASP E 402 62.13 9.05 -3.33
N ASP E 403 63.00 8.23 -3.95
CA ASP E 403 63.69 8.59 -5.17
C ASP E 403 63.06 7.91 -6.38
N VAL E 404 61.78 7.54 -6.25
CA VAL E 404 61.03 6.88 -7.32
C VAL E 404 59.93 7.84 -7.77
N ASP E 405 59.76 7.95 -9.10
CA ASP E 405 58.76 8.84 -9.66
C ASP E 405 57.36 8.29 -9.41
N LEU E 406 56.38 9.20 -9.34
CA LEU E 406 55.00 8.82 -9.11
C LEU E 406 54.32 8.25 -10.34
N GLU E 407 54.88 8.46 -11.54
CA GLU E 407 54.29 7.91 -12.74
C GLU E 407 54.52 6.42 -12.87
N ALA E 408 55.54 5.89 -12.18
CA ALA E 408 55.74 4.45 -12.15
C ALA E 408 54.68 3.76 -11.29
N LEU E 409 54.17 4.45 -10.27
CA LEU E 409 53.11 3.92 -9.44
C LEU E 409 51.72 4.19 -10.02
N ALA E 410 51.57 5.29 -10.75
CA ALA E 410 50.28 5.63 -11.34
C ALA E 410 50.03 4.89 -12.65
N ALA E 411 51.03 4.16 -13.17
CA ALA E 411 50.84 3.43 -14.42
C ALA E 411 49.93 2.22 -14.24
N GLU E 412 50.00 1.56 -13.08
CA GLU E 412 49.13 0.42 -12.81
C GLU E 412 47.77 0.83 -12.26
N THR E 413 47.62 2.06 -11.78
CA THR E 413 46.35 2.55 -11.25
C THR E 413 45.60 3.28 -12.36
N HIS E 414 45.18 2.50 -13.37
CA HIS E 414 44.53 3.07 -14.55
C HIS E 414 43.09 3.44 -14.25
N GLY E 415 42.29 2.49 -13.80
CA GLY E 415 40.88 2.73 -13.53
C GLY E 415 40.62 3.22 -12.11
N TYR E 416 41.39 4.20 -11.68
CA TYR E 416 41.27 4.78 -10.33
C TYR E 416 40.93 6.25 -10.47
N VAL E 417 39.75 6.64 -9.97
CA VAL E 417 39.28 8.01 -10.13
C VAL E 417 40.05 8.92 -9.17
N GLY E 418 40.10 10.22 -9.50
CA GLY E 418 40.76 11.20 -8.68
C GLY E 418 39.92 11.73 -7.53
N ALA E 419 39.44 10.79 -6.70
CA ALA E 419 38.99 11.03 -5.34
C ALA E 419 39.63 9.98 -4.45
N ASP E 420 39.89 8.81 -5.05
CA ASP E 420 40.60 7.74 -4.35
C ASP E 420 42.08 8.06 -4.24
N ILE E 421 42.64 8.77 -5.22
CA ILE E 421 44.06 9.12 -5.23
C ILE E 421 44.37 10.12 -4.12
N ALA E 422 43.38 10.92 -3.71
CA ALA E 422 43.56 11.83 -2.58
C ALA E 422 43.69 11.07 -1.25
N SER E 423 43.19 9.84 -1.20
CA SER E 423 43.25 9.03 0.01
C SER E 423 44.45 8.10 0.06
N LEU E 424 44.97 7.67 -1.09
CA LEU E 424 46.10 6.73 -1.12
C LEU E 424 47.41 7.35 -0.67
N CYS E 425 47.57 8.67 -0.82
CA CYS E 425 48.75 9.32 -0.26
C CYS E 425 48.67 9.37 1.25
N SER E 426 47.46 9.45 1.79
CA SER E 426 47.27 9.41 3.24
C SER E 426 47.23 7.98 3.76
N GLU E 427 46.81 7.02 2.93
CA GLU E 427 46.75 5.63 3.35
C GLU E 427 48.13 5.01 3.50
N ALA E 428 49.14 5.54 2.82
CA ALA E 428 50.51 5.07 2.98
C ALA E 428 51.33 5.93 3.93
N ALA E 429 50.85 7.13 4.27
CA ALA E 429 51.58 7.98 5.19
C ALA E 429 51.41 7.51 6.63
N MET E 430 50.25 6.95 6.96
CA MET E 430 50.01 6.50 8.33
C MET E 430 50.74 5.19 8.62
N GLN E 431 50.99 4.37 7.60
CA GLN E 431 51.79 3.17 7.80
C GLN E 431 53.25 3.52 8.06
N GLN E 432 53.72 4.65 7.51
CA GLN E 432 55.07 5.12 7.81
C GLN E 432 55.20 5.53 9.27
N ILE E 433 54.13 6.10 9.83
CA ILE E 433 54.12 6.38 11.27
C ILE E 433 53.95 5.08 12.06
N ARG E 434 53.20 4.13 11.50
CA ARG E 434 53.02 2.85 12.17
C ARG E 434 54.26 1.97 12.07
N GLU E 435 55.13 2.24 11.09
CA GLU E 435 56.37 1.48 10.97
C GLU E 435 57.35 1.84 12.08
N LYS E 436 57.39 3.11 12.49
CA LYS E 436 58.24 3.51 13.61
C LYS E 436 57.53 3.28 14.94
N MET E 437 56.36 3.88 15.11
CA MET E 437 55.58 3.72 16.33
C MET E 437 54.10 3.47 16.01
N ALA E 449 62.69 16.43 12.97
CA ALA E 449 63.44 15.38 12.28
C ALA E 449 63.63 14.16 13.19
N GLU E 450 63.25 14.32 14.47
CA GLU E 450 63.35 13.21 15.40
C GLU E 450 62.32 12.14 15.12
N VAL E 451 61.13 12.54 14.65
CA VAL E 451 60.10 11.61 14.22
C VAL E 451 59.55 11.95 12.85
N LEU E 452 60.07 12.97 12.19
CA LEU E 452 59.60 13.40 10.88
C LEU E 452 60.42 12.83 9.74
N ASP E 453 61.50 12.10 10.04
CA ASP E 453 62.27 11.45 8.99
C ASP E 453 61.56 10.22 8.43
N SER E 454 60.59 9.67 9.17
CA SER E 454 59.79 8.58 8.65
C SER E 454 58.69 9.06 7.73
N LEU E 455 58.44 10.37 7.68
CA LEU E 455 57.39 10.92 6.84
C LEU E 455 57.71 10.83 5.35
N GLY E 456 58.98 10.67 4.98
CA GLY E 456 59.33 10.36 3.62
C GLY E 456 58.84 8.98 3.24
N VAL E 457 57.85 8.93 2.36
CA VAL E 457 57.19 7.69 1.99
C VAL E 457 58.13 6.88 1.09
N THR E 458 57.94 5.56 1.10
CA THR E 458 58.74 4.64 0.31
C THR E 458 57.91 4.08 -0.84
N MET E 459 58.60 3.43 -1.79
CA MET E 459 57.91 2.91 -2.96
C MET E 459 57.16 1.61 -2.67
N ASP E 460 57.52 0.92 -1.59
CA ASP E 460 56.80 -0.30 -1.23
C ASP E 460 55.60 -0.02 -0.33
N ASN E 461 55.56 1.13 0.33
CA ASN E 461 54.37 1.50 1.09
C ASN E 461 53.24 1.93 0.18
N PHE E 462 53.55 2.45 -1.01
CA PHE E 462 52.53 2.62 -2.03
C PHE E 462 52.03 1.26 -2.53
N ARG E 463 52.93 0.27 -2.59
CA ARG E 463 52.51 -1.08 -2.93
C ARG E 463 51.72 -1.72 -1.79
N PHE E 464 52.01 -1.34 -0.54
CA PHE E 464 51.15 -1.75 0.57
C PHE E 464 49.81 -1.05 0.50
N ALA E 465 49.79 0.23 0.11
CA ALA E 465 48.54 0.92 -0.12
C ALA E 465 47.82 0.37 -1.33
N LEU E 466 48.56 -0.11 -2.33
CA LEU E 466 47.95 -0.84 -3.43
C LEU E 466 47.59 -2.26 -3.05
N GLY E 467 48.23 -2.82 -2.01
CA GLY E 467 47.89 -4.15 -1.54
C GLY E 467 46.55 -4.23 -0.82
N ASN E 468 46.21 -3.21 -0.04
CA ASN E 468 44.91 -3.10 0.61
C ASN E 468 44.05 -2.05 -0.07
N SER E 469 44.20 -1.89 -1.39
CA SER E 469 43.51 -0.84 -2.13
C SER E 469 42.06 -1.20 -2.35
N ASN E 470 41.19 -0.19 -2.26
CA ASN E 470 39.78 -0.30 -2.62
C ASN E 470 39.58 0.44 -3.93
N PRO E 471 39.59 -0.26 -5.07
CA PRO E 471 39.50 0.44 -6.37
C PRO E 471 38.09 0.93 -6.63
N SER E 472 37.98 2.11 -7.22
CA SER E 472 36.68 2.68 -7.55
C SER E 472 36.00 1.91 -8.67
N ALA E 473 36.77 1.30 -9.56
CA ALA E 473 36.18 0.48 -10.61
C ALA E 473 35.70 -0.86 -10.07
N LEU E 474 36.25 -1.28 -8.92
CA LEU E 474 35.85 -2.54 -8.29
C LEU E 474 34.53 -2.43 -7.56
N ARG E 475 34.08 -1.22 -7.23
CA ARG E 475 32.80 -1.03 -6.55
C ARG E 475 31.60 -1.25 -7.47
N GLU E 476 31.82 -1.33 -8.78
CA GLU E 476 30.78 -1.64 -9.75
C GLU E 476 31.37 -2.60 -10.77
N THR E 477 30.69 -2.78 -11.89
CA THR E 477 31.21 -3.59 -12.99
C THR E 477 32.42 -2.93 -13.62
N VAL E 478 33.40 -3.75 -14.01
CA VAL E 478 34.66 -3.23 -14.54
C VAL E 478 34.51 -3.08 -16.06
N VAL E 479 34.49 -1.82 -16.52
CA VAL E 479 34.38 -1.51 -17.94
C VAL E 479 35.54 -0.63 -18.40
N GLU E 480 36.66 -0.66 -17.68
CA GLU E 480 37.81 0.15 -18.04
C GLU E 480 38.58 -0.50 -19.19
N SER E 481 39.51 0.26 -19.75
CA SER E 481 40.37 -0.22 -20.84
C SER E 481 41.65 -0.79 -20.25
N VAL E 482 41.98 -2.02 -20.62
CA VAL E 482 43.18 -2.68 -20.11
C VAL E 482 44.41 -2.13 -20.84
N ASN E 483 45.59 -2.39 -20.29
CA ASN E 483 46.84 -1.86 -20.83
C ASN E 483 47.56 -2.87 -21.72
N VAL E 484 46.81 -3.72 -22.42
CA VAL E 484 47.42 -4.68 -23.33
C VAL E 484 47.78 -3.98 -24.63
N THR E 485 48.84 -4.44 -25.29
CA THR E 485 49.34 -3.87 -26.53
C THR E 485 49.57 -4.98 -27.55
N TRP E 486 50.22 -4.62 -28.66
CA TRP E 486 50.49 -5.55 -29.75
C TRP E 486 51.82 -6.26 -29.63
N ASP E 487 52.72 -5.82 -28.75
CA ASP E 487 54.02 -6.46 -28.63
C ASP E 487 53.98 -7.68 -27.72
N ASP E 488 52.86 -7.94 -27.05
CA ASP E 488 52.74 -9.08 -26.16
C ASP E 488 52.50 -10.39 -26.89
N VAL E 489 52.20 -10.35 -28.18
CA VAL E 489 51.92 -11.55 -28.95
C VAL E 489 52.95 -11.68 -30.07
N GLY E 490 53.07 -12.88 -30.60
CA GLY E 490 53.97 -13.15 -31.71
C GLY E 490 53.26 -13.75 -32.90
N GLY E 491 53.31 -13.06 -34.03
CA GLY E 491 52.60 -13.51 -35.22
C GLY E 491 51.24 -12.86 -35.35
N LEU E 492 50.42 -13.48 -36.20
CA LEU E 492 49.06 -13.02 -36.55
C LEU E 492 49.07 -11.59 -37.09
N ASP E 493 49.98 -11.34 -38.03
CA ASP E 493 50.15 -10.00 -38.59
C ASP E 493 49.26 -9.73 -39.79
N GLU E 494 48.78 -10.77 -40.47
CA GLU E 494 47.82 -10.56 -41.56
C GLU E 494 46.46 -10.15 -41.01
N ILE E 495 46.14 -10.57 -39.78
CA ILE E 495 44.92 -10.12 -39.13
C ILE E 495 45.10 -8.70 -38.60
N LYS E 496 46.33 -8.36 -38.20
CA LYS E 496 46.60 -7.04 -37.62
C LYS E 496 46.53 -5.94 -38.68
N GLU E 497 46.97 -6.23 -39.91
CA GLU E 497 46.88 -5.23 -40.97
C GLU E 497 45.45 -5.08 -41.47
N GLU E 498 44.62 -6.11 -41.30
CA GLU E 498 43.21 -6.01 -41.68
C GLU E 498 42.38 -5.35 -40.58
N LEU E 499 42.74 -5.54 -39.32
CA LEU E 499 42.04 -4.95 -38.20
C LEU E 499 42.58 -3.58 -37.81
N LYS E 500 43.29 -2.90 -38.70
CA LYS E 500 43.71 -1.52 -38.50
C LYS E 500 42.93 -0.55 -39.39
N GLU E 501 41.96 -1.04 -40.15
CA GLU E 501 41.20 -0.22 -41.08
C GLU E 501 39.71 -0.20 -40.78
N THR E 502 39.19 -1.24 -40.12
CA THR E 502 37.74 -1.34 -39.95
C THR E 502 37.23 -0.45 -38.83
N VAL E 503 37.90 -0.45 -37.67
CA VAL E 503 37.41 0.28 -36.52
C VAL E 503 38.29 1.48 -36.14
N GLU E 504 39.50 1.61 -36.72
CA GLU E 504 40.38 2.72 -36.36
C GLU E 504 40.25 3.88 -37.34
N TYR E 505 40.07 3.59 -38.63
CA TYR E 505 39.94 4.65 -39.62
C TYR E 505 38.68 5.52 -39.49
N PRO E 506 37.48 5.01 -39.07
CA PRO E 506 36.40 5.95 -38.74
C PRO E 506 36.67 6.83 -37.52
N VAL E 507 37.43 6.35 -36.53
CA VAL E 507 37.58 7.13 -35.31
C VAL E 507 38.84 7.98 -35.32
N LEU E 508 39.81 7.68 -36.19
CA LEU E 508 40.99 8.52 -36.29
C LEU E 508 40.80 9.62 -37.32
N HIS E 509 40.26 9.27 -38.48
CA HIS E 509 39.96 10.24 -39.54
C HIS E 509 38.46 10.19 -39.81
N PRO E 510 37.67 10.95 -39.05
CA PRO E 510 36.20 10.88 -39.23
C PRO E 510 35.68 11.59 -40.46
N ASP E 511 36.51 12.37 -41.16
CA ASP E 511 36.06 13.12 -42.32
C ASP E 511 36.33 12.40 -43.64
N GLN E 512 37.04 11.28 -43.62
CA GLN E 512 37.41 10.60 -44.85
C GLN E 512 36.24 9.85 -45.48
N TYR E 513 35.46 9.12 -44.66
CA TYR E 513 34.34 8.37 -45.20
C TYR E 513 33.14 9.26 -45.52
N THR E 514 33.07 10.45 -44.95
CA THR E 514 32.00 11.39 -45.28
C THR E 514 32.24 12.12 -46.59
N LYS E 515 33.47 12.10 -47.11
CA LYS E 515 33.72 12.67 -48.44
C LYS E 515 33.08 11.83 -49.53
N PHE E 516 33.19 10.50 -49.41
CA PHE E 516 32.53 9.58 -50.32
C PHE E 516 31.10 9.26 -49.88
N GLY E 517 30.70 9.64 -48.68
CA GLY E 517 29.35 9.39 -48.21
C GLY E 517 29.03 7.95 -47.88
N LEU E 518 30.04 7.09 -47.75
CA LEU E 518 29.85 5.68 -47.46
C LEU E 518 30.61 5.35 -46.18
N SER E 519 29.88 4.97 -45.14
CA SER E 519 30.49 4.57 -43.89
C SER E 519 31.21 3.23 -44.05
N PRO E 520 32.31 3.01 -43.31
CA PRO E 520 33.03 1.73 -43.43
C PRO E 520 32.26 0.54 -42.87
N SER E 521 32.76 -0.67 -43.12
CA SER E 521 32.06 -1.88 -42.71
C SER E 521 32.18 -2.09 -41.21
N LYS E 522 31.05 -2.39 -40.57
CA LYS E 522 30.98 -2.63 -39.14
C LYS E 522 30.78 -4.12 -38.90
N GLY E 523 31.84 -4.82 -38.53
CA GLY E 523 31.77 -6.24 -38.28
C GLY E 523 32.90 -7.04 -38.89
N VAL E 524 33.57 -7.84 -38.08
CA VAL E 524 34.66 -8.70 -38.52
C VAL E 524 34.47 -10.08 -37.88
N LEU E 525 34.68 -11.13 -38.68
CA LEU E 525 34.42 -12.49 -38.24
C LEU E 525 35.71 -13.31 -38.29
N PHE E 526 35.97 -14.04 -37.22
CA PHE E 526 37.11 -14.94 -37.13
C PHE E 526 36.62 -16.38 -37.01
N TYR E 527 37.43 -17.32 -37.50
CA TYR E 527 37.10 -18.73 -37.44
C TYR E 527 38.38 -19.55 -37.51
N GLY E 528 38.47 -20.56 -36.64
CA GLY E 528 39.62 -21.42 -36.60
C GLY E 528 39.68 -22.27 -35.35
N PRO E 529 40.86 -22.81 -35.04
CA PRO E 529 41.01 -23.68 -33.87
C PRO E 529 40.97 -22.87 -32.57
N PRO E 530 40.63 -23.50 -31.44
CA PRO E 530 40.59 -22.77 -30.17
C PRO E 530 41.95 -22.52 -29.53
N GLY E 531 43.05 -22.82 -30.22
CA GLY E 531 44.37 -22.62 -29.64
C GLY E 531 44.94 -21.23 -29.87
N THR E 532 44.62 -20.64 -31.02
CA THR E 532 45.16 -19.33 -31.36
C THR E 532 44.45 -18.23 -30.58
N GLY E 533 45.02 -17.03 -30.62
CA GLY E 533 44.46 -15.91 -29.89
C GLY E 533 43.48 -15.08 -30.69
N LYS E 534 42.36 -15.67 -31.10
CA LYS E 534 41.34 -14.94 -31.83
C LYS E 534 40.34 -14.23 -30.93
N THR E 535 40.13 -14.72 -29.70
CA THR E 535 39.29 -14.04 -28.73
C THR E 535 40.10 -13.21 -27.76
N LEU E 536 41.42 -13.35 -27.75
CA LEU E 536 42.29 -12.70 -26.78
C LEU E 536 43.02 -11.48 -27.34
N LEU E 537 43.17 -11.39 -28.66
CA LEU E 537 43.77 -10.23 -29.29
C LEU E 537 42.74 -9.17 -29.66
N ALA E 538 41.45 -9.43 -29.42
CA ALA E 538 40.43 -8.43 -29.72
C ALA E 538 40.41 -7.33 -28.67
N LYS E 539 40.96 -7.59 -27.49
CA LYS E 539 41.07 -6.55 -26.46
C LYS E 539 42.11 -5.50 -26.83
N ALA E 540 43.12 -5.88 -27.60
CA ALA E 540 44.13 -4.93 -28.05
C ALA E 540 43.63 -4.04 -29.18
N VAL E 541 42.53 -4.42 -29.83
CA VAL E 541 41.98 -3.61 -30.90
C VAL E 541 41.26 -2.39 -30.36
N ALA E 542 40.44 -2.58 -29.31
CA ALA E 542 39.67 -1.48 -28.76
C ALA E 542 40.51 -0.60 -27.85
N THR E 543 41.43 -1.19 -27.10
CA THR E 543 42.21 -0.44 -26.11
C THR E 543 43.30 0.42 -26.74
N GLU E 544 43.53 0.33 -28.04
CA GLU E 544 44.53 1.18 -28.69
C GLU E 544 44.03 2.62 -28.83
N VAL E 545 42.74 2.79 -29.11
CA VAL E 545 42.17 4.12 -29.30
C VAL E 545 41.28 4.38 -28.08
N SER E 546 41.58 3.64 -26.99
CA SER E 546 40.93 3.77 -25.68
C SER E 546 39.42 3.54 -25.75
N ALA E 547 39.00 2.49 -26.43
CA ALA E 547 37.58 2.15 -26.51
C ALA E 547 37.23 1.06 -25.50
N ASN E 548 35.96 1.05 -25.10
CA ASN E 548 35.47 0.07 -24.15
C ASN E 548 35.35 -1.30 -24.79
N PHE E 549 35.38 -2.34 -23.95
CA PHE E 549 35.32 -3.71 -24.40
C PHE E 549 34.23 -4.45 -23.62
N ILE E 550 33.25 -4.99 -24.34
CA ILE E 550 32.17 -5.78 -23.76
C ILE E 550 32.19 -7.15 -24.42
N SER E 551 32.53 -8.18 -23.63
CA SER E 551 32.66 -9.54 -24.14
C SER E 551 31.47 -10.36 -23.67
N VAL E 552 30.66 -10.82 -24.62
CA VAL E 552 29.53 -11.70 -24.34
C VAL E 552 29.79 -13.05 -24.99
N LYS E 553 29.33 -14.11 -24.33
CA LYS E 553 29.51 -15.47 -24.80
C LYS E 553 28.19 -16.02 -25.31
N GLY E 554 28.27 -16.91 -26.30
CA GLY E 554 27.11 -17.53 -26.90
C GLY E 554 26.28 -18.36 -25.92
N PRO E 555 26.84 -19.48 -25.40
CA PRO E 555 26.16 -20.27 -24.37
C PRO E 555 26.34 -19.73 -22.95
N GLU E 556 26.18 -18.41 -22.79
CA GLU E 556 26.17 -17.78 -21.48
C GLU E 556 24.77 -17.32 -21.10
N LEU E 557 24.14 -16.52 -21.93
CA LEU E 557 22.73 -16.16 -21.77
C LEU E 557 21.93 -16.86 -22.86
N LEU E 558 20.80 -17.44 -22.47
CA LEU E 558 19.94 -18.19 -23.39
C LEU E 558 18.50 -17.89 -23.02
N SER E 559 17.58 -18.65 -23.62
CA SER E 559 16.17 -18.55 -23.31
C SER E 559 15.80 -19.63 -22.30
N MET E 560 16.01 -19.29 -21.02
CA MET E 560 15.59 -20.17 -19.93
C MET E 560 14.08 -20.31 -19.91
N TRP E 561 13.40 -19.25 -19.51
CA TRP E 561 11.93 -19.31 -19.50
C TRP E 561 11.50 -19.34 -20.97
N TYR E 562 10.79 -18.30 -21.38
CA TYR E 562 10.38 -18.18 -22.80
C TYR E 562 10.54 -16.71 -23.20
N GLY E 563 11.31 -16.43 -24.26
CA GLY E 563 11.50 -15.06 -24.66
C GLY E 563 12.32 -14.21 -23.72
N GLU E 564 13.18 -14.81 -22.88
CA GLU E 564 13.97 -14.06 -21.91
C GLU E 564 15.37 -13.77 -22.42
N SER E 565 15.55 -13.77 -23.74
CA SER E 565 16.85 -13.50 -24.34
C SER E 565 16.85 -12.29 -25.27
N GLU E 566 15.72 -12.01 -25.93
CA GLU E 566 15.67 -10.89 -26.86
C GLU E 566 15.65 -9.55 -26.13
N SER E 567 15.08 -9.52 -24.92
CA SER E 567 15.15 -8.32 -24.11
C SER E 567 16.54 -8.12 -23.53
N ASN E 568 17.29 -9.20 -23.36
CA ASN E 568 18.66 -9.13 -22.85
C ASN E 568 19.70 -9.02 -23.96
N ILE E 569 19.27 -8.78 -25.20
CA ILE E 569 20.18 -8.49 -26.30
C ILE E 569 20.21 -7.00 -26.62
N ARG E 570 19.03 -6.38 -26.72
CA ARG E 570 18.92 -4.96 -27.02
C ARG E 570 19.08 -4.08 -25.77
N ASP E 571 19.31 -4.67 -24.59
CA ASP E 571 19.50 -3.88 -23.39
C ASP E 571 20.91 -3.31 -23.28
N ILE E 572 21.84 -3.77 -24.12
CA ILE E 572 23.21 -3.26 -24.10
C ILE E 572 23.51 -2.35 -25.29
N PHE E 573 22.57 -2.21 -26.24
CA PHE E 573 22.83 -1.38 -27.41
C PHE E 573 22.70 0.10 -27.09
N ASP E 574 21.90 0.46 -26.09
CA ASP E 574 21.72 1.87 -25.76
C ASP E 574 22.94 2.43 -25.05
N LYS E 575 23.53 1.66 -24.12
CA LYS E 575 24.73 2.10 -23.44
C LYS E 575 26.00 1.88 -24.25
N ALA E 576 25.90 1.17 -25.39
CA ALA E 576 27.07 1.01 -26.24
C ALA E 576 27.37 2.27 -27.03
N ARG E 577 26.36 3.10 -27.28
CA ARG E 577 26.52 4.35 -28.00
C ARG E 577 26.49 5.58 -27.10
N ALA E 578 26.08 5.45 -25.84
CA ALA E 578 26.05 6.58 -24.93
C ALA E 578 27.45 6.86 -24.38
N ALA E 579 28.20 5.82 -24.03
CA ALA E 579 29.56 5.93 -23.52
C ALA E 579 30.59 5.66 -24.59
N ALA E 580 30.30 6.09 -25.83
CA ALA E 580 31.13 5.81 -26.98
C ALA E 580 32.51 6.49 -26.84
N PRO E 581 33.59 5.85 -27.35
CA PRO E 581 33.70 4.60 -28.13
C PRO E 581 33.63 3.31 -27.30
N THR E 582 32.69 2.44 -27.65
CA THR E 582 32.64 1.08 -27.13
C THR E 582 32.59 0.09 -28.29
N VAL E 583 33.01 -1.14 -28.00
CA VAL E 583 32.77 -2.27 -28.90
C VAL E 583 32.06 -3.35 -28.10
N VAL E 584 31.44 -4.29 -28.83
CA VAL E 584 30.80 -5.45 -28.22
C VAL E 584 31.35 -6.70 -28.90
N PHE E 585 31.75 -7.68 -28.09
CA PHE E 585 32.45 -8.87 -28.57
C PHE E 585 31.54 -10.08 -28.40
N LEU E 586 30.85 -10.44 -29.47
CA LEU E 586 30.06 -11.67 -29.49
C LEU E 586 30.97 -12.86 -29.75
N ASP E 587 30.81 -13.91 -28.95
CA ASP E 587 31.74 -15.04 -28.95
C ASP E 587 30.98 -16.35 -28.88
N GLN E 588 31.51 -17.36 -29.58
CA GLN E 588 31.04 -18.74 -29.58
C GLN E 588 29.58 -18.83 -30.04
N LEU E 589 29.39 -18.50 -31.32
CA LEU E 589 28.08 -18.50 -31.96
C LEU E 589 27.62 -19.89 -32.42
N ASP E 590 28.21 -20.96 -31.89
CA ASP E 590 27.80 -22.33 -32.21
C ASP E 590 26.54 -22.77 -31.48
N SER E 591 25.90 -21.90 -30.71
CA SER E 591 24.64 -22.22 -30.07
C SER E 591 23.44 -21.52 -30.71
N ILE E 592 23.68 -20.53 -31.57
CA ILE E 592 22.63 -19.77 -32.23
C ILE E 592 22.72 -19.84 -33.75
N ALA E 593 23.93 -19.67 -34.30
CA ALA E 593 24.12 -19.59 -35.74
C ALA E 593 24.20 -20.96 -36.42
N LYS E 594 23.85 -22.04 -35.71
CA LYS E 594 23.83 -23.37 -36.31
C LYS E 594 22.43 -23.79 -36.75
N ALA E 595 21.39 -23.18 -36.19
CA ALA E 595 20.01 -23.61 -36.41
C ALA E 595 19.30 -22.60 -37.32
N ARG E 596 19.22 -22.93 -38.61
CA ARG E 596 18.40 -22.19 -39.57
C ARG E 596 17.26 -23.03 -40.12
N GLY E 597 17.56 -24.23 -40.60
CA GLY E 597 16.55 -25.12 -41.14
C GLY E 597 16.79 -26.58 -40.81
N GLY E 598 17.71 -26.83 -39.87
CA GLY E 598 18.03 -28.18 -39.49
C GLY E 598 17.22 -28.70 -38.32
N SER E 599 17.18 -27.95 -37.22
CA SER E 599 16.46 -28.34 -36.02
C SER E 599 15.00 -27.96 -36.18
N LEU E 600 14.12 -28.97 -36.16
CA LEU E 600 12.69 -28.77 -36.32
C LEU E 600 11.89 -29.24 -35.09
N GLY E 601 12.50 -29.17 -33.92
CA GLY E 601 11.84 -29.58 -32.69
C GLY E 601 11.21 -28.41 -31.96
N ASP E 602 10.83 -28.67 -30.71
CA ASP E 602 10.29 -27.61 -29.87
C ASP E 602 11.39 -26.61 -29.48
N ALA E 603 12.61 -27.10 -29.27
CA ALA E 603 13.74 -26.21 -29.09
C ALA E 603 14.12 -25.52 -30.39
N GLY E 604 13.85 -26.16 -31.52
CA GLY E 604 14.07 -25.53 -32.81
C GLY E 604 13.07 -24.43 -33.11
N GLY E 605 11.85 -24.55 -32.58
CA GLY E 605 10.90 -23.46 -32.69
C GLY E 605 11.29 -22.28 -31.83
N ALA E 606 11.89 -22.55 -30.68
CA ALA E 606 12.46 -21.48 -29.87
C ALA E 606 13.78 -20.98 -30.46
N SER E 607 14.45 -21.81 -31.27
CA SER E 607 15.66 -21.37 -31.93
C SER E 607 15.35 -20.37 -33.04
N ASP E 608 14.19 -20.50 -33.68
CA ASP E 608 13.80 -19.55 -34.72
C ASP E 608 13.37 -18.21 -34.15
N ARG E 609 13.09 -18.14 -32.84
CA ARG E 609 12.67 -16.91 -32.19
C ARG E 609 13.83 -16.11 -31.62
N VAL E 610 15.01 -16.71 -31.48
CA VAL E 610 16.12 -16.06 -30.79
C VAL E 610 17.20 -15.63 -31.78
N VAL E 611 17.17 -16.17 -33.00
CA VAL E 611 18.20 -15.81 -33.97
C VAL E 611 17.82 -14.61 -34.80
N ASN E 612 16.54 -14.28 -34.91
CA ASN E 612 16.12 -13.10 -35.67
C ASN E 612 16.23 -11.82 -34.85
N GLN E 613 16.57 -11.92 -33.57
CA GLN E 613 16.77 -10.71 -32.76
C GLN E 613 18.10 -10.04 -33.13
N LEU E 614 19.18 -10.82 -33.17
CA LEU E 614 20.49 -10.31 -33.53
C LEU E 614 20.65 -10.13 -35.04
N LEU E 615 19.85 -10.84 -35.84
CA LEU E 615 19.93 -10.66 -37.29
C LEU E 615 19.33 -9.32 -37.72
N THR E 616 18.28 -8.88 -37.04
CA THR E 616 17.69 -7.59 -37.33
C THR E 616 18.43 -6.45 -36.62
N GLU E 617 19.17 -6.77 -35.55
CA GLU E 617 19.93 -5.76 -34.83
C GLU E 617 21.29 -5.48 -35.47
N MET E 618 21.73 -6.31 -36.41
CA MET E 618 23.01 -6.05 -37.08
C MET E 618 22.88 -4.92 -38.09
N ASP E 619 21.73 -4.80 -38.75
CA ASP E 619 21.48 -3.72 -39.70
C ASP E 619 20.56 -2.65 -39.13
N GLY E 620 19.96 -2.88 -37.96
CA GLY E 620 19.12 -1.89 -37.32
C GLY E 620 19.83 -1.03 -36.30
N MET E 621 21.10 -1.30 -36.04
CA MET E 621 21.88 -0.52 -35.08
C MET E 621 22.35 0.78 -35.72
N ASN E 622 22.63 1.77 -34.87
CA ASN E 622 23.16 3.04 -35.35
C ASN E 622 24.64 2.86 -35.69
N ALA E 623 24.96 2.88 -36.99
CA ALA E 623 26.32 2.64 -37.46
C ALA E 623 27.16 3.91 -37.49
N LYS E 624 26.64 5.03 -37.01
CA LYS E 624 27.38 6.29 -36.97
C LYS E 624 27.81 6.66 -35.55
N LYS E 625 27.71 5.73 -34.61
CA LYS E 625 28.10 5.95 -33.22
C LYS E 625 29.29 5.09 -32.86
N ASN E 626 30.07 4.71 -33.88
CA ASN E 626 31.27 3.82 -33.85
C ASN E 626 31.10 2.62 -32.90
N VAL E 627 30.04 1.87 -33.12
CA VAL E 627 29.80 0.61 -32.43
C VAL E 627 30.13 -0.53 -33.39
N PHE E 628 30.90 -1.51 -32.91
CA PHE E 628 31.41 -2.58 -33.76
C PHE E 628 31.17 -3.94 -33.10
N VAL E 629 30.93 -4.95 -33.94
CA VAL E 629 30.84 -6.33 -33.49
C VAL E 629 32.06 -7.09 -33.98
N ILE E 630 32.63 -7.93 -33.10
CA ILE E 630 33.78 -8.76 -33.41
C ILE E 630 33.43 -10.20 -33.05
N GLY E 631 33.49 -11.08 -34.02
CA GLY E 631 33.12 -12.48 -33.83
C GLY E 631 34.30 -13.40 -34.02
N ALA E 632 34.33 -14.49 -33.24
CA ALA E 632 35.38 -15.50 -33.34
C ALA E 632 34.75 -16.83 -32.95
N THR E 633 34.43 -17.66 -33.94
CA THR E 633 33.63 -18.86 -33.73
C THR E 633 34.25 -20.05 -34.45
N ASN E 634 34.36 -21.17 -33.72
CA ASN E 634 34.80 -22.42 -34.32
C ASN E 634 33.70 -23.01 -35.21
N ARG E 635 34.07 -24.07 -35.95
CA ARG E 635 33.24 -24.83 -36.88
C ARG E 635 32.65 -23.92 -37.95
N PRO E 636 33.45 -23.44 -38.91
CA PRO E 636 32.98 -22.42 -39.85
C PRO E 636 32.16 -22.96 -41.01
N ASP E 637 31.71 -24.20 -40.98
CA ASP E 637 30.96 -24.77 -42.09
C ASP E 637 29.46 -24.60 -41.94
N GLN E 638 28.94 -24.68 -40.70
CA GLN E 638 27.50 -24.62 -40.45
C GLN E 638 27.05 -23.25 -39.96
N ILE E 639 27.71 -22.18 -40.39
CA ILE E 639 27.29 -20.83 -40.01
C ILE E 639 26.04 -20.47 -40.79
N ASP E 640 25.21 -19.61 -40.18
CA ASP E 640 23.97 -19.17 -40.81
C ASP E 640 24.28 -18.31 -42.04
N PRO E 641 23.57 -18.52 -43.15
CA PRO E 641 23.91 -17.77 -44.38
C PRO E 641 23.52 -16.31 -44.35
N ALA E 642 22.63 -15.89 -43.45
CA ALA E 642 22.23 -14.50 -43.36
C ALA E 642 23.13 -13.67 -42.46
N ILE E 643 24.20 -14.26 -41.93
CA ILE E 643 25.18 -13.51 -41.16
C ILE E 643 26.51 -13.35 -41.90
N LEU E 644 26.76 -14.15 -42.95
CA LEU E 644 27.93 -13.95 -43.80
C LEU E 644 27.67 -12.96 -44.92
N ARG E 645 26.49 -12.32 -44.93
CA ARG E 645 26.19 -11.30 -45.91
C ARG E 645 27.00 -10.04 -45.62
N PRO E 646 27.22 -9.18 -46.63
CA PRO E 646 27.91 -7.92 -46.38
C PRO E 646 27.10 -6.98 -45.51
N GLY E 647 27.80 -6.14 -44.76
CA GLY E 647 27.21 -5.21 -43.82
C GLY E 647 27.22 -5.71 -42.38
N ARG E 648 27.13 -7.01 -42.17
CA ARG E 648 27.14 -7.59 -40.83
C ARG E 648 28.46 -8.28 -40.51
N LEU E 649 28.87 -9.27 -41.32
CA LEU E 649 30.16 -9.94 -41.17
C LEU E 649 30.65 -10.27 -42.58
N ASP E 650 31.49 -9.40 -43.14
CA ASP E 650 32.01 -9.60 -44.49
C ASP E 650 33.51 -9.82 -44.54
N GLN E 651 34.23 -9.62 -43.44
CA GLN E 651 35.68 -9.81 -43.41
C GLN E 651 35.96 -11.27 -43.11
N LEU E 652 36.05 -12.08 -44.16
CA LEU E 652 36.34 -13.51 -44.01
C LEU E 652 37.82 -13.70 -43.70
N ILE E 653 38.17 -13.67 -42.42
CA ILE E 653 39.56 -13.76 -41.98
C ILE E 653 39.73 -15.08 -41.25
N TYR E 654 40.42 -16.01 -41.89
CA TYR E 654 40.73 -17.31 -41.27
C TYR E 654 41.87 -17.13 -40.29
N VAL E 655 41.69 -17.63 -39.07
CA VAL E 655 42.72 -17.55 -38.03
C VAL E 655 43.20 -18.94 -37.63
N PRO E 656 44.23 -19.47 -38.28
CA PRO E 656 44.81 -20.74 -37.83
C PRO E 656 45.81 -20.52 -36.70
N LEU E 657 46.53 -21.58 -36.34
CA LEU E 657 47.67 -21.43 -35.44
C LEU E 657 48.74 -20.60 -36.13
N PRO E 658 49.51 -19.79 -35.39
CA PRO E 658 50.51 -18.93 -36.02
C PRO E 658 51.66 -19.72 -36.63
N ASP E 659 52.42 -19.02 -37.48
CA ASP E 659 53.47 -19.65 -38.26
C ASP E 659 54.62 -20.11 -37.36
N GLU E 660 55.35 -21.11 -37.85
CA GLU E 660 56.36 -21.78 -37.04
C GLU E 660 57.60 -20.92 -36.82
N ASN E 661 57.82 -19.91 -37.65
CA ASN E 661 58.91 -18.97 -37.44
C ASN E 661 58.50 -17.77 -36.59
N ALA E 662 57.19 -17.57 -36.37
CA ALA E 662 56.68 -16.47 -35.56
C ALA E 662 56.27 -16.92 -34.17
N ARG E 663 56.88 -17.98 -33.63
CA ARG E 663 56.58 -18.47 -32.29
C ARG E 663 57.60 -18.05 -31.25
N LEU E 664 58.76 -17.53 -31.66
CA LEU E 664 59.73 -17.03 -30.70
C LEU E 664 59.31 -15.67 -30.15
N SER E 665 58.57 -14.88 -30.95
CA SER E 665 58.13 -13.55 -30.53
C SER E 665 56.94 -13.59 -29.57
N ILE E 666 56.39 -14.77 -29.27
CA ILE E 666 55.30 -14.86 -28.30
C ILE E 666 55.85 -14.68 -26.89
N LEU E 667 57.03 -15.24 -26.62
CA LEU E 667 57.59 -15.29 -25.27
C LEU E 667 58.30 -14.02 -24.84
N ASN E 668 58.10 -12.89 -25.55
CA ASN E 668 58.77 -11.65 -25.15
C ASN E 668 58.03 -10.93 -24.04
N ALA E 669 56.79 -11.33 -23.73
CA ALA E 669 55.98 -10.58 -22.77
C ALA E 669 56.15 -11.10 -21.35
N GLN E 670 56.01 -12.42 -21.16
CA GLN E 670 55.95 -12.98 -19.81
C GLN E 670 57.33 -13.02 -19.14
N LEU E 671 58.38 -13.34 -19.88
CA LEU E 671 59.72 -13.40 -19.33
C LEU E 671 60.67 -12.55 -20.16
N ARG E 672 61.58 -11.85 -19.48
CA ARG E 672 62.55 -11.00 -20.14
C ARG E 672 63.95 -11.25 -19.59
N LYS E 673 64.04 -11.72 -18.35
CA LYS E 673 65.31 -11.88 -17.65
C LYS E 673 65.71 -13.35 -17.66
N THR E 674 66.77 -13.67 -18.39
CA THR E 674 67.33 -15.02 -18.43
C THR E 674 68.83 -14.87 -18.56
N PRO E 675 69.62 -15.46 -17.65
CA PRO E 675 71.08 -15.29 -17.70
C PRO E 675 71.78 -16.11 -18.78
N LEU E 676 71.06 -16.98 -19.49
CA LEU E 676 71.67 -17.79 -20.53
C LEU E 676 71.22 -17.43 -21.94
N GLU E 677 70.15 -16.62 -22.08
CA GLU E 677 69.61 -16.07 -23.32
C GLU E 677 69.28 -17.15 -24.36
N PRO E 678 68.20 -17.92 -24.17
CA PRO E 678 67.84 -18.94 -25.16
C PRO E 678 67.11 -18.33 -26.35
N GLY E 679 66.63 -19.17 -27.26
CA GLY E 679 65.93 -18.69 -28.44
C GLY E 679 66.17 -19.51 -29.68
N LEU E 680 67.13 -20.44 -29.62
CA LEU E 680 67.35 -21.37 -30.70
C LEU E 680 66.82 -22.76 -30.39
N GLU E 681 66.73 -23.15 -29.11
CA GLU E 681 66.09 -24.40 -28.77
C GLU E 681 64.58 -24.26 -28.75
N LEU E 682 64.07 -23.05 -28.48
CA LEU E 682 62.63 -22.83 -28.49
C LEU E 682 62.08 -22.85 -29.90
N THR E 683 62.89 -22.42 -30.88
CA THR E 683 62.50 -22.53 -32.28
C THR E 683 62.79 -23.91 -32.85
N ALA E 684 63.60 -24.72 -32.16
CA ALA E 684 63.84 -26.09 -32.62
C ALA E 684 62.62 -26.96 -32.41
N ILE E 685 61.98 -26.85 -31.23
CA ILE E 685 60.73 -27.56 -31.00
C ILE E 685 59.55 -26.89 -31.69
N ALA E 686 59.68 -25.63 -32.09
CA ALA E 686 58.62 -24.97 -32.85
C ALA E 686 58.63 -25.46 -34.29
N LYS E 687 59.81 -25.65 -34.88
CA LYS E 687 59.94 -26.15 -36.24
C LYS E 687 59.92 -27.67 -36.33
N ALA E 688 59.66 -28.36 -35.22
CA ALA E 688 59.66 -29.82 -35.26
C ALA E 688 58.38 -30.36 -35.90
N THR E 689 57.23 -29.79 -35.56
CA THR E 689 55.97 -30.24 -36.13
C THR E 689 55.02 -29.05 -36.23
N GLN E 690 54.03 -29.18 -37.12
CA GLN E 690 53.04 -28.14 -37.31
C GLN E 690 51.81 -28.32 -36.42
N GLY E 691 51.74 -29.42 -35.66
CA GLY E 691 50.60 -29.68 -34.80
C GLY E 691 50.62 -28.99 -33.46
N PHE E 692 51.72 -28.31 -33.12
CA PHE E 692 51.81 -27.59 -31.85
C PHE E 692 50.97 -26.32 -31.89
N SER E 693 50.19 -26.10 -30.84
CA SER E 693 49.26 -24.99 -30.80
C SER E 693 49.96 -23.69 -30.39
N GLY E 694 49.24 -22.57 -30.59
CA GLY E 694 49.73 -21.27 -30.19
C GLY E 694 49.61 -20.97 -28.72
N ALA E 695 48.97 -21.86 -27.95
CA ALA E 695 48.88 -21.72 -26.50
C ALA E 695 49.67 -22.78 -25.75
N ASP E 696 49.98 -23.90 -26.39
CA ASP E 696 50.76 -24.95 -25.72
C ASP E 696 52.21 -24.56 -25.59
N LEU E 697 52.78 -23.91 -26.60
CA LEU E 697 54.15 -23.40 -26.52
C LEU E 697 54.26 -22.18 -25.64
N LEU E 698 53.15 -21.50 -25.33
CA LEU E 698 53.16 -20.46 -24.32
C LEU E 698 53.26 -21.04 -22.92
N TYR E 699 52.86 -22.30 -22.73
CA TYR E 699 52.87 -22.94 -21.43
C TYR E 699 54.21 -23.58 -21.08
N ILE E 700 55.19 -23.54 -21.99
CA ILE E 700 56.51 -24.08 -21.67
C ILE E 700 57.29 -23.13 -20.77
N VAL E 701 56.87 -21.87 -20.68
CA VAL E 701 57.41 -20.93 -19.70
C VAL E 701 56.44 -20.67 -18.56
N GLN E 702 55.19 -21.10 -18.67
CA GLN E 702 54.27 -21.09 -17.54
C GLN E 702 54.59 -22.19 -16.54
N ARG E 703 55.31 -23.23 -16.98
CA ARG E 703 55.77 -24.29 -16.11
C ARG E 703 57.14 -24.00 -15.50
N ALA E 704 57.56 -22.73 -15.49
CA ALA E 704 58.87 -22.38 -14.94
C ALA E 704 58.89 -22.53 -13.43
N ALA E 705 57.73 -22.38 -12.78
CA ALA E 705 57.65 -22.60 -11.33
C ALA E 705 57.76 -24.07 -10.98
N LYS E 706 57.55 -24.96 -11.95
CA LYS E 706 57.79 -26.39 -11.78
C LYS E 706 59.13 -26.84 -12.37
N TYR E 707 59.83 -25.95 -13.06
CA TYR E 707 61.09 -26.30 -13.73
C TYR E 707 62.29 -25.57 -13.13
N ALA E 708 62.25 -24.24 -13.07
CA ALA E 708 63.42 -23.46 -12.69
C ALA E 708 63.25 -22.66 -11.41
N ILE E 709 62.05 -22.16 -11.11
CA ILE E 709 61.86 -21.37 -9.90
C ILE E 709 61.73 -22.29 -8.68
N LYS E 710 61.42 -23.56 -8.90
CA LYS E 710 61.26 -24.49 -7.78
C LYS E 710 62.61 -24.82 -7.13
N ASP E 711 63.62 -25.12 -7.93
CA ASP E 711 64.93 -25.51 -7.43
C ASP E 711 65.91 -24.34 -7.35
N SER E 712 65.41 -23.12 -7.12
CA SER E 712 66.28 -21.96 -7.01
C SER E 712 65.85 -21.00 -5.90
N ILE E 713 64.99 -21.45 -4.98
CA ILE E 713 64.50 -20.57 -3.92
C ILE E 713 64.80 -21.20 -2.56
N GLU E 714 65.63 -22.24 -2.55
CA GLU E 714 66.00 -22.91 -1.30
C GLU E 714 67.28 -22.32 -0.71
N ALA E 715 67.26 -21.02 -0.44
CA ALA E 715 68.41 -20.34 0.15
C ALA E 715 67.96 -19.21 1.07
N ASN F 209 34.39 1.92 38.32
CA ASN F 209 33.21 1.25 37.80
C ASN F 209 33.22 1.23 36.27
N GLU F 210 34.41 1.34 35.69
CA GLU F 210 34.58 1.32 34.24
C GLU F 210 35.39 0.09 33.85
N VAL F 211 35.62 -0.04 32.54
CA VAL F 211 36.34 -1.20 32.00
C VAL F 211 37.67 -0.75 31.44
N GLY F 212 38.49 -1.71 31.03
CA GLY F 212 39.79 -1.41 30.45
C GLY F 212 40.14 -2.33 29.29
N TYR F 213 41.44 -2.54 29.07
CA TYR F 213 41.90 -3.41 27.99
C TYR F 213 41.88 -4.89 28.36
N ASP F 214 41.97 -5.21 29.65
CA ASP F 214 42.00 -6.61 30.07
C ASP F 214 40.62 -7.23 30.12
N ASP F 215 39.56 -6.42 30.07
CA ASP F 215 38.20 -6.91 30.19
C ASP F 215 37.64 -7.45 28.87
N ILE F 216 38.41 -7.43 27.80
CA ILE F 216 38.00 -8.03 26.53
C ILE F 216 39.19 -8.78 25.95
N GLY F 217 38.90 -9.79 25.13
CA GLY F 217 39.93 -10.62 24.56
C GLY F 217 39.52 -11.25 23.24
N GLY F 218 40.32 -12.20 22.74
CA GLY F 218 40.02 -12.84 21.48
C GLY F 218 40.38 -11.99 20.28
N CYS F 219 39.65 -10.89 20.11
CA CYS F 219 39.97 -9.88 19.11
C CYS F 219 41.30 -9.23 19.43
N ARG F 220 42.34 -9.53 18.64
CA ARG F 220 43.67 -9.00 18.89
C ARG F 220 44.32 -8.37 17.67
N LYS F 221 44.09 -8.92 16.47
CA LYS F 221 44.80 -8.43 15.29
C LYS F 221 44.22 -7.12 14.79
N GLN F 222 42.89 -7.02 14.73
CA GLN F 222 42.27 -5.76 14.36
C GLN F 222 42.02 -4.86 15.57
N MET F 223 42.12 -5.41 16.78
CA MET F 223 42.13 -4.56 17.97
C MET F 223 43.44 -3.81 18.09
N ALA F 224 44.55 -4.41 17.64
CA ALA F 224 45.82 -3.69 17.59
C ALA F 224 45.79 -2.61 16.52
N GLN F 225 44.95 -2.76 15.50
CA GLN F 225 44.71 -1.67 14.57
C GLN F 225 43.92 -0.55 15.23
N ILE F 226 42.79 -0.90 15.85
CA ILE F 226 41.88 0.10 16.39
C ILE F 226 42.41 0.74 17.67
N ARG F 227 43.42 0.15 18.30
CA ARG F 227 44.06 0.83 19.43
C ARG F 227 45.01 1.92 18.98
N GLU F 228 45.39 1.94 17.70
CA GLU F 228 46.22 2.98 17.12
C GLU F 228 45.54 3.75 15.99
N MET F 229 44.40 3.28 15.50
CA MET F 229 43.70 3.99 14.44
C MET F 229 43.01 5.24 14.96
N VAL F 230 42.60 5.24 16.23
CA VAL F 230 41.93 6.40 16.81
C VAL F 230 42.79 7.10 17.85
N GLU F 231 43.79 6.41 18.44
CA GLU F 231 44.62 7.07 19.45
C GLU F 231 45.59 8.05 18.82
N LEU F 232 46.00 7.81 17.58
CA LEU F 232 46.94 8.69 16.87
C LEU F 232 46.38 10.09 16.59
N PRO F 233 45.09 10.29 16.26
CA PRO F 233 44.59 11.68 16.28
C PRO F 233 44.29 12.20 17.68
N LEU F 234 43.78 11.35 18.58
CA LEU F 234 43.26 11.84 19.85
C LEU F 234 44.37 12.20 20.83
N ARG F 235 45.47 11.46 20.84
CA ARG F 235 46.54 11.76 21.80
C ARG F 235 47.33 12.99 21.38
N HIS F 236 47.65 13.12 20.10
CA HIS F 236 48.46 14.21 19.61
C HIS F 236 48.14 14.56 18.16
N PRO F 237 47.54 15.71 17.91
CA PRO F 237 47.41 16.18 16.52
C PRO F 237 48.69 16.75 15.96
N GLN F 238 49.65 17.11 16.82
CA GLN F 238 50.86 17.76 16.35
C GLN F 238 51.86 16.75 15.80
N LEU F 239 52.08 15.65 16.51
CA LEU F 239 53.11 14.68 16.15
C LEU F 239 52.68 13.72 15.03
N PHE F 240 51.52 13.93 14.41
CA PHE F 240 51.08 13.10 13.30
C PHE F 240 51.88 13.44 12.05
N LYS F 241 51.72 14.66 11.54
CA LYS F 241 52.52 15.15 10.42
C LYS F 241 53.12 16.52 10.68
N ALA F 242 52.40 17.39 11.41
CA ALA F 242 52.72 18.79 11.73
C ALA F 242 52.83 19.69 10.50
N ILE F 243 52.42 19.22 9.33
CA ILE F 243 52.32 20.08 8.15
C ILE F 243 50.90 19.97 7.62
N GLY F 244 50.50 18.77 7.23
CA GLY F 244 49.13 18.49 6.85
C GLY F 244 48.57 17.29 7.59
N ILE F 245 47.57 17.53 8.45
CA ILE F 245 46.98 16.46 9.25
C ILE F 245 45.78 15.91 8.51
N LYS F 246 45.78 14.59 8.26
CA LYS F 246 44.70 13.90 7.56
C LYS F 246 44.17 12.79 8.46
N PRO F 247 43.27 13.09 9.38
CA PRO F 247 42.68 12.05 10.22
C PRO F 247 41.49 11.40 9.54
N PRO F 248 41.57 10.09 9.25
CA PRO F 248 40.46 9.40 8.58
C PRO F 248 39.43 8.87 9.56
N ARG F 249 38.77 9.78 10.27
CA ARG F 249 37.73 9.40 11.21
C ARG F 249 36.48 8.92 10.47
N GLY F 250 35.59 8.27 11.21
CA GLY F 250 34.47 7.58 10.61
C GLY F 250 34.75 6.10 10.45
N VAL F 251 35.22 5.47 11.53
CA VAL F 251 35.54 4.05 11.51
C VAL F 251 34.26 3.22 11.46
N LEU F 252 34.25 2.24 10.56
CA LEU F 252 33.08 1.38 10.35
C LEU F 252 33.42 -0.01 10.83
N MET F 253 32.94 -0.38 12.01
CA MET F 253 33.09 -1.73 12.55
C MET F 253 31.84 -2.53 12.24
N TYR F 254 32.01 -3.82 12.00
CA TYR F 254 30.89 -4.67 11.58
C TYR F 254 31.17 -6.09 12.03
N GLY F 255 30.09 -6.88 12.07
CA GLY F 255 30.16 -8.26 12.49
C GLY F 255 28.84 -8.74 13.06
N PRO F 256 28.79 -10.00 13.49
CA PRO F 256 27.55 -10.53 14.08
C PRO F 256 27.31 -9.93 15.46
N PRO F 257 26.05 -9.89 15.90
CA PRO F 257 25.76 -9.35 17.24
C PRO F 257 26.25 -10.27 18.34
N GLY F 258 26.54 -9.67 19.48
CA GLY F 258 27.10 -10.39 20.60
C GLY F 258 28.60 -10.50 20.62
N THR F 259 29.30 -9.85 19.69
CA THR F 259 30.75 -9.87 19.62
C THR F 259 31.40 -8.83 20.51
N GLY F 260 30.61 -8.07 21.25
CA GLY F 260 31.17 -7.02 22.10
C GLY F 260 31.66 -5.81 21.35
N LYS F 261 30.85 -5.30 20.42
CA LYS F 261 31.25 -4.11 19.66
C LYS F 261 31.21 -2.86 20.52
N THR F 262 30.22 -2.77 21.41
CA THR F 262 30.12 -1.63 22.31
C THR F 262 31.15 -1.69 23.42
N LEU F 263 31.43 -2.90 23.93
CA LEU F 263 32.38 -3.06 25.02
C LEU F 263 33.83 -2.83 24.56
N MET F 264 34.15 -3.21 23.32
CA MET F 264 35.48 -2.94 22.79
C MET F 264 35.65 -1.49 22.37
N ALA F 265 34.55 -0.76 22.18
CA ALA F 265 34.64 0.68 21.90
C ALA F 265 34.78 1.49 23.19
N ARG F 266 34.23 0.98 24.29
CA ARG F 266 34.39 1.62 25.60
C ARG F 266 35.73 1.31 26.23
N ALA F 267 36.47 0.33 25.72
CA ALA F 267 37.78 0.00 26.27
C ALA F 267 38.80 1.08 25.94
N VAL F 268 38.80 1.55 24.69
CA VAL F 268 39.72 2.61 24.30
C VAL F 268 39.24 3.96 24.79
N ALA F 269 37.93 4.08 25.07
CA ALA F 269 37.40 5.35 25.57
C ALA F 269 37.74 5.54 27.05
N ASN F 270 37.61 4.48 27.85
CA ASN F 270 37.94 4.57 29.26
C ASN F 270 39.44 4.54 29.53
N GLU F 271 40.24 4.10 28.56
CA GLU F 271 41.68 4.10 28.73
C GLU F 271 42.25 5.51 28.61
N THR F 272 41.77 6.27 27.62
CA THR F 272 42.21 7.63 27.40
C THR F 272 41.30 8.66 28.05
N GLY F 273 40.25 8.22 28.75
CA GLY F 273 39.33 9.14 29.39
C GLY F 273 38.40 9.85 28.43
N ALA F 274 38.10 9.25 27.29
CA ALA F 274 37.22 9.88 26.31
C ALA F 274 35.77 9.75 26.72
N PHE F 275 34.98 10.80 26.45
CA PHE F 275 33.56 10.80 26.75
C PHE F 275 32.84 9.93 25.72
N PHE F 276 32.16 8.89 26.20
CA PHE F 276 31.52 7.91 25.32
C PHE F 276 30.04 8.26 25.17
N PHE F 277 29.75 9.11 24.19
CA PHE F 277 28.37 9.39 23.84
C PHE F 277 27.82 8.26 22.98
N LEU F 278 26.61 7.82 23.31
CA LEU F 278 26.01 6.65 22.66
C LEU F 278 24.63 6.99 22.15
N ILE F 279 24.39 6.67 20.88
CA ILE F 279 23.06 6.68 20.28
C ILE F 279 22.86 5.34 19.56
N ASN F 280 21.65 5.13 19.06
CA ASN F 280 21.32 3.89 18.36
C ASN F 280 20.38 4.22 17.21
N GLY F 281 20.34 3.31 16.24
CA GLY F 281 19.54 3.45 15.05
C GLY F 281 18.03 3.55 15.28
N PRO F 282 17.41 2.44 15.72
CA PRO F 282 15.94 2.46 15.87
C PRO F 282 15.43 3.34 17.00
N GLU F 283 16.27 3.71 17.96
CA GLU F 283 15.79 4.60 19.03
C GLU F 283 15.66 6.04 18.55
N VAL F 284 16.34 6.41 17.47
CA VAL F 284 16.17 7.73 16.86
C VAL F 284 15.45 7.65 15.52
N MET F 285 15.28 6.46 14.96
CA MET F 285 14.51 6.31 13.73
C MET F 285 13.01 6.35 13.99
N SER F 286 12.56 5.75 15.09
CA SER F 286 11.14 5.63 15.39
C SER F 286 10.55 6.89 16.03
N LYS F 287 11.32 7.96 16.17
CA LYS F 287 10.79 9.22 16.65
C LYS F 287 10.15 10.00 15.50
N MET F 288 9.80 11.26 15.77
CA MET F 288 9.23 12.11 14.74
C MET F 288 10.32 12.53 13.76
N ALA F 289 9.90 12.86 12.53
CA ALA F 289 10.84 13.14 11.44
C ALA F 289 11.61 14.44 11.71
N GLY F 290 10.91 15.49 12.13
CA GLY F 290 11.60 16.71 12.52
C GLY F 290 12.33 16.61 13.84
N GLU F 291 11.95 15.66 14.69
CA GLU F 291 12.62 15.50 15.98
C GLU F 291 13.95 14.77 15.83
N SER F 292 14.02 13.83 14.89
CA SER F 292 15.27 13.11 14.65
C SER F 292 16.31 14.01 13.99
N GLU F 293 15.86 15.02 13.25
CA GLU F 293 16.77 16.00 12.66
C GLU F 293 17.38 16.91 13.72
N SER F 294 16.60 17.24 14.76
CA SER F 294 17.11 18.10 15.82
C SER F 294 17.97 17.31 16.81
N ASN F 295 17.57 16.07 17.10
CA ASN F 295 18.29 15.24 18.07
C ASN F 295 19.65 14.79 17.54
N LEU F 296 19.80 14.68 16.21
CA LEU F 296 21.13 14.41 15.66
C LEU F 296 22.03 15.64 15.79
N ARG F 297 21.46 16.84 15.68
CA ARG F 297 22.21 18.06 15.93
C ARG F 297 22.48 18.22 17.42
N LYS F 298 21.59 17.70 18.27
CA LYS F 298 21.84 17.71 19.71
C LYS F 298 22.85 16.64 20.12
N ALA F 299 23.14 15.68 19.26
CA ALA F 299 24.13 14.66 19.57
C ALA F 299 25.52 15.10 19.14
N PHE F 300 25.62 15.81 18.03
CA PHE F 300 26.91 16.25 17.51
C PHE F 300 27.38 17.58 18.08
N GLU F 301 26.58 18.22 18.94
CA GLU F 301 27.02 19.46 19.59
C GLU F 301 27.90 19.18 20.80
N GLU F 302 28.04 17.92 21.21
CA GLU F 302 28.93 17.54 22.30
C GLU F 302 30.38 17.37 21.86
N ALA F 303 30.69 17.63 20.59
CA ALA F 303 32.04 17.47 20.08
C ALA F 303 32.97 18.61 20.47
N GLU F 304 32.44 19.70 21.04
CA GLU F 304 33.26 20.81 21.46
C GLU F 304 33.40 20.95 22.97
N LYS F 305 32.48 20.40 23.75
CA LYS F 305 32.52 20.49 25.19
C LYS F 305 33.27 19.32 25.84
N ASN F 306 33.48 18.23 25.11
CA ASN F 306 34.16 17.06 25.65
C ASN F 306 35.33 16.61 24.78
N ALA F 307 35.84 17.47 23.91
CA ALA F 307 36.92 17.09 23.00
C ALA F 307 38.22 16.90 23.78
N PRO F 308 38.96 15.79 23.57
CA PRO F 308 38.71 14.67 22.64
C PRO F 308 37.65 13.69 23.13
N ALA F 309 36.58 13.54 22.34
CA ALA F 309 35.44 12.70 22.70
C ALA F 309 35.29 11.57 21.68
N ILE F 310 34.28 10.73 21.92
CA ILE F 310 33.96 9.61 21.05
C ILE F 310 32.44 9.56 20.88
N ILE F 311 31.98 9.58 19.63
CA ILE F 311 30.56 9.55 19.31
C ILE F 311 30.26 8.17 18.74
N PHE F 312 29.56 7.34 19.51
CA PHE F 312 29.22 5.99 19.09
C PHE F 312 27.86 5.98 18.40
N ILE F 313 27.84 5.52 17.15
CA ILE F 313 26.61 5.39 16.37
C ILE F 313 26.43 3.92 16.00
N ASP F 314 25.28 3.36 16.34
CA ASP F 314 24.99 1.96 16.09
C ASP F 314 23.74 1.82 15.24
N GLU F 315 23.65 0.69 14.54
CA GLU F 315 22.52 0.28 13.69
C GLU F 315 22.25 1.32 12.59
N ILE F 316 23.28 1.49 11.74
CA ILE F 316 23.18 2.37 10.58
C ILE F 316 22.55 1.64 9.39
N ASP F 317 22.56 0.30 9.41
CA ASP F 317 21.89 -0.46 8.36
C ASP F 317 20.38 -0.27 8.41
N SER F 318 19.82 -0.03 9.58
CA SER F 318 18.42 0.37 9.67
C SER F 318 18.23 1.81 9.22
N ILE F 319 19.26 2.64 9.39
CA ILE F 319 19.18 4.04 8.96
C ILE F 319 19.38 4.14 7.45
N ALA F 320 20.43 3.51 6.93
CA ALA F 320 20.76 3.55 5.50
C ALA F 320 20.78 2.14 4.95
N PRO F 321 19.61 1.60 4.55
CA PRO F 321 19.60 0.28 3.90
C PRO F 321 19.89 0.38 2.40
N LYS F 322 19.73 -0.72 1.68
CA LYS F 322 19.91 -0.70 0.24
C LYS F 322 18.80 0.08 -0.44
N ARG F 323 19.15 0.78 -1.52
CA ARG F 323 18.29 1.75 -2.16
C ARG F 323 17.49 1.17 -3.33
N ASP F 324 17.11 -0.11 -3.25
CA ASP F 324 16.33 -0.69 -4.33
C ASP F 324 14.83 -0.62 -4.05
N LYS F 325 14.42 -0.85 -2.80
CA LYS F 325 12.99 -0.97 -2.51
C LYS F 325 12.31 0.38 -2.31
N THR F 326 13.06 1.40 -1.90
CA THR F 326 12.46 2.68 -1.52
C THR F 326 12.87 3.80 -2.46
N ASN F 327 11.92 4.70 -2.75
CA ASN F 327 12.18 5.95 -3.47
C ASN F 327 11.35 7.01 -2.76
N GLY F 328 11.95 7.68 -1.78
CA GLY F 328 11.21 8.63 -0.97
C GLY F 328 12.01 9.80 -0.46
N GLU F 329 11.31 10.87 -0.06
CA GLU F 329 11.97 12.05 0.48
C GLU F 329 12.33 11.85 1.95
N VAL F 330 11.40 11.31 2.74
CA VAL F 330 11.64 11.13 4.17
C VAL F 330 12.61 9.98 4.42
N GLU F 331 12.65 9.00 3.51
CA GLU F 331 13.59 7.89 3.65
C GLU F 331 15.02 8.32 3.38
N ARG F 332 15.23 9.39 2.59
CA ARG F 332 16.55 9.94 2.34
C ARG F 332 16.83 11.20 3.15
N ARG F 333 15.89 11.62 4.00
CA ARG F 333 16.11 12.81 4.81
C ARG F 333 17.07 12.52 5.97
N VAL F 334 16.90 11.37 6.62
CA VAL F 334 17.71 11.05 7.80
C VAL F 334 19.14 10.68 7.44
N VAL F 335 19.43 10.37 6.17
CA VAL F 335 20.80 10.12 5.75
C VAL F 335 21.45 11.34 5.12
N SER F 336 20.66 12.34 4.71
CA SER F 336 21.22 13.58 4.19
C SER F 336 21.52 14.58 5.28
N GLN F 337 20.95 14.40 6.48
CA GLN F 337 21.26 15.29 7.60
C GLN F 337 22.67 15.04 8.11
N LEU F 338 23.06 13.77 8.24
CA LEU F 338 24.42 13.43 8.62
C LEU F 338 25.44 13.74 7.53
N LEU F 339 25.01 13.86 6.27
CA LEU F 339 25.89 14.33 5.22
C LEU F 339 26.18 15.82 5.37
N THR F 340 25.18 16.59 5.83
CA THR F 340 25.34 18.03 5.97
C THR F 340 26.13 18.44 7.20
N LEU F 341 26.30 17.53 8.17
CA LEU F 341 27.10 17.82 9.35
C LEU F 341 28.42 17.06 9.39
N MET F 342 28.67 16.16 8.44
CA MET F 342 29.97 15.50 8.37
C MET F 342 31.03 16.48 7.88
N ASP F 343 30.67 17.36 6.94
CA ASP F 343 31.55 18.45 6.55
C ASP F 343 31.48 19.64 7.49
N GLY F 344 30.49 19.66 8.39
CA GLY F 344 30.43 20.72 9.38
C GLY F 344 31.46 20.55 10.49
N MET F 345 31.81 19.32 10.80
CA MET F 345 32.85 19.02 11.80
C MET F 345 34.24 18.89 11.17
N LYS F 346 34.45 19.47 9.98
CA LYS F 346 35.73 19.41 9.29
C LYS F 346 36.69 20.51 9.73
N ALA F 347 36.43 21.17 10.86
CA ALA F 347 37.31 22.20 11.40
C ALA F 347 38.31 21.65 12.40
N ARG F 348 38.55 20.34 12.38
CA ARG F 348 39.51 19.62 13.23
C ARG F 348 39.21 19.84 14.72
N SER F 349 38.04 19.34 15.13
CA SER F 349 37.59 19.43 16.52
C SER F 349 38.07 18.26 17.36
N ASN F 350 38.95 17.41 16.82
CA ASN F 350 39.59 16.27 17.51
C ASN F 350 38.56 15.27 18.03
N VAL F 351 37.54 14.96 17.23
CA VAL F 351 36.55 13.96 17.58
C VAL F 351 36.51 12.91 16.47
N VAL F 352 36.27 11.66 16.87
CA VAL F 352 36.19 10.53 15.96
C VAL F 352 34.88 9.82 16.21
N VAL F 353 34.03 9.75 15.17
CA VAL F 353 32.78 9.01 15.28
C VAL F 353 33.03 7.54 15.01
N ILE F 354 32.18 6.69 15.58
CA ILE F 354 32.29 5.24 15.45
C ILE F 354 30.98 4.72 14.90
N ALA F 355 31.04 4.02 13.77
CA ALA F 355 29.87 3.44 13.12
C ALA F 355 29.90 1.92 13.28
N ALA F 356 28.86 1.37 13.92
CA ALA F 356 28.78 -0.04 14.20
C ALA F 356 27.52 -0.62 13.56
N THR F 357 27.68 -1.68 12.80
CA THR F 357 26.57 -2.32 12.11
C THR F 357 26.84 -3.82 12.03
N ASN F 358 26.09 -4.52 11.19
CA ASN F 358 26.26 -5.96 11.02
C ASN F 358 27.15 -6.33 9.85
N ARG F 359 27.01 -5.65 8.71
CA ARG F 359 27.78 -5.98 7.51
C ARG F 359 27.88 -4.74 6.64
N PRO F 360 28.97 -4.56 5.88
CA PRO F 360 29.12 -3.33 5.09
C PRO F 360 28.22 -3.27 3.87
N ASN F 361 27.74 -4.41 3.36
CA ASN F 361 26.90 -4.39 2.16
C ASN F 361 25.49 -3.89 2.43
N SER F 362 25.07 -3.84 3.70
CA SER F 362 23.76 -3.30 4.04
C SER F 362 23.75 -1.78 4.07
N ILE F 363 24.91 -1.15 4.20
CA ILE F 363 25.00 0.30 4.22
C ILE F 363 24.96 0.83 2.79
N ASP F 364 24.35 2.00 2.63
CA ASP F 364 24.31 2.67 1.33
C ASP F 364 25.72 3.09 0.91
N PRO F 365 26.14 2.80 -0.32
CA PRO F 365 27.55 3.02 -0.69
C PRO F 365 27.96 4.48 -0.82
N ALA F 366 27.02 5.43 -0.84
CA ALA F 366 27.40 6.83 -0.84
C ALA F 366 27.90 7.30 0.52
N LEU F 367 27.56 6.58 1.60
CA LEU F 367 28.11 6.89 2.91
C LEU F 367 29.58 6.49 2.99
N ARG F 368 29.92 5.30 2.46
CA ARG F 368 31.30 4.84 2.45
C ARG F 368 32.07 5.62 1.39
N ARG F 369 32.78 6.66 1.81
CA ARG F 369 33.52 7.51 0.91
C ARG F 369 34.77 8.01 1.61
N PHE F 370 35.80 8.32 0.83
CA PHE F 370 37.07 8.82 1.35
C PHE F 370 36.87 10.24 1.86
N GLY F 371 36.75 10.39 3.17
CA GLY F 371 36.47 11.67 3.79
C GLY F 371 35.36 11.57 4.80
N ARG F 372 34.46 10.60 4.60
CA ARG F 372 33.35 10.36 5.53
C ARG F 372 33.48 8.99 6.19
N PHE F 373 33.58 7.91 5.41
CA PHE F 373 33.69 6.56 5.98
C PHE F 373 34.62 5.75 5.10
N ASP F 374 35.83 5.50 5.58
CA ASP F 374 36.81 4.74 4.81
C ASP F 374 37.40 3.60 5.63
N ARG F 375 37.43 3.76 6.94
CA ARG F 375 38.03 2.75 7.81
C ARG F 375 37.06 1.60 8.02
N GLU F 376 37.52 0.38 7.74
CA GLU F 376 36.70 -0.82 7.86
C GLU F 376 37.39 -1.78 8.82
N VAL F 377 36.66 -2.21 9.85
CA VAL F 377 37.18 -3.14 10.84
C VAL F 377 36.20 -4.31 10.94
N ASP F 378 36.71 -5.53 10.69
CA ASP F 378 35.89 -6.73 10.75
C ASP F 378 36.05 -7.41 12.11
N ILE F 379 34.92 -7.73 12.72
CA ILE F 379 34.89 -8.44 14.01
C ILE F 379 34.19 -9.77 13.78
N GLY F 380 34.96 -10.87 13.87
CA GLY F 380 34.44 -12.19 13.67
C GLY F 380 34.46 -13.03 14.94
N ILE F 381 34.30 -14.33 14.76
CA ILE F 381 34.30 -15.28 15.87
C ILE F 381 35.75 -15.48 16.33
N PRO F 382 35.99 -15.61 17.64
CA PRO F 382 37.36 -15.83 18.11
C PRO F 382 37.83 -17.25 17.83
N ASP F 383 39.14 -17.44 17.96
CA ASP F 383 39.76 -18.73 17.74
C ASP F 383 39.66 -19.59 19.01
N ALA F 384 40.42 -20.69 19.02
CA ALA F 384 40.38 -21.61 20.15
C ALA F 384 40.97 -20.99 21.41
N THR F 385 41.98 -20.13 21.26
CA THR F 385 42.49 -19.37 22.40
C THR F 385 41.69 -18.10 22.65
N GLY F 386 40.80 -17.73 21.74
CA GLY F 386 40.02 -16.51 21.92
C GLY F 386 38.86 -16.70 22.88
N ARG F 387 38.07 -17.74 22.67
CA ARG F 387 37.00 -18.05 23.62
C ARG F 387 37.55 -18.63 24.92
N LEU F 388 38.78 -19.16 24.90
CA LEU F 388 39.46 -19.48 26.14
C LEU F 388 39.82 -18.21 26.91
N GLU F 389 40.14 -17.13 26.18
CA GLU F 389 40.53 -15.88 26.83
C GLU F 389 39.33 -15.18 27.47
N VAL F 390 38.19 -15.17 26.79
CA VAL F 390 36.99 -14.58 27.38
C VAL F 390 36.38 -15.48 28.44
N LEU F 391 36.76 -16.76 28.48
CA LEU F 391 36.35 -17.62 29.58
C LEU F 391 37.09 -17.26 30.86
N ARG F 392 38.34 -16.79 30.72
CA ARG F 392 39.09 -16.31 31.88
C ARG F 392 38.59 -14.94 32.33
N ILE F 393 38.02 -14.16 31.41
CA ILE F 393 37.53 -12.83 31.76
C ILE F 393 36.24 -12.93 32.55
N HIS F 394 35.29 -13.73 32.07
CA HIS F 394 33.99 -13.87 32.72
C HIS F 394 34.04 -14.73 33.98
N THR F 395 35.17 -15.39 34.26
CA THR F 395 35.33 -16.17 35.49
C THR F 395 36.43 -15.57 36.37
N LYS F 396 36.56 -14.24 36.37
CA LYS F 396 37.52 -13.59 37.25
C LYS F 396 37.04 -13.61 38.69
N ASN F 397 35.73 -13.65 38.91
CA ASN F 397 35.15 -13.70 40.25
C ASN F 397 34.39 -14.99 40.50
N MET F 398 34.39 -15.91 39.55
CA MET F 398 33.69 -17.19 39.70
C MET F 398 34.51 -18.10 40.59
N LYS F 399 33.98 -18.41 41.78
CA LYS F 399 34.66 -19.29 42.73
C LYS F 399 34.40 -20.74 42.31
N LEU F 400 35.31 -21.30 41.52
CA LEU F 400 35.17 -22.65 41.01
C LEU F 400 36.03 -23.62 41.83
N ALA F 401 36.01 -24.88 41.41
CA ALA F 401 36.81 -25.92 42.04
C ALA F 401 38.05 -26.21 41.19
N ASP F 402 38.78 -27.26 41.57
CA ASP F 402 39.99 -27.61 40.85
C ASP F 402 39.71 -28.54 39.67
N ASP F 403 38.55 -29.18 39.64
CA ASP F 403 38.24 -30.17 38.62
C ASP F 403 37.62 -29.57 37.36
N VAL F 404 37.54 -28.24 37.25
CA VAL F 404 36.92 -27.63 36.09
C VAL F 404 37.88 -27.68 34.89
N ASP F 405 37.30 -27.72 33.70
CA ASP F 405 38.08 -27.75 32.46
C ASP F 405 38.09 -26.37 31.81
N LEU F 406 39.15 -26.10 31.05
CA LEU F 406 39.31 -24.84 30.36
C LEU F 406 39.52 -24.97 28.86
N GLU F 407 39.86 -26.16 28.36
CA GLU F 407 40.24 -26.29 26.96
C GLU F 407 39.31 -27.19 26.16
N ALA F 408 38.63 -28.13 26.80
CA ALA F 408 37.77 -29.06 26.05
C ALA F 408 36.48 -28.37 25.62
N LEU F 409 35.84 -27.63 26.53
CA LEU F 409 34.61 -26.92 26.17
C LEU F 409 34.90 -25.66 25.36
N ALA F 410 36.13 -25.16 25.41
CA ALA F 410 36.48 -23.97 24.62
C ALA F 410 36.57 -24.29 23.14
N ALA F 411 37.25 -25.39 22.80
CA ALA F 411 37.36 -25.79 21.40
C ALA F 411 36.07 -26.39 20.87
N GLU F 412 35.19 -26.87 21.74
CA GLU F 412 33.92 -27.44 21.31
C GLU F 412 32.92 -26.39 20.87
N THR F 413 33.09 -25.14 21.32
CA THR F 413 32.18 -24.05 20.95
C THR F 413 32.60 -23.51 19.59
N HIS F 414 31.94 -23.97 18.54
CA HIS F 414 32.26 -23.52 17.18
C HIS F 414 31.50 -22.25 16.82
N GLY F 415 30.17 -22.32 16.86
CA GLY F 415 29.35 -21.19 16.48
C GLY F 415 28.88 -20.37 17.66
N TYR F 416 29.71 -20.26 18.68
CA TYR F 416 29.39 -19.50 19.88
C TYR F 416 30.27 -18.26 19.99
N VAL F 417 29.83 -17.33 20.83
CA VAL F 417 30.46 -16.02 20.97
C VAL F 417 30.59 -15.74 22.47
N GLY F 418 31.31 -14.67 22.81
CA GLY F 418 31.51 -14.31 24.21
C GLY F 418 30.23 -13.91 24.93
N ALA F 419 29.23 -13.41 24.19
CA ALA F 419 27.92 -13.20 24.78
C ALA F 419 27.24 -14.53 25.09
N ASP F 420 27.47 -15.54 24.25
CA ASP F 420 26.99 -16.88 24.57
C ASP F 420 27.82 -17.52 25.68
N ILE F 421 29.08 -17.11 25.81
CA ILE F 421 29.91 -17.54 26.93
C ILE F 421 29.36 -16.97 28.24
N ALA F 422 28.85 -15.72 28.19
CA ALA F 422 28.28 -15.08 29.37
C ALA F 422 27.00 -15.77 29.81
N SER F 423 26.26 -16.37 28.88
CA SER F 423 25.10 -17.14 29.27
C SER F 423 25.49 -18.56 29.69
N LEU F 424 26.67 -19.03 29.26
CA LEU F 424 27.11 -20.38 29.63
C LEU F 424 27.57 -20.43 31.08
N CYS F 425 28.25 -19.38 31.55
CA CYS F 425 28.76 -19.40 32.92
C CYS F 425 27.66 -19.12 33.92
N SER F 426 26.61 -18.38 33.50
CA SER F 426 25.52 -18.07 34.42
C SER F 426 24.54 -19.23 34.53
N GLU F 427 24.30 -19.95 33.44
CA GLU F 427 23.37 -21.07 33.48
C GLU F 427 23.99 -22.27 34.18
N ALA F 428 25.30 -22.46 34.05
CA ALA F 428 25.98 -23.55 34.74
C ALA F 428 26.07 -23.28 36.24
N ALA F 429 26.27 -22.01 36.62
CA ALA F 429 26.32 -21.67 38.04
C ALA F 429 24.94 -21.72 38.68
N MET F 430 23.89 -21.45 37.89
CA MET F 430 22.53 -21.52 38.41
C MET F 430 22.11 -22.97 38.67
N GLN F 431 22.63 -23.90 37.86
CA GLN F 431 22.36 -25.32 38.09
C GLN F 431 23.06 -25.81 39.35
N GLN F 432 24.18 -25.18 39.71
CA GLN F 432 24.88 -25.55 40.94
C GLN F 432 24.12 -25.09 42.17
N ILE F 433 23.37 -23.98 42.07
CA ILE F 433 22.59 -23.49 43.22
C ILE F 433 21.37 -24.38 43.45
N ARG F 434 20.87 -25.04 42.39
CA ARG F 434 19.63 -25.80 42.47
C ARG F 434 19.76 -27.03 43.37
N GLU F 435 20.93 -27.66 43.37
CA GLU F 435 21.15 -28.90 44.11
C GLU F 435 22.09 -28.69 45.30
N LYS F 436 21.95 -27.57 46.00
CA LYS F 436 22.70 -27.31 47.22
C LYS F 436 21.79 -27.09 48.42
N MET F 437 20.78 -26.22 48.29
CA MET F 437 19.85 -25.99 49.39
C MET F 437 18.86 -27.13 49.53
N ASP F 438 18.08 -27.37 48.48
CA ASP F 438 17.06 -28.43 48.38
C ASP F 438 16.01 -28.38 49.50
N ASP F 453 29.10 -20.88 54.38
CA ASP F 453 29.57 -21.11 53.02
C ASP F 453 29.59 -22.60 52.70
N SER F 454 28.68 -23.02 51.83
CA SER F 454 28.58 -24.42 51.41
C SER F 454 28.42 -24.50 49.90
N LEU F 455 29.25 -23.76 49.17
CA LEU F 455 29.15 -23.66 47.72
C LEU F 455 30.42 -24.19 47.07
N GLY F 456 30.25 -24.82 45.91
CA GLY F 456 31.36 -25.29 45.11
C GLY F 456 30.91 -25.72 43.72
N VAL F 457 31.57 -25.20 42.69
CA VAL F 457 31.15 -25.41 41.31
C VAL F 457 32.10 -26.40 40.65
N THR F 458 31.55 -27.52 40.20
CA THR F 458 32.32 -28.56 39.54
C THR F 458 32.23 -28.42 38.02
N MET F 459 32.93 -29.31 37.33
CA MET F 459 32.91 -29.29 35.87
C MET F 459 31.59 -29.82 35.33
N ASP F 460 30.90 -30.67 36.09
CA ASP F 460 29.65 -31.27 35.64
C ASP F 460 28.52 -30.26 35.53
N ASN F 461 28.62 -29.13 36.21
CA ASN F 461 27.66 -28.04 35.99
C ASN F 461 27.85 -27.44 34.61
N PHE F 462 29.11 -27.29 34.17
CA PHE F 462 29.37 -26.80 32.83
C PHE F 462 29.07 -27.87 31.78
N ARG F 463 29.14 -29.16 32.17
CA ARG F 463 28.71 -30.22 31.26
C ARG F 463 27.20 -30.20 31.08
N PHE F 464 26.48 -29.76 32.11
CA PHE F 464 25.04 -29.53 31.97
C PHE F 464 24.77 -28.33 31.07
N ALA F 465 25.66 -27.34 31.09
CA ALA F 465 25.51 -26.19 30.20
C ALA F 465 25.88 -26.55 28.76
N LEU F 466 26.68 -27.61 28.58
CA LEU F 466 27.01 -28.05 27.23
C LEU F 466 25.80 -28.68 26.55
N GLY F 467 25.01 -29.45 27.30
CA GLY F 467 23.78 -30.01 26.79
C GLY F 467 22.59 -29.07 26.83
N ASN F 468 22.77 -27.88 27.39
CA ASN F 468 21.70 -26.87 27.44
C ASN F 468 22.15 -25.55 26.83
N SER F 469 23.12 -25.59 25.91
CA SER F 469 23.61 -24.37 25.27
C SER F 469 22.64 -23.92 24.18
N ASN F 470 22.91 -22.73 23.64
CA ASN F 470 22.07 -22.13 22.61
C ASN F 470 22.95 -21.73 21.42
N PRO F 471 23.06 -22.59 20.40
CA PRO F 471 23.85 -22.23 19.21
C PRO F 471 23.12 -21.18 18.38
N SER F 472 23.70 -19.98 18.30
CA SER F 472 23.12 -18.86 17.59
C SER F 472 23.72 -18.72 16.19
N ALA F 473 25.05 -18.65 16.09
CA ALA F 473 25.73 -18.49 14.81
C ALA F 473 25.82 -19.85 14.13
N LEU F 474 24.83 -20.15 13.28
CA LEU F 474 24.79 -21.40 12.53
C LEU F 474 24.73 -21.19 11.02
N ARG F 475 24.11 -20.11 10.56
CA ARG F 475 23.97 -19.85 9.13
C ARG F 475 25.09 -18.92 8.63
N GLU F 476 26.31 -19.27 9.00
CA GLU F 476 27.52 -18.57 8.56
C GLU F 476 28.63 -19.59 8.36
N THR F 477 29.44 -19.37 7.32
CA THR F 477 30.58 -20.22 7.06
C THR F 477 31.67 -19.98 8.12
N VAL F 478 32.42 -21.04 8.42
CA VAL F 478 33.46 -20.96 9.44
C VAL F 478 34.62 -20.11 8.93
N VAL F 479 35.03 -19.14 9.75
CA VAL F 479 36.15 -18.26 9.43
C VAL F 479 37.39 -18.61 10.25
N GLU F 480 37.26 -19.41 11.29
CA GLU F 480 38.35 -19.77 12.19
C GLU F 480 39.35 -20.69 11.52
N SER F 481 40.63 -20.44 11.79
CA SER F 481 41.70 -21.32 11.33
C SER F 481 41.83 -22.52 12.27
N VAL F 482 42.41 -23.60 11.74
CA VAL F 482 42.57 -24.83 12.50
C VAL F 482 44.05 -25.12 12.73
N ASN F 483 44.34 -26.19 13.49
CA ASN F 483 45.71 -26.56 13.81
C ASN F 483 45.97 -28.05 13.59
N VAL F 484 45.22 -28.69 12.69
CA VAL F 484 45.41 -30.11 12.43
C VAL F 484 46.65 -30.32 11.57
N THR F 485 47.51 -31.24 11.99
CA THR F 485 48.75 -31.50 11.28
C THR F 485 48.50 -32.37 10.05
N TRP F 486 49.50 -32.41 9.16
CA TRP F 486 49.42 -33.25 7.98
C TRP F 486 49.64 -34.72 8.30
N ASP F 487 50.17 -35.04 9.47
CA ASP F 487 50.38 -36.43 9.89
C ASP F 487 49.12 -37.07 10.46
N ASP F 488 48.01 -36.33 10.53
CA ASP F 488 46.73 -36.93 10.92
C ASP F 488 46.24 -37.90 9.86
N VAL F 489 46.39 -37.55 8.59
CA VAL F 489 46.13 -38.47 7.50
C VAL F 489 47.40 -39.27 7.21
N GLY F 490 47.24 -40.48 6.69
CA GLY F 490 48.36 -41.34 6.38
C GLY F 490 48.66 -41.36 4.90
N GLY F 491 49.95 -41.39 4.57
CA GLY F 491 50.38 -41.48 3.19
C GLY F 491 50.19 -40.16 2.45
N LEU F 492 50.16 -40.27 1.11
CA LEU F 492 50.07 -39.15 0.15
C LEU F 492 51.05 -38.02 0.47
N ASP F 493 52.29 -38.39 0.81
CA ASP F 493 53.30 -37.39 1.15
C ASP F 493 53.87 -36.71 -0.09
N GLU F 494 53.69 -37.32 -1.27
CA GLU F 494 54.20 -36.73 -2.50
C GLU F 494 53.33 -35.57 -2.97
N ILE F 495 52.10 -35.45 -2.48
CA ILE F 495 51.24 -34.35 -2.91
C ILE F 495 51.21 -33.22 -1.87
N LYS F 496 51.65 -33.49 -0.64
CA LYS F 496 51.76 -32.40 0.34
C LYS F 496 52.95 -31.50 0.04
N GLU F 497 54.02 -32.06 -0.54
CA GLU F 497 55.16 -31.23 -0.90
C GLU F 497 54.90 -30.47 -2.19
N GLU F 498 54.06 -31.02 -3.08
CA GLU F 498 53.69 -30.30 -4.29
C GLU F 498 52.78 -29.11 -3.98
N LEU F 499 51.93 -29.23 -2.96
CA LEU F 499 51.14 -28.09 -2.53
C LEU F 499 51.96 -27.12 -1.69
N LYS F 500 53.00 -27.61 -1.02
CA LYS F 500 53.86 -26.72 -0.24
C LYS F 500 54.79 -25.92 -1.13
N GLU F 501 55.04 -26.39 -2.34
CA GLU F 501 55.89 -25.67 -3.28
C GLU F 501 55.11 -24.71 -4.17
N THR F 502 53.84 -24.45 -3.87
CA THR F 502 53.03 -23.60 -4.73
C THR F 502 52.39 -22.42 -4.03
N VAL F 503 51.81 -22.61 -2.83
CA VAL F 503 50.96 -21.59 -2.24
C VAL F 503 51.49 -21.05 -0.91
N GLU F 504 52.24 -21.83 -0.13
CA GLU F 504 52.70 -21.34 1.16
C GLU F 504 54.00 -20.56 1.08
N TYR F 505 54.66 -20.56 -0.08
CA TYR F 505 55.80 -19.67 -0.32
C TYR F 505 55.40 -18.24 -0.72
N PRO F 506 54.44 -17.97 -1.63
CA PRO F 506 54.14 -16.56 -1.92
C PRO F 506 53.35 -15.83 -0.85
N VAL F 507 52.77 -16.53 0.13
CA VAL F 507 52.02 -15.83 1.17
C VAL F 507 52.95 -15.15 2.17
N LEU F 508 54.20 -15.61 2.29
CA LEU F 508 55.19 -14.94 3.11
C LEU F 508 55.95 -13.88 2.32
N HIS F 509 56.26 -14.16 1.06
CA HIS F 509 56.90 -13.21 0.16
C HIS F 509 56.50 -13.55 -1.27
N PRO F 510 55.76 -12.67 -1.96
CA PRO F 510 55.31 -12.98 -3.32
C PRO F 510 56.31 -12.59 -4.40
N ASP F 511 57.56 -12.34 -4.00
CA ASP F 511 58.58 -11.90 -4.94
C ASP F 511 59.03 -13.01 -5.89
N GLN F 512 58.74 -14.28 -5.57
CA GLN F 512 59.12 -15.37 -6.45
C GLN F 512 58.29 -15.39 -7.73
N TYR F 513 57.03 -14.94 -7.65
CA TYR F 513 56.17 -14.89 -8.82
C TYR F 513 56.39 -13.64 -9.67
N THR F 514 57.07 -12.62 -9.14
CA THR F 514 57.31 -11.39 -9.87
C THR F 514 58.74 -11.26 -10.40
N LYS F 515 59.67 -12.08 -9.92
CA LYS F 515 61.03 -12.03 -10.44
C LYS F 515 61.15 -12.70 -11.80
N PHE F 516 60.18 -13.56 -12.17
CA PHE F 516 60.16 -14.18 -13.48
C PHE F 516 58.85 -13.97 -14.20
N GLY F 517 57.94 -13.18 -13.65
CA GLY F 517 56.68 -12.85 -14.30
C GLY F 517 55.69 -14.00 -14.38
N LEU F 518 55.18 -14.43 -13.23
CA LEU F 518 54.18 -15.48 -13.17
C LEU F 518 53.03 -15.06 -12.26
N SER F 519 51.97 -15.85 -12.28
CA SER F 519 50.76 -15.61 -11.52
C SER F 519 50.47 -16.79 -10.58
N PRO F 520 49.87 -16.55 -9.43
CA PRO F 520 49.52 -17.66 -8.53
C PRO F 520 48.36 -18.49 -9.08
N SER F 521 48.15 -19.63 -8.44
CA SER F 521 47.12 -20.55 -8.89
C SER F 521 45.73 -20.04 -8.49
N LYS F 522 44.75 -20.35 -9.32
CA LYS F 522 43.36 -19.93 -9.10
C LYS F 522 42.48 -21.05 -8.57
N GLY F 523 42.58 -22.24 -9.16
CA GLY F 523 41.77 -23.37 -8.72
C GLY F 523 42.45 -24.71 -8.89
N VAL F 524 42.33 -25.58 -7.89
CA VAL F 524 42.88 -26.92 -7.94
C VAL F 524 41.74 -27.92 -8.06
N LEU F 525 42.09 -29.19 -8.30
CA LEU F 525 41.11 -30.23 -8.46
C LEU F 525 41.56 -31.49 -7.72
N PHE F 526 40.57 -32.29 -7.33
CA PHE F 526 40.79 -33.63 -6.80
C PHE F 526 39.74 -34.56 -7.42
N TYR F 527 40.18 -35.74 -7.83
CA TYR F 527 39.27 -36.69 -8.46
C TYR F 527 39.75 -38.11 -8.20
N GLY F 528 38.79 -39.02 -8.04
CA GLY F 528 39.07 -40.40 -7.75
C GLY F 528 37.90 -41.05 -7.05
N PRO F 529 38.17 -41.83 -6.01
CA PRO F 529 37.08 -42.38 -5.19
C PRO F 529 36.44 -41.30 -4.34
N PRO F 530 35.13 -41.12 -4.44
CA PRO F 530 34.49 -40.00 -3.75
C PRO F 530 34.31 -40.24 -2.26
N GLY F 531 34.47 -39.14 -1.50
CA GLY F 531 34.26 -39.18 -0.07
C GLY F 531 35.27 -39.97 0.72
N THR F 532 36.53 -40.01 0.26
CA THR F 532 37.57 -40.78 0.94
C THR F 532 38.43 -39.92 1.88
N GLY F 533 37.87 -38.84 2.41
CA GLY F 533 38.61 -38.02 3.36
C GLY F 533 39.24 -36.80 2.74
N LYS F 534 38.56 -36.17 1.78
CA LYS F 534 39.05 -34.94 1.18
C LYS F 534 38.66 -33.70 1.96
N THR F 535 37.73 -33.83 2.91
CA THR F 535 37.37 -32.69 3.75
C THR F 535 38.46 -32.38 4.77
N LEU F 536 39.04 -33.42 5.36
CA LEU F 536 40.15 -33.23 6.29
C LEU F 536 41.43 -32.82 5.57
N LEU F 537 41.56 -33.21 4.30
CA LEU F 537 42.66 -32.70 3.48
C LEU F 537 42.47 -31.21 3.18
N ALA F 538 41.21 -30.79 3.02
CA ALA F 538 40.92 -29.36 2.88
C ALA F 538 41.05 -28.61 4.20
N LYS F 539 41.00 -29.32 5.33
CA LYS F 539 41.21 -28.67 6.61
C LYS F 539 42.70 -28.39 6.83
N ALA F 540 43.56 -29.32 6.43
CA ALA F 540 44.98 -29.26 6.75
C ALA F 540 45.78 -28.31 5.87
N VAL F 541 45.18 -27.76 4.82
CA VAL F 541 45.94 -26.84 3.96
C VAL F 541 46.06 -25.46 4.59
N ALA F 542 45.26 -25.15 5.61
CA ALA F 542 45.29 -23.86 6.29
C ALA F 542 46.24 -23.84 7.47
N THR F 543 47.19 -24.78 7.54
CA THR F 543 48.16 -24.83 8.63
C THR F 543 49.57 -24.56 8.17
N GLU F 544 49.98 -25.11 7.01
CA GLU F 544 51.30 -24.81 6.48
C GLU F 544 51.34 -23.44 5.80
N VAL F 545 50.19 -22.85 5.51
CA VAL F 545 50.14 -21.51 4.93
C VAL F 545 49.92 -20.43 5.98
N SER F 546 49.63 -20.81 7.23
CA SER F 546 49.30 -19.92 8.36
C SER F 546 48.18 -18.93 8.00
N ALA F 547 47.04 -19.47 7.59
CA ALA F 547 45.89 -18.67 7.20
C ALA F 547 44.61 -19.35 7.67
N ASN F 548 43.47 -18.79 7.28
CA ASN F 548 42.17 -19.30 7.66
C ASN F 548 41.67 -20.29 6.61
N PHE F 549 40.41 -20.71 6.77
CA PHE F 549 39.83 -21.73 5.90
C PHE F 549 38.31 -21.53 5.83
N ILE F 550 37.78 -21.62 4.62
CA ILE F 550 36.35 -21.43 4.36
C ILE F 550 35.80 -22.72 3.75
N SER F 551 34.76 -23.27 4.37
CA SER F 551 34.20 -24.56 3.98
C SER F 551 32.85 -24.35 3.31
N VAL F 552 32.85 -24.27 1.99
CA VAL F 552 31.63 -24.18 1.19
C VAL F 552 31.28 -25.59 0.72
N LYS F 553 30.02 -25.97 0.91
CA LYS F 553 29.56 -27.33 0.66
C LYS F 553 29.52 -27.64 -0.83
N GLY F 554 29.44 -28.93 -1.14
CA GLY F 554 29.47 -29.43 -2.49
C GLY F 554 28.25 -29.13 -3.32
N PRO F 555 27.08 -29.71 -2.97
CA PRO F 555 25.87 -29.51 -3.79
C PRO F 555 25.17 -28.17 -3.58
N GLU F 556 25.84 -27.20 -2.95
CA GLU F 556 25.27 -25.87 -2.78
C GLU F 556 25.20 -25.07 -4.09
N LEU F 557 25.89 -25.52 -5.14
CA LEU F 557 25.77 -24.87 -6.43
C LEU F 557 24.41 -25.15 -7.07
N LEU F 558 23.80 -26.29 -6.74
CA LEU F 558 22.49 -26.65 -7.26
C LEU F 558 21.37 -26.42 -6.26
N SER F 559 21.66 -26.52 -4.96
CA SER F 559 20.66 -26.29 -3.93
C SER F 559 20.30 -24.82 -3.76
N MET F 560 21.17 -23.91 -4.18
CA MET F 560 20.87 -22.48 -4.11
C MET F 560 20.08 -22.07 -5.34
N TRP F 561 19.10 -21.20 -5.13
CA TRP F 561 18.17 -20.79 -6.18
C TRP F 561 18.78 -19.67 -7.01
N TYR F 562 17.95 -19.01 -7.83
CA TYR F 562 18.39 -17.88 -8.62
C TYR F 562 18.70 -16.69 -7.71
N GLY F 563 19.84 -16.08 -7.91
CA GLY F 563 20.33 -15.04 -7.00
C GLY F 563 21.18 -15.60 -5.86
N GLU F 564 20.71 -16.68 -5.24
CA GLU F 564 21.48 -17.34 -4.19
C GLU F 564 22.69 -18.08 -4.75
N SER F 565 22.63 -18.52 -6.00
CA SER F 565 23.78 -19.17 -6.63
C SER F 565 24.80 -18.17 -7.16
N GLU F 566 24.47 -16.88 -7.17
CA GLU F 566 25.35 -15.85 -7.70
C GLU F 566 25.79 -14.85 -6.63
N SER F 567 24.85 -14.29 -5.86
CA SER F 567 25.20 -13.25 -4.91
C SER F 567 25.83 -13.82 -3.65
N ASN F 568 25.40 -15.00 -3.22
CA ASN F 568 25.91 -15.56 -1.98
C ASN F 568 27.32 -16.12 -2.15
N ILE F 569 27.67 -16.55 -3.37
CA ILE F 569 29.01 -17.06 -3.60
C ILE F 569 30.01 -15.93 -3.79
N ARG F 570 29.55 -14.69 -3.99
CA ARG F 570 30.43 -13.53 -4.05
C ARG F 570 30.30 -12.63 -2.83
N ASP F 571 29.34 -12.90 -1.93
CA ASP F 571 29.27 -12.20 -0.66
C ASP F 571 30.24 -12.77 0.36
N ILE F 572 30.74 -13.99 0.13
CA ILE F 572 31.80 -14.56 0.95
C ILE F 572 33.17 -14.21 0.38
N PHE F 573 33.25 -13.90 -0.92
CA PHE F 573 34.53 -13.63 -1.56
C PHE F 573 35.11 -12.29 -1.11
N ASP F 574 34.28 -11.24 -1.06
CA ASP F 574 34.76 -9.96 -0.53
C ASP F 574 34.89 -10.02 0.99
N LYS F 575 34.16 -10.92 1.64
CA LYS F 575 34.38 -11.18 3.06
C LYS F 575 35.69 -11.94 3.26
N ALA F 576 36.07 -12.78 2.29
CA ALA F 576 37.37 -13.43 2.35
C ALA F 576 38.50 -12.45 2.06
N ARG F 577 38.21 -11.37 1.35
CA ARG F 577 39.22 -10.33 1.13
C ARG F 577 39.47 -9.53 2.40
N ALA F 578 38.42 -9.34 3.23
CA ALA F 578 38.61 -8.68 4.50
C ALA F 578 39.27 -9.59 5.53
N ALA F 579 39.10 -10.90 5.38
CA ALA F 579 39.72 -11.89 6.25
C ALA F 579 40.94 -12.54 5.60
N ALA F 580 41.68 -11.78 4.81
CA ALA F 580 42.88 -12.31 4.16
C ALA F 580 44.01 -12.45 5.18
N PRO F 581 44.85 -13.51 5.07
CA PRO F 581 44.83 -14.60 4.09
C PRO F 581 43.88 -15.72 4.48
N THR F 582 43.29 -16.38 3.48
CA THR F 582 42.33 -17.46 3.73
C THR F 582 42.35 -18.41 2.54
N VAL F 583 41.57 -19.48 2.64
CA VAL F 583 41.40 -20.46 1.58
C VAL F 583 39.94 -20.89 1.55
N VAL F 584 39.44 -21.19 0.35
CA VAL F 584 38.04 -21.59 0.13
C VAL F 584 38.03 -23.01 -0.42
N PHE F 585 37.09 -23.82 0.06
CA PHE F 585 36.94 -25.20 -0.36
C PHE F 585 35.65 -25.37 -1.15
N LEU F 586 35.75 -26.01 -2.32
CA LEU F 586 34.60 -26.35 -3.14
C LEU F 586 34.63 -27.84 -3.46
N ASP F 587 33.46 -28.40 -3.76
CA ASP F 587 33.34 -29.82 -4.04
C ASP F 587 32.31 -30.01 -5.15
N GLN F 588 32.33 -31.20 -5.75
CA GLN F 588 31.42 -31.63 -6.83
C GLN F 588 31.52 -30.70 -8.04
N LEU F 589 32.71 -30.68 -8.63
CA LEU F 589 33.02 -29.83 -9.77
C LEU F 589 32.70 -30.47 -11.11
N ASP F 590 31.88 -31.52 -11.13
CA ASP F 590 31.48 -32.17 -12.37
C ASP F 590 30.19 -31.60 -12.94
N SER F 591 29.83 -30.37 -12.57
CA SER F 591 28.61 -29.74 -13.06
C SER F 591 28.86 -28.81 -14.24
N ILE F 592 30.13 -28.58 -14.59
CA ILE F 592 30.44 -27.68 -15.70
C ILE F 592 30.13 -28.34 -17.04
N ALA F 593 30.28 -29.66 -17.14
CA ALA F 593 30.03 -30.39 -18.38
C ALA F 593 28.59 -30.86 -18.52
N LYS F 594 27.74 -30.64 -17.52
CA LYS F 594 26.36 -31.07 -17.59
C LYS F 594 25.33 -29.96 -17.41
N ALA F 595 25.74 -28.78 -16.93
CA ALA F 595 24.83 -27.67 -16.71
C ALA F 595 25.31 -26.43 -17.43
N ARG F 596 25.71 -26.60 -18.69
CA ARG F 596 26.17 -25.50 -19.53
C ARG F 596 25.05 -24.90 -20.36
N GLY F 597 24.38 -25.72 -21.16
CA GLY F 597 23.29 -25.25 -21.99
C GLY F 597 21.97 -25.17 -21.26
N GLY F 598 21.82 -24.18 -20.39
CA GLY F 598 20.60 -24.02 -19.62
C GLY F 598 19.54 -23.24 -20.34
N SER F 599 18.54 -23.94 -20.88
CA SER F 599 17.45 -23.28 -21.60
C SER F 599 16.09 -23.89 -21.25
N LEU F 600 15.98 -24.61 -20.14
CA LEU F 600 14.73 -25.23 -19.74
C LEU F 600 13.92 -24.28 -18.85
N GLY F 601 12.60 -24.38 -18.96
CA GLY F 601 11.71 -23.49 -18.24
C GLY F 601 11.17 -24.06 -16.94
N ASP F 602 11.98 -24.87 -16.27
CA ASP F 602 11.60 -25.44 -14.99
C ASP F 602 12.52 -25.04 -13.86
N ALA F 603 13.84 -25.12 -14.07
CA ALA F 603 14.79 -24.77 -13.03
C ALA F 603 15.13 -23.28 -13.10
N GLY F 604 15.67 -22.77 -12.00
CA GLY F 604 16.06 -21.37 -11.92
C GLY F 604 17.56 -21.19 -11.97
N GLY F 605 18.18 -20.97 -10.81
CA GLY F 605 19.60 -20.82 -10.71
C GLY F 605 20.40 -22.10 -10.63
N ALA F 606 19.73 -23.25 -10.69
CA ALA F 606 20.41 -24.54 -10.60
C ALA F 606 20.82 -25.10 -11.96
N SER F 607 20.46 -24.44 -13.05
CA SER F 607 20.73 -24.96 -14.39
C SER F 607 21.67 -24.05 -15.18
N ASP F 608 21.38 -22.76 -15.28
CA ASP F 608 22.13 -21.86 -16.13
C ASP F 608 22.88 -20.76 -15.39
N ARG F 609 22.53 -20.47 -14.15
CA ARG F 609 23.16 -19.37 -13.39
C ARG F 609 24.39 -19.82 -12.63
N VAL F 610 25.01 -20.93 -13.03
CA VAL F 610 26.29 -21.37 -12.47
C VAL F 610 27.39 -21.30 -13.54
N VAL F 611 27.08 -21.71 -14.76
CA VAL F 611 28.07 -21.76 -15.83
C VAL F 611 28.41 -20.36 -16.33
N ASN F 612 27.49 -19.40 -16.18
CA ASN F 612 27.71 -18.05 -16.67
C ASN F 612 28.59 -17.21 -15.75
N GLN F 613 28.94 -17.72 -14.57
CA GLN F 613 29.65 -16.92 -13.58
C GLN F 613 30.94 -17.55 -13.07
N LEU F 614 31.12 -18.87 -13.17
CA LEU F 614 32.37 -19.47 -12.71
C LEU F 614 33.54 -19.14 -13.64
N LEU F 615 33.25 -18.80 -14.89
CA LEU F 615 34.31 -18.33 -15.78
C LEU F 615 34.74 -16.90 -15.46
N THR F 616 33.89 -16.15 -14.76
CA THR F 616 34.17 -14.76 -14.41
C THR F 616 34.62 -14.60 -12.97
N GLU F 617 33.98 -15.31 -12.04
CA GLU F 617 34.30 -15.17 -10.62
C GLU F 617 35.62 -15.83 -10.25
N MET F 618 36.05 -16.84 -11.00
CA MET F 618 37.35 -17.44 -10.73
C MET F 618 38.49 -16.53 -11.17
N ASP F 619 38.30 -15.80 -12.27
CA ASP F 619 39.25 -14.80 -12.73
C ASP F 619 38.89 -13.39 -12.26
N GLY F 620 37.96 -13.28 -11.30
CA GLY F 620 37.55 -11.98 -10.79
C GLY F 620 38.19 -11.66 -9.46
N MET F 621 39.44 -12.07 -9.27
CA MET F 621 40.19 -11.79 -8.07
C MET F 621 41.01 -10.51 -8.27
N ASN F 622 41.67 -10.08 -7.20
CA ASN F 622 42.43 -8.84 -7.21
C ASN F 622 43.94 -9.05 -7.25
N ALA F 623 44.41 -10.28 -6.99
CA ALA F 623 45.83 -10.66 -6.99
C ALA F 623 46.67 -9.82 -6.03
N LYS F 624 46.07 -9.39 -4.92
CA LYS F 624 46.78 -8.64 -3.89
C LYS F 624 46.50 -9.12 -2.47
N LYS F 625 45.45 -9.91 -2.25
CA LYS F 625 45.16 -10.48 -0.94
C LYS F 625 45.21 -12.01 -0.94
N ASN F 626 45.34 -12.62 -2.13
CA ASN F 626 45.61 -14.05 -2.31
C ASN F 626 44.51 -14.94 -1.72
N VAL F 627 43.30 -14.79 -2.26
CA VAL F 627 42.22 -15.72 -1.97
C VAL F 627 42.41 -16.97 -2.83
N PHE F 628 42.20 -18.14 -2.23
CA PHE F 628 42.49 -19.40 -2.90
C PHE F 628 41.26 -20.30 -2.88
N VAL F 629 41.12 -21.09 -3.94
CA VAL F 629 39.99 -21.99 -4.12
C VAL F 629 40.50 -23.42 -4.18
N ILE F 630 39.94 -24.29 -3.34
CA ILE F 630 40.22 -25.72 -3.34
C ILE F 630 39.02 -26.44 -3.92
N GLY F 631 39.24 -27.20 -5.00
CA GLY F 631 38.16 -27.91 -5.64
C GLY F 631 38.35 -29.42 -5.65
N ALA F 632 37.26 -30.16 -5.79
CA ALA F 632 37.31 -31.63 -5.79
C ALA F 632 36.11 -32.16 -6.53
N THR F 633 36.34 -33.08 -7.47
CA THR F 633 35.28 -33.73 -8.23
C THR F 633 35.39 -35.25 -8.08
N ASN F 634 34.59 -35.97 -8.86
CA ASN F 634 34.56 -37.43 -8.78
C ASN F 634 34.96 -38.13 -10.07
N ARG F 635 34.38 -37.73 -11.20
CA ARG F 635 34.63 -38.39 -12.48
C ARG F 635 35.09 -37.35 -13.50
N PRO F 636 36.38 -37.31 -13.83
CA PRO F 636 36.90 -36.29 -14.74
C PRO F 636 36.96 -36.69 -16.21
N ASP F 637 36.43 -37.85 -16.60
CA ASP F 637 36.53 -38.27 -17.99
C ASP F 637 35.47 -37.58 -18.86
N GLN F 638 34.33 -37.23 -18.29
CA GLN F 638 33.27 -36.56 -19.02
C GLN F 638 33.45 -35.05 -19.07
N ILE F 639 34.44 -34.51 -18.38
CA ILE F 639 34.62 -33.07 -18.27
C ILE F 639 35.36 -32.57 -19.51
N ASP F 640 34.91 -31.45 -20.07
CA ASP F 640 35.54 -30.89 -21.26
C ASP F 640 36.90 -30.29 -20.91
N PRO F 641 37.90 -30.47 -21.77
CA PRO F 641 39.24 -29.92 -21.48
C PRO F 641 39.42 -28.47 -21.88
N ALA F 642 38.32 -27.76 -22.15
CA ALA F 642 38.41 -26.37 -22.63
C ALA F 642 38.86 -25.44 -21.51
N ILE F 643 38.18 -25.50 -20.36
CA ILE F 643 38.56 -24.67 -19.23
C ILE F 643 39.55 -25.36 -18.30
N LEU F 644 39.81 -26.66 -18.52
CA LEU F 644 40.72 -27.44 -17.69
C LEU F 644 42.19 -27.28 -18.09
N ARG F 645 42.52 -26.30 -18.91
CA ARG F 645 43.91 -26.06 -19.25
C ARG F 645 44.65 -25.46 -18.06
N PRO F 646 45.96 -25.69 -17.93
CA PRO F 646 46.71 -25.09 -16.84
C PRO F 646 46.83 -23.57 -16.98
N GLY F 647 47.10 -22.93 -15.84
CA GLY F 647 47.12 -21.48 -15.77
C GLY F 647 46.01 -20.95 -14.89
N ARG F 648 44.81 -21.53 -15.04
CA ARG F 648 43.69 -21.25 -14.16
C ARG F 648 43.27 -22.49 -13.37
N LEU F 649 42.97 -23.59 -14.06
CA LEU F 649 42.78 -24.89 -13.43
C LEU F 649 44.01 -25.73 -13.73
N ASP F 650 45.05 -25.54 -12.92
CA ASP F 650 46.36 -26.10 -13.19
C ASP F 650 46.67 -27.35 -12.36
N GLN F 651 46.34 -27.35 -11.07
CA GLN F 651 46.68 -28.45 -10.19
C GLN F 651 45.51 -29.44 -10.09
N LEU F 652 45.32 -30.17 -11.19
CA LEU F 652 44.37 -31.27 -11.21
C LEU F 652 45.07 -32.52 -10.67
N ILE F 653 44.53 -33.08 -9.59
CA ILE F 653 45.19 -34.12 -8.82
C ILE F 653 44.30 -35.35 -8.79
N TYR F 654 44.91 -36.53 -8.99
CA TYR F 654 44.23 -37.80 -8.80
C TYR F 654 44.52 -38.31 -7.41
N VAL F 655 43.50 -38.37 -6.55
CA VAL F 655 43.66 -38.97 -5.23
C VAL F 655 43.58 -40.49 -5.38
N PRO F 656 44.62 -41.21 -4.97
CA PRO F 656 44.62 -42.66 -5.19
C PRO F 656 44.00 -43.44 -4.04
N LEU F 657 43.98 -44.75 -4.15
CA LEU F 657 43.59 -45.61 -3.05
C LEU F 657 44.69 -45.56 -2.00
N PRO F 658 44.37 -45.42 -0.71
CA PRO F 658 45.42 -45.32 0.31
C PRO F 658 46.14 -46.64 0.53
N ASP F 659 47.38 -46.53 0.99
CA ASP F 659 48.25 -47.67 1.21
C ASP F 659 47.84 -48.39 2.50
N GLU F 660 48.48 -49.54 2.75
CA GLU F 660 48.20 -50.29 3.97
C GLU F 660 48.70 -49.56 5.21
N ASN F 661 49.89 -48.94 5.12
CA ASN F 661 50.38 -48.14 6.23
C ASN F 661 49.66 -46.80 6.32
N ALA F 662 48.99 -46.37 5.25
CA ALA F 662 48.29 -45.09 5.26
C ALA F 662 47.02 -45.15 6.10
N ARG F 663 46.15 -46.13 5.83
CA ARG F 663 44.87 -46.20 6.51
C ARG F 663 44.99 -46.71 7.95
N LEU F 664 46.02 -47.50 8.25
CA LEU F 664 46.22 -47.90 9.64
C LEU F 664 46.79 -46.77 10.47
N SER F 665 47.47 -45.82 9.83
CA SER F 665 47.85 -44.60 10.53
C SER F 665 46.63 -43.73 10.83
N ILE F 666 45.63 -43.79 9.95
CA ILE F 666 44.35 -43.15 10.23
C ILE F 666 43.58 -43.95 11.28
N LEU F 667 43.64 -45.29 11.18
CA LEU F 667 42.94 -46.14 12.13
C LEU F 667 43.59 -46.11 13.51
N ASN F 668 44.88 -45.78 13.58
CA ASN F 668 45.52 -45.55 14.88
C ASN F 668 44.99 -44.28 15.53
N ALA F 669 44.62 -43.29 14.72
CA ALA F 669 43.96 -42.10 15.24
C ALA F 669 42.49 -42.34 15.53
N GLN F 670 41.87 -43.31 14.85
CA GLN F 670 40.49 -43.68 15.13
C GLN F 670 40.38 -44.56 16.38
N LEU F 671 41.41 -45.34 16.68
CA LEU F 671 41.47 -46.13 17.90
C LEU F 671 42.12 -45.37 19.04
N ARG F 672 42.40 -44.07 18.85
CA ARG F 672 42.96 -43.26 19.93
C ARG F 672 41.87 -42.89 20.94
N LYS F 673 40.66 -42.61 20.47
CA LYS F 673 39.57 -42.17 21.32
C LYS F 673 38.99 -43.29 22.17
N THR F 674 39.35 -44.54 21.92
CA THR F 674 38.85 -45.66 22.70
C THR F 674 40.01 -46.50 23.24
N PRO F 675 39.83 -47.14 24.39
CA PRO F 675 40.83 -48.10 24.86
C PRO F 675 40.75 -49.41 24.09
N LEU F 676 41.88 -50.10 24.01
CA LEU F 676 41.97 -51.35 23.27
C LEU F 676 43.06 -52.22 23.88
N GLU F 677 42.80 -53.53 23.90
CA GLU F 677 43.79 -54.48 24.36
C GLU F 677 44.93 -54.59 23.34
N PRO F 678 46.16 -54.85 23.79
CA PRO F 678 47.28 -54.97 22.86
C PRO F 678 47.34 -56.29 22.10
N GLY F 679 46.37 -57.18 22.27
CA GLY F 679 46.35 -58.44 21.55
C GLY F 679 45.55 -58.38 20.26
N LEU F 680 45.31 -57.17 19.76
CA LEU F 680 44.56 -56.96 18.53
C LEU F 680 45.50 -56.45 17.45
N GLU F 681 45.28 -56.92 16.22
CA GLU F 681 46.10 -56.54 15.07
C GLU F 681 45.19 -56.06 13.95
N LEU F 682 45.63 -55.01 13.26
CA LEU F 682 44.85 -54.40 12.19
C LEU F 682 45.35 -54.72 10.80
N THR F 683 46.54 -55.32 10.66
CA THR F 683 47.08 -55.62 9.34
C THR F 683 46.52 -56.91 8.75
N ALA F 684 45.75 -57.68 9.52
CA ALA F 684 45.13 -58.89 8.97
C ALA F 684 43.99 -58.58 8.03
N ILE F 685 43.33 -57.43 8.19
CA ILE F 685 42.25 -57.03 7.30
C ILE F 685 42.75 -56.11 6.18
N ALA F 686 43.96 -55.56 6.30
CA ALA F 686 44.48 -54.63 5.29
C ALA F 686 45.08 -55.34 4.09
N LYS F 687 45.41 -56.62 4.21
CA LYS F 687 46.02 -57.35 3.10
C LYS F 687 45.02 -57.71 2.01
N ALA F 688 43.73 -57.75 2.33
CA ALA F 688 42.69 -58.10 1.38
C ALA F 688 41.79 -56.90 1.04
N THR F 689 42.38 -55.71 0.94
CA THR F 689 41.62 -54.49 0.64
C THR F 689 41.70 -54.22 -0.85
N GLN F 690 40.82 -54.88 -1.60
CA GLN F 690 40.73 -54.62 -3.04
C GLN F 690 39.81 -53.44 -3.34
N GLY F 691 38.77 -53.25 -2.53
CA GLY F 691 37.85 -52.14 -2.70
C GLY F 691 37.55 -51.43 -1.40
N PHE F 692 38.54 -51.32 -0.52
CA PHE F 692 38.36 -50.73 0.80
C PHE F 692 39.37 -49.60 0.96
N SER F 693 38.89 -48.37 0.99
CA SER F 693 39.73 -47.19 1.20
C SER F 693 39.79 -46.87 2.69
N GLY F 694 40.31 -45.68 3.02
CA GLY F 694 40.39 -45.28 4.41
C GLY F 694 39.05 -44.93 5.01
N ALA F 695 38.22 -44.22 4.24
CA ALA F 695 36.87 -43.89 4.70
C ALA F 695 35.92 -45.08 4.59
N ASP F 696 36.25 -46.07 3.76
CA ASP F 696 35.43 -47.28 3.67
C ASP F 696 35.60 -48.16 4.91
N LEU F 697 36.74 -48.05 5.59
CA LEU F 697 37.00 -48.78 6.82
C LEU F 697 36.69 -47.97 8.07
N LEU F 698 35.98 -46.85 7.93
CA LEU F 698 35.58 -46.06 9.08
C LEU F 698 34.39 -46.66 9.82
N TYR F 699 33.70 -47.63 9.23
CA TYR F 699 32.59 -48.32 9.89
C TYR F 699 33.05 -49.50 10.74
N ILE F 700 34.36 -49.78 10.78
CA ILE F 700 34.87 -50.86 11.62
C ILE F 700 34.70 -50.52 13.10
N VAL F 701 34.89 -49.25 13.46
CA VAL F 701 34.67 -48.81 14.83
C VAL F 701 33.20 -48.64 15.18
N GLN F 702 32.30 -48.83 14.22
CA GLN F 702 30.86 -48.82 14.46
C GLN F 702 30.24 -50.20 14.38
N ARG F 703 30.69 -51.04 13.43
CA ARG F 703 30.13 -52.38 13.28
C ARG F 703 30.66 -53.34 14.32
N ALA F 704 31.97 -53.33 14.57
CA ALA F 704 32.56 -54.27 15.52
C ALA F 704 32.30 -53.83 16.96
N ALA F 705 32.37 -52.53 17.22
CA ALA F 705 32.24 -52.00 18.59
C ALA F 705 30.79 -51.83 19.03
N LYS F 706 29.82 -52.32 18.26
CA LYS F 706 28.42 -52.24 18.69
C LYS F 706 28.08 -53.33 19.70
N TYR F 707 28.91 -54.37 19.81
CA TYR F 707 28.66 -55.45 20.76
C TYR F 707 29.37 -55.24 22.10
N ALA F 708 30.37 -54.36 22.14
CA ALA F 708 31.06 -54.09 23.40
C ALA F 708 30.25 -53.23 24.35
N ILE F 709 29.19 -52.59 23.86
CA ILE F 709 28.35 -51.76 24.73
C ILE F 709 27.26 -52.61 25.36
N LYS F 710 26.79 -53.65 24.66
CA LYS F 710 25.65 -54.44 25.14
C LYS F 710 26.02 -55.34 26.31
N ASP F 711 27.22 -55.93 26.30
CA ASP F 711 27.59 -56.87 27.35
C ASP F 711 28.01 -56.18 28.64
N SER F 712 28.17 -54.85 28.63
CA SER F 712 28.63 -54.14 29.81
C SER F 712 27.52 -53.42 30.57
N ILE F 713 26.35 -53.23 29.96
CA ILE F 713 25.27 -52.49 30.61
C ILE F 713 24.08 -53.39 30.86
N GLU F 714 24.08 -54.59 30.27
CA GLU F 714 22.97 -55.51 30.49
C GLU F 714 23.08 -56.22 31.83
N ALA F 715 24.28 -56.72 32.16
CA ALA F 715 24.52 -57.38 33.44
C ALA F 715 24.89 -56.30 34.47
N HIS F 716 23.85 -55.66 35.00
CA HIS F 716 23.92 -54.56 35.98
C HIS F 716 24.81 -53.40 35.53
N ILE F 753 36.08 -54.24 22.84
CA ILE F 753 37.50 -53.90 22.98
C ILE F 753 38.37 -55.11 22.65
N THR F 754 37.76 -56.29 22.69
CA THR F 754 38.48 -57.54 22.44
C THR F 754 38.51 -57.85 20.94
N LYS F 755 38.94 -59.06 20.61
CA LYS F 755 39.04 -59.51 19.23
C LYS F 755 37.92 -60.46 18.84
N GLU F 756 36.90 -60.63 19.67
CA GLU F 756 35.81 -61.55 19.34
C GLU F 756 34.88 -60.97 18.29
N HIS F 757 34.79 -59.65 18.20
CA HIS F 757 33.95 -58.98 17.21
C HIS F 757 34.72 -58.54 15.97
N PHE F 758 35.96 -59.02 15.80
CA PHE F 758 36.71 -58.72 14.59
C PHE F 758 36.26 -59.56 13.41
N ALA F 759 35.55 -60.66 13.66
CA ALA F 759 35.05 -61.49 12.57
C ALA F 759 33.74 -60.97 12.01
N GLU F 760 32.94 -60.28 12.82
CA GLU F 760 31.68 -59.72 12.32
C GLU F 760 31.89 -58.48 11.48
N ALA F 761 33.07 -57.85 11.58
CA ALA F 761 33.43 -56.71 10.75
C ALA F 761 34.55 -57.06 9.76
N MET F 762 34.75 -58.35 9.49
CA MET F 762 35.84 -58.77 8.62
C MET F 762 35.50 -58.54 7.15
N LYS F 763 34.30 -58.93 6.74
CA LYS F 763 33.90 -58.81 5.34
C LYS F 763 32.65 -57.98 5.17
N THR F 764 31.74 -58.04 6.15
CA THR F 764 30.44 -57.38 6.07
C THR F 764 30.40 -56.07 6.86
N ALA F 765 31.52 -55.35 6.93
CA ALA F 765 31.53 -54.08 7.66
C ALA F 765 30.99 -52.95 6.78
N LYS F 766 31.70 -52.64 5.69
CA LYS F 766 31.33 -51.57 4.77
C LYS F 766 32.08 -51.70 3.46
N ARG F 767 31.38 -51.53 2.34
CA ARG F 767 32.00 -51.57 1.01
C ARG F 767 31.37 -50.49 0.16
N SER F 768 32.19 -49.54 -0.28
CA SER F 768 31.68 -48.43 -1.09
C SER F 768 32.45 -48.30 -2.41
N VAL F 769 33.75 -48.58 -2.38
CA VAL F 769 34.56 -48.49 -3.59
C VAL F 769 34.30 -49.73 -4.44
N SER F 770 33.77 -49.52 -5.64
CA SER F 770 33.43 -50.62 -6.54
C SER F 770 34.64 -50.98 -7.38
N ASP F 771 34.44 -51.87 -8.37
CA ASP F 771 35.51 -52.31 -9.24
C ASP F 771 35.33 -51.89 -10.69
N ALA F 772 34.16 -51.39 -11.08
CA ALA F 772 33.95 -50.92 -12.45
C ALA F 772 34.69 -49.60 -12.68
N GLU F 773 34.56 -48.66 -11.74
CA GLU F 773 35.29 -47.40 -11.82
C GLU F 773 36.71 -47.49 -11.28
N LEU F 774 37.09 -48.64 -10.69
CA LEU F 774 38.45 -48.79 -10.19
C LEU F 774 39.46 -48.91 -11.32
N ARG F 775 39.07 -49.59 -12.41
CA ARG F 775 39.91 -49.61 -13.60
C ARG F 775 39.83 -48.29 -14.37
N ARG F 776 38.80 -47.49 -14.14
CA ARG F 776 38.65 -46.18 -14.74
C ARG F 776 39.44 -45.10 -14.01
N TYR F 777 39.84 -45.35 -12.76
CA TYR F 777 40.61 -44.37 -12.00
C TYR F 777 42.05 -44.25 -12.49
N GLU F 778 42.55 -45.24 -13.22
CA GLU F 778 43.89 -45.18 -13.79
C GLU F 778 43.89 -44.99 -15.29
N ALA F 779 42.73 -44.73 -15.90
CA ALA F 779 42.68 -44.48 -17.33
C ALA F 779 43.24 -43.10 -17.66
N TYR F 780 43.04 -42.13 -16.78
CA TYR F 780 43.62 -40.81 -16.97
C TYR F 780 44.96 -40.67 -16.26
N SER F 781 45.18 -41.45 -15.20
CA SER F 781 46.40 -41.33 -14.41
C SER F 781 47.61 -41.90 -15.15
N GLN F 782 47.39 -42.86 -16.04
CA GLN F 782 48.49 -43.40 -16.82
C GLN F 782 48.96 -42.42 -17.90
N GLN F 783 48.06 -41.52 -18.32
CA GLN F 783 48.39 -40.49 -19.31
C GLN F 783 48.48 -39.10 -18.70
N MET F 784 48.81 -39.00 -17.41
CA MET F 784 49.03 -37.70 -16.79
C MET F 784 50.42 -37.13 -17.10
N LYS F 785 51.29 -37.91 -17.72
CA LYS F 785 52.61 -37.44 -18.10
C LYS F 785 52.70 -37.09 -19.59
N ALA F 786 51.88 -37.72 -20.44
CA ALA F 786 51.85 -37.42 -21.87
C ALA F 786 50.68 -36.52 -22.22
N SER F 787 49.45 -36.94 -21.89
CA SER F 787 48.26 -36.13 -22.13
C SER F 787 47.90 -35.32 -20.89
N ARG F 788 48.86 -34.52 -20.44
CA ARG F 788 48.67 -33.70 -19.24
C ARG F 788 47.83 -32.47 -19.54
N GLY F 789 47.85 -31.99 -20.77
CA GLY F 789 47.18 -30.73 -21.08
C GLY F 789 45.67 -30.87 -21.19
N GLN F 790 45.21 -31.85 -21.98
CA GLN F 790 43.79 -31.98 -22.29
C GLN F 790 43.16 -33.23 -21.66
N PHE F 791 43.71 -34.41 -21.94
CA PHE F 791 43.09 -35.73 -21.70
C PHE F 791 41.69 -35.83 -22.31
N GLN G 2 9.24 -21.53 -19.66
CA GLN G 2 8.30 -20.94 -20.60
C GLN G 2 7.03 -20.48 -19.89
N ILE G 3 7.17 -19.95 -18.68
CA ILE G 3 6.06 -19.70 -17.79
C ILE G 3 6.20 -18.31 -17.18
N PHE G 4 5.28 -17.99 -16.26
CA PHE G 4 5.09 -16.63 -15.78
C PHE G 4 4.90 -16.64 -14.26
N VAL G 5 5.10 -15.48 -13.65
CA VAL G 5 4.79 -15.24 -12.25
C VAL G 5 4.05 -13.92 -12.14
N LYS G 6 2.79 -13.97 -11.69
CA LYS G 6 1.97 -12.76 -11.54
C LYS G 6 1.48 -12.64 -10.11
N THR G 7 1.66 -11.46 -9.53
CA THR G 7 1.24 -11.15 -8.17
C THR G 7 0.86 -9.68 -8.14
N LEU G 8 -0.23 -9.37 -7.43
CA LEU G 8 -0.70 -8.00 -7.27
C LEU G 8 -0.25 -7.46 -5.92
N THR G 9 -0.74 -6.27 -5.57
CA THR G 9 -0.37 -5.60 -4.34
C THR G 9 -1.60 -4.97 -3.70
N GLY G 10 -1.39 -4.37 -2.53
CA GLY G 10 -2.45 -3.67 -1.83
C GLY G 10 -1.86 -2.63 -0.91
N LYS G 11 -2.64 -1.59 -0.63
CA LYS G 11 -2.15 -0.44 0.10
C LYS G 11 -3.19 -0.01 1.14
N THR G 12 -2.70 0.74 2.14
CA THR G 12 -3.52 1.46 3.09
C THR G 12 -3.06 2.91 3.08
N ILE G 13 -4.00 3.85 3.02
CA ILE G 13 -3.62 5.22 2.66
C ILE G 13 -3.08 5.96 3.87
N THR G 14 -3.96 6.29 4.83
CA THR G 14 -3.64 7.09 6.01
C THR G 14 -4.81 7.24 6.98
N LEU G 15 -4.49 7.55 8.23
CA LEU G 15 -5.43 8.11 9.21
C LEU G 15 -4.74 9.32 9.86
N GLU G 16 -5.55 10.24 10.40
CA GLU G 16 -5.01 11.43 11.05
C GLU G 16 -5.83 11.75 12.29
N VAL G 17 -5.26 12.59 13.14
CA VAL G 17 -5.91 13.01 14.38
C VAL G 17 -6.07 14.53 14.43
N GLU G 18 -5.06 15.26 13.94
CA GLU G 18 -4.96 16.73 13.98
C GLU G 18 -5.05 17.26 15.41
N SER G 19 -4.04 16.89 16.19
CA SER G 19 -3.90 17.33 17.57
C SER G 19 -2.75 18.32 17.68
N SER G 20 -3.02 19.47 18.29
CA SER G 20 -2.04 20.55 18.39
C SER G 20 -2.41 21.45 19.57
N ASP G 21 -1.77 22.62 19.60
CA ASP G 21 -2.04 23.71 20.54
C ASP G 21 -1.83 23.32 22.00
N THR G 22 -0.58 23.07 22.39
CA THR G 22 -0.22 22.86 23.78
C THR G 22 -0.49 24.13 24.60
N ILE G 23 -0.73 23.95 25.89
CA ILE G 23 -1.23 25.03 26.73
C ILE G 23 -0.15 26.08 26.98
N ASP G 24 1.12 25.67 26.96
CA ASP G 24 2.20 26.61 27.23
C ASP G 24 2.44 27.55 26.05
N ASN G 25 2.01 27.17 24.85
CA ASN G 25 2.12 28.07 23.71
C ASN G 25 0.99 29.09 23.70
N VAL G 26 -0.18 28.72 24.23
CA VAL G 26 -1.31 29.64 24.25
C VAL G 26 -1.15 30.68 25.34
N LYS G 27 -0.53 30.31 26.48
CA LYS G 27 -0.29 31.27 27.55
C LYS G 27 0.73 32.33 27.12
N SER G 28 1.68 31.95 26.26
CA SER G 28 2.57 32.95 25.67
C SER G 28 1.89 33.69 24.53
N LYS G 29 0.83 33.11 23.95
CA LYS G 29 0.13 33.75 22.84
C LYS G 29 -0.75 34.90 23.28
N ILE G 30 -1.20 34.89 24.53
CA ILE G 30 -2.09 35.94 25.02
C ILE G 30 -1.32 37.21 25.36
N GLN G 31 -0.19 37.08 26.06
CA GLN G 31 0.57 38.23 26.54
C GLN G 31 1.51 38.72 25.44
N ASP G 32 0.93 39.48 24.52
CA ASP G 32 1.69 40.15 23.46
C ASP G 32 0.92 41.38 23.01
N LYS G 33 1.35 41.97 21.90
CA LYS G 33 0.71 43.12 21.29
C LYS G 33 0.37 42.81 19.84
N GLU G 34 -0.51 43.61 19.25
CA GLU G 34 -0.92 43.39 17.87
C GLU G 34 -0.80 44.62 16.98
N GLY G 35 -0.41 45.78 17.52
CA GLY G 35 -0.25 46.97 16.68
C GLY G 35 -1.45 47.90 16.71
N ILE G 36 -1.22 49.22 16.64
CA ILE G 36 -2.32 50.19 16.72
C ILE G 36 -2.49 51.30 15.65
N PRO G 37 -2.83 50.96 14.41
CA PRO G 37 -3.16 52.03 13.45
C PRO G 37 -2.12 53.18 13.34
N PRO G 38 -2.44 54.36 13.89
CA PRO G 38 -1.51 55.50 13.85
C PRO G 38 -1.43 56.21 15.18
N ASP G 39 -2.47 56.95 15.54
CA ASP G 39 -2.50 57.69 16.80
C ASP G 39 -3.53 57.10 17.75
N GLN G 40 -3.26 55.89 18.23
CA GLN G 40 -4.16 55.21 19.15
C GLN G 40 -3.48 54.91 20.48
N GLN G 41 -2.66 55.85 20.95
CA GLN G 41 -1.94 55.68 22.20
C GLN G 41 -2.80 54.89 23.18
N ARG G 42 -2.03 54.35 24.09
CA ARG G 42 -2.42 53.45 25.08
C ARG G 42 -2.28 53.87 26.50
N LEU G 43 -1.70 55.00 26.79
CA LEU G 43 -1.64 55.51 28.14
C LEU G 43 -0.96 54.89 29.40
N ILE G 44 -0.93 55.67 30.47
CA ILE G 44 -0.06 55.34 31.59
C ILE G 44 -0.87 55.47 32.88
N PHE G 45 -0.96 56.69 33.39
CA PHE G 45 -1.73 56.95 34.60
C PHE G 45 -0.84 56.92 35.85
N ALA G 46 -1.26 57.66 36.87
CA ALA G 46 -0.57 57.72 38.15
C ALA G 46 -1.54 58.20 39.20
N GLY G 47 -1.21 57.96 40.46
CA GLY G 47 -2.05 58.39 41.56
C GLY G 47 -1.70 57.64 42.83
N LYS G 48 -2.59 57.80 43.83
CA LYS G 48 -2.48 57.19 45.16
C LYS G 48 -1.16 57.59 45.83
N GLN G 49 -1.07 58.89 46.12
CA GLN G 49 0.09 59.46 46.80
C GLN G 49 0.28 58.90 48.21
N MET H 1 -32.28 49.20 71.57
CA MET H 1 -32.14 47.75 71.47
C MET H 1 -31.94 47.33 70.02
N GLN H 2 -33.00 47.44 69.23
CA GLN H 2 -32.95 47.08 67.82
C GLN H 2 -32.39 48.22 66.99
N ILE H 3 -31.73 47.87 65.89
CA ILE H 3 -31.19 48.85 64.95
C ILE H 3 -31.18 48.20 63.57
N PHE H 4 -31.13 49.03 62.53
CA PHE H 4 -31.14 48.58 61.15
C PHE H 4 -30.06 49.31 60.37
N VAL H 5 -29.02 48.57 59.96
CA VAL H 5 -27.93 49.12 59.16
C VAL H 5 -28.10 48.61 57.73
N LYS H 6 -28.09 49.54 56.77
CA LYS H 6 -28.36 49.19 55.38
C LYS H 6 -27.21 49.68 54.52
N THR H 7 -26.77 48.82 53.59
CA THR H 7 -25.70 49.16 52.67
C THR H 7 -26.28 49.81 51.41
N LEU H 8 -25.45 49.98 50.38
CA LEU H 8 -25.89 50.63 49.15
C LEU H 8 -26.55 49.66 48.18
N THR H 9 -26.41 48.36 48.40
CA THR H 9 -26.99 47.35 47.51
C THR H 9 -28.42 46.98 47.88
N GLY H 10 -29.04 47.71 48.81
CA GLY H 10 -30.39 47.39 49.22
C GLY H 10 -30.52 46.23 50.18
N LYS H 11 -29.48 45.97 50.97
CA LYS H 11 -29.48 44.87 51.93
C LYS H 11 -29.39 45.44 53.33
N THR H 12 -30.42 45.20 54.14
CA THR H 12 -30.46 45.67 55.51
C THR H 12 -29.91 44.60 56.44
N ILE H 13 -29.05 45.01 57.37
CA ILE H 13 -28.37 44.11 58.29
C ILE H 13 -28.95 44.34 59.67
N THR H 14 -29.51 43.28 60.26
CA THR H 14 -30.06 43.38 61.60
C THR H 14 -28.96 43.30 62.64
N LEU H 15 -29.09 44.10 63.70
CA LEU H 15 -28.10 44.13 64.77
C LEU H 15 -28.79 44.58 66.05
N GLU H 16 -28.39 43.97 67.17
CA GLU H 16 -28.92 44.29 68.49
C GLU H 16 -27.82 44.99 69.29
N VAL H 17 -27.93 46.32 69.40
CA VAL H 17 -26.92 47.12 70.10
C VAL H 17 -27.55 47.68 71.37
N GLU H 18 -26.71 47.93 72.41
CA GLU H 18 -27.13 48.53 73.66
C GLU H 18 -27.49 49.99 73.46
N SER H 19 -28.41 50.55 74.25
CA SER H 19 -28.75 51.97 74.10
C SER H 19 -27.72 52.93 74.69
N SER H 20 -26.73 52.43 75.45
CA SER H 20 -25.78 53.30 76.12
C SER H 20 -24.36 52.79 75.94
N ASP H 21 -23.99 52.46 74.71
CA ASP H 21 -22.62 52.07 74.39
C ASP H 21 -22.05 53.01 73.33
N THR H 22 -20.81 52.74 72.93
CA THR H 22 -20.12 53.59 71.97
C THR H 22 -20.40 53.13 70.54
N ILE H 23 -20.00 53.98 69.59
CA ILE H 23 -20.17 53.67 68.18
C ILE H 23 -19.11 52.65 67.72
N ASP H 24 -17.98 52.57 68.43
CA ASP H 24 -16.93 51.62 68.07
C ASP H 24 -17.37 50.17 68.32
N ASN H 25 -18.26 49.95 69.30
CA ASN H 25 -18.80 48.62 69.51
C ASN H 25 -19.78 48.24 68.40
N VAL H 26 -20.42 49.22 67.76
CA VAL H 26 -21.29 48.94 66.62
C VAL H 26 -20.45 48.53 65.42
N LYS H 27 -19.29 49.16 65.24
CA LYS H 27 -18.39 48.78 64.15
C LYS H 27 -17.72 47.45 64.42
N SER H 28 -17.61 47.04 65.69
CA SER H 28 -17.03 45.74 66.01
C SER H 28 -18.05 44.62 65.82
N LYS H 29 -19.34 44.92 65.98
CA LYS H 29 -20.37 43.91 65.82
C LYS H 29 -20.62 43.59 64.35
N ILE H 30 -20.49 44.59 63.47
CA ILE H 30 -20.61 44.35 62.04
C ILE H 30 -19.33 43.75 61.46
N GLN H 31 -18.22 43.82 62.21
CA GLN H 31 -17.00 43.16 61.78
C GLN H 31 -17.10 41.64 61.91
N ASP H 32 -17.79 41.18 62.96
CA ASP H 32 -17.83 39.74 63.24
C ASP H 32 -18.76 39.00 62.29
N LYS H 33 -19.77 39.70 61.75
CA LYS H 33 -20.74 39.04 60.90
C LYS H 33 -20.24 38.87 59.46
N GLU H 34 -19.37 39.78 59.00
CA GLU H 34 -18.91 39.75 57.61
C GLU H 34 -17.41 39.54 57.49
N GLY H 35 -16.60 40.28 58.25
CA GLY H 35 -15.16 40.16 58.14
C GLY H 35 -14.52 41.39 57.54
N ILE H 36 -15.08 42.56 57.82
CA ILE H 36 -14.58 43.84 57.33
C ILE H 36 -13.94 44.57 58.51
N PRO H 37 -12.71 45.07 58.35
CA PRO H 37 -12.07 45.77 59.47
C PRO H 37 -12.72 47.11 59.73
N PRO H 38 -12.86 47.51 60.99
CA PRO H 38 -13.60 48.75 61.31
C PRO H 38 -12.80 50.03 61.18
N ASP H 39 -11.57 49.98 60.65
CA ASP H 39 -10.79 51.21 60.48
C ASP H 39 -11.31 52.01 59.29
N GLN H 40 -11.63 51.33 58.19
CA GLN H 40 -12.16 52.00 57.00
C GLN H 40 -13.67 52.15 57.01
N GLN H 41 -14.35 51.60 58.01
CA GLN H 41 -15.81 51.68 58.06
C GLN H 41 -16.26 53.06 58.52
N ARG H 42 -17.43 53.47 58.02
CA ARG H 42 -18.02 54.75 58.40
C ARG H 42 -19.53 54.58 58.44
N LEU H 43 -20.16 55.30 59.36
CA LEU H 43 -21.61 55.19 59.58
C LEU H 43 -22.25 56.55 59.32
N ILE H 44 -23.21 56.58 58.38
CA ILE H 44 -23.94 57.79 58.04
C ILE H 44 -25.32 57.71 58.67
N PHE H 45 -25.67 58.73 59.46
CA PHE H 45 -26.97 58.82 60.11
C PHE H 45 -27.70 60.03 59.55
N ALA H 46 -28.47 59.79 58.48
CA ALA H 46 -29.26 60.79 57.76
C ALA H 46 -28.40 61.95 57.26
N GLY H 47 -27.31 61.59 56.58
CA GLY H 47 -26.38 62.57 56.06
C GLY H 47 -25.36 63.09 57.06
N LYS H 48 -25.35 62.56 58.28
CA LYS H 48 -24.42 62.97 59.32
C LYS H 48 -23.53 61.79 59.68
N GLN H 49 -22.21 61.99 59.60
CA GLN H 49 -21.26 60.93 59.88
C GLN H 49 -21.11 60.75 61.39
N LEU H 50 -21.29 59.53 61.86
CA LEU H 50 -21.17 59.23 63.29
C LEU H 50 -19.70 59.09 63.67
N GLU H 51 -19.31 59.74 64.75
CA GLU H 51 -17.95 59.64 65.26
C GLU H 51 -17.84 58.45 66.19
N ASP H 52 -16.75 57.69 66.06
CA ASP H 52 -16.61 56.43 66.78
C ASP H 52 -16.36 56.63 68.27
N GLY H 53 -15.82 57.77 68.67
CA GLY H 53 -15.57 58.04 70.06
C GLY H 53 -16.77 58.43 70.89
N ARG H 54 -17.90 58.71 70.27
CA ARG H 54 -19.10 59.13 70.96
C ARG H 54 -20.01 57.93 71.21
N THR H 55 -21.23 58.22 71.67
CA THR H 55 -22.20 57.23 72.08
C THR H 55 -23.47 57.36 71.23
N LEU H 56 -24.51 56.63 71.63
CA LEU H 56 -25.78 56.62 70.90
C LEU H 56 -26.76 57.67 71.41
N SER H 57 -26.48 58.33 72.53
CA SER H 57 -27.44 59.24 73.15
C SER H 57 -27.25 60.69 72.72
N ASP H 58 -26.02 61.12 72.45
CA ASP H 58 -25.79 62.52 72.06
C ASP H 58 -26.23 62.77 70.63
N TYR H 59 -26.22 61.75 69.78
CA TYR H 59 -26.73 61.88 68.42
C TYR H 59 -28.23 61.65 68.33
N ASN H 60 -28.87 61.29 69.44
CA ASN H 60 -30.33 61.09 69.56
C ASN H 60 -30.84 60.02 68.60
N ILE H 61 -30.09 58.93 68.48
CA ILE H 61 -30.51 57.80 67.65
C ILE H 61 -31.52 56.98 68.43
N GLN H 62 -32.74 56.89 67.89
CA GLN H 62 -33.83 56.20 68.57
C GLN H 62 -33.82 54.71 68.20
N LYS H 63 -34.89 54.01 68.57
CA LYS H 63 -34.95 52.57 68.36
C LYS H 63 -35.26 52.24 66.91
N GLU H 64 -34.66 51.14 66.43
CA GLU H 64 -34.73 50.55 65.08
C GLU H 64 -34.74 51.56 63.93
N SER H 65 -33.91 52.59 64.03
CA SER H 65 -33.80 53.56 62.95
C SER H 65 -32.91 53.04 61.84
N THR H 66 -33.17 53.50 60.62
CA THR H 66 -32.40 53.07 59.46
C THR H 66 -31.05 53.76 59.43
N LEU H 67 -29.98 52.97 59.42
CA LEU H 67 -28.61 53.48 59.37
C LEU H 67 -27.99 53.14 58.02
N HIS H 68 -26.82 53.72 57.78
CA HIS H 68 -26.07 53.53 56.54
C HIS H 68 -24.66 53.08 56.87
N LEU H 69 -24.12 52.21 56.02
CA LEU H 69 -22.77 51.69 56.16
C LEU H 69 -22.00 51.95 54.88
N VAL H 70 -20.81 52.55 55.00
CA VAL H 70 -19.96 52.83 53.85
C VAL H 70 -18.52 52.58 54.26
N LEU H 71 -17.68 52.23 53.28
CA LEU H 71 -16.28 51.92 53.52
C LEU H 71 -15.41 53.00 52.85
N ARG H 72 -14.49 53.56 53.60
CA ARG H 72 -13.60 54.60 53.08
C ARG H 72 -12.28 54.52 53.85
N LEU H 73 -11.22 54.16 53.14
CA LEU H 73 -9.89 54.11 53.75
C LEU H 73 -9.32 55.53 53.88
N ARG H 74 -8.52 55.73 54.93
CA ARG H 74 -7.92 57.04 55.17
C ARG H 74 -6.83 57.33 54.15
N GLY H 75 -5.86 56.42 54.03
CA GLY H 75 -4.80 56.61 53.05
C GLY H 75 -5.22 56.28 51.63
N GLY H 76 -6.16 55.34 51.48
CA GLY H 76 -6.63 54.94 50.18
C GLY H 76 -7.75 55.81 49.65
N MET I 1 -61.15 72.57 41.96
CA MET I 1 -60.63 71.79 40.85
C MET I 1 -59.39 71.00 41.26
N GLN I 2 -59.03 70.00 40.44
CA GLN I 2 -57.89 69.15 40.75
C GLN I 2 -56.59 69.82 40.32
N ILE I 3 -55.61 69.82 41.22
CA ILE I 3 -54.29 70.39 40.97
C ILE I 3 -53.23 69.41 41.47
N PHE I 4 -51.98 69.68 41.10
CA PHE I 4 -50.84 68.84 41.46
C PHE I 4 -49.83 69.69 42.23
N VAL I 5 -49.94 69.67 43.56
CA VAL I 5 -48.99 70.38 44.41
C VAL I 5 -47.75 69.51 44.61
N LYS I 6 -46.64 69.92 44.01
CA LYS I 6 -45.39 69.16 44.06
C LYS I 6 -44.32 70.01 44.72
N THR I 7 -43.67 69.47 45.75
CA THR I 7 -42.65 70.17 46.49
C THR I 7 -41.29 70.01 45.79
N LEU I 8 -40.22 70.43 46.46
CA LEU I 8 -38.89 70.39 45.85
C LEU I 8 -38.32 68.97 45.86
N THR I 9 -38.82 68.10 46.73
CA THR I 9 -38.32 66.73 46.85
C THR I 9 -39.09 65.75 45.98
N GLY I 10 -39.89 66.25 45.04
CA GLY I 10 -40.61 65.39 44.12
C GLY I 10 -41.90 64.79 44.65
N LYS I 11 -42.27 65.08 45.90
CA LYS I 11 -43.49 64.54 46.48
C LYS I 11 -44.68 65.35 45.96
N THR I 12 -45.52 64.72 45.15
CA THR I 12 -46.69 65.36 44.57
C THR I 12 -47.93 64.92 45.35
N ILE I 13 -48.68 65.90 45.87
CA ILE I 13 -49.89 65.64 46.65
C ILE I 13 -51.04 66.40 45.99
N THR I 14 -52.17 65.72 45.81
CA THR I 14 -53.32 66.33 45.16
C THR I 14 -54.07 67.23 46.14
N LEU I 15 -54.25 68.49 45.75
CA LEU I 15 -55.01 69.44 46.56
C LEU I 15 -56.25 69.92 45.81
N GLU I 16 -56.97 70.87 46.39
CA GLU I 16 -58.20 71.39 45.81
C GLU I 16 -58.17 72.91 45.87
N VAL I 17 -58.65 73.55 44.80
CA VAL I 17 -58.71 75.01 44.71
C VAL I 17 -59.81 75.39 43.73
N GLU I 18 -60.37 76.58 43.92
CA GLU I 18 -61.34 77.15 43.00
C GLU I 18 -60.61 77.89 41.87
N SER I 19 -61.22 78.00 40.69
CA SER I 19 -60.56 78.74 39.59
C SER I 19 -60.43 80.24 39.84
N SER I 20 -61.23 80.81 40.75
CA SER I 20 -61.12 82.23 41.07
C SER I 20 -60.68 82.45 42.52
N ASP I 21 -60.09 81.44 43.14
CA ASP I 21 -59.66 81.56 44.53
C ASP I 21 -58.27 82.19 44.61
N THR I 22 -57.99 82.80 45.76
CA THR I 22 -56.66 83.34 46.01
C THR I 22 -55.68 82.21 46.33
N ILE I 23 -54.39 82.55 46.30
CA ILE I 23 -53.36 81.54 46.59
C ILE I 23 -53.16 81.35 48.09
N ASP I 24 -53.71 82.24 48.92
CA ASP I 24 -53.57 82.10 50.37
C ASP I 24 -54.38 80.93 50.92
N ASN I 25 -55.44 80.50 50.22
CA ASN I 25 -56.15 79.29 50.60
C ASN I 25 -55.28 78.06 50.36
N VAL I 26 -54.45 78.10 49.32
CA VAL I 26 -53.48 77.02 49.10
C VAL I 26 -52.40 77.06 50.16
N LYS I 27 -51.98 78.27 50.57
CA LYS I 27 -50.97 78.40 51.62
C LYS I 27 -51.54 77.98 52.97
N SER I 28 -52.84 78.17 53.18
CA SER I 28 -53.47 77.67 54.40
C SER I 28 -53.65 76.16 54.36
N LYS I 29 -53.77 75.58 53.16
CA LYS I 29 -53.92 74.14 53.05
C LYS I 29 -52.60 73.41 53.28
N ILE I 30 -51.48 74.04 52.89
CA ILE I 30 -50.17 73.49 53.22
C ILE I 30 -49.90 73.64 54.71
N GLN I 31 -50.41 74.71 55.33
CA GLN I 31 -50.25 74.91 56.76
C GLN I 31 -51.07 73.92 57.58
N ASP I 32 -52.08 73.28 56.98
CA ASP I 32 -52.91 72.33 57.71
C ASP I 32 -52.28 70.93 57.73
N LYS I 33 -51.98 70.39 56.56
CA LYS I 33 -51.55 69.00 56.44
C LYS I 33 -50.03 68.83 56.44
N GLU I 34 -49.27 69.92 56.27
CA GLU I 34 -47.82 69.82 56.33
C GLU I 34 -47.28 70.65 57.49
N GLY I 35 -48.05 71.64 57.92
CA GLY I 35 -47.65 72.47 59.04
C GLY I 35 -46.55 73.47 58.74
N ILE I 36 -46.48 73.96 57.51
CA ILE I 36 -45.43 74.89 57.11
C ILE I 36 -45.96 76.31 57.26
N PRO I 37 -45.23 77.19 57.95
CA PRO I 37 -45.64 78.62 58.02
C PRO I 37 -45.44 79.30 56.67
N PRO I 38 -46.14 80.41 56.41
CA PRO I 38 -46.08 81.02 55.07
C PRO I 38 -44.77 81.69 54.71
N ASP I 39 -43.81 81.83 55.64
CA ASP I 39 -42.51 82.37 55.28
C ASP I 39 -41.64 81.39 54.54
N GLN I 40 -41.96 80.09 54.58
CA GLN I 40 -41.23 79.08 53.83
C GLN I 40 -42.08 78.45 52.72
N GLN I 41 -43.34 78.86 52.57
CA GLN I 41 -44.21 78.35 51.52
C GLN I 41 -44.01 79.21 50.28
N ARG I 42 -43.20 78.71 49.36
CA ARG I 42 -42.83 79.43 48.13
C ARG I 42 -43.29 78.63 46.93
N LEU I 43 -44.33 79.10 46.25
CA LEU I 43 -44.83 78.48 45.05
C LEU I 43 -44.31 79.23 43.83
N ILE I 44 -43.98 78.48 42.77
CA ILE I 44 -43.39 79.03 41.56
C ILE I 44 -44.15 78.47 40.36
N PHE I 45 -44.67 79.35 39.52
CA PHE I 45 -45.31 78.95 38.27
C PHE I 45 -44.85 79.88 37.15
N ALA I 46 -44.55 79.27 35.99
CA ALA I 46 -44.11 79.95 34.77
C ALA I 46 -42.85 80.80 34.99
N GLY I 47 -41.94 80.33 35.83
CA GLY I 47 -40.69 81.02 36.06
C GLY I 47 -40.79 82.27 36.91
N LYS I 48 -41.90 82.49 37.59
CA LYS I 48 -42.09 83.67 38.42
C LYS I 48 -42.49 83.25 39.83
N GLN I 49 -41.97 83.96 40.83
CA GLN I 49 -42.32 83.69 42.21
C GLN I 49 -43.74 84.20 42.48
N LEU I 50 -44.64 83.28 42.82
CA LEU I 50 -46.04 83.61 43.04
C LEU I 50 -46.19 84.31 44.39
N GLU I 51 -46.69 85.55 44.36
CA GLU I 51 -46.89 86.31 45.58
C GLU I 51 -48.07 85.76 46.36
N ASP I 52 -48.04 85.94 47.69
CA ASP I 52 -49.06 85.36 48.56
C ASP I 52 -50.36 86.16 48.53
N GLY I 53 -50.36 87.37 48.02
CA GLY I 53 -51.56 88.19 48.03
C GLY I 53 -52.23 88.35 46.68
N ARG I 54 -52.08 87.35 45.81
CA ARG I 54 -52.68 87.38 44.48
C ARG I 54 -53.65 86.21 44.34
N THR I 55 -54.27 86.15 43.16
CA THR I 55 -55.24 85.10 42.83
C THR I 55 -54.71 84.25 41.68
N LEU I 56 -55.55 83.31 41.23
CA LEU I 56 -55.17 82.41 40.15
C LEU I 56 -55.48 82.97 38.77
N SER I 57 -56.26 84.05 38.69
CA SER I 57 -56.58 84.63 37.39
C SER I 57 -55.41 85.39 36.77
N ASP I 58 -54.45 85.83 37.60
CA ASP I 58 -53.30 86.56 37.06
C ASP I 58 -52.30 85.60 36.41
N TYR I 59 -52.10 84.44 37.03
CA TYR I 59 -51.16 83.45 36.51
C TYR I 59 -51.82 82.43 35.59
N ASN I 60 -53.15 82.52 35.42
CA ASN I 60 -53.95 81.63 34.56
C ASN I 60 -53.80 80.17 34.95
N ILE I 61 -54.05 79.88 36.23
CA ILE I 61 -53.99 78.52 36.74
C ILE I 61 -55.27 77.80 36.34
N GLN I 62 -55.13 76.73 35.56
CA GLN I 62 -56.25 75.97 35.04
C GLN I 62 -56.36 74.62 35.76
N LYS I 63 -57.30 73.81 35.29
CA LYS I 63 -57.52 72.49 35.89
C LYS I 63 -56.41 71.53 35.49
N GLU I 64 -56.08 70.62 36.42
CA GLU I 64 -55.05 69.58 36.27
C GLU I 64 -53.68 70.17 35.94
N SER I 65 -53.34 71.30 36.54
CA SER I 65 -52.06 71.95 36.35
C SER I 65 -51.16 71.71 37.54
N THR I 66 -49.87 71.49 37.27
CA THR I 66 -48.92 71.20 38.33
C THR I 66 -48.46 72.47 39.02
N LEU I 67 -47.93 72.31 40.23
CA LEU I 67 -47.41 73.41 41.03
C LEU I 67 -46.05 73.03 41.58
N HIS I 68 -45.16 74.02 41.68
CA HIS I 68 -43.79 73.81 42.12
C HIS I 68 -43.59 74.54 43.44
N LEU I 69 -43.48 73.79 44.53
CA LEU I 69 -43.32 74.34 45.87
C LEU I 69 -41.87 74.21 46.31
N VAL I 70 -41.36 75.26 46.95
CA VAL I 70 -40.00 75.30 47.46
C VAL I 70 -40.06 75.47 48.98
N LEU I 71 -39.38 74.56 49.69
CA LEU I 71 -39.32 74.59 51.14
C LEU I 71 -37.92 74.97 51.57
N ARG I 72 -37.83 75.94 52.48
CA ARG I 72 -36.54 76.43 52.95
C ARG I 72 -35.99 75.52 54.04
N LEU I 73 -34.72 75.14 53.91
CA LEU I 73 -34.02 74.34 54.91
C LEU I 73 -32.74 75.07 55.30
N ARG I 74 -32.59 75.36 56.60
CA ARG I 74 -31.43 76.08 57.08
C ARG I 74 -31.06 75.56 58.46
N GLY I 75 -29.80 75.77 58.83
CA GLY I 75 -29.30 75.35 60.12
C GLY I 75 -29.35 76.43 61.17
N GLY I 76 -29.36 77.69 60.73
CA GLY I 76 -29.40 78.82 61.65
C GLY I 76 -30.81 79.28 61.96
N ILE J 113 -35.90 39.26 8.74
CA ILE J 113 -35.43 39.92 9.95
C ILE J 113 -34.39 40.97 9.55
N LYS J 114 -34.18 41.97 10.40
CA LYS J 114 -33.27 43.07 10.12
C LYS J 114 -32.12 43.04 11.12
N GLU J 115 -30.90 43.13 10.62
CA GLU J 115 -29.70 43.17 11.44
C GLU J 115 -29.32 44.62 11.72
N LEU J 116 -28.14 44.82 12.30
CA LEU J 116 -27.65 46.17 12.57
C LEU J 116 -27.20 46.85 11.28
N ALA J 117 -27.07 48.17 11.35
CA ALA J 117 -26.61 48.93 10.19
C ALA J 117 -25.13 48.73 9.94
N VAL J 118 -24.37 48.40 10.99
CA VAL J 118 -22.94 48.14 10.82
C VAL J 118 -22.71 46.73 10.29
N ASP J 119 -23.58 45.79 10.69
CA ASP J 119 -23.39 44.38 10.30
C ASP J 119 -23.74 44.16 8.83
N GLU J 120 -24.68 44.94 8.29
CA GLU J 120 -25.04 44.78 6.89
C GLU J 120 -24.02 45.41 5.95
N GLU J 121 -23.23 46.38 6.43
CA GLU J 121 -22.23 47.01 5.58
C GLU J 121 -21.01 46.11 5.40
N LEU J 122 -20.67 45.32 6.43
CA LEU J 122 -19.53 44.42 6.32
C LEU J 122 -19.88 43.20 5.47
N GLU J 123 -21.16 42.89 5.34
CA GLU J 123 -21.58 41.73 4.54
C GLU J 123 -21.50 42.03 3.04
N LYS J 124 -21.80 43.27 2.65
CA LYS J 124 -21.86 43.60 1.22
C LYS J 124 -20.47 43.68 0.61
N GLU J 125 -19.49 44.20 1.35
CA GLU J 125 -18.15 44.33 0.83
C GLU J 125 -17.42 43.00 0.85
N ASP J 126 -16.71 42.70 -0.25
CA ASP J 126 -15.99 41.44 -0.33
C ASP J 126 -14.71 41.48 0.49
N GLY J 127 -14.02 42.60 0.50
CA GLY J 127 -12.80 42.75 1.27
C GLY J 127 -11.62 41.98 0.74
N LEU J 128 -11.47 41.91 -0.59
CA LEU J 128 -10.37 41.16 -1.18
C LEU J 128 -9.06 41.93 -1.04
N ILE J 129 -7.96 41.18 -1.00
CA ILE J 129 -6.62 41.74 -0.82
C ILE J 129 -5.90 41.66 -2.17
N PRO J 130 -5.55 42.78 -2.78
CA PRO J 130 -4.87 42.74 -4.07
C PRO J 130 -3.39 42.41 -3.93
N ARG J 131 -2.84 41.83 -4.99
CA ARG J 131 -1.43 41.48 -5.06
C ARG J 131 -0.86 41.97 -6.38
N GLN J 132 0.47 42.03 -6.46
CA GLN J 132 1.17 42.56 -7.62
C GLN J 132 1.88 41.42 -8.35
N LYS J 133 2.44 41.75 -9.51
CA LYS J 133 3.18 40.78 -10.30
C LYS J 133 4.50 40.44 -9.63
N SER J 134 5.02 39.25 -9.95
CA SER J 134 6.20 38.72 -9.29
C SER J 134 7.11 38.05 -10.28
N LYS J 135 8.30 37.68 -9.82
CA LYS J 135 9.25 36.94 -10.64
C LYS J 135 8.76 35.51 -10.87
N LEU J 136 8.03 34.95 -9.91
CA LEU J 136 7.54 33.58 -10.01
C LEU J 136 6.40 33.42 -11.01
N CYS J 137 5.78 34.51 -11.44
CA CYS J 137 4.70 34.44 -12.41
C CYS J 137 5.24 34.21 -13.81
N LYS J 138 4.70 33.21 -14.50
CA LYS J 138 5.08 32.91 -15.87
C LYS J 138 4.04 33.34 -16.89
N HIS J 139 2.87 33.80 -16.43
CA HIS J 139 1.80 34.21 -17.34
C HIS J 139 2.09 35.60 -17.90
N GLY J 140 1.17 36.07 -18.73
CA GLY J 140 1.29 37.41 -19.29
C GLY J 140 0.88 38.48 -18.29
N ASP J 141 0.96 39.72 -18.76
CA ASP J 141 0.60 40.86 -17.91
C ASP J 141 -0.91 40.97 -17.71
N ARG J 142 -1.69 40.50 -18.68
CA ARG J 142 -3.15 40.57 -18.59
C ARG J 142 -3.72 39.25 -18.06
N GLY J 143 -3.32 38.92 -16.84
CA GLY J 143 -3.81 37.69 -16.23
C GLY J 143 -3.22 37.50 -14.84
N MET J 144 -3.51 36.31 -14.29
CA MET J 144 -3.07 35.93 -12.95
C MET J 144 -3.15 34.42 -12.85
N CYS J 145 -2.04 33.79 -12.43
CA CYS J 145 -2.08 32.33 -12.33
C CYS J 145 -2.43 31.85 -10.92
N GLU J 146 -1.51 32.05 -9.97
CA GLU J 146 -1.83 31.82 -8.56
C GLU J 146 -1.16 32.83 -7.65
N TYR J 147 -0.07 33.45 -8.12
CA TYR J 147 0.77 34.26 -7.25
C TYR J 147 0.35 35.73 -7.22
N CYS J 148 -0.45 36.18 -8.17
CA CYS J 148 -1.04 37.52 -8.11
C CYS J 148 -2.56 37.45 -8.20
N SER J 149 -3.15 36.32 -7.87
CA SER J 149 -4.59 36.21 -7.72
C SER J 149 -5.04 36.98 -6.48
N PRO J 150 -6.31 37.42 -6.45
CA PRO J 150 -6.81 38.11 -5.24
C PRO J 150 -6.92 37.17 -4.06
N LEU J 151 -6.32 37.59 -2.94
CA LEU J 151 -6.25 36.80 -1.72
C LEU J 151 -7.59 36.84 -1.00
N PRO J 152 -8.05 35.71 -0.45
CA PRO J 152 -9.28 35.73 0.34
C PRO J 152 -9.05 36.42 1.67
N PRO J 153 -10.07 37.08 2.23
CA PRO J 153 -9.89 37.78 3.50
C PRO J 153 -9.94 36.90 4.73
N TRP J 154 -10.08 35.58 4.57
CA TRP J 154 -10.16 34.67 5.71
C TRP J 154 -8.92 33.79 5.84
N ASP J 155 -7.91 34.01 5.01
CA ASP J 155 -6.68 33.23 5.10
C ASP J 155 -5.88 33.68 6.33
N LYS J 156 -5.62 32.74 7.23
CA LYS J 156 -4.91 33.04 8.47
C LYS J 156 -3.41 33.21 8.27
N GLU J 157 -2.88 32.86 7.10
CA GLU J 157 -1.46 33.06 6.83
C GLU J 157 -1.15 34.55 6.68
N TYR J 158 -2.05 35.30 6.04
CA TYR J 158 -1.89 36.76 5.94
C TYR J 158 -2.13 37.41 7.29
N HIS J 159 -2.92 36.77 8.16
CA HIS J 159 -3.27 37.36 9.45
C HIS J 159 -2.06 37.38 10.38
N GLU J 160 -1.38 36.24 10.56
CA GLU J 160 -0.24 36.16 11.46
C GLU J 160 1.01 36.82 10.87
N LYS J 161 0.99 37.17 9.59
CA LYS J 161 2.10 37.94 9.02
C LYS J 161 2.08 39.37 9.54
N ASN J 162 0.89 39.97 9.64
CA ASN J 162 0.72 41.29 10.22
C ASN J 162 0.37 41.23 11.70
N LYS J 163 0.65 40.10 12.36
CA LYS J 163 0.42 39.86 13.79
C LYS J 163 -1.05 40.01 14.19
N ILE J 164 -1.96 39.70 13.28
CA ILE J 164 -3.37 39.60 13.63
C ILE J 164 -3.68 38.17 14.00
N LYS J 165 -4.15 37.96 15.22
CA LYS J 165 -4.29 36.63 15.79
C LYS J 165 -5.66 36.01 15.58
N HIS J 166 -6.58 36.70 14.92
CA HIS J 166 -7.90 36.15 14.65
C HIS J 166 -8.34 36.58 13.25
N ILE J 167 -9.35 35.88 12.73
CA ILE J 167 -9.66 35.94 11.30
C ILE J 167 -10.88 36.78 10.97
N SER J 168 -11.33 37.66 11.89
CA SER J 168 -12.32 38.71 11.61
C SER J 168 -13.66 38.18 11.12
N PHE J 169 -14.48 37.64 12.04
CA PHE J 169 -15.66 36.80 11.88
C PHE J 169 -16.54 37.04 10.65
N HIS J 170 -16.69 38.31 10.23
CA HIS J 170 -17.36 38.61 8.97
C HIS J 170 -16.65 37.98 7.77
N SER J 171 -15.32 37.79 7.86
CA SER J 171 -14.63 36.99 6.84
C SER J 171 -14.77 35.51 7.12
N TYR J 172 -14.94 35.12 8.38
CA TYR J 172 -15.23 33.73 8.71
C TYR J 172 -16.64 33.35 8.27
N LEU J 173 -17.55 34.33 8.23
CA LEU J 173 -18.86 34.11 7.63
C LEU J 173 -18.75 33.87 6.13
N LYS J 174 -17.77 34.51 5.48
CA LYS J 174 -17.57 34.31 4.06
C LYS J 174 -16.94 32.96 3.75
N LYS J 175 -16.09 32.45 4.64
CA LYS J 175 -15.46 31.16 4.42
C LYS J 175 -16.40 29.98 4.67
N LEU J 176 -17.51 30.21 5.37
CA LEU J 176 -18.55 29.19 5.51
C LEU J 176 -19.64 29.34 4.47
N ASN J 177 -19.76 30.51 3.84
CA ASN J 177 -20.68 30.67 2.73
C ASN J 177 -20.19 29.94 1.49
N GLU J 178 -18.86 29.82 1.34
CA GLU J 178 -18.29 29.03 0.25
C GLU J 178 -18.53 27.54 0.46
N ASN J 179 -18.63 27.09 1.71
CA ASN J 179 -18.95 25.70 2.00
C ASN J 179 -20.45 25.42 1.97
N ALA J 180 -21.28 26.42 2.30
CA ALA J 180 -22.72 26.25 2.22
C ALA J 180 -23.21 26.36 0.78
N ASN J 181 -22.97 27.50 0.14
CA ASN J 181 -23.33 27.68 -1.26
C ASN J 181 -22.18 27.23 -2.15
N LYS J 182 -22.49 26.36 -3.11
CA LYS J 182 -21.50 25.81 -4.01
C LYS J 182 -21.89 26.12 -5.45
N LYS J 183 -21.06 25.63 -6.38
CA LYS J 183 -21.37 25.77 -7.80
C LYS J 183 -22.49 24.81 -8.21
N GLU J 184 -22.69 23.74 -7.45
CA GLU J 184 -23.74 22.77 -7.73
C GLU J 184 -25.12 23.35 -7.43
N ASN J 185 -26.14 22.50 -7.59
CA ASN J 185 -27.53 22.92 -7.43
C ASN J 185 -27.84 23.33 -5.99
N GLY J 186 -27.80 22.40 -5.06
CA GLY J 186 -28.01 22.70 -3.65
C GLY J 186 -29.46 22.96 -3.32
N SER J 187 -29.97 24.13 -3.74
CA SER J 187 -31.35 24.58 -3.54
C SER J 187 -31.77 24.54 -2.06
N SER J 188 -30.84 24.88 -1.17
CA SER J 188 -31.06 24.67 0.26
C SER J 188 -31.14 25.98 1.04
N TYR J 189 -30.12 26.85 0.90
CA TYR J 189 -29.89 28.02 1.76
C TYR J 189 -29.92 27.61 3.24
N ILE J 190 -29.01 26.70 3.59
CA ILE J 190 -28.92 26.22 4.96
C ILE J 190 -28.24 27.27 5.83
N SER J 191 -27.07 27.74 5.41
CA SER J 191 -26.22 28.66 6.16
C SER J 191 -25.93 28.18 7.59
N PRO J 192 -25.08 27.16 7.75
CA PRO J 192 -24.89 26.54 9.07
C PRO J 192 -24.06 27.40 10.02
N LEU J 193 -24.68 28.47 10.51
CA LEU J 193 -24.09 29.35 11.53
C LEU J 193 -25.00 29.31 12.76
N SER J 194 -24.78 28.31 13.60
CA SER J 194 -25.59 28.10 14.79
C SER J 194 -24.68 27.81 15.97
N GLU J 195 -25.25 27.95 17.17
CA GLU J 195 -24.51 27.63 18.38
C GLU J 195 -24.43 26.10 18.54
N PRO J 196 -23.23 25.53 18.63
CA PRO J 196 -23.12 24.08 18.82
C PRO J 196 -23.57 23.68 20.22
N ASP J 197 -24.50 22.74 20.28
CA ASP J 197 -25.21 22.39 21.51
C ASP J 197 -24.55 21.21 22.20
N PHE J 198 -24.41 21.32 23.52
CA PHE J 198 -23.95 20.23 24.36
C PHE J 198 -25.08 19.64 25.21
N ARG J 199 -26.27 20.23 25.16
CA ARG J 199 -27.41 19.65 25.87
C ARG J 199 -27.92 18.42 25.12
N ILE J 200 -28.74 17.64 25.81
CA ILE J 200 -29.15 16.33 25.35
C ILE J 200 -30.59 16.42 24.83
N ASN J 201 -30.79 16.03 23.57
CA ASN J 201 -32.13 15.94 23.01
C ASN J 201 -32.88 14.79 23.66
N LYS J 202 -34.08 15.08 24.16
CA LYS J 202 -34.82 14.08 24.92
C LYS J 202 -35.52 13.09 24.00
N ARG J 203 -35.96 13.54 22.83
CA ARG J 203 -36.71 12.65 21.94
C ARG J 203 -35.80 11.66 21.24
N CYS J 204 -34.58 12.09 20.87
CA CYS J 204 -33.42 11.28 20.50
C CYS J 204 -33.52 10.51 19.19
N HIS J 205 -34.72 10.49 18.57
CA HIS J 205 -35.00 9.85 17.27
C HIS J 205 -34.60 8.36 17.24
N ASN J 206 -34.74 7.69 18.37
CA ASN J 206 -34.37 6.28 18.46
C ASN J 206 -35.23 5.61 19.52
N GLY J 207 -34.85 4.39 19.92
CA GLY J 207 -35.61 3.62 20.88
C GLY J 207 -35.32 3.92 22.33
N HIS J 208 -34.31 4.72 22.63
CA HIS J 208 -34.00 5.12 24.00
C HIS J 208 -34.66 6.46 24.33
N GLU J 209 -35.99 6.41 24.34
CA GLU J 209 -36.79 7.63 24.47
C GLU J 209 -36.65 8.39 25.80
N PRO J 210 -36.49 7.75 26.98
CA PRO J 210 -36.07 8.55 28.14
C PRO J 210 -34.57 8.55 28.34
N TRP J 211 -34.02 9.67 28.82
CA TRP J 211 -32.60 9.69 29.20
C TRP J 211 -32.32 8.94 30.51
N PRO J 212 -33.26 8.91 31.54
CA PRO J 212 -33.08 7.95 32.65
C PRO J 212 -32.87 6.49 32.25
N ARG J 213 -33.46 6.06 31.13
CA ARG J 213 -33.24 4.71 30.62
C ARG J 213 -32.83 4.82 29.15
N GLY J 214 -31.53 5.05 28.92
CA GLY J 214 -30.99 5.00 27.57
C GLY J 214 -30.37 6.26 27.02
N ILE J 215 -29.18 6.10 26.44
CA ILE J 215 -28.47 7.17 25.73
C ILE J 215 -27.52 6.53 24.72
N CYS J 216 -27.59 6.98 23.47
CA CYS J 216 -26.72 6.49 22.42
C CYS J 216 -25.83 7.63 21.92
N SER J 217 -25.05 7.34 20.87
CA SER J 217 -23.97 8.23 20.48
C SER J 217 -24.45 9.44 19.68
N LYS J 218 -25.63 9.37 19.06
CA LYS J 218 -26.06 10.48 18.23
C LYS J 218 -26.64 11.62 19.05
N CYS J 219 -26.99 11.38 20.31
CA CYS J 219 -27.46 12.42 21.21
C CYS J 219 -26.47 12.70 22.34
N GLN J 220 -25.46 11.87 22.51
CA GLN J 220 -24.46 12.08 23.55
C GLN J 220 -23.52 13.22 23.15
N PRO J 221 -23.23 14.16 24.05
CA PRO J 221 -22.25 15.20 23.73
C PRO J 221 -20.85 14.61 23.66
N SER J 222 -20.14 14.95 22.59
CA SER J 222 -18.80 14.43 22.37
C SER J 222 -17.82 15.06 23.35
N ALA J 223 -16.65 14.42 23.48
CA ALA J 223 -15.61 14.91 24.36
C ALA J 223 -15.02 16.21 23.81
N ILE J 224 -14.97 17.22 24.66
CA ILE J 224 -14.51 18.55 24.27
C ILE J 224 -13.00 18.51 24.04
N THR J 225 -12.59 18.80 22.81
CA THR J 225 -11.19 18.76 22.41
C THR J 225 -10.39 19.93 22.98
N LEU J 226 -11.07 21.01 23.38
CA LEU J 226 -10.47 22.29 23.77
C LEU J 226 -9.55 22.82 22.66
N GLN J 227 -10.18 23.16 21.54
CA GLN J 227 -9.54 23.89 20.46
C GLN J 227 -9.90 25.37 20.59
N GLN J 228 -8.91 26.23 20.36
CA GLN J 228 -9.11 27.67 20.56
C GLN J 228 -9.89 28.26 19.41
N GLN J 229 -10.71 29.27 19.70
CA GLN J 229 -11.48 29.96 18.67
C GLN J 229 -10.55 30.82 17.81
N GLU J 230 -10.71 30.69 16.50
CA GLU J 230 -9.88 31.42 15.55
C GLU J 230 -10.52 32.73 15.10
N PHE J 231 -11.76 32.99 15.49
CA PHE J 231 -12.47 34.20 15.08
C PHE J 231 -13.02 34.89 16.32
N ARG J 232 -12.95 36.22 16.33
CA ARG J 232 -13.56 37.02 17.39
C ARG J 232 -14.66 37.89 16.79
N MET J 233 -15.70 38.14 17.59
CA MET J 233 -16.79 39.01 17.13
C MET J 233 -16.32 40.46 17.05
N VAL J 234 -15.90 41.02 18.18
CA VAL J 234 -15.33 42.36 18.24
C VAL J 234 -13.83 42.23 18.03
N ASP J 235 -13.29 43.00 17.09
CA ASP J 235 -11.89 42.87 16.72
C ASP J 235 -10.99 43.86 17.43
N HIS J 236 -11.48 45.05 17.74
CA HIS J 236 -10.67 46.09 18.37
C HIS J 236 -11.59 47.01 19.16
N VAL J 237 -11.41 47.04 20.47
CA VAL J 237 -12.15 47.98 21.30
C VAL J 237 -11.40 49.32 21.33
N GLU J 238 -12.15 50.41 21.17
CA GLU J 238 -11.58 51.75 21.21
C GLU J 238 -12.38 52.60 22.18
N PHE J 239 -11.78 53.71 22.59
CA PHE J 239 -12.36 54.60 23.58
C PHE J 239 -12.55 55.98 22.97
N GLN J 240 -13.10 56.90 23.77
CA GLN J 240 -13.37 58.24 23.30
C GLN J 240 -12.42 59.27 23.89
N LYS J 241 -12.15 59.21 25.20
CA LYS J 241 -11.34 60.22 25.85
C LYS J 241 -10.65 59.59 27.06
N SER J 242 -9.42 60.04 27.31
CA SER J 242 -8.65 59.60 28.48
C SER J 242 -9.13 60.24 29.77
N GLU J 243 -9.96 61.28 29.70
CA GLU J 243 -10.50 61.89 30.89
C GLU J 243 -11.75 61.18 31.38
N ILE J 244 -12.36 60.34 30.53
CA ILE J 244 -13.56 59.61 30.93
C ILE J 244 -13.22 58.50 31.90
N ILE J 245 -12.26 57.64 31.54
CA ILE J 245 -11.88 56.54 32.42
C ILE J 245 -10.95 56.99 33.54
N ASN J 246 -10.44 58.23 33.48
CA ASN J 246 -9.65 58.77 34.59
C ASN J 246 -10.51 59.02 35.81
N GLU J 247 -11.80 59.32 35.61
CA GLU J 247 -12.73 59.45 36.73
C GLU J 247 -13.04 58.09 37.36
N PHE J 248 -12.96 57.03 36.56
CA PHE J 248 -13.22 55.68 37.08
C PHE J 248 -12.11 55.21 38.00
N ILE J 249 -10.86 55.51 37.65
CA ILE J 249 -9.75 55.16 38.53
C ILE J 249 -9.70 56.11 39.73
N GLN J 250 -10.23 57.33 39.57
CA GLN J 250 -10.25 58.30 40.66
C GLN J 250 -11.21 57.88 41.77
N ALA J 251 -12.20 57.05 41.43
CA ALA J 251 -13.10 56.49 42.44
C ALA J 251 -12.34 55.55 43.38
N TRP J 252 -11.34 54.85 42.85
CA TRP J 252 -10.49 54.00 43.68
C TRP J 252 -9.52 54.84 44.51
N ARG J 253 -9.17 56.03 44.02
CA ARG J 253 -8.18 56.85 44.73
C ARG J 253 -8.79 57.55 45.94
N TYR J 254 -10.11 57.54 46.07
CA TYR J 254 -10.77 58.18 47.20
C TYR J 254 -11.23 57.19 48.27
N THR J 255 -11.78 56.04 47.88
CA THR J 255 -12.29 55.09 48.85
C THR J 255 -11.38 53.88 49.06
N GLY J 256 -10.41 53.68 48.18
CA GLY J 256 -9.46 52.58 48.33
C GLY J 256 -10.01 51.20 48.06
N MET J 257 -11.22 51.09 47.50
CA MET J 257 -11.84 49.81 47.22
C MET J 257 -12.12 49.70 45.72
N GLN J 258 -12.44 48.48 45.29
CA GLN J 258 -12.67 48.23 43.88
C GLN J 258 -14.02 48.76 43.44
N ARG J 259 -14.16 48.97 42.13
CA ARG J 259 -15.36 49.57 41.55
C ARG J 259 -15.95 48.65 40.50
N PHE J 260 -17.03 49.13 39.88
CA PHE J 260 -17.76 48.38 38.86
C PHE J 260 -18.51 49.36 37.99
N GLY J 261 -18.71 49.00 36.73
CA GLY J 261 -19.42 49.88 35.82
C GLY J 261 -19.92 49.14 34.60
N TYR J 262 -20.69 49.86 33.79
CA TYR J 262 -21.23 49.37 32.53
C TYR J 262 -20.94 50.39 31.45
N MET J 263 -20.48 49.93 30.29
CA MET J 263 -20.07 50.82 29.21
C MET J 263 -21.15 50.91 28.15
N TYR J 264 -21.55 52.13 27.81
CA TYR J 264 -22.53 52.39 26.77
C TYR J 264 -21.81 52.96 25.55
N GLY J 265 -22.07 52.37 24.39
CA GLY J 265 -21.39 52.82 23.19
C GLY J 265 -22.07 52.34 21.93
N SER J 266 -21.34 52.43 20.82
CA SER J 266 -21.85 52.04 19.51
C SER J 266 -20.81 51.26 18.73
N TYR J 267 -21.04 51.06 17.43
CA TYR J 267 -20.11 50.32 16.59
C TYR J 267 -19.97 51.02 15.24
N SER J 268 -18.84 50.78 14.58
CA SER J 268 -18.59 51.29 13.24
C SER J 268 -17.55 50.39 12.58
N LYS J 269 -17.10 50.76 11.39
CA LYS J 269 -16.17 49.94 10.63
C LYS J 269 -14.74 50.12 11.14
N TYR J 270 -13.89 49.15 10.77
CA TYR J 270 -12.47 49.16 11.13
C TYR J 270 -11.66 48.78 9.91
N ASP J 271 -10.81 49.70 9.45
CA ASP J 271 -10.07 49.51 8.22
C ASP J 271 -8.69 48.88 8.42
N ASN J 272 -8.22 48.74 9.66
CA ASN J 272 -6.94 48.10 9.91
C ASN J 272 -7.05 46.59 9.74
N THR J 273 -8.00 45.98 10.44
CA THR J 273 -8.31 44.56 10.32
C THR J 273 -9.21 44.34 9.10
N PRO J 274 -8.85 43.40 8.20
CA PRO J 274 -9.67 43.14 7.02
C PRO J 274 -11.05 42.57 7.35
N LEU J 275 -12.09 43.33 7.02
CA LEU J 275 -13.49 43.05 7.34
C LEU J 275 -13.69 42.88 8.85
N GLY J 276 -13.41 43.95 9.57
CA GLY J 276 -13.50 43.95 11.03
C GLY J 276 -14.37 45.09 11.54
N ILE J 277 -15.01 44.84 12.68
CA ILE J 277 -15.83 45.85 13.35
C ILE J 277 -15.11 46.32 14.61
N LYS J 278 -15.03 47.63 14.80
CA LYS J 278 -14.39 48.20 15.98
C LYS J 278 -15.47 48.63 16.98
N ALA J 279 -15.12 48.59 18.26
CA ALA J 279 -16.07 48.90 19.32
C ALA J 279 -15.76 50.27 19.91
N VAL J 280 -16.70 51.20 19.78
CA VAL J 280 -16.58 52.54 20.33
C VAL J 280 -17.45 52.65 21.56
N VAL J 281 -16.93 53.26 22.62
CA VAL J 281 -17.67 53.52 23.85
C VAL J 281 -17.77 55.02 24.06
N GLU J 282 -18.87 55.46 24.66
CA GLU J 282 -19.14 56.88 24.85
C GLU J 282 -19.18 57.29 26.32
N ALA J 283 -19.86 56.53 27.16
CA ALA J 283 -19.99 56.88 28.57
C ALA J 283 -20.05 55.61 29.40
N ILE J 284 -19.79 55.76 30.69
CA ILE J 284 -19.75 54.65 31.63
C ILE J 284 -20.73 54.92 32.76
N TYR J 285 -21.65 53.99 32.98
CA TYR J 285 -22.60 54.06 34.07
C TYR J 285 -22.22 53.07 35.15
N GLU J 286 -22.32 53.50 36.41
CA GLU J 286 -21.97 52.66 37.55
C GLU J 286 -23.23 52.24 38.28
N PRO J 287 -23.47 50.95 38.48
CA PRO J 287 -24.61 50.52 39.30
C PRO J 287 -24.29 50.62 40.77
N PRO J 288 -25.31 50.68 41.64
CA PRO J 288 -25.03 50.68 43.09
C PRO J 288 -24.56 49.30 43.54
N GLN J 289 -23.36 49.26 44.11
CA GLN J 289 -22.74 48.02 44.54
C GLN J 289 -22.12 48.20 45.92
N HIS J 290 -21.84 47.07 46.57
CA HIS J 290 -21.17 47.05 47.87
C HIS J 290 -19.69 46.72 47.65
N ASP J 291 -18.83 47.69 47.89
CA ASP J 291 -17.41 47.54 47.62
C ASP J 291 -16.74 46.72 48.72
N GLU J 292 -15.58 46.15 48.38
CA GLU J 292 -14.80 45.35 49.31
C GLU J 292 -13.35 45.38 48.85
N GLN J 293 -12.43 45.16 49.80
CA GLN J 293 -11.01 45.27 49.49
C GLN J 293 -10.51 44.09 48.66
N ASP J 294 -10.99 42.89 48.96
CA ASP J 294 -10.55 41.69 48.23
C ASP J 294 -11.21 41.60 46.86
N GLY J 295 -12.54 41.58 46.82
CA GLY J 295 -13.27 41.54 45.56
C GLY J 295 -14.53 42.36 45.63
N LEU J 296 -15.60 41.87 45.00
CA LEU J 296 -16.89 42.55 45.02
C LEU J 296 -17.97 41.56 44.62
N THR J 297 -19.17 41.76 45.15
CA THR J 297 -20.34 40.97 44.83
C THR J 297 -21.58 41.79 45.15
N MET J 298 -22.41 42.04 44.14
CA MET J 298 -23.62 42.83 44.29
C MET J 298 -24.84 42.00 43.96
N ASP J 299 -26.01 42.54 44.31
CA ASP J 299 -27.27 41.87 44.04
C ASP J 299 -27.67 42.10 42.59
N VAL J 300 -28.11 41.04 41.91
CA VAL J 300 -28.43 41.14 40.49
C VAL J 300 -29.83 41.68 40.29
N GLU J 301 -30.66 41.68 41.34
CA GLU J 301 -32.05 42.11 41.19
C GLU J 301 -32.16 43.63 41.15
N GLN J 302 -31.44 44.32 42.03
CA GLN J 302 -31.51 45.79 42.04
C GLN J 302 -30.75 46.40 40.88
N VAL J 303 -29.77 45.68 40.33
CA VAL J 303 -29.05 46.17 39.17
C VAL J 303 -29.91 46.07 37.91
N LYS J 304 -30.63 44.96 37.76
CA LYS J 304 -31.48 44.75 36.59
C LYS J 304 -32.69 45.69 36.62
N ASN J 305 -33.19 46.01 37.81
CA ASN J 305 -34.26 46.99 37.91
C ASN J 305 -33.76 48.40 37.66
N GLU J 306 -32.47 48.65 37.94
CA GLU J 306 -31.91 49.98 37.67
C GLU J 306 -31.51 50.10 36.20
N MET J 307 -31.06 49.00 35.59
CA MET J 307 -30.59 49.07 34.21
C MET J 307 -31.74 49.12 33.21
N LEU J 308 -32.97 48.87 33.66
CA LEU J 308 -34.11 48.91 32.76
C LEU J 308 -34.48 50.34 32.37
N GLN J 309 -34.31 51.28 33.30
CA GLN J 309 -34.66 52.66 33.00
C GLN J 309 -33.53 53.39 32.27
N ILE J 310 -32.29 52.92 32.41
CA ILE J 310 -31.19 53.52 31.67
C ILE J 310 -31.26 53.13 30.20
N ASP J 311 -31.81 51.95 29.90
CA ASP J 311 -31.99 51.53 28.52
C ASP J 311 -33.10 52.32 27.82
N ARG J 312 -33.98 52.96 28.59
CA ARG J 312 -34.99 53.82 28.01
C ARG J 312 -34.37 55.10 27.44
N GLN J 313 -33.51 55.76 28.23
CA GLN J 313 -32.89 56.99 27.77
C GLN J 313 -31.78 56.73 26.76
N ALA J 314 -31.26 55.50 26.72
CA ALA J 314 -30.19 55.18 25.78
C ALA J 314 -30.74 55.01 24.36
N GLN J 315 -32.05 54.79 24.22
CA GLN J 315 -32.63 54.58 22.89
C GLN J 315 -32.73 55.89 22.13
N GLU J 316 -33.19 56.95 22.79
CA GLU J 316 -33.30 58.25 22.13
C GLU J 316 -31.94 58.91 21.92
N MET J 317 -30.98 58.62 22.80
CA MET J 317 -29.63 59.17 22.64
C MET J 317 -28.76 58.34 21.70
N GLY J 318 -29.23 57.16 21.28
CA GLY J 318 -28.45 56.33 20.40
C GLY J 318 -27.37 55.52 21.08
N LEU J 319 -27.60 55.08 22.31
CA LEU J 319 -26.60 54.34 23.08
C LEU J 319 -27.11 52.92 23.34
N SER J 320 -26.16 52.02 23.62
CA SER J 320 -26.48 50.63 23.93
C SER J 320 -25.44 50.09 24.89
N ARG J 321 -25.91 49.36 25.91
CA ARG J 321 -25.03 48.74 26.89
C ARG J 321 -24.32 47.55 26.25
N ILE J 322 -23.04 47.72 25.95
CA ILE J 322 -22.29 46.70 25.20
C ILE J 322 -21.02 46.30 25.95
N GLY J 323 -20.79 46.88 27.12
CA GLY J 323 -19.58 46.60 27.85
C GLY J 323 -19.72 46.79 29.34
N LEU J 324 -18.67 46.38 30.05
CA LEU J 324 -18.59 46.52 31.50
C LEU J 324 -17.11 46.59 31.88
N ILE J 325 -16.83 47.18 33.04
CA ILE J 325 -15.47 47.28 33.56
C ILE J 325 -15.49 46.99 35.05
N PHE J 326 -14.42 46.35 35.53
CA PHE J 326 -14.20 46.13 36.95
C PHE J 326 -12.71 46.26 37.23
N THR J 327 -12.38 46.80 38.39
CA THR J 327 -11.02 47.19 38.73
C THR J 327 -10.34 46.14 39.59
N ASP J 328 -9.02 46.06 39.45
CA ASP J 328 -8.19 45.16 40.25
C ASP J 328 -6.78 45.74 40.28
N LEU J 329 -6.42 46.43 41.36
CA LEU J 329 -5.20 47.24 41.37
C LEU J 329 -4.15 46.68 42.33
N SER J 330 -4.46 46.52 43.63
CA SER J 330 -3.54 46.09 44.68
C SER J 330 -2.29 46.96 44.75
N ASP J 331 -2.46 48.22 45.17
CA ASP J 331 -1.36 49.17 45.30
C ASP J 331 -0.25 48.64 46.20
N ALA J 332 1.00 48.90 45.81
CA ALA J 332 2.14 48.29 46.47
C ALA J 332 2.50 49.00 47.77
N GLY J 333 2.92 50.26 47.67
CA GLY J 333 3.34 50.99 48.85
C GLY J 333 2.97 52.45 48.85
N ALA J 334 2.22 52.87 47.83
CA ALA J 334 1.74 54.23 47.56
C ALA J 334 2.87 55.26 47.43
N GLY J 335 4.09 54.83 47.12
CA GLY J 335 5.20 55.75 46.95
C GLY J 335 5.71 55.79 45.52
N ASP J 336 6.83 55.11 45.27
CA ASP J 336 7.39 55.08 43.92
C ASP J 336 6.63 54.11 43.03
N GLY J 337 6.18 52.99 43.59
CA GLY J 337 5.47 51.99 42.81
C GLY J 337 3.99 52.27 42.67
N SER J 338 3.44 52.02 41.49
CA SER J 338 2.03 52.30 41.26
C SER J 338 1.14 51.19 41.79
N VAL J 339 1.25 49.98 41.22
CA VAL J 339 0.45 48.83 41.62
C VAL J 339 1.34 47.59 41.61
N PHE J 340 0.82 46.52 42.20
CA PHE J 340 1.44 45.21 42.05
C PHE J 340 1.11 44.62 40.68
N CYS J 341 1.81 43.55 40.34
CA CYS J 341 1.56 42.81 39.10
C CYS J 341 0.91 41.49 39.47
N LYS J 342 -0.42 41.44 39.38
CA LYS J 342 -1.14 40.21 39.73
C LYS J 342 -1.30 39.29 38.52
N ARG J 343 -1.75 39.85 37.40
CA ARG J 343 -2.03 39.07 36.20
C ARG J 343 -0.82 39.10 35.28
N HIS J 344 -0.16 37.95 35.13
CA HIS J 344 0.97 37.81 34.22
C HIS J 344 0.87 36.46 33.52
N LYS J 345 1.98 36.03 32.90
CA LYS J 345 1.97 34.80 32.13
C LYS J 345 1.85 33.57 33.03
N ASP J 346 2.57 33.55 34.15
CA ASP J 346 2.50 32.41 35.05
C ASP J 346 1.22 32.40 35.89
N SER J 347 0.59 33.54 36.12
CA SER J 347 -0.61 33.63 36.91
C SER J 347 -1.85 33.55 35.99
N PHE J 348 -3.02 33.85 36.54
CA PHE J 348 -4.26 33.81 35.79
C PHE J 348 -4.43 35.07 34.95
N PHE J 349 -5.07 34.92 33.79
CA PHE J 349 -5.42 36.08 32.99
C PHE J 349 -6.77 36.64 33.40
N LEU J 350 -7.77 35.76 33.54
CA LEU J 350 -9.08 36.13 34.05
C LEU J 350 -9.49 35.10 35.10
N SER J 351 -9.99 35.58 36.24
CA SER J 351 -10.42 34.69 37.29
C SER J 351 -11.70 33.96 36.89
N SER J 352 -11.88 32.74 37.40
CA SER J 352 -12.99 31.90 36.98
C SER J 352 -14.31 32.40 37.54
N LEU J 353 -14.28 33.19 38.60
CA LEU J 353 -15.51 33.78 39.13
C LEU J 353 -16.02 34.90 38.23
N GLU J 354 -15.12 35.59 37.53
CA GLU J 354 -15.53 36.66 36.62
C GLU J 354 -15.86 36.12 35.24
N VAL J 355 -15.55 34.86 34.95
CA VAL J 355 -16.00 34.23 33.72
C VAL J 355 -17.51 34.03 33.76
N ILE J 356 -18.05 33.75 34.96
CA ILE J 356 -19.48 33.51 35.12
C ILE J 356 -20.26 34.80 34.90
N MET J 357 -19.74 35.92 35.40
CA MET J 357 -20.43 37.21 35.21
C MET J 357 -20.29 37.70 33.78
N ALA J 358 -19.22 37.28 33.09
CA ALA J 358 -19.07 37.63 31.69
C ALA J 358 -19.94 36.75 30.79
N ALA J 359 -20.25 35.53 31.24
CA ALA J 359 -21.04 34.62 30.41
C ALA J 359 -22.52 34.95 30.48
N ARG J 360 -23.01 35.39 31.65
CA ARG J 360 -24.42 35.71 31.79
C ARG J 360 -24.75 37.03 31.10
N HIS J 361 -23.77 37.92 30.98
CA HIS J 361 -24.00 39.20 30.32
C HIS J 361 -24.08 39.06 28.81
N GLN J 362 -23.38 38.07 28.24
CA GLN J 362 -23.45 37.85 26.80
C GLN J 362 -24.74 37.14 26.40
N THR J 363 -25.28 36.30 27.28
CA THR J 363 -26.52 35.61 26.97
C THR J 363 -27.73 36.51 27.11
N ARG J 364 -27.63 37.56 27.93
CA ARG J 364 -28.74 38.50 28.08
C ARG J 364 -28.83 39.43 26.88
N HIS J 365 -27.71 39.70 26.21
CA HIS J 365 -27.67 40.61 25.07
C HIS J 365 -27.26 39.84 23.83
N PRO J 366 -28.21 39.32 23.05
CA PRO J 366 -27.86 38.62 21.82
C PRO J 366 -27.70 39.58 20.65
N ASN J 367 -27.00 39.09 19.62
CA ASN J 367 -26.79 39.85 18.39
C ASN J 367 -27.61 39.22 17.28
N VAL J 368 -28.44 40.03 16.64
CA VAL J 368 -29.35 39.57 15.60
C VAL J 368 -28.56 39.27 14.33
N SER J 369 -28.89 38.14 13.70
CA SER J 369 -28.21 37.71 12.47
C SER J 369 -29.20 36.93 11.62
N LYS J 370 -29.28 37.27 10.33
CA LYS J 370 -30.20 36.57 9.44
C LYS J 370 -29.68 35.19 9.06
N TYR J 371 -28.36 34.98 9.17
CA TYR J 371 -27.78 33.70 8.76
C TYR J 371 -28.06 32.60 9.77
N SER J 372 -28.30 32.96 11.03
CA SER J 372 -28.56 31.96 12.05
C SER J 372 -30.00 31.48 11.97
N GLU J 373 -30.20 30.21 12.33
CA GLU J 373 -31.54 29.63 12.27
C GLU J 373 -32.41 30.10 13.44
N GLN J 374 -31.81 30.30 14.61
CA GLN J 374 -32.58 30.74 15.77
C GLN J 374 -32.89 32.24 15.73
N GLY J 375 -32.19 33.00 14.88
CA GLY J 375 -32.39 34.42 14.78
C GLY J 375 -31.35 35.27 15.49
N PHE J 376 -30.54 34.67 16.37
CA PHE J 376 -29.52 35.39 17.11
C PHE J 376 -28.30 34.51 17.28
N PHE J 377 -27.12 35.11 17.07
CA PHE J 377 -25.84 34.42 17.12
C PHE J 377 -24.73 35.46 17.18
N SER J 378 -23.59 35.05 17.77
CA SER J 378 -22.33 35.80 17.78
C SER J 378 -22.49 37.17 18.45
N SER J 379 -22.72 37.11 19.76
CA SER J 379 -22.97 38.30 20.55
C SER J 379 -21.74 39.21 20.59
N LYS J 380 -21.97 40.51 20.40
CA LYS J 380 -20.90 41.51 20.38
C LYS J 380 -20.87 42.21 21.74
N PHE J 381 -20.09 41.63 22.65
CA PHE J 381 -19.98 42.13 24.01
C PHE J 381 -18.51 42.14 24.43
N VAL J 382 -18.09 43.20 25.11
CA VAL J 382 -16.71 43.35 25.54
C VAL J 382 -16.65 43.31 27.07
N THR J 383 -15.58 42.70 27.59
CA THR J 383 -15.26 42.70 29.01
C THR J 383 -13.86 43.27 29.17
N CYS J 384 -13.77 44.45 29.79
CA CYS J 384 -12.49 45.10 30.03
C CYS J 384 -12.19 45.11 31.52
N VAL J 385 -10.90 44.97 31.85
CA VAL J 385 -10.44 44.90 33.24
C VAL J 385 -9.25 45.83 33.42
N ILE J 386 -9.25 46.58 34.51
CA ILE J 386 -8.11 47.40 34.86
C ILE J 386 -7.21 46.61 35.80
N SER J 387 -6.06 46.18 35.30
CA SER J 387 -5.15 45.33 36.07
C SER J 387 -3.73 45.83 36.17
N GLY J 388 -3.24 46.61 35.21
CA GLY J 388 -1.87 47.07 35.27
C GLY J 388 -0.95 46.23 34.41
N ASN J 389 0.16 46.85 34.00
CA ASN J 389 1.14 46.17 33.17
C ASN J 389 2.09 45.35 34.05
N LEU J 390 3.12 44.78 33.42
CA LEU J 390 4.12 44.04 34.17
C LEU J 390 5.02 44.95 34.99
N GLU J 391 5.54 46.02 34.38
CA GLU J 391 6.61 46.79 35.03
C GLU J 391 6.09 47.82 36.02
N GLY J 392 5.41 48.86 35.53
CA GLY J 392 5.16 49.99 36.41
C GLY J 392 3.90 50.82 36.31
N GLU J 393 2.97 50.52 35.40
CA GLU J 393 1.83 51.39 35.19
C GLU J 393 0.52 50.62 35.37
N ILE J 394 -0.58 51.31 35.09
CA ILE J 394 -1.93 50.81 35.35
C ILE J 394 -2.62 50.62 34.00
N ASP J 395 -1.85 50.22 32.99
CA ASP J 395 -2.39 49.98 31.65
C ASP J 395 -3.39 48.84 31.66
N ILE J 396 -4.48 49.02 30.92
CA ILE J 396 -5.62 48.11 30.96
C ILE J 396 -5.53 47.13 29.80
N SER J 397 -6.37 46.11 29.88
CA SER J 397 -6.46 45.09 28.83
C SER J 397 -7.87 44.52 28.84
N SER J 398 -8.27 43.98 27.69
CA SER J 398 -9.62 43.44 27.55
C SER J 398 -9.59 42.15 26.76
N TYR J 399 -10.36 41.18 27.24
CA TYR J 399 -10.58 39.93 26.54
C TYR J 399 -12.07 39.61 26.60
N GLN J 400 -12.58 38.97 25.55
CA GLN J 400 -13.95 38.51 25.53
C GLN J 400 -13.98 36.98 25.50
N VAL J 401 -15.14 36.43 25.84
CA VAL J 401 -15.29 34.99 26.00
C VAL J 401 -15.50 34.32 24.66
N SER J 402 -15.41 32.99 24.62
CA SER J 402 -15.53 32.21 23.41
C SER J 402 -16.97 31.71 23.27
N THR J 403 -17.47 31.70 22.05
CA THR J 403 -18.84 31.28 21.74
C THR J 403 -18.96 29.77 21.54
N GLU J 404 -17.87 29.12 21.10
CA GLU J 404 -17.94 27.76 20.58
C GLU J 404 -18.27 26.74 21.66
N ALA J 405 -17.63 26.85 22.82
CA ALA J 405 -17.82 25.89 23.90
C ALA J 405 -18.29 26.53 25.20
N GLU J 406 -17.74 27.69 25.56
CA GLU J 406 -17.98 28.24 26.89
C GLU J 406 -19.35 28.87 26.99
N ALA J 407 -19.89 29.35 25.86
CA ALA J 407 -21.13 30.14 25.90
C ALA J 407 -22.36 29.29 26.19
N LEU J 408 -22.29 27.99 25.94
CA LEU J 408 -23.48 27.15 26.12
C LEU J 408 -23.39 26.31 27.39
N VAL J 409 -22.17 25.95 27.81
CA VAL J 409 -22.01 25.13 29.00
C VAL J 409 -22.16 25.94 30.28
N THR J 410 -22.19 27.28 30.16
CA THR J 410 -22.40 28.13 31.32
C THR J 410 -23.85 28.10 31.82
N ALA J 411 -24.78 27.58 31.02
CA ALA J 411 -26.16 27.43 31.48
C ALA J 411 -26.32 26.29 32.47
N ASP J 412 -25.52 25.24 32.34
CA ASP J 412 -25.63 24.08 33.23
C ASP J 412 -24.36 23.81 34.03
N MET J 413 -23.20 23.76 33.38
CA MET J 413 -21.98 23.27 34.03
C MET J 413 -20.86 24.30 33.99
N ILE J 414 -20.85 25.19 34.98
CA ILE J 414 -19.68 25.95 35.41
C ILE J 414 -19.78 26.04 36.93
N SER J 415 -18.76 25.54 37.63
CA SER J 415 -18.73 25.61 39.08
C SER J 415 -17.41 26.21 39.55
N GLY J 416 -17.48 26.94 40.67
CA GLY J 416 -16.34 27.70 41.12
C GLY J 416 -15.31 26.83 41.82
N SER J 417 -14.04 27.10 41.53
CA SER J 417 -12.91 26.41 42.14
C SER J 417 -12.10 27.38 42.99
N THR J 418 -11.22 26.82 43.81
CA THR J 418 -10.36 27.65 44.66
C THR J 418 -9.20 28.27 43.89
N PHE J 419 -8.90 27.76 42.70
CA PHE J 419 -7.83 28.32 41.88
C PHE J 419 -8.39 29.37 40.93
N PRO J 420 -7.69 30.49 40.73
CA PRO J 420 -8.21 31.51 39.80
C PRO J 420 -8.01 31.14 38.34
N SER J 421 -7.06 30.26 38.03
CA SER J 421 -6.81 29.89 36.64
C SER J 421 -7.80 28.83 36.16
N MET J 422 -8.29 27.98 37.06
CA MET J 422 -9.10 26.83 36.70
C MET J 422 -10.50 26.94 37.30
N ALA J 423 -11.39 26.06 36.84
CA ALA J 423 -12.75 25.97 37.34
C ALA J 423 -13.16 24.51 37.48
N TYR J 424 -13.83 24.21 38.58
CA TYR J 424 -14.21 22.84 38.90
C TYR J 424 -15.37 22.38 38.02
N ILE J 425 -15.34 21.11 37.64
CA ILE J 425 -16.43 20.47 36.91
C ILE J 425 -17.18 19.55 37.87
N ASN J 426 -18.47 19.79 38.03
CA ASN J 426 -19.28 19.05 38.99
C ASN J 426 -19.85 17.79 38.34
N ASP J 427 -20.79 17.14 39.03
CA ASP J 427 -21.24 15.80 38.69
C ASP J 427 -22.65 15.90 38.11
N THR J 428 -23.16 14.78 37.58
CA THR J 428 -24.46 14.72 36.92
C THR J 428 -25.53 14.27 37.91
N THR J 429 -26.62 15.04 38.00
CA THR J 429 -27.80 14.64 38.80
C THR J 429 -29.01 14.57 37.88
N ASP J 430 -29.13 13.45 37.17
CA ASP J 430 -30.31 12.94 36.46
C ASP J 430 -30.74 13.77 35.25
N GLU J 431 -30.18 14.96 35.03
CA GLU J 431 -30.46 15.68 33.79
C GLU J 431 -29.22 16.38 33.24
N ARG J 432 -28.21 16.54 34.09
CA ARG J 432 -27.06 17.39 33.77
C ARG J 432 -25.86 16.55 33.34
N TYR J 433 -26.02 15.84 32.23
CA TYR J 433 -24.95 14.98 31.72
C TYR J 433 -23.90 15.82 31.02
N VAL J 434 -22.65 15.65 31.42
CA VAL J 434 -21.53 16.40 30.85
C VAL J 434 -20.52 15.43 30.25
N PRO J 435 -19.84 15.81 29.18
CA PRO J 435 -18.76 14.98 28.64
C PRO J 435 -17.42 15.31 29.30
N GLU J 436 -16.43 14.48 29.00
CA GLU J 436 -15.11 14.67 29.55
C GLU J 436 -14.37 15.79 28.81
N ILE J 437 -13.60 16.56 29.58
CA ILE J 437 -12.88 17.71 29.06
C ILE J 437 -11.40 17.36 29.01
N PHE J 438 -10.77 17.53 27.85
CA PHE J 438 -9.38 17.15 27.65
C PHE J 438 -8.58 18.34 27.16
N TYR J 439 -7.31 18.40 27.57
CA TYR J 439 -6.37 19.39 27.08
C TYR J 439 -4.96 18.82 27.16
N MET J 440 -4.05 19.41 26.41
CA MET J 440 -2.68 18.93 26.35
C MET J 440 -1.77 19.80 27.21
N LYS J 441 -0.87 19.14 27.96
CA LYS J 441 0.13 19.83 28.76
C LYS J 441 1.36 18.96 28.85
N SER J 442 2.48 19.59 29.21
CA SER J 442 3.75 18.89 29.28
C SER J 442 3.91 18.19 30.62
N ASN J 443 4.45 16.97 30.57
CA ASN J 443 4.74 16.20 31.78
C ASN J 443 6.17 16.49 32.23
N GLU J 444 6.68 15.69 33.17
CA GLU J 444 8.00 15.94 33.74
C GLU J 444 9.12 15.58 32.77
N TYR J 445 8.84 14.75 31.77
CA TYR J 445 9.87 14.31 30.83
C TYR J 445 9.70 14.91 29.45
N GLY J 446 8.52 14.80 28.84
CA GLY J 446 8.26 15.34 27.52
C GLY J 446 6.90 15.98 27.40
N ILE J 447 6.48 16.17 26.14
CA ILE J 447 5.16 16.68 25.80
C ILE J 447 4.30 15.48 25.43
N THR J 448 3.14 15.38 26.06
CA THR J 448 2.27 14.22 25.87
C THR J 448 0.89 14.64 25.35
N VAL J 449 0.12 13.64 24.94
CA VAL J 449 -1.24 13.83 24.44
C VAL J 449 -2.15 13.94 25.67
N LYS J 450 -3.41 14.35 25.46
CA LYS J 450 -4.44 14.71 26.43
C LYS J 450 -4.49 13.85 27.71
N GLU J 451 -4.46 14.52 28.87
CA GLU J 451 -4.23 13.82 30.12
C GLU J 451 -5.42 13.95 31.07
N ASN J 452 -6.32 14.89 30.79
CA ASN J 452 -7.26 15.39 31.80
C ASN J 452 -8.36 14.37 32.06
N ALA J 453 -8.14 13.53 33.08
CA ALA J 453 -9.20 12.76 33.73
C ALA J 453 -9.43 13.30 35.14
N LYS J 454 -9.25 14.60 35.30
CA LYS J 454 -9.17 15.26 36.60
C LYS J 454 -9.92 16.58 36.49
N PRO J 455 -10.63 16.99 37.54
CA PRO J 455 -11.32 18.28 37.51
C PRO J 455 -10.35 19.46 37.60
N ALA J 456 -10.95 20.64 37.71
CA ALA J 456 -10.28 21.95 37.74
C ALA J 456 -9.41 22.15 36.48
N PHE J 457 -10.13 22.21 35.32
CA PHE J 457 -9.57 22.52 34.02
C PHE J 457 -9.46 24.03 33.83
N PRO J 458 -8.42 24.52 33.14
CA PRO J 458 -8.20 25.97 33.07
C PRO J 458 -9.19 26.68 32.16
N VAL J 459 -9.45 27.94 32.48
CA VAL J 459 -10.38 28.77 31.73
C VAL J 459 -9.69 29.87 30.94
N ASP J 460 -8.36 29.98 31.05
CA ASP J 460 -7.64 30.96 30.24
C ASP J 460 -7.55 30.55 28.78
N TYR J 461 -7.82 29.28 28.47
CA TYR J 461 -7.81 28.83 27.08
C TYR J 461 -9.03 29.34 26.33
N LEU J 462 -10.15 29.50 27.03
CA LEU J 462 -11.42 29.87 26.40
C LEU J 462 -11.62 31.37 26.27
N LEU J 463 -10.55 32.15 26.26
CA LEU J 463 -10.63 33.59 26.11
C LEU J 463 -9.88 34.01 24.84
N VAL J 464 -10.49 34.89 24.07
CA VAL J 464 -9.88 35.46 22.88
C VAL J 464 -9.58 36.93 23.17
N THR J 465 -8.43 37.40 22.68
CA THR J 465 -7.92 38.70 23.07
C THR J 465 -8.48 39.81 22.19
N LEU J 466 -8.31 41.05 22.67
CA LEU J 466 -8.70 42.25 21.93
C LEU J 466 -7.55 43.24 21.97
N THR J 467 -7.64 44.27 21.12
CA THR J 467 -6.64 45.33 21.06
C THR J 467 -7.32 46.62 21.49
N HIS J 468 -6.97 47.10 22.69
CA HIS J 468 -7.52 48.35 23.19
C HIS J 468 -6.63 49.52 22.77
N GLY J 469 -7.23 50.70 22.72
CA GLY J 469 -6.48 51.89 22.35
C GLY J 469 -7.30 53.14 22.49
N PHE J 470 -6.60 54.28 22.44
CA PHE J 470 -7.21 55.59 22.57
C PHE J 470 -6.84 56.41 21.33
N PRO J 471 -7.77 57.16 20.76
CA PRO J 471 -7.47 57.88 19.51
C PRO J 471 -6.60 59.10 19.75
N ASN J 472 -6.07 59.64 18.66
CA ASN J 472 -5.19 60.81 18.73
C ASN J 472 -5.98 62.07 19.06
N THR J 473 -5.31 62.99 19.74
CA THR J 473 -5.99 64.20 20.23
C THR J 473 -6.04 65.30 19.16
N ASP J 474 -5.30 65.14 18.06
CA ASP J 474 -5.22 66.22 17.09
C ASP J 474 -6.44 66.25 16.16
N THR J 475 -7.04 65.08 15.91
CA THR J 475 -8.19 65.00 15.02
C THR J 475 -9.01 63.76 15.34
N GLU J 476 -10.30 63.84 15.01
CA GLU J 476 -11.24 62.73 15.16
C GLU J 476 -12.46 63.03 14.32
N THR J 477 -13.35 62.05 14.21
CA THR J 477 -14.63 62.29 13.54
C THR J 477 -15.56 63.12 14.42
N ASN J 478 -15.74 62.68 15.67
CA ASN J 478 -16.52 63.38 16.70
C ASN J 478 -16.15 62.75 18.04
N SER J 479 -16.61 63.37 19.12
CA SER J 479 -16.46 62.79 20.45
C SER J 479 -17.76 62.73 21.23
N LYS J 480 -18.65 63.71 21.04
CA LYS J 480 -20.09 63.66 21.32
C LYS J 480 -20.46 63.67 22.80
N PHE J 481 -19.49 63.58 23.72
CA PHE J 481 -19.82 63.54 25.14
C PHE J 481 -18.83 64.26 26.03
N VAL J 482 -17.91 65.05 25.49
CA VAL J 482 -16.90 65.71 26.33
C VAL J 482 -17.40 67.06 26.84
N SER J 483 -18.16 67.04 27.93
CA SER J 483 -18.62 68.29 28.51
C SER J 483 -17.69 68.78 29.62
N SER J 484 -17.64 68.03 30.73
CA SER J 484 -16.70 68.32 31.80
C SER J 484 -15.99 67.05 32.25
N THR J 485 -16.74 65.94 32.28
CA THR J 485 -16.37 64.69 32.95
C THR J 485 -15.93 64.92 34.40
N GLY J 486 -16.61 65.84 35.08
CA GLY J 486 -16.31 66.15 36.47
C GLY J 486 -17.57 66.28 37.29
N PHE J 487 -18.72 66.05 36.64
CA PHE J 487 -20.01 66.05 37.31
C PHE J 487 -20.09 64.84 38.25
N PRO J 488 -20.72 65.00 39.41
CA PRO J 488 -20.92 63.86 40.32
C PRO J 488 -21.81 62.79 39.71
N TRP J 489 -21.31 61.56 39.70
CA TRP J 489 -22.00 60.46 39.06
C TRP J 489 -23.20 60.01 39.88
N SER J 490 -24.03 59.18 39.28
CA SER J 490 -25.36 58.91 39.83
C SER J 490 -25.30 58.01 41.06
N ASN J 491 -24.53 56.93 41.00
CA ASN J 491 -24.49 55.94 42.07
C ASN J 491 -23.13 55.82 42.72
N ARG J 492 -22.42 56.94 42.86
CA ARG J 492 -21.13 56.97 43.55
C ARG J 492 -21.36 57.42 44.99
N GLN J 493 -22.00 56.55 45.77
CA GLN J 493 -22.29 56.84 47.16
C GLN J 493 -21.11 56.54 48.08
N ALA J 494 -20.17 55.71 47.65
CA ALA J 494 -18.95 55.50 48.43
C ALA J 494 -18.08 56.75 48.43
N MET J 495 -18.02 57.43 47.28
CA MET J 495 -17.32 58.70 47.20
C MET J 495 -18.25 59.84 47.61
N GLY J 496 -17.67 61.03 47.77
CA GLY J 496 -18.44 62.18 48.19
C GLY J 496 -19.21 62.88 47.08
N GLN J 497 -19.12 62.37 45.85
CA GLN J 497 -19.76 63.02 44.70
C GLN J 497 -21.11 62.35 44.41
N SER J 498 -22.03 62.51 45.35
CA SER J 498 -23.40 62.00 45.22
C SER J 498 -24.38 63.05 45.70
N GLN J 499 -24.21 64.28 45.22
CA GLN J 499 -24.88 65.46 45.79
C GLN J 499 -26.30 65.61 45.27
N ASP J 500 -27.05 66.44 46.00
CA ASP J 500 -28.41 66.84 45.68
C ASP J 500 -28.36 68.11 44.82
N TYR J 501 -29.47 68.87 44.78
CA TYR J 501 -29.57 70.09 43.98
C TYR J 501 -28.58 71.19 44.36
N GLN J 502 -27.84 71.03 45.47
CA GLN J 502 -26.74 71.92 45.81
C GLN J 502 -25.65 71.90 44.74
N GLU J 503 -25.49 70.76 44.06
CA GLU J 503 -24.48 70.63 43.01
C GLU J 503 -24.86 71.41 41.76
N LEU J 504 -26.17 71.51 41.48
CA LEU J 504 -26.62 72.17 40.26
C LEU J 504 -26.42 73.68 40.33
N LYS J 505 -26.34 74.24 41.54
CA LYS J 505 -25.92 75.63 41.69
C LYS J 505 -24.42 75.77 41.46
N LYS J 506 -23.66 74.69 41.68
CA LYS J 506 -22.22 74.76 41.52
C LYS J 506 -21.78 74.34 40.12
N TYR J 507 -22.50 73.39 39.51
CA TYR J 507 -22.04 72.81 38.25
C TYR J 507 -22.33 73.72 37.06
N LEU J 508 -23.61 74.00 36.79
CA LEU J 508 -23.99 74.72 35.59
C LEU J 508 -24.48 76.13 35.90
N PHE J 509 -25.50 76.30 36.75
CA PHE J 509 -25.96 77.57 37.32
C PHE J 509 -26.46 78.59 36.26
N ASN J 510 -26.52 78.19 34.98
CA ASN J 510 -26.73 79.09 33.83
C ASN J 510 -25.72 80.24 33.87
N VAL J 511 -24.45 79.86 33.62
CA VAL J 511 -23.21 80.40 34.20
C VAL J 511 -23.18 81.92 34.42
N ALA J 512 -22.83 82.31 35.65
CA ALA J 512 -22.75 83.69 36.12
C ALA J 512 -24.07 84.43 35.96
N SER J 513 -25.17 83.66 36.09
CA SER J 513 -26.58 84.09 36.03
C SER J 513 -27.00 84.67 34.68
N SER J 514 -26.09 84.68 33.70
CA SER J 514 -26.37 85.10 32.33
C SER J 514 -25.31 84.43 31.46
N GLY J 515 -25.67 83.34 30.81
CA GLY J 515 -24.71 82.50 30.12
C GLY J 515 -24.74 82.70 28.63
N ASP J 516 -23.56 82.64 28.02
CA ASP J 516 -23.43 82.66 26.57
C ASP J 516 -23.72 81.27 26.03
N PHE J 517 -24.35 81.21 24.86
CA PHE J 517 -24.80 79.94 24.30
C PHE J 517 -23.65 79.07 23.78
N ASN J 518 -22.47 79.64 23.57
CA ASN J 518 -21.30 78.82 23.25
C ASN J 518 -20.72 78.19 24.51
N LEU J 519 -20.94 78.81 25.67
CA LEU J 519 -20.44 78.29 26.92
C LEU J 519 -21.51 77.54 27.72
N LEU J 520 -22.78 77.66 27.33
CA LEU J 520 -23.85 76.96 28.04
C LEU J 520 -24.11 75.58 27.42
N HIS J 521 -24.05 75.48 26.09
CA HIS J 521 -24.33 74.21 25.44
C HIS J 521 -23.18 73.22 25.59
N GLU J 522 -21.98 73.72 25.90
CA GLU J 522 -20.83 72.82 26.04
C GLU J 522 -20.89 72.04 27.35
N LYS J 523 -21.66 72.54 28.32
CA LYS J 523 -21.81 71.84 29.59
C LYS J 523 -23.04 70.92 29.60
N ILE J 524 -24.00 71.13 28.70
CA ILE J 524 -25.27 70.42 28.77
C ILE J 524 -25.20 69.03 28.14
N SER J 525 -24.12 68.70 27.44
CA SER J 525 -24.02 67.43 26.73
C SER J 525 -23.47 66.30 27.60
N ASN J 526 -23.48 66.44 28.92
CA ASN J 526 -22.97 65.39 29.79
C ASN J 526 -23.98 64.25 29.87
N PHE J 527 -23.46 63.02 30.03
CA PHE J 527 -24.33 61.85 30.06
C PHE J 527 -25.07 61.74 31.39
N HIS J 528 -24.35 61.89 32.51
CA HIS J 528 -24.96 61.73 33.82
C HIS J 528 -25.73 62.96 34.27
N LEU J 529 -25.45 64.13 33.67
CA LEU J 529 -26.25 65.31 33.97
C LEU J 529 -27.63 65.22 33.34
N LEU J 530 -27.69 64.72 32.10
CA LEU J 530 -28.97 64.57 31.43
C LEU J 530 -29.78 63.43 32.03
N LEU J 531 -29.09 62.42 32.58
CA LEU J 531 -29.80 61.32 33.24
C LEU J 531 -30.24 61.69 34.64
N TYR J 532 -29.74 62.81 35.17
CA TYR J 532 -30.19 63.26 36.48
C TYR J 532 -31.38 64.22 36.36
N ILE J 533 -31.51 64.89 35.21
CA ILE J 533 -32.56 65.89 35.04
C ILE J 533 -33.90 65.22 34.83
N ASN J 534 -33.96 64.23 33.93
CA ASN J 534 -35.21 63.57 33.57
C ASN J 534 -35.75 62.66 34.67
N SER J 535 -34.95 62.33 35.68
CA SER J 535 -35.46 61.58 36.83
C SER J 535 -36.41 62.44 37.67
N LEU J 536 -36.19 63.75 37.68
CA LEU J 536 -37.12 64.65 38.34
C LEU J 536 -38.37 64.88 37.48
N GLN J 537 -38.25 64.60 36.17
CA GLN J 537 -39.26 64.77 35.11
C GLN J 537 -40.08 66.07 35.24
N ILE J 538 -39.35 67.19 35.34
CA ILE J 538 -40.01 68.49 35.35
C ILE J 538 -40.51 68.84 33.95
N LEU J 539 -39.68 68.64 32.94
CA LEU J 539 -40.05 68.94 31.57
C LEU J 539 -40.96 67.85 31.01
N SER J 540 -41.59 68.18 29.88
CA SER J 540 -42.38 67.19 29.16
C SER J 540 -41.46 66.17 28.49
N PRO J 541 -41.94 64.94 28.27
CA PRO J 541 -41.10 63.97 27.56
C PRO J 541 -40.83 64.33 26.10
N ASP J 542 -41.72 65.12 25.48
CA ASP J 542 -41.45 65.59 24.13
C ASP J 542 -40.38 66.68 24.12
N GLU J 543 -40.42 67.58 25.11
CA GLU J 543 -39.40 68.62 25.19
C GLU J 543 -38.08 68.08 25.72
N TRP J 544 -38.12 66.97 26.48
CA TRP J 544 -36.88 66.36 26.96
C TRP J 544 -36.16 65.63 25.84
N LYS J 545 -36.92 65.03 24.90
CA LYS J 545 -36.31 64.28 23.82
C LYS J 545 -35.59 65.19 22.84
N LEU J 546 -36.13 66.40 22.63
CA LEU J 546 -35.43 67.37 21.81
C LEU J 546 -34.30 68.06 22.58
N LEU J 547 -34.32 67.97 23.91
CA LEU J 547 -33.24 68.53 24.71
C LEU J 547 -31.99 67.66 24.63
N ILE J 548 -32.16 66.33 24.73
CA ILE J 548 -31.01 65.44 24.66
C ILE J 548 -30.52 65.29 23.23
N GLU J 549 -31.40 65.48 22.24
CA GLU J 549 -30.98 65.38 20.85
C GLU J 549 -30.23 66.63 20.42
N SER J 550 -30.51 67.77 21.06
CA SER J 550 -29.77 68.98 20.77
C SER J 550 -28.36 68.91 21.34
N ALA J 551 -28.20 68.24 22.48
CA ALA J 551 -26.88 68.19 23.12
C ALA J 551 -25.96 67.17 22.46
N VAL J 552 -26.53 66.17 21.79
CA VAL J 552 -25.69 65.09 21.25
C VAL J 552 -25.44 65.27 19.75
N LYS J 553 -26.24 66.07 19.06
CA LYS J 553 -26.08 66.22 17.61
C LYS J 553 -25.51 67.59 17.26
N ASN J 554 -25.13 67.74 15.99
CA ASN J 554 -24.58 68.98 15.47
C ASN J 554 -25.71 69.95 15.13
N GLU J 555 -25.32 71.10 14.57
CA GLU J 555 -26.14 72.29 14.27
C GLU J 555 -27.17 72.59 15.37
N TRP J 556 -26.67 72.71 16.59
CA TRP J 556 -27.50 72.83 17.78
C TRP J 556 -27.92 74.25 18.09
N GLU J 557 -27.46 75.25 17.33
CA GLU J 557 -27.66 76.64 17.72
C GLU J 557 -29.09 77.10 17.49
N GLU J 558 -29.77 76.56 16.47
CA GLU J 558 -31.15 76.96 16.21
C GLU J 558 -32.11 76.29 17.18
N SER J 559 -31.73 75.13 17.72
CA SER J 559 -32.61 74.40 18.61
C SER J 559 -32.32 74.69 20.09
N LEU J 560 -31.15 75.24 20.39
CA LEU J 560 -30.85 75.62 21.78
C LEU J 560 -31.64 76.86 22.16
N LEU J 561 -31.84 77.79 21.23
CA LEU J 561 -32.67 78.95 21.48
C LEU J 561 -34.14 78.58 21.63
N LYS J 562 -34.55 77.46 21.04
CA LYS J 562 -35.89 76.95 21.28
C LYS J 562 -36.04 76.42 22.70
N LEU J 563 -34.96 75.92 23.28
CA LEU J 563 -35.03 75.39 24.65
C LEU J 563 -35.10 76.51 25.68
N VAL J 564 -34.37 77.60 25.46
CA VAL J 564 -34.35 78.69 26.43
C VAL J 564 -35.62 79.54 26.34
N SER J 565 -36.33 79.47 25.21
CA SER J 565 -37.58 80.21 25.09
C SER J 565 -38.76 79.43 25.67
N SER J 566 -38.58 78.14 25.93
CA SER J 566 -39.64 77.33 26.50
C SER J 566 -39.81 77.64 27.98
N ALA J 567 -41.03 77.47 28.48
CA ALA J 567 -41.33 77.76 29.88
C ALA J 567 -40.80 76.68 30.82
N GLY J 568 -40.45 75.51 30.30
CA GLY J 568 -39.94 74.45 31.16
C GLY J 568 -38.53 74.73 31.65
N TRP J 569 -37.69 75.32 30.78
CA TRP J 569 -36.33 75.66 31.18
C TRP J 569 -36.33 76.89 32.08
N GLN J 570 -37.34 77.75 31.95
CA GLN J 570 -37.46 78.92 32.82
C GLN J 570 -37.86 78.50 34.23
N THR J 571 -38.70 77.47 34.35
CA THR J 571 -39.09 76.97 35.67
C THR J 571 -37.96 76.19 36.32
N LEU J 572 -37.05 75.64 35.52
CA LEU J 572 -35.93 74.88 36.08
C LEU J 572 -34.90 75.81 36.71
N VAL J 573 -34.66 76.96 36.11
CA VAL J 573 -33.69 77.90 36.67
C VAL J 573 -34.33 78.73 37.79
N MET J 574 -35.66 78.80 37.82
CA MET J 574 -36.33 79.55 38.88
C MET J 574 -36.45 78.71 40.14
N ILE J 575 -36.67 77.40 39.99
CA ILE J 575 -36.76 76.53 41.16
C ILE J 575 -35.37 76.20 41.70
N LEU J 576 -34.32 76.47 40.92
CA LEU J 576 -32.97 76.22 41.38
C LEU J 576 -32.43 77.41 42.16
N GLN J 577 -32.86 78.63 41.81
CA GLN J 577 -32.31 79.83 42.43
C GLN J 577 -32.82 80.01 43.85
N GLU J 578 -34.07 79.63 44.11
CA GLU J 578 -34.63 79.75 45.45
C GLU J 578 -34.06 78.68 46.38
N SER J 579 -33.85 77.48 45.85
CA SER J 579 -33.22 76.42 46.63
C SER J 579 -31.72 76.67 46.76
N GLY J 580 -31.10 75.97 47.70
CA GLY J 580 -29.68 76.11 47.94
C GLY J 580 -28.83 75.47 46.85
PG ATP K . -3.36 -13.76 29.78
O1G ATP K . -2.61 -14.71 28.88
O2G ATP K . -4.47 -13.00 29.11
O3G ATP K . -2.48 -12.91 30.66
PB ATP K . -4.57 -16.21 30.36
O1B ATP K . -4.84 -16.20 28.87
O2B ATP K . -3.58 -17.19 30.94
O3B ATP K . -4.12 -14.73 30.81
PA ATP K . -6.00 -16.60 32.73
O1A ATP K . -6.98 -15.60 33.30
O2A ATP K . -4.58 -16.66 33.23
O3A ATP K . -5.96 -16.40 31.13
O5' ATP K . -6.64 -18.08 32.89
C5' ATP K . -6.85 -18.64 34.17
C4' ATP K . -8.15 -19.43 34.18
O4' ATP K . -7.88 -20.81 34.49
C3' ATP K . -9.12 -18.90 35.23
O3' ATP K . -10.29 -18.38 34.59
C2' ATP K . -9.40 -20.06 36.18
O2' ATP K . -10.79 -20.43 36.25
C1' ATP K . -8.59 -21.23 35.66
N9 ATP K . -7.62 -21.67 36.69
C8 ATP K . -7.71 -21.44 38.01
N7 ATP K . -6.67 -21.97 38.68
C5 ATP K . -5.87 -22.57 37.79
C6 ATP K . -4.59 -23.33 37.82
N6 ATP K . -3.95 -23.55 38.99
N1 ATP K . -4.10 -23.78 36.65
C2 ATP K . -4.73 -23.56 35.48
N3 ATP K . -5.89 -22.88 35.37
C4 ATP K . -6.50 -22.37 36.47
PG ATP L . -28.50 -5.93 10.72
O1G ATP L . -28.16 -6.08 9.25
O2G ATP L . -29.58 -4.93 11.01
O3G ATP L . -27.29 -5.83 11.63
PB ATP L . -30.13 -8.11 10.07
O1B ATP L . -29.39 -8.28 8.76
O2B ATP L . -30.72 -9.31 10.77
O3B ATP L . -29.17 -7.35 11.10
PA ATP L . -32.40 -6.75 11.00
O1A ATP L . -32.47 -5.26 11.21
O2A ATP L . -32.10 -7.68 12.15
O3A ATP L . -31.31 -7.03 9.84
O5' ATP L . -33.77 -7.23 10.30
C5' ATP L . -35.02 -6.81 10.84
C4' ATP L . -36.03 -6.68 9.70
O4' ATP L . -36.49 -7.97 9.29
C3' ATP L . -37.26 -5.88 10.13
O3' ATP L . -37.32 -4.66 9.37
C2' ATP L . -38.45 -6.80 9.93
O2' ATP L . -39.44 -6.28 9.03
C1' ATP L . -37.90 -8.11 9.39
N9 ATP L . -38.24 -9.21 10.31
C8 ATP L . -39.35 -9.30 11.07
N7 ATP L . -39.36 -10.44 11.81
C5 ATP L . -38.24 -11.12 11.51
C6 ATP L . -37.62 -12.41 11.92
N6 ATP L . -38.23 -13.21 12.82
N1 ATP L . -36.44 -12.74 11.37
C2 ATP L . -35.83 -11.95 10.47
N3 ATP L . -36.32 -10.77 10.05
C4 ATP L . -37.50 -10.31 10.52
PG ATP M . -20.09 -32.85 -15.54
O1G ATP M . -19.28 -33.93 -16.23
O2G ATP M . -19.85 -31.46 -16.07
O3G ATP M . -20.10 -32.96 -14.04
PB ATP M . -21.94 -33.85 -17.39
O1B ATP M . -20.85 -33.45 -18.36
O2B ATP M . -22.25 -35.31 -17.16
O3B ATP M . -21.60 -33.18 -15.96
PA ATP M . -24.67 -33.38 -17.03
O1A ATP M . -25.22 -32.06 -16.55
O2A ATP M . -24.43 -34.50 -16.04
O3A ATP M . -23.30 -33.10 -17.82
O5' ATP M . -25.64 -33.95 -18.18
C5' ATP M . -26.97 -34.37 -17.88
C4' ATP M . -27.88 -34.05 -19.05
O4' ATP M . -28.45 -35.27 -19.55
C3' ATP M . -29.02 -33.13 -18.64
O3' ATP M . -28.90 -31.88 -19.32
C2' ATP M . -30.31 -33.89 -18.95
O2' ATP M . -31.17 -33.21 -19.89
C1' ATP M . -29.88 -35.23 -19.53
N9 ATP M . -30.39 -36.33 -18.67
C8 ATP M . -31.42 -36.24 -17.79
N7 ATP M . -31.63 -37.42 -17.17
C5 ATP M . -30.74 -38.30 -17.64
C6 ATP M . -30.40 -39.72 -17.40
N6 ATP M . -31.10 -40.46 -16.50
N1 ATP M . -29.38 -40.26 -18.10
C2 ATP M . -28.67 -39.53 -19.00
N3 ATP M . -28.92 -38.24 -19.26
C4 ATP M . -29.92 -37.57 -18.63
PG ATP N . -24.46 11.70 -14.01
O1G ATP N . -24.50 10.24 -14.34
O2G ATP N . -23.07 12.31 -14.06
O3G ATP N . -25.27 12.09 -12.79
PB ATP N . -25.22 11.73 -16.69
O1B ATP N . -23.93 10.98 -16.85
O2B ATP N . -26.54 11.04 -16.89
O3B ATP N . -25.23 12.41 -15.22
PA ATP N . -26.47 13.98 -17.82
O1A ATP N . -26.03 15.40 -17.57
O2A ATP N . -27.60 13.39 -17.02
O3A ATP N . -25.18 13.02 -17.67
O5' ATP N . -26.83 13.83 -19.38
C5' ATP N . -27.93 14.53 -19.94
C4' ATP N . -27.58 14.99 -21.34
O4' ATP N . -28.48 14.42 -22.29
C3' ATP N . -27.69 16.51 -21.47
O3' ATP N . -26.40 17.07 -21.74
C2' ATP N . -28.73 16.77 -22.55
O2' ATP N . -28.21 17.53 -23.67
C1' ATP N . -29.18 15.41 -23.04
N9 ATP N . -30.65 15.26 -22.81
C8 ATP N . -31.52 16.27 -22.66
N7 ATP N . -32.78 15.80 -22.47
C5 ATP N . -32.72 14.46 -22.50
C6 ATP N . -33.69 13.34 -22.37
N6 ATP N . -35.00 13.58 -22.15
N1 ATP N . -33.21 12.08 -22.46
C2 ATP N . -31.90 11.83 -22.67
N3 ATP N . -30.97 12.80 -22.79
C4 ATP N . -31.31 14.11 -22.72
PG ATP O . -11.83 -15.79 -39.18
O1G ATP O . -11.48 -17.18 -39.67
O2G ATP O . -10.63 -14.91 -38.91
O3G ATP O . -12.89 -15.76 -38.11
PB ATP O . -12.15 -15.54 -41.95
O1B ATP O . -10.72 -15.99 -41.94
O2B ATP O . -13.23 -16.45 -42.47
O3B ATP O . -12.55 -15.10 -40.45
PA ATP O . -13.67 -13.45 -43.04
O1A ATP O . -13.63 -12.04 -42.50
O2A ATP O . -14.76 -14.40 -42.59
O3A ATP O . -12.24 -14.14 -42.75
O5' ATP O . -13.70 -13.37 -44.65
C5' ATP O . -14.85 -12.88 -45.32
C4' ATP O . -14.42 -12.15 -46.60
O4' ATP O . -15.02 -12.78 -47.74
C3' ATP O . -14.86 -10.70 -46.58
O3' ATP O . -13.69 -9.85 -46.58
C2' ATP O . -15.76 -10.51 -47.80
O2' ATP O . -15.29 -9.51 -48.72
C1' ATP O . -15.81 -11.86 -48.49
N9 ATP O . -17.22 -12.34 -48.56
C8 ATP O . -18.31 -11.56 -48.47
N7 ATP O . -19.44 -12.30 -48.57
C5 ATP O . -19.07 -13.59 -48.73
C6 ATP O . -19.77 -14.88 -48.89
N6 ATP O . -21.12 -14.96 -48.92
N1 ATP O . -19.01 -15.99 -49.03
C2 ATP O . -17.66 -15.93 -49.02
N3 ATP O . -16.97 -14.79 -48.87
C4 ATP O . -17.61 -13.60 -48.72
PG ATP P . 16.73 -10.53 -45.41
O1G ATP P . 16.97 -10.71 -43.93
O2G ATP P . 15.37 -10.01 -45.77
O3G ATP P . 17.20 -11.69 -46.26
PB ATP P . 17.76 -8.78 -47.34
O1B ATP P . 19.20 -8.64 -47.76
O2B ATP P . 16.81 -9.62 -48.16
O3B ATP P . 17.73 -9.33 -45.83
PA ATP P . 17.83 -6.21 -46.24
O1A ATP P . 18.21 -6.89 -44.95
O2A ATP P . 16.95 -4.98 -46.21
O3A ATP P . 17.13 -7.30 -47.19
O5' ATP P . 19.18 -5.86 -47.04
C5' ATP P . 19.15 -4.92 -48.12
C4' ATP P . 20.58 -4.65 -48.58
O4' ATP P . 20.67 -4.90 -50.00
C3' ATP P . 20.99 -3.21 -48.34
O3' ATP P . 22.06 -3.17 -47.38
C2' ATP P . 21.35 -2.62 -49.70
O2' ATP P . 22.70 -2.14 -49.78
C1' ATP P . 21.14 -3.75 -50.70
N9 ATP P . 20.13 -3.33 -51.71
C8 ATP P . 19.48 -2.16 -51.73
N7 ATP P . 18.62 -2.09 -52.79
C5 ATP P . 18.73 -3.25 -53.46
C6 ATP P . 18.11 -3.85 -54.67
N6 ATP P . 17.18 -3.16 -55.39
N1 ATP P . 18.50 -5.08 -55.03
C2 ATP P . 19.42 -5.77 -54.33
N3 ATP P . 20.03 -5.30 -53.23
C4 ATP P . 19.73 -4.07 -52.75
PG ATP Q . 4.09 22.46 -22.45
O1G ATP Q . 4.10 21.05 -23.01
O2G ATP Q . 4.99 22.65 -21.25
O3G ATP Q . 2.72 23.07 -22.30
PB ATP Q . 5.88 22.69 -24.58
O1B ATP Q . 6.60 21.60 -23.82
O2B ATP Q . 5.23 22.40 -25.90
O3B ATP Q . 4.78 23.34 -23.60
PA ATP Q . 6.50 25.20 -25.65
O1A ATP Q . 6.77 26.42 -24.83
O2A ATP Q . 5.13 24.95 -26.23
O3A ATP Q . 6.93 23.90 -24.79
O5' ATP Q . 7.57 25.16 -26.86
C5' ATP Q . 7.54 26.16 -27.89
C4' ATP Q . 8.96 26.51 -28.31
O4' ATP Q . 9.15 26.20 -29.69
C3' ATP Q . 9.25 27.99 -28.10
O3' ATP Q . 10.28 28.15 -27.12
C2' ATP Q . 9.62 28.53 -29.48
O2' ATP Q . 10.95 29.10 -29.54
C1' ATP Q . 9.55 27.35 -30.44
N9 ATP Q . 8.54 27.63 -31.49
C8 ATP Q . 8.10 28.85 -31.86
N7 ATP Q . 7.18 28.77 -32.85
C5 ATP Q . 7.01 27.46 -33.13
C6 ATP Q . 6.19 26.67 -34.08
N6 ATP Q . 5.34 27.28 -34.94
N1 ATP Q . 6.32 25.33 -34.06
C2 ATP Q . 7.16 24.72 -33.20
N3 ATP Q . 7.93 25.36 -32.32
C4 ATP Q . 7.92 26.72 -32.24
PB ADP R . 39.95 -19.23 -28.10
O1B ADP R . 40.81 -19.52 -29.31
O2B ADP R . 39.99 -20.33 -27.04
O3B ADP R . 38.56 -18.73 -28.42
PA ADP R . 41.93 -18.21 -26.41
O1A ADP R . 42.81 -19.28 -27.02
O2A ADP R . 41.42 -18.37 -25.00
O3A ADP R . 40.66 -17.99 -27.39
O5' ADP R . 42.71 -16.80 -26.51
C5' ADP R . 43.26 -16.20 -25.34
C4' ADP R . 44.23 -17.18 -24.69
O4' ADP R . 45.08 -17.77 -25.67
C3' ADP R . 45.10 -16.49 -23.65
O3' ADP R . 44.83 -17.03 -22.35
C2' ADP R . 46.54 -16.68 -24.13
O2' ADP R . 47.39 -17.33 -23.17
C1' ADP R . 46.46 -17.51 -25.39
N9 ADP R . 47.07 -16.77 -26.52
C8 ADP R . 46.64 -15.58 -27.00
N7 ADP R . 47.41 -15.17 -28.04
C5 ADP R . 48.36 -16.10 -28.24
C6 ADP R . 49.50 -16.29 -29.17
N6 ADP R . 49.77 -15.37 -30.12
N1 ADP R . 50.24 -17.41 -29.03
C2 ADP R . 49.97 -18.33 -28.09
N3 ADP R . 48.96 -18.22 -27.21
C4 ADP R . 48.12 -17.15 -27.23
PG ATP S . 29.20 15.64 -5.49
O1G ATP S . 28.98 14.47 -6.42
O2G ATP S . 28.77 15.38 -4.06
O3G ATP S . 28.75 16.96 -6.04
PB ATP S . 31.75 14.49 -5.61
O1B ATP S . 30.99 13.27 -5.12
O2B ATP S . 32.30 14.53 -7.01
O3B ATP S . 30.80 15.78 -5.40
PA ATP S . 34.04 15.92 -4.89
O1A ATP S . 34.15 16.81 -3.68
O2A ATP S . 33.71 16.52 -6.24
O3A ATP S . 32.96 14.78 -4.58
O5' ATP S . 35.41 15.09 -5.03
C5' ATP S . 36.64 15.75 -5.30
C4' ATP S . 37.76 15.10 -4.50
O4' ATP S . 38.74 14.57 -5.40
C3' ATP S . 38.44 16.10 -3.59
O3' ATP S . 38.23 15.71 -2.22
C2' ATP S . 39.91 16.13 -4.00
O2' ATP S . 40.81 15.77 -2.95
C1' ATP S . 40.04 15.14 -5.15
N9 ATP S . 40.52 15.84 -6.37
C8 ATP S . 41.19 17.01 -6.39
N7 ATP S . 41.48 17.39 -7.66
C5 ATP S . 40.99 16.44 -8.47
C6 ATP S . 40.95 16.22 -9.94
N6 ATP S . 41.52 17.10 -10.80
N1 ATP S . 40.34 15.10 -10.39
C2 ATP S . 39.78 14.21 -9.55
N3 ATP S . 39.78 14.35 -8.21
C4 ATP S . 40.36 15.42 -7.62
PG ATP T . 25.37 -5.13 21.20
O1G ATP T . 24.36 -4.48 22.11
O2G ATP T . 26.44 -4.19 20.70
O3G ATP T . 24.79 -6.03 20.14
PB ATP T . 27.44 -6.95 21.64
O1B ATP T . 27.02 -7.74 20.41
O2B ATP T . 28.62 -6.00 21.54
O3B ATP T . 26.17 -6.13 22.17
PA ATP T . 27.88 -7.48 24.34
O1A ATP T . 26.70 -6.60 24.67
O2A ATP T . 29.29 -6.95 24.52
O3A ATP T . 27.72 -7.99 22.83
O5' ATP T . 27.74 -8.83 25.20
C5' ATP T . 28.82 -9.77 25.25
C4' ATP T . 29.45 -9.73 26.63
O4' ATP T . 30.64 -10.53 26.63
C3' ATP T . 29.85 -8.31 27.01
O3' ATP T . 29.10 -7.89 28.16
C2' ATP T . 31.36 -8.34 27.24
O2' ATP T . 31.76 -7.94 28.56
C1' ATP T . 31.80 -9.77 26.98
N9 ATP T . 32.77 -9.81 25.86
C8 ATP T . 34.08 -9.44 25.93
N7 ATP T . 34.69 -9.59 24.73
C5 ATP T . 33.78 -10.06 23.87
C6 ATP T . 33.76 -10.44 22.43
N6 ATP T . 34.88 -10.34 21.67
N1 ATP T . 32.60 -10.88 21.91
C2 ATP T . 31.48 -10.99 22.65
N3 ATP T . 31.43 -10.66 23.96
C4 ATP T . 32.52 -10.20 24.61
ZN ZN U . 0.37 34.87 -11.29
ZN ZN V . -30.16 9.72 20.73
#